data_5I6I
#
_entry.id   5I6I
#
_cell.length_a   462.200
_cell.length_b   462.200
_cell.length_c   204.640
_cell.angle_alpha   90.00
_cell.angle_beta   90.00
_cell.angle_gamma   120.00
#
_symmetry.space_group_name_H-M   'P 64 2 2'
#
_entity_poly.entity_id   1
_entity_poly.type   'polypeptide(L)'
_entity_poly.pdbx_seq_one_letter_code
;GMAEPNGQSAPNGTTSNGRPSYAEKHKLPAHFIGGNRLENAPPSKVKDFVAEHGGHTVITNVLIANNGIAAVKEIRSVRK
WAYETFGDERAIKFTVMATPEDLQANADYIRMADHYVEVPGGTNNHNYANVELIVDVAERMDVHAVWAGWGHASENPKLP
ESLAASPKKIVFIGPPGSAMRSLGDKISSTIVAQHANVPTIPWSGSGVSEVHIDENGIVTVPEEVYLKGCVNSWEEGLEK
AREIGFPVMIKASEGGGGKGIRKCMNEDQFEELYKAAAAEIPGSPIFIMKLADSARHLEVQLLADQYGNNISLFGRDCSV
QRRHQKIIEEAPVTIASPTTFRAMEEAAVRLGKLVGYVSAGTVEYLYSHADDKFYFLELNPRLQVEHPTTEMVSGVNLPA
AQLQIAMGIPLHRIRDIRLLYGVDPKAATEIDFEFKNPESEKTQRRPAPKGHTTACRITSEDPGEGFKPSSGMLQELNFR
SSSNVWGYFSVGTAGGIHSFSDSQFGHIFAYGENRAASRKHMIVALKELSIRGDFRTTVEYLIKLLETQAFEENTITTGW
LDELISKKLTAERPDTNLAIICGAVIRAHTESEKSLADYRAGLEKGQVPSKDILKTVSSVDFIYEGLRYKFTVTRSSVDT
YRLFINGSQCEVGVRTLSDGGLLVLLGGHSHNVYWKDEATGTRISIDGKTCLLEQENDPTGSGALDDPSRVKQAQPFVGQ
LPQYGSPVVVGSKPAQRFAVLYGTMCDILNGYDNQVVMQQKLKEFIEVLRDPKLPYSEFSAQFSALHARMPHKLDAQLTQ
VLERAQNRGAEFPARQLLKVFNKFLDDNVPNKTDQDLLKSTLEPLTSVLNLYLDGQKARELNLIADLLSMYADVECQFSG
RRLQDEEAILKLRDQYKDNIQKVVNTVLSHKNVMSKNSLVLALLDEYRPNKPNVGNVGKHLRPVLRRLTELESRQSAKVS
LKAREVLILCALPSLEERTAQMEHILRSSVVQSRYGETGWSHRRPDREVLKEVVDSKYTVFDVLTLFFAHEDPYVALAAL
EVYVRRAYRAYNLREVRYHDEERPYFIDWDFALRKSGANQTESSMHMQSVVPSSPATPVENDFKRIHSISDMTYLARRTR
DEPIRKGVIVPCKDLLDAEEALSRALEVLPLAHKETKDKDRKQQPGIAADLAQRRRPGTPLRLEGIGELSAVVNVAVRDA
EGKNDEEILALIKPWVQNSKADLLARRVRRLTFICGRNDGSYPSYYTFRGPDYAEDDSIRHIEPSLAFQLELGRLSKFKL
TPVFTQNKNIHVYEAVGRGVETDRRYFTRAVVRPGRLRDEISTAEYLISEADRVVNDIFDALEIIGTNKTDLNHMFINFS
HTFQVTADEVAESLQGFLDRFGPRGWRLRVHQVEIRINCMRSDNNDENDTMPLRVIITNTSGFVIQIELYEEKLSEKGEW
VYYYVSGNAKIGSMHLLPVSTPYPTKNWLQPKRYKAHILGTQYVYDFPELFRQAIQNSWTEAVKKIPSLAAKQPAIGECI
DYNELVLGDQDNLAEVSREPGMNSTGMVGWLINARTPEYPDGRKFIVVANDITFKIGSFGPKEDTFFFKCTELARKMGIP
RIYLSANSGARLGLAEELMPHFNVAWNDPAKPEAGFKYLYLSDEAKRRFENEVITEEIVEDGEKRHKIITIVGAEEGLGV
ECLRGSGLIAGATSRAYNDIFTCTLVTCRSVGIGAYLVRLGQRAVQVEGQPIILTGAPALNSLLGREVYTSNLQLGGTQI
MYRNGVSHLTAKDDFDGVTKIVQWLSFIPDQRNNPLPILSPSPDPWDRDVVYTPPYKQTYDVRWMIAGKEDEDGFQPGLF
DKDSFVETLGGWARTVVVGRARLGGIPMGVIAVETRTIENITPADPANPDSIEQVTNEAGGVWYPNSAFKTAQAINDFNY
GEQLPLMILANWRGFSGGQRDMYNEVLKYGSFIVDALTRFEKPIFIYIPPHGELRGGSWVVVDPTINPASMEMYADEEAR
GGVLEPEGIIPIKYKKDKQLETMARLDPVYRSLKKEMAKEGLSKEESDNIKKKMQQREELLLPIYHQICVQFADLHDRAG
RMKAKGVIRQSLQWRQSRRFFYWRVRRRLIEDDILRRIEEAINPAGKRRHDPENTSLAASPETRSPHLVQLESWVGIPGF
KTNDREVVEWYEQNQDRINEKLEKLKKESIADQMRELLR(UNK)(UNK)(UNK)(UNK)(UNK)(UNK)(UNK)(UNK)
(UNK)(UNK)(UNK)(UNK)
;
_entity_poly.pdbx_strand_id   A,B
#
# COMPACT_ATOMS: atom_id res chain seq x y z
N SER A 726 14.44 123.38 41.48
CA SER A 726 13.88 122.41 42.42
C SER A 726 14.59 121.05 42.32
N PRO A 727 14.92 120.38 43.45
CA PRO A 727 15.62 119.08 43.37
C PRO A 727 14.73 117.92 42.91
N VAL A 728 15.34 116.91 42.27
CA VAL A 728 14.65 115.71 41.75
C VAL A 728 15.38 114.42 42.17
N VAL A 729 14.71 113.26 42.00
CA VAL A 729 15.22 111.94 42.33
C VAL A 729 16.15 111.46 41.21
N VAL A 730 17.22 110.72 41.56
CA VAL A 730 18.23 110.17 40.65
C VAL A 730 17.60 109.36 39.50
N GLY A 731 16.61 108.52 39.82
CA GLY A 731 15.91 107.72 38.83
C GLY A 731 14.41 107.85 38.96
N SER A 732 13.83 108.89 38.35
CA SER A 732 12.39 109.14 38.39
C SER A 732 11.85 109.67 37.05
N LYS A 733 12.74 109.89 36.06
CA LYS A 733 12.37 110.39 34.73
C LYS A 733 11.36 109.45 34.04
N PRO A 734 11.58 108.10 33.95
CA PRO A 734 10.57 107.25 33.31
C PRO A 734 9.25 107.18 34.11
N ALA A 735 9.30 107.30 35.45
CA ALA A 735 8.11 107.28 36.31
C ALA A 735 7.23 108.52 36.08
N GLN A 736 7.90 109.69 35.93
CA GLN A 736 7.24 110.98 35.70
C GLN A 736 6.59 111.04 34.32
N ARG A 737 7.15 110.34 33.32
CA ARG A 737 6.58 110.35 31.97
C ARG A 737 5.47 109.27 31.81
N PHE A 738 5.53 108.16 32.60
CA PHE A 738 4.51 107.10 32.56
C PHE A 738 3.17 107.58 33.12
N ALA A 739 3.22 108.26 34.28
CA ALA A 739 2.06 108.78 35.01
C ALA A 739 1.28 109.82 34.22
N VAL A 740 1.97 110.69 33.46
CA VAL A 740 1.31 111.74 32.68
C VAL A 740 0.65 111.16 31.42
N LEU A 741 1.30 110.19 30.74
CA LEU A 741 0.79 109.57 29.51
C LEU A 741 -0.52 108.83 29.71
N TYR A 742 -0.71 108.16 30.87
CA TYR A 742 -1.97 107.48 31.17
C TYR A 742 -3.05 108.54 31.42
N GLY A 743 -2.68 109.58 32.18
CA GLY A 743 -3.54 110.71 32.51
C GLY A 743 -4.07 111.44 31.30
N THR A 744 -3.20 111.67 30.30
CA THR A 744 -3.55 112.36 29.04
C THR A 744 -4.58 111.56 28.23
N MET A 745 -4.43 110.21 28.18
CA MET A 745 -5.35 109.33 27.46
C MET A 745 -6.68 109.24 28.21
N CYS A 746 -6.62 109.08 29.56
CA CYS A 746 -7.75 108.96 30.49
C CYS A 746 -8.68 110.18 30.39
N ASP A 747 -8.09 111.39 30.26
CA ASP A 747 -8.84 112.66 30.15
C ASP A 747 -9.78 112.64 28.96
N ILE A 748 -9.35 112.05 27.82
CA ILE A 748 -10.20 111.95 26.63
C ILE A 748 -11.36 110.97 26.93
N LEU A 749 -11.07 109.81 27.57
CA LEU A 749 -12.06 108.79 27.96
C LEU A 749 -13.10 109.34 28.93
N ASN A 750 -12.66 110.17 29.90
CA ASN A 750 -13.53 110.79 30.90
C ASN A 750 -14.39 111.91 30.30
N GLY A 751 -13.85 112.58 29.28
CA GLY A 751 -14.53 113.67 28.58
C GLY A 751 -13.92 115.03 28.85
N TYR A 752 -12.76 115.08 29.56
CA TYR A 752 -12.04 116.31 29.88
C TYR A 752 -11.53 117.00 28.60
N ASP A 753 -11.56 118.34 28.61
CA ASP A 753 -11.19 119.26 27.51
C ASP A 753 -9.74 119.12 27.03
N ASN A 754 -8.83 118.57 27.86
CA ASN A 754 -7.43 118.40 27.51
C ASN A 754 -7.30 117.47 26.28
N GLN A 755 -7.14 118.11 25.11
CA GLN A 755 -6.98 117.52 23.77
C GLN A 755 -5.49 117.48 23.44
N VAL A 756 -5.04 116.42 22.74
CA VAL A 756 -3.63 116.24 22.38
C VAL A 756 -3.49 115.30 21.16
N VAL A 757 -2.28 115.28 20.55
CA VAL A 757 -1.93 114.39 19.44
C VAL A 757 -1.87 112.98 20.03
N MET A 758 -3.02 112.32 19.99
CA MET A 758 -3.34 110.98 20.49
C MET A 758 -2.39 109.91 19.95
N GLN A 759 -1.90 110.06 18.71
CA GLN A 759 -0.99 109.10 18.06
C GLN A 759 0.38 109.10 18.74
N GLN A 760 1.02 110.27 18.84
CA GLN A 760 2.35 110.46 19.40
C GLN A 760 2.41 110.02 20.86
N LYS A 761 1.40 110.42 21.66
CA LYS A 761 1.34 110.08 23.08
C LYS A 761 1.14 108.58 23.27
N LEU A 762 0.32 107.93 22.40
CA LEU A 762 0.09 106.49 22.50
C LEU A 762 1.36 105.73 22.19
N LYS A 763 2.12 106.16 21.16
CA LYS A 763 3.40 105.56 20.80
C LYS A 763 4.35 105.65 22.00
N GLU A 764 4.40 106.82 22.65
CA GLU A 764 5.22 107.10 23.83
C GLU A 764 4.78 106.24 25.01
N PHE A 765 3.46 106.02 25.16
CA PHE A 765 2.85 105.21 26.21
C PHE A 765 3.26 103.74 26.07
N ILE A 766 3.26 103.20 24.84
CA ILE A 766 3.64 101.81 24.61
C ILE A 766 5.14 101.64 24.88
N GLU A 767 5.96 102.63 24.47
CA GLU A 767 7.41 102.65 24.66
C GLU A 767 7.82 102.61 26.13
N VAL A 768 7.11 103.38 26.99
CA VAL A 768 7.42 103.44 28.42
C VAL A 768 7.01 102.13 29.14
N LEU A 769 5.89 101.50 28.71
CA LEU A 769 5.41 100.24 29.28
C LEU A 769 6.34 99.07 28.90
N ARG A 770 7.09 99.22 27.77
CA ARG A 770 8.03 98.23 27.25
C ARG A 770 9.45 98.37 27.87
N ASP A 771 9.78 99.48 28.58
CA ASP A 771 11.11 99.61 29.19
C ASP A 771 11.11 99.03 30.62
N PRO A 772 12.15 98.21 30.98
CA PRO A 772 12.15 97.57 32.31
C PRO A 772 12.61 98.46 33.47
N LYS A 773 12.99 99.73 33.21
CA LYS A 773 13.42 100.68 34.25
C LYS A 773 12.23 101.18 35.07
N LEU A 774 11.05 101.30 34.43
CA LEU A 774 9.78 101.79 34.98
C LEU A 774 9.41 101.20 36.36
N PRO A 775 9.37 99.85 36.60
CA PRO A 775 8.98 99.36 37.94
C PRO A 775 9.89 99.88 39.05
N TYR A 776 11.20 99.98 38.77
CA TYR A 776 12.21 100.50 39.69
C TYR A 776 12.01 101.99 39.89
N SER A 777 11.73 102.72 38.78
CA SER A 777 11.49 104.17 38.77
C SER A 777 10.28 104.52 39.62
N GLU A 778 9.18 103.74 39.52
CA GLU A 778 7.95 103.94 40.31
C GLU A 778 8.25 103.74 41.79
N PHE A 779 9.03 102.69 42.13
CA PHE A 779 9.40 102.37 43.51
C PHE A 779 10.29 103.47 44.09
N SER A 780 11.37 103.85 43.38
CA SER A 780 12.33 104.88 43.79
C SER A 780 11.69 106.24 44.05
N ALA A 781 10.64 106.61 43.29
CA ALA A 781 9.95 107.90 43.42
C ALA A 781 9.11 107.97 44.69
N GLN A 782 8.44 106.87 45.04
CA GLN A 782 7.56 106.77 46.19
C GLN A 782 8.33 106.43 47.48
N PHE A 783 9.27 105.45 47.42
CA PHE A 783 10.06 104.98 48.57
C PHE A 783 11.00 106.05 49.15
N SER A 784 11.49 106.99 48.32
CA SER A 784 12.38 108.08 48.77
C SER A 784 11.75 108.87 49.91
N ALA A 785 10.45 109.18 49.80
CA ALA A 785 9.67 109.89 50.82
C ALA A 785 9.22 108.94 51.95
N LEU A 786 9.21 107.62 51.68
CA LEU A 786 8.77 106.61 52.64
C LEU A 786 9.93 105.84 53.32
N HIS A 787 11.18 106.33 53.16
CA HIS A 787 12.37 105.74 53.78
C HIS A 787 12.27 105.86 55.30
N ALA A 788 12.09 107.09 55.79
CA ALA A 788 11.98 107.42 57.22
C ALA A 788 10.52 107.40 57.68
N ARG A 789 9.81 106.29 57.40
CA ARG A 789 8.42 106.12 57.81
C ARG A 789 8.36 105.21 59.04
N MET A 790 7.56 104.15 59.00
CA MET A 790 7.40 103.20 60.11
C MET A 790 8.64 102.26 60.18
N PRO A 791 8.76 101.33 61.19
CA PRO A 791 9.96 100.48 61.32
C PRO A 791 10.84 100.30 60.08
N HIS A 792 12.07 100.85 60.20
CA HIS A 792 13.17 100.88 59.24
C HIS A 792 13.64 99.47 58.87
N LYS A 793 13.47 98.49 59.79
CA LYS A 793 13.86 97.09 59.59
C LYS A 793 13.36 96.57 58.24
N LEU A 794 12.09 96.87 57.92
CA LEU A 794 11.45 96.53 56.66
C LEU A 794 11.96 97.42 55.53
N ASP A 795 12.11 98.73 55.80
CA ASP A 795 12.56 99.72 54.82
C ASP A 795 13.95 99.38 54.26
N ALA A 796 14.88 98.93 55.13
CA ALA A 796 16.25 98.58 54.75
C ALA A 796 16.33 97.28 53.96
N GLN A 797 15.54 96.25 54.36
CA GLN A 797 15.55 94.95 53.69
C GLN A 797 14.99 95.07 52.25
N LEU A 798 14.04 95.99 52.01
CA LEU A 798 13.45 96.23 50.70
C LEU A 798 14.50 96.83 49.74
N THR A 799 15.26 97.83 50.24
CA THR A 799 16.29 98.56 49.49
C THR A 799 17.39 97.61 48.99
N GLN A 800 17.85 96.68 49.85
CA GLN A 800 18.89 95.71 49.50
C GLN A 800 18.50 94.84 48.30
N VAL A 801 17.23 94.38 48.27
CA VAL A 801 16.71 93.54 47.20
C VAL A 801 16.62 94.33 45.90
N LEU A 802 16.14 95.59 45.96
CA LEU A 802 16.01 96.46 44.79
C LEU A 802 17.36 96.75 44.14
N GLU A 803 18.36 97.16 44.95
CA GLU A 803 19.70 97.51 44.45
C GLU A 803 20.39 96.32 43.79
N ARG A 804 20.24 95.11 44.36
CA ARG A 804 20.86 93.92 43.80
C ARG A 804 20.19 93.53 42.47
N ALA A 805 18.85 93.55 42.42
CA ALA A 805 18.08 93.19 41.22
C ALA A 805 18.23 94.19 40.08
N GLN A 806 18.49 95.48 40.40
CA GLN A 806 18.64 96.53 39.39
C GLN A 806 19.89 96.30 38.52
N ASN A 807 21.06 96.16 39.17
CA ASN A 807 22.33 95.94 38.48
C ASN A 807 22.41 94.49 37.99
N ARG A 808 22.34 93.52 38.92
CA ARG A 808 22.37 92.10 38.65
C ARG A 808 20.97 91.68 38.22
N GLY A 809 20.80 91.46 36.92
CA GLY A 809 19.51 91.12 36.33
C GLY A 809 18.76 92.36 35.91
N ALA A 810 17.59 92.17 35.27
CA ALA A 810 16.76 93.27 34.79
C ALA A 810 15.34 93.29 35.39
N GLU A 811 14.71 92.11 35.58
CA GLU A 811 13.33 91.98 36.08
C GLU A 811 13.21 92.37 37.55
N PHE A 812 12.14 93.14 37.85
CA PHE A 812 11.78 93.64 39.16
C PHE A 812 11.40 92.50 40.12
N PRO A 813 11.90 92.54 41.38
CA PRO A 813 11.58 91.46 42.33
C PRO A 813 10.22 91.67 43.02
N ALA A 814 9.18 91.99 42.21
CA ALA A 814 7.80 92.24 42.64
C ALA A 814 7.23 91.12 43.53
N ARG A 815 7.46 89.85 43.15
CA ARG A 815 6.97 88.69 43.91
C ARG A 815 7.61 88.62 45.30
N GLN A 816 8.92 88.90 45.41
CA GLN A 816 9.65 88.90 46.69
C GLN A 816 9.18 90.04 47.59
N LEU A 817 8.94 91.23 47.00
CA LEU A 817 8.51 92.43 47.71
C LEU A 817 7.08 92.33 48.25
N LEU A 818 6.21 91.52 47.60
CA LEU A 818 4.84 91.30 48.05
C LEU A 818 4.85 90.49 49.34
N LYS A 819 5.70 89.44 49.39
CA LYS A 819 5.86 88.52 50.51
C LYS A 819 6.34 89.23 51.78
N VAL A 820 7.37 90.09 51.66
CA VAL A 820 7.95 90.80 52.82
C VAL A 820 6.97 91.84 53.39
N PHE A 821 6.13 92.49 52.55
CA PHE A 821 5.18 93.48 53.06
C PHE A 821 4.14 92.81 53.95
N ASN A 822 3.53 91.68 53.49
CA ASN A 822 2.50 91.00 54.27
C ASN A 822 3.07 90.42 55.56
N LYS A 823 4.30 89.86 55.53
CA LYS A 823 5.01 89.26 56.67
C LYS A 823 5.23 90.24 57.83
N PHE A 824 5.34 91.55 57.51
CA PHE A 824 5.60 92.57 58.51
C PHE A 824 4.35 93.40 58.87
N LEU A 825 3.59 93.93 57.88
CA LEU A 825 2.42 94.79 58.17
C LEU A 825 1.32 94.08 58.96
N ASP A 826 0.36 93.44 58.27
CA ASP A 826 -0.78 92.76 58.89
C ASP A 826 -0.36 91.50 59.66
N ASP A 827 0.75 90.86 59.27
CA ASP A 827 1.20 89.64 59.96
C ASP A 827 1.90 89.99 61.26
N ASN A 828 2.98 90.77 61.22
CA ASN A 828 3.71 91.12 62.42
C ASN A 828 2.96 92.22 63.18
N VAL A 829 1.85 91.81 63.81
CA VAL A 829 0.98 92.66 64.61
C VAL A 829 1.76 93.08 65.87
N PRO A 830 2.45 92.18 66.62
CA PRO A 830 3.14 92.65 67.83
C PRO A 830 4.25 93.69 67.61
N ASN A 831 5.40 93.30 67.02
CA ASN A 831 6.55 94.19 66.86
C ASN A 831 6.37 95.27 65.77
N LYS A 832 6.17 94.86 64.51
CA LYS A 832 6.10 95.78 63.38
C LYS A 832 4.91 96.75 63.43
N THR A 833 3.68 96.28 63.67
CA THR A 833 2.54 97.18 63.66
C THR A 833 1.88 97.24 65.07
N ASP A 834 2.37 98.17 65.93
CA ASP A 834 1.86 98.41 67.28
C ASP A 834 0.34 98.53 67.24
N GLN A 835 -0.16 99.41 66.37
CA GLN A 835 -1.58 99.62 66.09
C GLN A 835 -1.76 99.40 64.60
N ASP A 836 -2.97 99.01 64.15
CA ASP A 836 -3.23 98.73 62.73
C ASP A 836 -3.24 100.03 61.91
N LEU A 837 -2.02 100.52 61.60
CA LEU A 837 -1.75 101.75 60.85
C LEU A 837 -0.92 101.48 59.60
N LEU A 838 0.02 100.52 59.69
CA LEU A 838 0.99 100.20 58.64
C LEU A 838 0.40 99.86 57.27
N LYS A 839 -0.79 99.20 57.23
CA LYS A 839 -1.42 98.83 55.97
C LYS A 839 -1.66 100.06 55.08
N SER A 840 -2.08 101.18 55.69
CA SER A 840 -2.34 102.43 54.98
C SER A 840 -1.06 103.11 54.51
N THR A 841 0.00 103.06 55.34
CA THR A 841 1.29 103.71 55.06
C THR A 841 1.99 103.09 53.85
N LEU A 842 2.08 101.75 53.82
CA LEU A 842 2.79 101.06 52.74
C LEU A 842 1.87 100.70 51.54
N GLU A 843 0.60 101.17 51.55
CA GLU A 843 -0.39 100.94 50.48
C GLU A 843 0.15 101.28 49.06
N PRO A 844 0.80 102.46 48.78
CA PRO A 844 1.29 102.68 47.39
C PRO A 844 2.34 101.64 46.97
N LEU A 845 3.20 101.16 47.90
CA LEU A 845 4.21 100.12 47.62
C LEU A 845 3.53 98.82 47.28
N THR A 846 2.49 98.44 48.06
CA THR A 846 1.69 97.23 47.87
C THR A 846 0.99 97.23 46.51
N SER A 847 0.59 98.42 46.02
CA SER A 847 -0.07 98.59 44.72
C SER A 847 0.94 98.40 43.57
N VAL A 848 2.22 98.78 43.81
CA VAL A 848 3.29 98.68 42.82
C VAL A 848 3.72 97.21 42.65
N LEU A 849 4.11 96.50 43.75
CA LEU A 849 4.56 95.11 43.59
C LEU A 849 3.40 94.18 43.16
N ASN A 850 2.11 94.59 43.30
CA ASN A 850 0.97 93.79 42.83
C ASN A 850 0.74 94.01 41.33
N LEU A 851 1.02 95.23 40.81
CA LEU A 851 0.88 95.56 39.40
C LEU A 851 1.92 94.82 38.54
N TYR A 852 3.14 94.64 39.09
CA TYR A 852 4.26 93.95 38.43
C TYR A 852 4.40 92.46 38.86
N LEU A 853 3.58 91.98 39.84
CA LEU A 853 3.57 90.60 40.37
C LEU A 853 3.56 89.55 39.24
N ASP A 854 2.74 89.79 38.18
CA ASP A 854 2.62 88.90 37.02
C ASP A 854 3.78 89.08 36.03
N GLY A 855 4.31 90.30 35.92
CA GLY A 855 5.41 90.64 35.02
C GLY A 855 5.32 92.02 34.41
N GLN A 856 6.36 92.42 33.64
CA GLN A 856 6.45 93.72 32.99
C GLN A 856 5.46 93.85 31.83
N LYS A 857 5.41 92.86 30.89
CA LYS A 857 4.49 92.87 29.75
C LYS A 857 3.05 92.67 30.23
N ALA A 858 2.88 91.96 31.36
CA ALA A 858 1.57 91.75 31.98
C ALA A 858 0.99 93.10 32.42
N ARG A 859 1.87 94.02 32.90
CA ARG A 859 1.47 95.37 33.28
C ARG A 859 1.03 96.13 32.03
N GLU A 860 1.79 95.98 30.92
CA GLU A 860 1.49 96.60 29.63
C GLU A 860 0.10 96.19 29.14
N LEU A 861 -0.28 94.92 29.33
CA LEU A 861 -1.59 94.39 28.92
C LEU A 861 -2.72 94.82 29.86
N ASN A 862 -2.45 94.89 31.19
CA ASN A 862 -3.45 95.27 32.22
C ASN A 862 -4.01 96.68 32.00
N LEU A 863 -3.12 97.65 31.70
CA LEU A 863 -3.48 99.05 31.47
C LEU A 863 -4.29 99.23 30.17
N ILE A 864 -3.92 98.51 29.07
CA ILE A 864 -4.62 98.54 27.77
C ILE A 864 -6.06 98.07 27.97
N ALA A 865 -6.24 96.99 28.76
CA ALA A 865 -7.54 96.41 29.11
C ALA A 865 -8.39 97.43 29.87
N ASP A 866 -7.78 98.20 30.81
CA ASP A 866 -8.45 99.22 31.60
C ASP A 866 -9.03 100.35 30.73
N LEU A 867 -8.28 100.76 29.68
CA LEU A 867 -8.70 101.81 28.74
C LEU A 867 -9.92 101.35 27.95
N LEU A 868 -9.88 100.09 27.45
CA LEU A 868 -10.98 99.46 26.72
C LEU A 868 -12.22 99.34 27.61
N SER A 869 -12.02 98.88 28.86
CA SER A 869 -13.10 98.70 29.85
C SER A 869 -13.74 100.04 30.23
N MET A 870 -12.91 101.11 30.33
CA MET A 870 -13.35 102.48 30.65
C MET A 870 -14.32 102.96 29.59
N TYR A 871 -14.02 102.68 28.32
CA TYR A 871 -14.83 103.02 27.17
C TYR A 871 -16.18 102.28 27.22
N ALA A 872 -16.15 100.94 27.43
CA ALA A 872 -17.32 100.07 27.47
C ALA A 872 -18.25 100.38 28.65
N ASP A 873 -17.71 100.62 29.87
CA ASP A 873 -18.51 100.89 31.07
C ASP A 873 -19.48 102.06 30.88
N VAL A 874 -19.00 103.14 30.23
CA VAL A 874 -19.82 104.32 29.98
C VAL A 874 -20.78 104.06 28.79
N GLU A 875 -20.24 103.60 27.65
CA GLU A 875 -20.98 103.39 26.40
C GLU A 875 -22.07 102.31 26.43
N CYS A 876 -21.93 101.27 27.29
CA CYS A 876 -22.88 100.14 27.36
C CYS A 876 -24.32 100.61 27.65
N GLN A 877 -24.49 101.59 28.56
CA GLN A 877 -25.81 102.11 28.93
C GLN A 877 -26.50 102.80 27.75
N PHE A 878 -25.73 103.46 26.89
CA PHE A 878 -26.22 104.15 25.70
C PHE A 878 -26.59 103.13 24.63
N SER A 879 -25.87 101.99 24.61
CA SER A 879 -26.15 100.84 23.74
C SER A 879 -27.19 99.96 24.42
N GLY A 880 -27.63 100.38 25.61
CA GLY A 880 -28.61 99.70 26.46
C GLY A 880 -29.99 99.58 25.85
N ARG A 881 -30.80 98.70 26.46
CA ARG A 881 -32.18 98.32 26.09
C ARG A 881 -33.03 99.51 25.60
N ARG A 882 -32.94 99.76 24.28
CA ARG A 882 -33.66 100.75 23.46
C ARG A 882 -33.66 102.19 24.03
N LEU A 883 -32.75 102.51 24.97
CA LEU A 883 -32.64 103.86 25.51
C LEU A 883 -31.62 104.66 24.69
N GLN A 884 -32.13 105.42 23.71
CA GLN A 884 -31.32 106.27 22.83
C GLN A 884 -31.26 107.69 23.35
N ASP A 885 -32.11 107.97 24.35
CA ASP A 885 -32.26 109.28 24.97
C ASP A 885 -31.46 109.36 26.26
N GLU A 886 -30.57 110.38 26.34
CA GLU A 886 -29.71 110.62 27.50
C GLU A 886 -30.53 111.14 28.70
N GLU A 887 -31.50 112.05 28.46
CA GLU A 887 -32.37 112.61 29.51
C GLU A 887 -33.21 111.51 30.17
N ALA A 888 -33.73 110.56 29.36
CA ALA A 888 -34.49 109.41 29.84
C ALA A 888 -33.59 108.51 30.66
N ILE A 889 -32.31 108.42 30.25
CA ILE A 889 -31.28 107.63 30.94
C ILE A 889 -30.93 108.32 32.28
N LEU A 890 -30.89 109.68 32.34
CA LEU A 890 -30.60 110.46 33.55
C LEU A 890 -31.68 110.23 34.61
N LYS A 891 -32.96 110.22 34.16
CA LYS A 891 -34.14 109.99 35.01
C LYS A 891 -34.17 108.54 35.46
N LEU A 892 -33.50 107.65 34.71
CA LEU A 892 -33.36 106.25 35.02
C LEU A 892 -32.29 106.08 36.09
N ARG A 893 -31.24 106.93 36.03
CA ARG A 893 -30.10 106.95 36.94
C ARG A 893 -30.48 107.37 38.35
N ASP A 894 -31.69 107.97 38.49
CA ASP A 894 -32.26 108.45 39.75
C ASP A 894 -32.27 107.36 40.84
N GLN A 895 -32.33 106.08 40.42
CA GLN A 895 -32.34 104.88 41.27
C GLN A 895 -31.18 104.84 42.27
N TYR A 896 -30.01 105.38 41.90
CA TYR A 896 -28.84 105.33 42.76
C TYR A 896 -28.48 106.67 43.37
N LYS A 897 -28.14 106.63 44.66
CA LYS A 897 -27.72 107.78 45.47
C LYS A 897 -26.33 108.20 45.04
N ASP A 898 -25.46 107.21 44.75
CA ASP A 898 -24.09 107.38 44.28
C ASP A 898 -24.06 108.11 42.96
N ASN A 899 -25.14 107.98 42.17
CA ASN A 899 -25.32 108.60 40.87
C ASN A 899 -25.33 110.14 40.92
N ILE A 900 -25.42 110.75 42.12
CA ILE A 900 -25.45 112.20 42.31
C ILE A 900 -24.32 112.91 41.51
N GLN A 901 -23.06 112.43 41.61
CA GLN A 901 -21.90 112.96 40.90
C GLN A 901 -21.61 112.12 39.64
N LYS A 902 -21.98 110.82 39.69
CA LYS A 902 -21.78 109.85 38.59
C LYS A 902 -22.56 110.23 37.33
N VAL A 903 -23.81 110.76 37.50
CA VAL A 903 -24.74 111.17 36.44
C VAL A 903 -24.04 112.08 35.41
N VAL A 904 -23.47 113.21 35.86
CA VAL A 904 -22.84 114.20 35.01
C VAL A 904 -21.56 113.65 34.33
N ASN A 905 -20.73 112.87 35.06
CA ASN A 905 -19.47 112.30 34.58
C ASN A 905 -19.68 111.44 33.32
N THR A 906 -20.65 110.53 33.37
CA THR A 906 -20.97 109.60 32.29
C THR A 906 -21.51 110.34 31.06
N VAL A 907 -22.37 111.36 31.28
CA VAL A 907 -22.96 112.18 30.21
C VAL A 907 -21.85 112.98 29.52
N LEU A 908 -20.90 113.52 30.32
CA LEU A 908 -19.75 114.28 29.83
C LEU A 908 -18.90 113.43 28.90
N SER A 909 -18.70 112.16 29.27
CA SER A 909 -17.90 111.19 28.49
C SER A 909 -18.56 110.89 27.15
N HIS A 910 -19.90 110.71 27.13
CA HIS A 910 -20.66 110.37 25.92
C HIS A 910 -20.65 111.50 24.89
N LYS A 911 -20.65 112.76 25.34
CA LYS A 911 -20.63 113.93 24.46
C LYS A 911 -19.36 113.95 23.59
N ASN A 912 -18.21 113.57 24.18
CA ASN A 912 -16.94 113.51 23.45
C ASN A 912 -16.60 112.07 23.07
N VAL A 913 -17.57 111.35 22.48
CA VAL A 913 -17.40 109.96 22.05
C VAL A 913 -16.57 109.90 20.75
N MET A 914 -16.65 110.95 19.90
CA MET A 914 -15.91 111.04 18.63
C MET A 914 -14.41 110.89 18.87
N SER A 915 -13.87 111.63 19.87
CA SER A 915 -12.46 111.58 20.25
C SER A 915 -12.15 110.25 20.94
N LYS A 916 -13.11 109.73 21.72
CA LYS A 916 -13.01 108.47 22.47
C LYS A 916 -12.88 107.27 21.53
N ASN A 917 -13.68 107.25 20.44
CA ASN A 917 -13.69 106.20 19.42
C ASN A 917 -12.34 106.11 18.72
N SER A 918 -11.78 107.27 18.32
CA SER A 918 -10.49 107.37 17.64
C SER A 918 -9.35 106.84 18.53
N LEU A 919 -9.41 107.08 19.86
CA LEU A 919 -8.41 106.59 20.83
C LEU A 919 -8.44 105.06 20.91
N VAL A 920 -9.65 104.49 21.03
CA VAL A 920 -9.85 103.04 21.10
C VAL A 920 -9.38 102.40 19.80
N LEU A 921 -9.73 102.99 18.64
CA LEU A 921 -9.33 102.53 17.31
C LEU A 921 -7.83 102.42 17.22
N ALA A 922 -7.11 103.45 17.71
CA ALA A 922 -5.64 103.50 17.71
C ALA A 922 -5.07 102.42 18.65
N LEU A 923 -5.76 102.13 19.77
CA LEU A 923 -5.38 101.12 20.73
C LEU A 923 -5.58 99.73 20.15
N LEU A 924 -6.66 99.55 19.36
CA LEU A 924 -7.01 98.30 18.70
C LEU A 924 -6.05 98.03 17.54
N ASP A 925 -5.66 99.09 16.79
CA ASP A 925 -4.73 99.00 15.66
C ASP A 925 -3.34 98.54 16.11
N GLU A 926 -2.91 98.98 17.32
CA GLU A 926 -1.61 98.64 17.90
C GLU A 926 -1.55 97.16 18.31
N TYR A 927 -2.69 96.60 18.79
CA TYR A 927 -2.75 95.20 19.21
C TYR A 927 -3.36 94.28 18.14
N ARG A 928 -3.54 94.80 16.88
CA ARG A 928 -4.05 94.05 15.73
C ARG A 928 -3.11 92.86 15.36
N PRO A 929 -1.76 92.90 15.50
CA PRO A 929 -0.95 91.71 15.17
C PRO A 929 -1.04 90.65 16.28
N ASN A 930 -2.28 90.23 16.56
CA ASN A 930 -2.72 89.23 17.52
C ASN A 930 -2.70 87.86 16.85
N LYS A 931 -2.65 87.84 15.50
CA LYS A 931 -2.62 86.65 14.64
C LYS A 931 -1.56 85.64 15.13
N PRO A 932 -0.26 85.98 15.37
CA PRO A 932 0.67 84.96 15.88
C PRO A 932 0.51 84.74 17.40
N ASN A 933 0.42 85.83 18.20
CA ASN A 933 0.28 85.77 19.66
C ASN A 933 -1.20 85.68 20.09
N VAL A 934 -1.90 84.59 19.71
CA VAL A 934 -3.31 84.38 20.10
C VAL A 934 -3.41 83.93 21.57
N GLY A 935 -2.28 83.53 22.15
CA GLY A 935 -2.17 83.04 23.51
C GLY A 935 -2.12 84.08 24.60
N ASN A 936 -0.92 84.65 24.84
CA ASN A 936 -0.65 85.61 25.93
C ASN A 936 -1.46 86.90 25.84
N VAL A 937 -1.25 87.71 24.78
CA VAL A 937 -1.96 88.98 24.63
C VAL A 937 -3.42 88.74 24.20
N GLY A 938 -3.66 87.64 23.48
CA GLY A 938 -4.97 87.24 22.96
C GLY A 938 -6.03 87.00 24.02
N LYS A 939 -5.76 86.04 24.92
CA LYS A 939 -6.64 85.66 26.03
C LYS A 939 -6.84 86.82 27.02
N HIS A 940 -5.78 87.64 27.22
CA HIS A 940 -5.81 88.81 28.11
C HIS A 940 -6.82 89.87 27.64
N LEU A 941 -6.89 90.10 26.31
CA LEU A 941 -7.78 91.07 25.67
C LEU A 941 -9.19 90.48 25.39
N ARG A 942 -9.33 89.13 25.37
CA ARG A 942 -10.59 88.43 25.08
C ARG A 942 -11.82 88.98 25.86
N PRO A 943 -11.81 89.20 27.22
CA PRO A 943 -13.04 89.67 27.89
C PRO A 943 -13.45 91.09 27.52
N VAL A 944 -12.51 92.04 27.45
CA VAL A 944 -12.81 93.43 27.13
C VAL A 944 -13.28 93.55 25.68
N LEU A 945 -12.75 92.72 24.78
CA LEU A 945 -13.10 92.71 23.37
C LEU A 945 -14.53 92.24 23.16
N ARG A 946 -14.92 91.12 23.81
CA ARG A 946 -16.27 90.58 23.65
C ARG A 946 -17.34 91.56 24.16
N ARG A 947 -17.03 92.39 25.16
CA ARG A 947 -18.02 93.37 25.64
C ARG A 947 -18.16 94.51 24.63
N LEU A 948 -17.06 94.83 23.90
CA LEU A 948 -17.05 95.89 22.88
C LEU A 948 -17.84 95.50 21.64
N THR A 949 -17.89 94.19 21.31
CA THR A 949 -18.61 93.72 20.13
C THR A 949 -20.13 93.91 20.32
N GLU A 950 -20.60 93.98 21.58
CA GLU A 950 -22.01 94.19 21.94
C GLU A 950 -22.52 95.55 21.48
N LEU A 951 -21.61 96.55 21.46
CA LEU A 951 -21.89 97.94 21.12
C LEU A 951 -22.21 98.07 19.62
N GLU A 952 -23.44 97.66 19.27
CA GLU A 952 -24.01 97.67 17.92
C GLU A 952 -24.42 99.09 17.51
N SER A 953 -24.66 99.99 18.50
CA SER A 953 -25.06 101.39 18.31
C SER A 953 -24.22 102.07 17.24
N ARG A 954 -24.86 102.85 16.34
CA ARG A 954 -24.28 103.56 15.19
C ARG A 954 -22.93 104.23 15.50
N GLN A 955 -22.82 104.92 16.65
CA GLN A 955 -21.61 105.63 17.05
C GLN A 955 -20.43 104.67 17.27
N SER A 956 -20.68 103.55 17.95
CA SER A 956 -19.66 102.53 18.27
C SER A 956 -19.66 101.37 17.24
N ALA A 957 -20.54 101.40 16.23
CA ALA A 957 -20.71 100.35 15.21
C ALA A 957 -19.41 100.03 14.47
N LYS A 958 -18.65 101.06 14.05
CA LYS A 958 -17.38 100.89 13.34
C LYS A 958 -16.33 100.26 14.24
N VAL A 959 -16.28 100.67 15.53
CA VAL A 959 -15.31 100.16 16.50
C VAL A 959 -15.63 98.69 16.83
N SER A 960 -16.93 98.32 16.87
CA SER A 960 -17.39 96.95 17.13
C SER A 960 -16.93 96.02 16.02
N LEU A 961 -16.97 96.50 14.75
CA LEU A 961 -16.53 95.77 13.56
C LEU A 961 -15.02 95.52 13.63
N LYS A 962 -14.23 96.57 13.96
CA LYS A 962 -12.78 96.49 14.08
C LYS A 962 -12.40 95.58 15.23
N ALA A 963 -13.13 95.68 16.35
CA ALA A 963 -12.94 94.84 17.54
C ALA A 963 -13.11 93.38 17.16
N ARG A 964 -14.20 93.08 16.43
CA ARG A 964 -14.55 91.75 15.95
C ARG A 964 -13.42 91.16 15.12
N GLU A 965 -12.73 91.98 14.30
CA GLU A 965 -11.59 91.55 13.48
C GLU A 965 -10.53 90.86 14.32
N VAL A 966 -10.27 91.40 15.53
CA VAL A 966 -9.28 90.86 16.48
C VAL A 966 -9.75 89.50 17.04
N LEU A 967 -11.02 89.41 17.50
CA LEU A 967 -11.57 88.18 18.07
C LEU A 967 -11.55 87.03 17.07
N ILE A 968 -11.81 87.31 15.77
CA ILE A 968 -11.78 86.30 14.70
C ILE A 968 -10.40 85.63 14.69
N LEU A 969 -9.33 86.44 14.87
CA LEU A 969 -7.95 86.00 14.90
C LEU A 969 -7.65 85.20 16.17
N ARG A 978 15.50 75.70 23.14
CA ARG A 978 16.07 74.96 22.01
C ARG A 978 16.97 75.84 21.16
N THR A 979 16.53 77.07 20.86
CA THR A 979 17.25 78.05 20.03
C THR A 979 18.68 78.21 20.56
N ALA A 980 18.80 78.49 21.86
CA ALA A 980 20.07 78.70 22.54
C ALA A 980 20.91 77.42 22.59
N GLN A 981 20.29 76.27 22.91
CA GLN A 981 20.96 74.97 23.05
C GLN A 981 21.74 74.58 21.80
N MET A 982 21.10 74.67 20.62
CA MET A 982 21.75 74.31 19.36
C MET A 982 22.85 75.32 19.01
N GLU A 983 22.66 76.61 19.34
CA GLU A 983 23.63 77.65 19.06
C GLU A 983 24.96 77.33 19.73
N HIS A 984 24.90 76.86 20.98
CA HIS A 984 26.06 76.48 21.75
C HIS A 984 26.78 75.30 21.12
N ILE A 985 26.03 74.29 20.66
CA ILE A 985 26.62 73.08 20.06
C ILE A 985 27.38 73.46 18.77
N LEU A 986 26.80 74.36 17.95
CA LEU A 986 27.41 74.87 16.72
C LEU A 986 28.73 75.56 17.02
N ARG A 987 28.73 76.40 18.07
CA ARG A 987 29.89 77.18 18.49
C ARG A 987 30.95 76.28 19.15
N SER A 988 30.55 75.22 19.88
CA SER A 988 31.52 74.32 20.52
C SER A 988 32.30 73.50 19.49
N SER A 989 31.70 73.27 18.30
CA SER A 989 32.38 72.55 17.22
C SER A 989 33.39 73.46 16.54
N VAL A 990 33.10 74.77 16.49
CA VAL A 990 33.95 75.81 15.90
C VAL A 990 35.32 75.75 16.55
N VAL A 991 35.38 76.23 17.78
CA VAL A 991 36.59 76.30 18.56
C VAL A 991 36.60 75.16 19.58
N GLN A 992 37.48 74.20 19.35
CA GLN A 992 37.69 73.10 20.28
C GLN A 992 38.75 73.59 21.25
N SER A 993 38.44 73.62 22.56
CA SER A 993 39.35 74.14 23.59
C SER A 993 40.77 73.58 23.45
N ARG A 994 40.95 72.26 23.67
CA ARG A 994 42.22 71.53 23.61
C ARG A 994 43.33 72.38 24.23
N TYR A 995 43.30 72.48 25.57
CA TYR A 995 44.24 73.24 26.39
C TYR A 995 45.68 73.10 25.87
N GLY A 996 46.33 74.24 25.68
CA GLY A 996 47.69 74.31 25.18
C GLY A 996 47.82 75.21 23.96
N GLU A 997 46.75 75.34 23.17
CA GLU A 997 46.74 76.15 21.96
C GLU A 997 45.59 77.17 22.00
N THR A 998 45.87 78.39 21.52
CA THR A 998 44.94 79.51 21.53
C THR A 998 44.05 79.60 20.27
N GLY A 999 44.64 79.36 19.09
CA GLY A 999 43.96 79.49 17.80
C GLY A 999 43.28 78.27 17.23
N TRP A 1000 42.08 77.95 17.73
CA TRP A 1000 41.29 76.83 17.22
C TRP A 1000 40.16 77.31 16.31
N SER A 1001 40.09 78.63 16.09
CA SER A 1001 39.09 79.29 15.24
C SER A 1001 39.06 78.73 13.83
N HIS A 1002 40.23 78.53 13.21
CA HIS A 1002 40.38 78.03 11.84
C HIS A 1002 39.92 76.57 11.70
N ARG A 1003 40.17 75.75 12.74
CA ARG A 1003 39.83 74.32 12.74
C ARG A 1003 38.37 74.10 12.44
N ARG A 1004 38.08 73.18 11.49
CA ARG A 1004 36.75 72.81 11.01
C ARG A 1004 35.88 72.20 12.11
N PRO A 1005 34.53 72.13 11.94
CA PRO A 1005 33.70 71.59 13.02
C PRO A 1005 33.82 70.10 13.14
N ASP A 1006 34.02 69.60 14.36
CA ASP A 1006 34.16 68.18 14.60
C ASP A 1006 32.79 67.50 14.51
N ARG A 1007 32.77 66.38 13.79
CA ARG A 1007 31.60 65.54 13.52
C ARG A 1007 30.97 65.04 14.83
N GLU A 1008 31.79 64.53 15.77
CA GLU A 1008 31.32 64.02 17.06
C GLU A 1008 30.61 65.10 17.86
N VAL A 1009 31.11 66.35 17.79
CA VAL A 1009 30.55 67.50 18.51
C VAL A 1009 29.09 67.73 18.07
N LEU A 1010 28.82 67.65 16.75
CA LEU A 1010 27.50 67.89 16.17
C LEU A 1010 26.72 66.59 15.94
N LYS A 1011 27.29 65.45 16.35
CA LYS A 1011 26.67 64.13 16.24
C LYS A 1011 25.43 64.04 17.12
N GLU A 1012 25.46 64.69 18.29
CA GLU A 1012 24.35 64.73 19.27
C GLU A 1012 23.06 65.21 18.66
N VAL A 1013 23.15 66.27 17.83
CA VAL A 1013 22.02 66.94 17.19
C VAL A 1013 21.47 66.09 16.02
N VAL A 1014 22.38 65.52 15.20
CA VAL A 1014 21.96 64.76 14.02
C VAL A 1014 21.29 63.42 14.42
N ASP A 1015 21.61 62.88 15.61
CA ASP A 1015 21.06 61.62 16.12
C ASP A 1015 19.83 61.83 17.02
N SER A 1016 19.43 63.09 17.21
CA SER A 1016 18.28 63.44 18.04
C SER A 1016 16.95 63.02 17.39
N LYS A 1017 15.85 63.24 18.11
CA LYS A 1017 14.51 62.88 17.68
C LYS A 1017 13.66 64.10 17.31
N TYR A 1018 13.98 65.27 17.90
CA TYR A 1018 13.26 66.54 17.70
C TYR A 1018 13.29 67.05 16.27
N THR A 1019 12.31 67.90 15.93
CA THR A 1019 12.23 68.60 14.66
C THR A 1019 13.28 69.73 14.68
N VAL A 1020 14.58 69.37 14.82
CA VAL A 1020 15.74 70.27 14.83
C VAL A 1020 15.55 71.40 13.79
N PHE A 1021 15.08 71.01 12.59
CA PHE A 1021 14.84 71.85 11.42
C PHE A 1021 13.84 72.99 11.66
N ASP A 1022 13.15 72.99 12.81
CA ASP A 1022 12.19 74.04 13.15
C ASP A 1022 12.94 75.36 13.40
N VAL A 1023 14.10 75.29 14.08
CA VAL A 1023 14.89 76.47 14.42
C VAL A 1023 16.06 76.71 13.43
N LEU A 1024 16.79 75.63 13.04
CA LEU A 1024 17.99 75.62 12.17
C LEU A 1024 17.99 76.67 11.02
N THR A 1025 16.83 76.89 10.37
CA THR A 1025 16.61 77.77 9.21
C THR A 1025 17.12 79.22 9.36
N LEU A 1026 17.35 79.68 10.60
CA LEU A 1026 17.84 81.04 10.88
C LEU A 1026 19.28 81.03 11.44
N PHE A 1027 19.97 79.85 11.40
CA PHE A 1027 21.35 79.73 11.90
C PHE A 1027 22.37 79.78 10.76
N PHE A 1028 21.98 79.39 9.53
CA PHE A 1028 22.88 79.54 8.36
C PHE A 1028 22.91 81.01 7.98
N ALA A 1029 22.04 81.74 8.70
CA ALA A 1029 21.67 83.13 8.65
C ALA A 1029 22.18 83.93 9.83
N HIS A 1030 22.52 85.21 9.57
CA HIS A 1030 22.89 86.27 10.53
C HIS A 1030 23.91 85.85 11.61
N GLU A 1031 24.77 84.88 11.30
CA GLU A 1031 25.79 84.38 12.21
C GLU A 1031 27.14 84.47 11.56
N ASP A 1032 28.21 84.10 12.30
CA ASP A 1032 29.58 84.07 11.79
C ASP A 1032 29.62 83.14 10.56
N PRO A 1033 30.32 83.49 9.46
CA PRO A 1033 30.34 82.62 8.26
C PRO A 1033 30.75 81.18 8.57
N TYR A 1034 31.49 80.98 9.68
CA TYR A 1034 31.88 79.66 10.15
C TYR A 1034 30.68 78.98 10.81
N VAL A 1035 29.92 79.71 11.66
CA VAL A 1035 28.74 79.19 12.36
C VAL A 1035 27.66 78.84 11.31
N ALA A 1036 27.57 79.64 10.21
CA ALA A 1036 26.65 79.40 9.08
C ALA A 1036 27.02 78.09 8.39
N LEU A 1037 28.34 77.84 8.23
CA LEU A 1037 28.96 76.62 7.68
C LEU A 1037 28.58 75.42 8.54
N ALA A 1038 28.70 75.58 9.89
CA ALA A 1038 28.43 74.55 10.90
C ALA A 1038 26.97 74.12 10.84
N ALA A 1039 26.05 75.09 10.69
CA ALA A 1039 24.62 74.86 10.58
C ALA A 1039 24.29 74.04 9.32
N LEU A 1040 25.00 74.32 8.20
CA LEU A 1040 24.84 73.62 6.91
C LEU A 1040 25.20 72.16 7.06
N GLU A 1041 26.30 71.90 7.77
CA GLU A 1041 26.79 70.55 8.03
C GLU A 1041 25.78 69.75 8.85
N VAL A 1042 25.24 70.35 9.94
CA VAL A 1042 24.25 69.73 10.84
C VAL A 1042 23.02 69.28 10.04
N TYR A 1043 22.59 70.15 9.10
CA TYR A 1043 21.44 69.90 8.25
C TYR A 1043 21.66 68.67 7.37
N VAL A 1044 22.82 68.58 6.68
CA VAL A 1044 23.13 67.47 5.76
C VAL A 1044 23.11 66.11 6.49
N ARG A 1045 23.83 66.02 7.63
CA ARG A 1045 23.96 64.80 8.43
C ARG A 1045 22.64 64.37 9.10
N ARG A 1046 21.58 65.21 9.04
CA ARG A 1046 20.29 64.91 9.65
C ARG A 1046 19.15 64.78 8.61
N ALA A 1047 19.25 65.46 7.46
CA ALA A 1047 18.21 65.43 6.43
C ALA A 1047 18.31 64.19 5.53
N TYR A 1048 19.54 63.72 5.25
CA TYR A 1048 19.79 62.57 4.40
C TYR A 1048 20.53 61.50 5.25
N ARG A 1049 19.82 61.00 6.31
CA ARG A 1049 20.28 60.03 7.32
C ARG A 1049 20.44 58.59 6.77
N ALA A 1050 19.40 58.06 6.07
CA ALA A 1050 19.38 56.71 5.48
C ALA A 1050 20.51 56.51 4.48
N TYR A 1051 20.93 57.61 3.83
CA TYR A 1051 22.02 57.74 2.89
C TYR A 1051 23.34 57.47 3.57
N ASN A 1052 24.40 57.23 2.79
CA ASN A 1052 25.72 56.93 3.35
C ASN A 1052 26.52 58.20 3.61
N LEU A 1053 27.39 58.16 4.64
CA LEU A 1053 28.27 59.27 5.01
C LEU A 1053 29.43 59.37 4.03
N ARG A 1054 29.77 60.62 3.64
CA ARG A 1054 30.89 60.91 2.73
C ARG A 1054 31.48 62.31 3.03
N GLU A 1055 32.69 62.58 2.47
CA GLU A 1055 33.54 63.76 2.64
C GLU A 1055 32.81 65.09 2.41
N VAL A 1056 33.10 66.09 3.28
CA VAL A 1056 32.54 67.44 3.21
C VAL A 1056 33.64 68.46 2.87
N ARG A 1057 33.35 69.33 1.87
CA ARG A 1057 34.29 70.35 1.39
C ARG A 1057 33.63 71.73 1.37
N TYR A 1058 34.23 72.71 2.05
CA TYR A 1058 33.71 74.08 2.09
C TYR A 1058 34.62 74.99 1.28
N HIS A 1059 34.05 75.64 0.25
CA HIS A 1059 34.77 76.55 -0.65
C HIS A 1059 34.37 77.99 -0.32
N ASP A 1060 35.29 78.94 -0.58
CA ASP A 1060 34.99 80.35 -0.36
C ASP A 1060 35.31 81.11 -1.65
N GLU A 1061 34.25 81.65 -2.27
CA GLU A 1061 34.31 82.45 -3.50
C GLU A 1061 33.84 83.88 -3.17
N GLU A 1062 32.61 84.25 -3.58
CA GLU A 1062 31.99 85.55 -3.31
C GLU A 1062 31.15 85.46 -2.03
N ARG A 1063 30.11 84.61 -2.06
CA ARG A 1063 29.15 84.40 -0.98
C ARG A 1063 29.63 83.31 0.00
N PRO A 1064 29.82 83.59 1.33
CA PRO A 1064 30.24 82.52 2.24
C PRO A 1064 29.09 81.52 2.44
N TYR A 1065 29.12 80.45 1.61
CA TYR A 1065 28.10 79.41 1.58
C TYR A 1065 28.61 78.03 1.10
N PHE A 1066 29.34 77.99 -0.05
CA PHE A 1066 29.76 76.82 -0.84
C PHE A 1066 30.18 75.59 0.00
N ILE A 1067 29.23 74.65 0.18
CA ILE A 1067 29.45 73.35 0.83
C ILE A 1067 29.41 72.29 -0.26
N ASP A 1068 30.08 71.16 -0.06
CA ASP A 1068 30.17 70.11 -1.05
C ASP A 1068 30.24 68.73 -0.41
N TRP A 1069 29.28 67.86 -0.76
CA TRP A 1069 29.21 66.47 -0.31
C TRP A 1069 28.72 65.61 -1.47
N ASP A 1070 28.88 64.28 -1.35
CA ASP A 1070 28.43 63.32 -2.35
C ASP A 1070 27.85 62.07 -1.68
N PHE A 1071 27.42 61.10 -2.50
CA PHE A 1071 26.94 59.76 -2.14
C PHE A 1071 26.68 58.93 -3.39
N VAL A 1091 19.94 54.64 -1.24
CA VAL A 1091 21.31 54.41 -1.70
C VAL A 1091 21.71 52.95 -1.47
N PRO A 1092 21.57 52.34 -0.25
CA PRO A 1092 21.92 50.92 -0.10
C PRO A 1092 21.09 50.04 -1.05
N SER A 1093 19.77 50.32 -1.14
CA SER A 1093 18.77 49.72 -2.04
C SER A 1093 18.81 48.16 -2.11
N SER A 1094 18.69 47.51 -0.93
CA SER A 1094 18.61 46.06 -0.68
C SER A 1094 18.39 45.85 0.84
N PRO A 1095 19.37 46.14 1.75
CA PRO A 1095 19.08 45.98 3.18
C PRO A 1095 18.67 47.32 3.84
N ALA A 1096 18.35 48.34 3.03
CA ALA A 1096 17.96 49.69 3.47
C ALA A 1096 16.54 49.71 4.08
N THR A 1097 15.95 50.93 4.19
CA THR A 1097 14.59 51.16 4.71
C THR A 1097 13.58 50.39 3.84
N PRO A 1098 12.48 49.83 4.42
CA PRO A 1098 11.54 49.03 3.60
C PRO A 1098 11.24 49.61 2.21
N VAL A 1099 11.75 48.88 1.21
CA VAL A 1099 11.65 49.18 -0.22
C VAL A 1099 11.70 47.85 -1.02
N GLU A 1100 11.27 47.90 -2.28
CA GLU A 1100 11.27 46.76 -3.19
C GLU A 1100 12.35 46.92 -4.24
N ASN A 1101 13.27 45.95 -4.32
CA ASN A 1101 14.35 45.96 -5.30
C ASN A 1101 14.35 44.69 -6.13
N ASP A 1102 14.46 44.86 -7.46
CA ASP A 1102 14.49 43.77 -8.44
C ASP A 1102 15.83 43.73 -9.15
N PHE A 1103 16.47 42.54 -9.19
CA PHE A 1103 17.78 42.30 -9.80
C PHE A 1103 18.83 43.26 -9.17
N LYS A 1104 19.52 44.08 -9.97
CA LYS A 1104 20.51 45.04 -9.53
C LYS A 1104 20.06 46.44 -9.93
N ARG A 1105 19.70 47.27 -8.94
CA ARG A 1105 19.24 48.64 -9.15
C ARG A 1105 19.34 49.46 -7.86
N ILE A 1106 19.58 50.77 -8.01
CA ILE A 1106 19.65 51.75 -6.91
C ILE A 1106 18.88 52.99 -7.38
N HIS A 1107 17.73 53.26 -6.74
CA HIS A 1107 16.87 54.40 -7.06
C HIS A 1107 16.88 55.43 -5.92
N SER A 1108 16.34 56.63 -6.18
CA SER A 1108 16.28 57.74 -5.23
C SER A 1108 15.12 57.58 -4.24
N ILE A 1109 15.14 58.36 -3.14
CA ILE A 1109 14.16 58.33 -2.06
C ILE A 1109 12.85 59.06 -2.53
N SER A 1110 12.97 60.20 -3.22
CA SER A 1110 11.84 60.98 -3.72
C SER A 1110 11.37 60.43 -5.07
N ASP A 1111 12.35 60.23 -5.97
CA ASP A 1111 12.21 59.76 -7.33
C ASP A 1111 12.30 58.23 -7.33
N MET A 1112 11.15 57.54 -7.27
CA MET A 1112 11.08 56.07 -7.21
C MET A 1112 11.66 55.37 -8.46
N THR A 1113 11.74 56.08 -9.61
CA THR A 1113 12.30 55.53 -10.87
C THR A 1113 13.40 56.48 -11.41
N TYR A 1114 14.66 56.22 -11.03
CA TYR A 1114 15.83 56.99 -11.48
C TYR A 1114 16.47 56.28 -12.68
N LEU A 1115 17.31 55.24 -12.42
CA LEU A 1115 17.98 54.41 -13.42
C LEU A 1115 18.16 53.00 -12.85
N ALA A 1116 17.43 52.03 -13.43
CA ALA A 1116 17.42 50.63 -13.02
C ALA A 1116 18.54 49.82 -13.68
N ARG A 1117 18.94 50.19 -14.92
CA ARG A 1117 19.97 49.56 -15.78
C ARG A 1117 21.04 48.84 -14.95
N ARG A 1118 21.70 49.57 -14.05
CA ARG A 1118 22.74 49.21 -13.08
C ARG A 1118 23.44 50.47 -12.62
N THR A 1119 23.90 50.50 -11.36
CA THR A 1119 24.57 51.67 -10.80
C THR A 1119 26.09 51.46 -10.74
N ARG A 1120 26.62 50.62 -11.67
CA ARG A 1120 28.04 50.35 -11.80
C ARG A 1120 28.73 51.48 -12.60
N ASP A 1121 27.95 52.21 -13.42
CA ASP A 1121 28.38 53.35 -14.24
C ASP A 1121 27.35 54.50 -14.12
N GLU A 1122 27.42 55.26 -13.00
CA GLU A 1122 26.52 56.38 -12.64
C GLU A 1122 27.24 57.39 -11.71
N PRO A 1123 27.01 58.72 -11.81
CA PRO A 1123 27.75 59.65 -10.95
C PRO A 1123 27.18 59.79 -9.52
N ILE A 1124 28.07 60.14 -8.58
CA ILE A 1124 27.77 60.41 -7.18
C ILE A 1124 26.93 61.69 -7.12
N ARG A 1125 25.96 61.75 -6.21
CA ARG A 1125 25.09 62.90 -6.20
C ARG A 1125 25.60 63.99 -5.27
N LYS A 1126 26.18 65.02 -5.92
CA LYS A 1126 26.77 66.21 -5.31
C LYS A 1126 25.73 67.05 -4.60
N GLY A 1127 26.15 67.70 -3.51
CA GLY A 1127 25.27 68.52 -2.69
C GLY A 1127 25.68 69.99 -2.60
N VAL A 1128 24.67 70.87 -2.71
CA VAL A 1128 24.81 72.34 -2.66
C VAL A 1128 23.67 72.93 -1.77
N ILE A 1129 23.99 73.81 -0.79
CA ILE A 1129 23.00 74.50 0.06
C ILE A 1129 23.41 75.97 0.25
N VAL A 1130 22.52 76.95 -0.07
CA VAL A 1130 22.83 78.37 0.03
C VAL A 1130 21.80 79.17 0.90
N PRO A 1131 22.26 79.84 1.99
CA PRO A 1131 21.33 80.64 2.81
C PRO A 1131 21.32 82.11 2.37
N CYS A 1132 20.28 82.49 1.64
CA CYS A 1132 20.16 83.84 1.12
C CYS A 1132 19.38 84.73 2.07
N LYS A 1133 19.76 86.02 2.12
CA LYS A 1133 19.10 86.99 2.99
C LYS A 1133 17.77 87.41 2.41
N ASP A 1134 17.72 87.56 1.08
CA ASP A 1134 16.54 87.99 0.37
C ASP A 1134 16.25 87.09 -0.82
N LEU A 1135 14.99 87.11 -1.28
CA LEU A 1135 14.45 86.34 -2.40
C LEU A 1135 15.02 86.81 -3.74
N LEU A 1136 15.28 88.13 -3.90
CA LEU A 1136 15.84 88.73 -5.11
C LEU A 1136 17.35 88.49 -5.17
N ASP A 1137 18.01 88.63 -4.00
CA ASP A 1137 19.44 88.42 -3.80
C ASP A 1137 19.80 86.94 -3.95
N ALA A 1138 18.81 86.05 -3.82
CA ALA A 1138 18.97 84.61 -3.94
C ALA A 1138 19.43 84.18 -5.35
N GLU A 1139 19.08 84.96 -6.39
CA GLU A 1139 19.44 84.70 -7.79
C GLU A 1139 20.96 84.71 -7.99
N GLU A 1140 21.69 85.59 -7.27
CA GLU A 1140 23.15 85.68 -7.33
C GLU A 1140 23.81 84.45 -6.68
N ALA A 1141 23.06 83.77 -5.81
CA ALA A 1141 23.45 82.55 -5.10
C ALA A 1141 22.91 81.32 -5.84
N LEU A 1142 22.75 81.45 -7.16
CA LEU A 1142 22.26 80.42 -8.07
C LEU A 1142 23.22 80.33 -9.25
N SER A 1143 23.30 81.42 -10.05
CA SER A 1143 24.15 81.55 -11.23
C SER A 1143 25.64 81.42 -10.89
N ARG A 1144 26.04 81.90 -9.70
CA ARG A 1144 27.43 81.81 -9.22
C ARG A 1144 27.64 80.51 -8.47
N ALA A 1145 26.56 80.00 -7.85
CA ALA A 1145 26.51 78.75 -7.09
C ALA A 1145 26.75 77.52 -7.96
N LEU A 1146 26.25 77.56 -9.20
CA LEU A 1146 26.34 76.48 -10.17
C LEU A 1146 27.74 76.32 -10.76
N GLU A 1147 28.59 77.37 -10.68
CA GLU A 1147 29.95 77.41 -11.22
C GLU A 1147 30.88 76.35 -10.63
N VAL A 1148 30.62 75.89 -9.39
CA VAL A 1148 31.45 74.87 -8.75
C VAL A 1148 30.71 73.52 -8.82
N LEU A 1149 30.35 73.12 -10.05
CA LEU A 1149 29.67 71.87 -10.37
C LEU A 1149 30.17 71.34 -11.73
N PRO A 1150 30.99 70.29 -11.75
CA PRO A 1150 31.50 69.79 -13.05
C PRO A 1150 30.46 68.93 -13.78
N ALA A 1191 22.45 64.41 -8.91
CA ALA A 1191 22.87 65.47 -7.99
C ALA A 1191 21.67 66.15 -7.32
N VAL A 1192 21.91 66.87 -6.19
CA VAL A 1192 20.87 67.59 -5.44
C VAL A 1192 21.37 69.00 -5.01
N VAL A 1193 20.47 70.01 -5.08
CA VAL A 1193 20.76 71.41 -4.72
C VAL A 1193 19.61 71.96 -3.81
N ASN A 1194 19.95 72.75 -2.78
CA ASN A 1194 19.02 73.31 -1.79
C ASN A 1194 19.31 74.81 -1.52
N VAL A 1195 18.28 75.57 -1.04
CA VAL A 1195 18.41 77.03 -0.77
C VAL A 1195 17.61 77.43 0.50
N ALA A 1196 18.28 78.07 1.48
CA ALA A 1196 17.68 78.57 2.72
C ALA A 1196 17.48 80.09 2.66
N VAL A 1197 16.56 80.64 3.47
CA VAL A 1197 16.31 82.09 3.46
C VAL A 1197 16.30 82.68 4.87
N ARG A 1198 16.37 84.02 4.92
CA ARG A 1198 16.41 84.82 6.14
C ARG A 1198 15.20 85.75 6.21
N ASP A 1199 14.29 85.66 5.22
CA ASP A 1199 13.12 86.52 5.18
C ASP A 1199 11.89 85.78 5.72
N ALA A 1200 11.79 85.75 7.06
CA ALA A 1200 10.66 85.17 7.80
C ALA A 1200 9.59 86.26 7.99
N GLU A 1201 9.28 86.95 6.88
CA GLU A 1201 8.37 88.09 6.75
C GLU A 1201 6.92 87.68 6.47
N GLY A 1202 6.70 86.90 5.43
CA GLY A 1202 5.37 86.48 5.03
C GLY A 1202 5.26 85.04 4.56
N LYS A 1203 4.05 84.49 4.72
CA LYS A 1203 3.68 83.13 4.32
C LYS A 1203 3.23 83.15 2.84
N ASN A 1204 4.05 83.80 1.98
CA ASN A 1204 3.80 83.97 0.55
C ASN A 1204 3.49 82.62 -0.07
N ASP A 1205 2.37 82.56 -0.76
CA ASP A 1205 1.87 81.39 -1.45
C ASP A 1205 1.40 81.84 -2.82
N GLU A 1206 1.77 81.08 -3.87
CA GLU A 1206 1.47 81.36 -5.29
C GLU A 1206 2.36 82.52 -5.78
N GLU A 1207 2.47 83.61 -5.00
CA GLU A 1207 3.30 84.77 -5.29
C GLU A 1207 4.76 84.44 -5.04
N ILE A 1208 5.05 83.54 -4.09
CA ILE A 1208 6.41 83.07 -3.82
C ILE A 1208 6.77 82.05 -4.90
N LEU A 1209 5.75 81.36 -5.44
CA LEU A 1209 5.89 80.38 -6.52
C LEU A 1209 6.18 81.09 -7.84
N ALA A 1210 5.68 82.33 -7.97
CA ALA A 1210 5.88 83.19 -9.14
C ALA A 1210 7.13 84.07 -8.95
N LEU A 1211 7.84 83.87 -7.83
CA LEU A 1211 9.06 84.58 -7.43
C LEU A 1211 10.29 83.66 -7.54
N ILE A 1212 10.05 82.35 -7.71
CA ILE A 1212 11.09 81.34 -7.85
C ILE A 1212 11.12 80.82 -9.28
N LYS A 1213 10.00 80.97 -10.00
CA LYS A 1213 9.87 80.54 -11.39
C LYS A 1213 10.65 81.45 -12.35
N PRO A 1214 10.76 82.80 -12.18
CA PRO A 1214 11.53 83.59 -13.14
C PRO A 1214 13.03 83.27 -13.11
N TRP A 1215 13.55 82.78 -11.97
CA TRP A 1215 14.96 82.41 -11.85
C TRP A 1215 15.24 81.04 -12.49
N VAL A 1216 14.24 80.12 -12.47
CA VAL A 1216 14.38 78.76 -13.01
C VAL A 1216 14.16 78.72 -14.54
N GLN A 1217 13.29 79.59 -15.08
CA GLN A 1217 13.04 79.64 -16.52
C GLN A 1217 14.19 80.33 -17.25
N ASN A 1218 14.87 81.27 -16.54
CA ASN A 1218 16.01 82.03 -17.04
C ASN A 1218 17.24 81.12 -17.13
N SER A 1219 17.48 80.33 -16.08
CA SER A 1219 18.61 79.40 -16.01
C SER A 1219 18.12 77.98 -16.31
N LYS A 1220 17.28 77.83 -17.35
CA LYS A 1220 16.71 76.55 -17.77
C LYS A 1220 17.75 75.62 -18.39
N ALA A 1221 18.86 76.19 -18.90
CA ALA A 1221 19.98 75.47 -19.53
C ALA A 1221 21.18 75.38 -18.59
N ASP A 1222 21.27 76.29 -17.61
CA ASP A 1222 22.35 76.35 -16.61
C ASP A 1222 22.27 75.14 -15.67
N LEU A 1223 21.06 74.85 -15.14
CA LEU A 1223 20.77 73.73 -14.23
C LEU A 1223 20.75 72.39 -14.97
N LEU A 1224 20.41 72.44 -16.26
CA LEU A 1224 20.31 71.30 -17.15
C LEU A 1224 21.70 70.72 -17.51
N ALA A 1225 22.68 71.60 -17.79
CA ALA A 1225 24.06 71.23 -18.18
C ALA A 1225 24.82 70.49 -17.07
N ARG A 1226 24.62 70.87 -15.79
CA ARG A 1226 25.31 70.25 -14.65
C ARG A 1226 24.73 68.86 -14.29
N ARG A 1227 23.58 68.47 -14.91
CA ARG A 1227 22.84 67.19 -14.76
C ARG A 1227 22.26 66.95 -13.34
N VAL A 1228 21.84 68.02 -12.64
CA VAL A 1228 21.25 67.95 -11.29
C VAL A 1228 19.75 67.57 -11.42
N ARG A 1229 19.24 66.72 -10.50
CA ARG A 1229 17.84 66.27 -10.51
C ARG A 1229 16.92 67.13 -9.61
N ARG A 1230 17.12 67.12 -8.26
CA ARG A 1230 16.25 67.83 -7.30
C ARG A 1230 16.79 69.20 -6.85
N LEU A 1231 15.85 70.11 -6.51
CA LEU A 1231 16.11 71.47 -6.03
C LEU A 1231 15.07 71.83 -4.94
N THR A 1232 15.52 71.93 -3.68
CA THR A 1232 14.64 72.22 -2.54
C THR A 1232 14.86 73.67 -2.02
N PHE A 1233 13.78 74.30 -1.51
CA PHE A 1233 13.79 75.66 -0.96
C PHE A 1233 13.23 75.67 0.47
N ILE A 1234 13.93 76.32 1.43
CA ILE A 1234 13.51 76.32 2.83
C ILE A 1234 13.46 77.77 3.41
N CYS A 1235 12.27 78.21 3.86
CA CYS A 1235 12.08 79.54 4.44
C CYS A 1235 11.76 79.43 5.91
N GLY A 1236 12.77 79.69 6.72
CA GLY A 1236 12.65 79.59 8.16
C GLY A 1236 11.95 80.73 8.83
N ARG A 1237 10.85 80.41 9.53
CA ARG A 1237 10.05 81.35 10.29
C ARG A 1237 10.52 81.41 11.72
N ASN A 1238 10.62 82.62 12.26
CA ASN A 1238 11.09 82.93 13.61
C ASN A 1238 10.01 82.77 14.70
N ASP A 1239 8.80 82.29 14.34
CA ASP A 1239 7.70 82.10 15.30
C ASP A 1239 7.45 80.63 15.67
N GLY A 1240 8.26 79.73 15.10
CA GLY A 1240 8.15 78.29 15.35
C GLY A 1240 7.36 77.55 14.30
N SER A 1241 6.95 78.26 13.24
CA SER A 1241 6.21 77.69 12.12
C SER A 1241 7.16 76.86 11.26
N TYR A 1242 6.76 75.60 10.94
CA TYR A 1242 7.54 74.67 10.13
C TYR A 1242 7.84 75.31 8.77
N PRO A 1243 9.12 75.40 8.38
CA PRO A 1243 9.47 76.06 7.11
C PRO A 1243 8.87 75.35 5.90
N SER A 1244 8.49 76.12 4.88
CA SER A 1244 7.89 75.62 3.65
C SER A 1244 8.97 75.16 2.68
N TYR A 1245 8.75 74.00 2.04
CA TYR A 1245 9.68 73.40 1.07
C TYR A 1245 9.03 73.26 -0.31
N TYR A 1246 9.79 73.56 -1.38
CA TYR A 1246 9.32 73.46 -2.76
C TYR A 1246 10.37 72.77 -3.61
N THR A 1247 9.97 71.82 -4.47
CA THR A 1247 10.96 71.08 -5.26
C THR A 1247 10.65 71.11 -6.77
N PHE A 1248 11.69 71.43 -7.58
CA PHE A 1248 11.71 71.46 -9.04
C PHE A 1248 12.54 70.26 -9.53
N ARG A 1249 11.94 69.39 -10.37
CA ARG A 1249 12.60 68.18 -10.84
C ARG A 1249 12.33 67.86 -12.31
N GLY A 1250 13.22 67.06 -12.90
CA GLY A 1250 13.13 66.60 -14.29
C GLY A 1250 14.05 67.29 -15.26
N PRO A 1251 13.66 67.38 -16.56
CA PRO A 1251 14.54 68.05 -17.54
C PRO A 1251 14.36 69.57 -17.56
N ASP A 1252 13.10 70.04 -17.65
CA ASP A 1252 12.74 71.46 -17.68
C ASP A 1252 12.51 72.01 -16.26
N TYR A 1253 12.38 71.09 -15.28
CA TYR A 1253 12.12 71.35 -13.85
C TYR A 1253 10.78 72.09 -13.72
N ALA A 1254 9.69 71.36 -14.03
CA ALA A 1254 8.31 71.85 -14.05
C ALA A 1254 7.70 72.05 -12.65
N GLU A 1255 8.40 71.63 -11.57
CA GLU A 1255 7.98 71.71 -10.15
C GLU A 1255 6.81 70.78 -9.89
N ASP A 1256 7.06 69.70 -9.14
CA ASP A 1256 6.02 68.76 -8.77
C ASP A 1256 5.30 69.31 -7.54
N ASP A 1257 4.00 69.58 -7.68
CA ASP A 1257 3.15 70.13 -6.63
C ASP A 1257 2.99 69.16 -5.45
N SER A 1258 3.35 67.88 -5.67
CA SER A 1258 3.28 66.79 -4.69
C SER A 1258 4.20 67.08 -3.49
N ILE A 1259 5.47 67.44 -3.76
CA ILE A 1259 6.43 67.74 -2.69
C ILE A 1259 6.37 69.22 -2.38
N ARG A 1260 5.67 69.52 -1.28
CA ARG A 1260 5.45 70.86 -0.75
C ARG A 1260 5.45 70.82 0.76
N HIS A 1261 6.03 71.86 1.40
CA HIS A 1261 6.14 72.06 2.85
C HIS A 1261 6.82 70.88 3.60
N ILE A 1262 7.56 70.01 2.87
CA ILE A 1262 8.27 68.86 3.45
C ILE A 1262 9.55 68.53 2.63
N GLU A 1263 10.56 67.96 3.31
CA GLU A 1263 11.86 67.61 2.77
C GLU A 1263 11.82 66.40 1.82
N PRO A 1264 12.50 66.46 0.64
CA PRO A 1264 12.53 65.30 -0.27
C PRO A 1264 13.04 64.00 0.36
N SER A 1265 13.85 64.07 1.43
CA SER A 1265 14.34 62.89 2.12
C SER A 1265 13.24 62.15 2.85
N LEU A 1266 12.33 62.94 3.47
CA LEU A 1266 11.19 62.44 4.22
C LEU A 1266 10.18 61.79 3.30
N ALA A 1267 10.15 62.25 2.04
CA ALA A 1267 9.25 61.77 0.99
C ALA A 1267 9.23 60.24 0.89
N PHE A 1268 10.38 59.57 1.10
CA PHE A 1268 10.44 58.11 1.05
C PHE A 1268 9.62 57.51 2.16
N GLN A 1269 9.72 58.10 3.36
CA GLN A 1269 8.97 57.67 4.54
C GLN A 1269 7.49 57.94 4.28
N LEU A 1270 7.19 59.07 3.60
CA LEU A 1270 5.84 59.47 3.19
C LEU A 1270 5.31 58.52 2.10
N GLU A 1271 6.25 57.79 1.46
CA GLU A 1271 6.08 56.80 0.40
C GLU A 1271 5.50 57.47 -0.85
N LEU A 1272 4.16 57.68 -0.90
CA LEU A 1272 3.40 58.26 -2.00
C LEU A 1272 3.43 57.37 -3.27
N GLY A 1273 4.41 56.47 -3.37
CA GLY A 1273 4.52 55.50 -4.46
C GLY A 1273 3.45 54.42 -4.34
N ARG A 1274 2.66 54.50 -3.24
CA ARG A 1274 1.53 53.64 -2.89
C ARG A 1274 0.21 54.17 -3.48
N LEU A 1275 0.28 55.28 -4.25
CA LEU A 1275 -0.90 55.91 -4.85
C LEU A 1275 -0.62 56.30 -6.33
N SER A 1276 0.09 55.41 -7.07
CA SER A 1276 0.47 55.59 -8.47
C SER A 1276 -0.73 55.50 -9.43
N LYS A 1277 -1.77 54.74 -9.04
CA LYS A 1277 -3.00 54.51 -9.81
C LYS A 1277 -4.04 55.65 -9.55
N PHE A 1278 -3.55 56.85 -9.18
CA PHE A 1278 -4.42 58.00 -8.91
C PHE A 1278 -3.86 59.32 -9.42
N LYS A 1279 -4.73 60.14 -10.03
CA LYS A 1279 -4.38 61.46 -10.52
C LYS A 1279 -4.37 62.36 -9.30
N LEU A 1280 -3.19 62.43 -8.69
CA LEU A 1280 -2.94 63.17 -7.48
C LEU A 1280 -2.89 64.66 -7.74
N THR A 1281 -3.42 65.42 -6.77
CA THR A 1281 -3.50 66.89 -6.75
C THR A 1281 -3.62 67.33 -5.27
N PRO A 1282 -2.70 68.14 -4.71
CA PRO A 1282 -2.80 68.50 -3.29
C PRO A 1282 -3.70 69.72 -2.97
N VAL A 1283 -4.18 69.78 -1.71
CA VAL A 1283 -5.02 70.86 -1.15
C VAL A 1283 -4.32 71.40 0.13
N PHE A 1284 -4.44 72.72 0.38
CA PHE A 1284 -3.81 73.48 1.47
C PHE A 1284 -4.03 72.89 2.87
N THR A 1285 -2.94 72.92 3.68
CA THR A 1285 -2.89 72.50 5.08
C THR A 1285 -2.24 73.62 5.90
N GLN A 1286 -2.89 74.02 7.02
CA GLN A 1286 -2.43 75.05 7.95
C GLN A 1286 -1.15 74.60 8.67
N ASN A 1287 -1.05 73.28 8.95
CA ASN A 1287 0.10 72.63 9.56
C ASN A 1287 0.96 72.09 8.40
N LYS A 1288 2.22 72.53 8.34
CA LYS A 1288 3.16 72.18 7.26
C LYS A 1288 3.62 70.71 7.33
N ASN A 1289 3.43 70.03 8.48
CA ASN A 1289 3.75 68.61 8.69
C ASN A 1289 2.79 67.70 7.94
N ILE A 1290 1.48 68.05 7.91
CA ILE A 1290 0.41 67.25 7.28
C ILE A 1290 0.12 67.70 5.84
N HIS A 1291 -0.32 66.74 5.00
CA HIS A 1291 -0.64 66.98 3.57
C HIS A 1291 -1.85 66.15 3.14
N VAL A 1292 -2.90 66.82 2.62
CA VAL A 1292 -4.10 66.14 2.13
C VAL A 1292 -4.11 66.23 0.60
N TYR A 1293 -4.53 65.14 -0.07
CA TYR A 1293 -4.53 65.05 -1.54
C TYR A 1293 -5.85 64.56 -2.10
N GLU A 1294 -6.24 65.08 -3.27
CA GLU A 1294 -7.41 64.64 -4.02
C GLU A 1294 -6.95 63.54 -4.96
N ALA A 1295 -7.50 62.34 -4.78
CA ALA A 1295 -7.13 61.19 -5.58
C ALA A 1295 -8.34 60.62 -6.28
N VAL A 1296 -8.26 60.57 -7.60
CA VAL A 1296 -9.30 60.05 -8.47
C VAL A 1296 -8.68 58.97 -9.34
N GLY A 1297 -9.30 57.79 -9.35
CA GLY A 1297 -8.86 56.62 -10.12
C GLY A 1297 -8.52 56.98 -11.55
N ARG A 1298 -7.34 56.57 -12.03
CA ARG A 1298 -6.84 56.88 -13.37
C ARG A 1298 -7.72 56.25 -14.49
N GLY A 1299 -8.33 55.10 -14.21
CA GLY A 1299 -9.20 54.42 -15.17
C GLY A 1299 -10.64 54.89 -15.08
N VAL A 1300 -11.32 54.53 -13.98
CA VAL A 1300 -12.71 54.91 -13.75
C VAL A 1300 -12.71 56.17 -12.86
N GLU A 1301 -13.57 57.14 -13.21
CA GLU A 1301 -13.66 58.46 -12.55
C GLU A 1301 -14.58 58.51 -11.31
N THR A 1302 -15.43 57.48 -11.10
CA THR A 1302 -16.38 57.38 -9.96
C THR A 1302 -15.66 57.45 -8.61
N ASP A 1303 -14.42 56.93 -8.59
CA ASP A 1303 -13.59 56.89 -7.42
C ASP A 1303 -13.00 58.26 -7.17
N ARG A 1304 -13.35 58.84 -6.01
CA ARG A 1304 -12.90 60.14 -5.53
C ARG A 1304 -12.66 60.00 -4.05
N ARG A 1305 -11.40 60.08 -3.63
CA ARG A 1305 -11.02 59.89 -2.24
C ARG A 1305 -10.01 60.94 -1.80
N TYR A 1306 -10.10 61.37 -0.53
CA TYR A 1306 -9.16 62.31 0.05
C TYR A 1306 -8.17 61.52 0.90
N PHE A 1307 -6.93 61.41 0.41
CA PHE A 1307 -5.85 60.69 1.10
C PHE A 1307 -4.99 61.69 1.85
N THR A 1308 -4.65 61.36 3.09
CA THR A 1308 -3.84 62.19 3.95
C THR A 1308 -2.48 61.52 4.17
N ARG A 1309 -1.40 62.32 4.16
CA ARG A 1309 -0.03 61.84 4.35
C ARG A 1309 0.70 62.80 5.29
N ALA A 1310 1.19 62.28 6.42
CA ALA A 1310 1.87 63.06 7.46
C ALA A 1310 3.16 62.40 7.97
N VAL A 1311 4.17 63.23 8.33
CA VAL A 1311 5.42 62.77 8.95
C VAL A 1311 5.61 63.59 10.22
N VAL A 1312 5.33 62.96 11.36
CA VAL A 1312 5.44 63.64 12.62
C VAL A 1312 6.87 63.59 13.09
N ARG A 1313 7.48 64.75 13.23
CA ARG A 1313 8.79 64.87 13.78
C ARG A 1313 8.54 65.17 15.26
N PRO A 1314 8.88 64.19 16.12
CA PRO A 1314 8.48 64.25 17.54
C PRO A 1314 9.08 65.37 18.38
N GLY A 1315 8.18 66.17 18.94
CA GLY A 1315 8.51 67.25 19.85
C GLY A 1315 7.98 66.88 21.23
N ARG A 1316 8.58 65.83 21.83
CA ARG A 1316 8.17 65.30 23.13
C ARG A 1316 9.36 64.74 23.93
N LEU A 1317 9.58 65.30 25.15
CA LEU A 1317 10.64 64.93 26.11
C LEU A 1317 10.40 63.54 26.70
N ALA A 1324 6.88 57.29 28.47
CA ALA A 1324 6.19 56.40 27.55
C ALA A 1324 4.91 57.04 26.99
N GLU A 1325 4.20 57.85 27.82
CA GLU A 1325 2.94 58.51 27.48
C GLU A 1325 3.13 59.73 26.52
N TYR A 1326 4.35 59.90 25.97
CA TYR A 1326 4.75 60.98 25.08
C TYR A 1326 4.12 60.82 23.68
N LEU A 1327 4.27 59.63 23.07
CA LEU A 1327 3.76 59.30 21.74
C LEU A 1327 2.24 59.24 21.67
N ILE A 1328 1.56 58.71 22.73
CA ILE A 1328 0.09 58.59 22.75
C ILE A 1328 -0.53 59.99 22.73
N SER A 1329 0.10 60.96 23.42
CA SER A 1329 -0.34 62.35 23.44
C SER A 1329 0.03 63.04 22.12
N GLU A 1330 1.18 62.65 21.52
CA GLU A 1330 1.67 63.16 20.25
C GLU A 1330 0.73 62.76 19.11
N ALA A 1331 0.16 61.53 19.21
CA ALA A 1331 -0.80 60.96 18.25
C ALA A 1331 -2.10 61.77 18.26
N ASP A 1332 -2.57 62.17 19.46
CA ASP A 1332 -3.79 62.94 19.66
C ASP A 1332 -3.70 64.32 19.00
N ARG A 1333 -2.53 64.98 19.13
CA ARG A 1333 -2.23 66.30 18.58
C ARG A 1333 -2.21 66.29 17.05
N VAL A 1334 -1.50 65.30 16.45
CA VAL A 1334 -1.36 65.19 14.99
C VAL A 1334 -2.68 64.71 14.33
N VAL A 1335 -3.42 63.78 14.97
CA VAL A 1335 -4.68 63.29 14.40
C VAL A 1335 -5.76 64.39 14.51
N ASN A 1336 -5.74 65.20 15.58
CA ASN A 1336 -6.70 66.29 15.71
C ASN A 1336 -6.46 67.35 14.65
N ASP A 1337 -5.17 67.62 14.34
CA ASP A 1337 -4.74 68.56 13.31
C ASP A 1337 -5.22 68.13 11.93
N ILE A 1338 -5.18 66.81 11.67
CA ILE A 1338 -5.64 66.21 10.42
C ILE A 1338 -7.18 66.35 10.33
N PHE A 1339 -7.88 66.04 11.45
CA PHE A 1339 -9.34 66.10 11.58
C PHE A 1339 -9.89 67.51 11.40
N ASP A 1340 -9.15 68.51 11.93
CA ASP A 1340 -9.51 69.91 11.81
C ASP A 1340 -9.29 70.40 10.37
N ALA A 1341 -8.26 69.86 9.69
CA ALA A 1341 -7.94 70.20 8.30
C ALA A 1341 -8.92 69.56 7.32
N LEU A 1342 -9.33 68.31 7.59
CA LEU A 1342 -10.29 67.59 6.76
C LEU A 1342 -11.67 68.24 6.85
N GLU A 1343 -11.91 68.92 7.99
CA GLU A 1343 -13.15 69.63 8.29
C GLU A 1343 -13.28 70.89 7.41
N ILE A 1344 -12.19 71.69 7.26
CA ILE A 1344 -12.19 72.96 6.50
C ILE A 1344 -12.31 72.71 4.98
N ILE A 1345 -11.71 71.63 4.45
CA ILE A 1345 -11.80 71.29 3.03
C ILE A 1345 -13.21 70.69 2.78
N GLY A 1346 -13.80 70.14 3.84
CA GLY A 1346 -15.12 69.54 3.83
C GLY A 1346 -15.08 68.07 3.45
N THR A 1347 -16.10 67.31 3.87
CA THR A 1347 -16.23 65.89 3.59
C THR A 1347 -16.54 65.68 2.09
N ASN A 1348 -17.26 66.66 1.46
CA ASN A 1348 -17.67 66.68 0.04
C ASN A 1348 -18.28 65.33 -0.37
N LYS A 1349 -17.72 64.66 -1.42
CA LYS A 1349 -18.17 63.34 -1.88
C LYS A 1349 -16.94 62.41 -1.99
N THR A 1350 -16.78 61.53 -0.98
CA THR A 1350 -15.69 60.55 -0.92
C THR A 1350 -16.23 59.19 -0.56
N ASP A 1351 -15.92 58.19 -1.41
CA ASP A 1351 -16.34 56.81 -1.18
C ASP A 1351 -15.64 56.27 0.05
N LEU A 1352 -14.34 56.59 0.18
CA LEU A 1352 -13.45 56.19 1.26
C LEU A 1352 -12.42 57.28 1.55
N ASN A 1353 -11.76 57.21 2.72
CA ASN A 1353 -10.71 58.16 3.09
C ASN A 1353 -9.65 57.48 3.93
N HIS A 1354 -8.37 57.78 3.65
CA HIS A 1354 -7.24 57.18 4.33
C HIS A 1354 -6.25 58.25 4.79
N MET A 1355 -5.49 57.93 5.84
CA MET A 1355 -4.44 58.78 6.41
C MET A 1355 -3.23 57.93 6.83
N PHE A 1356 -2.02 58.29 6.36
CA PHE A 1356 -0.78 57.58 6.70
C PHE A 1356 0.11 58.47 7.57
N ILE A 1357 0.54 57.95 8.75
CA ILE A 1357 1.36 58.69 9.72
C ILE A 1357 2.69 57.94 10.00
N ASN A 1358 3.79 58.54 9.53
CA ASN A 1358 5.13 57.99 9.72
C ASN A 1358 5.82 58.61 10.93
N PHE A 1359 6.48 57.77 11.73
CA PHE A 1359 7.21 58.17 12.92
C PHE A 1359 8.70 57.99 12.70
N SER A 1360 9.45 59.10 12.73
CA SER A 1360 10.90 59.11 12.53
C SER A 1360 11.65 58.65 13.79
N HIS A 1361 10.98 58.73 14.97
CA HIS A 1361 11.50 58.38 16.29
C HIS A 1361 11.86 56.90 16.39
N THR A 1362 12.95 56.63 17.11
CA THR A 1362 13.47 55.30 17.39
C THR A 1362 13.06 55.00 18.86
N PHE A 1363 11.73 54.83 19.10
CA PHE A 1363 11.17 54.61 20.45
C PHE A 1363 11.21 53.16 20.89
N GLN A 1364 11.54 52.95 22.18
CA GLN A 1364 11.65 51.64 22.83
C GLN A 1364 10.30 51.24 23.43
N VAL A 1365 9.61 50.34 22.74
CA VAL A 1365 8.31 49.82 23.14
C VAL A 1365 8.07 48.52 22.39
N THR A 1366 7.06 47.78 22.81
CA THR A 1366 6.62 46.55 22.16
C THR A 1366 5.14 46.69 21.98
N ALA A 1367 4.61 46.08 20.92
CA ALA A 1367 3.23 46.14 20.48
C ALA A 1367 2.16 45.73 21.51
N ASP A 1368 2.47 44.76 22.39
CA ASP A 1368 1.55 44.20 23.39
C ASP A 1368 0.86 45.25 24.26
N GLU A 1369 1.61 46.25 24.77
CA GLU A 1369 1.07 47.33 25.62
C GLU A 1369 0.37 48.39 24.78
N VAL A 1370 0.89 48.65 23.56
CA VAL A 1370 0.41 49.63 22.59
C VAL A 1370 -1.00 49.26 22.08
N ALA A 1371 -1.30 47.94 21.97
CA ALA A 1371 -2.59 47.41 21.49
C ALA A 1371 -3.78 47.80 22.39
N GLU A 1372 -3.54 47.90 23.71
CA GLU A 1372 -4.57 48.23 24.70
C GLU A 1372 -4.87 49.75 24.73
N SER A 1373 -3.82 50.60 24.68
CA SER A 1373 -3.92 52.07 24.71
C SER A 1373 -4.54 52.64 23.42
N LEU A 1374 -4.37 51.90 22.29
CA LEU A 1374 -4.91 52.24 20.97
C LEU A 1374 -6.43 52.34 21.06
N GLN A 1375 -7.07 51.34 21.70
CA GLN A 1375 -8.51 51.21 21.96
C GLN A 1375 -9.07 52.48 22.63
N GLY A 1376 -8.29 53.04 23.56
CA GLY A 1376 -8.64 54.24 24.32
C GLY A 1376 -8.95 55.49 23.52
N PHE A 1377 -8.00 55.97 22.68
CA PHE A 1377 -8.19 57.21 21.93
C PHE A 1377 -8.97 57.04 20.60
N LEU A 1378 -9.05 55.81 20.03
CA LEU A 1378 -9.79 55.62 18.77
C LEU A 1378 -11.30 55.77 18.96
N ASP A 1379 -11.84 55.48 20.16
CA ASP A 1379 -13.28 55.59 20.42
C ASP A 1379 -13.72 57.05 20.58
N ARG A 1380 -12.77 57.97 20.87
CA ARG A 1380 -13.04 59.41 21.03
C ARG A 1380 -12.98 60.13 19.67
N PHE A 1381 -11.94 59.83 18.87
CA PHE A 1381 -11.73 60.43 17.55
C PHE A 1381 -12.62 59.77 16.49
N GLY A 1382 -12.85 58.46 16.64
CA GLY A 1382 -13.70 57.65 15.76
C GLY A 1382 -14.96 58.34 15.23
N PRO A 1383 -15.85 58.87 16.12
CA PRO A 1383 -17.06 59.55 15.63
C PRO A 1383 -16.79 60.67 14.63
N ARG A 1384 -15.78 61.53 14.91
CA ARG A 1384 -15.38 62.65 14.04
C ARG A 1384 -14.85 62.13 12.72
N GLY A 1385 -14.05 61.06 12.77
CA GLY A 1385 -13.46 60.40 11.61
C GLY A 1385 -14.49 59.69 10.77
N TRP A 1386 -15.59 59.26 11.41
CA TRP A 1386 -16.70 58.56 10.78
C TRP A 1386 -17.54 59.53 9.96
N ARG A 1387 -17.56 60.83 10.34
CA ARG A 1387 -18.30 61.89 9.66
C ARG A 1387 -17.56 62.35 8.40
N LEU A 1388 -16.22 62.35 8.45
CA LEU A 1388 -15.34 62.77 7.34
C LEU A 1388 -15.23 61.68 6.26
N ARG A 1389 -15.89 60.50 6.48
CA ARG A 1389 -15.97 59.32 5.61
C ARG A 1389 -14.62 58.57 5.57
N VAL A 1390 -13.85 58.66 6.67
CA VAL A 1390 -12.56 58.00 6.80
C VAL A 1390 -12.79 56.52 7.10
N HIS A 1391 -12.24 55.64 6.24
CA HIS A 1391 -12.39 54.20 6.43
C HIS A 1391 -11.17 53.56 7.11
N GLN A 1392 -9.94 54.00 6.80
CA GLN A 1392 -8.76 53.40 7.44
C GLN A 1392 -7.65 54.40 7.76
N VAL A 1393 -6.77 53.99 8.70
CA VAL A 1393 -5.62 54.74 9.20
C VAL A 1393 -4.43 53.77 9.39
N GLU A 1394 -3.25 54.16 8.87
CA GLU A 1394 -2.03 53.35 8.95
C GLU A 1394 -0.94 54.09 9.74
N ILE A 1395 -0.44 53.46 10.83
CA ILE A 1395 0.60 54.04 11.69
C ILE A 1395 1.89 53.25 11.51
N ARG A 1396 3.02 53.95 11.29
CA ARG A 1396 4.32 53.30 11.11
C ARG A 1396 5.34 53.78 12.16
N ILE A 1397 5.49 52.99 13.24
CA ILE A 1397 6.41 53.25 14.36
C ILE A 1397 7.61 52.26 14.34
N ASN A 1398 8.68 52.59 15.08
CA ASN A 1398 9.89 51.78 15.27
C ASN A 1398 9.94 51.27 16.72
N CYS A 1399 10.53 50.09 16.93
CA CYS A 1399 10.65 49.49 18.25
C CYS A 1399 12.03 48.87 18.46
N MET A 1400 12.97 49.64 19.08
CA MET A 1400 14.34 49.22 19.40
C MET A 1400 14.34 47.93 20.24
N ARG A 1401 13.39 47.80 21.20
CA ARG A 1401 13.28 46.59 22.01
C ARG A 1401 12.46 45.58 21.22
N SER A 1402 13.18 44.63 20.60
CA SER A 1402 12.65 43.57 19.75
C SER A 1402 11.89 42.53 20.58
N GLU A 1407 19.81 43.04 21.64
CA GLU A 1407 20.09 43.41 20.25
C GLU A 1407 20.28 44.91 20.11
N ASN A 1408 19.29 45.69 20.59
CA ASN A 1408 19.20 47.15 20.55
C ASN A 1408 19.05 47.62 19.07
N ASP A 1409 18.23 46.86 18.29
CA ASP A 1409 17.88 47.07 16.88
C ASP A 1409 16.35 46.99 16.69
N THR A 1410 15.80 47.92 15.88
CA THR A 1410 14.38 48.11 15.62
C THR A 1410 13.61 46.92 15.09
N MET A 1411 12.31 46.93 15.40
CA MET A 1411 11.27 46.04 14.96
C MET A 1411 10.18 46.97 14.47
N PRO A 1412 10.27 47.43 13.19
CA PRO A 1412 9.28 48.40 12.68
C PRO A 1412 7.91 47.73 12.54
N LEU A 1413 7.00 48.11 13.44
CA LEU A 1413 5.64 47.57 13.50
C LEU A 1413 4.62 48.58 12.92
N ARG A 1414 4.03 48.21 11.76
CA ARG A 1414 3.01 49.01 11.07
C ARG A 1414 1.62 48.51 11.48
N VAL A 1415 0.69 49.42 11.87
CA VAL A 1415 -0.64 49.00 12.29
C VAL A 1415 -1.72 49.65 11.40
N ILE A 1416 -2.62 48.82 10.87
CA ILE A 1416 -3.75 49.23 10.02
C ILE A 1416 -5.02 49.05 10.85
N ILE A 1417 -5.85 50.09 10.84
CA ILE A 1417 -7.10 50.13 11.58
C ILE A 1417 -8.20 50.49 10.57
N THR A 1418 -9.05 49.51 10.21
CA THR A 1418 -10.13 49.76 9.26
C THR A 1418 -11.47 49.72 9.96
N ASN A 1419 -12.36 50.64 9.57
CA ASN A 1419 -13.71 50.79 10.12
C ASN A 1419 -14.70 50.04 9.20
N THR A 1420 -14.60 48.70 9.16
CA THR A 1420 -15.45 47.85 8.32
C THR A 1420 -16.63 47.33 9.16
N SER A 1421 -17.88 47.57 8.66
CA SER A 1421 -19.19 47.22 9.21
C SER A 1421 -19.62 48.15 10.38
N GLY A 1422 -19.20 49.41 10.30
CA GLY A 1422 -19.52 50.43 11.29
C GLY A 1422 -18.67 50.41 12.54
N PHE A 1423 -18.18 49.23 12.92
CA PHE A 1423 -17.32 49.00 14.08
C PHE A 1423 -15.95 48.55 13.62
N VAL A 1424 -14.90 49.26 14.06
CA VAL A 1424 -13.49 49.03 13.71
C VAL A 1424 -13.20 47.53 13.64
N ILE A 1425 -13.12 46.86 14.81
CA ILE A 1425 -12.85 45.42 15.05
C ILE A 1425 -11.73 44.90 14.07
N GLN A 1426 -10.82 45.82 13.66
CA GLN A 1426 -9.73 45.52 12.75
C GLN A 1426 -8.47 46.23 13.21
N ILE A 1427 -7.75 45.61 14.15
CA ILE A 1427 -6.51 46.11 14.73
C ILE A 1427 -5.39 45.18 14.28
N GLU A 1428 -5.06 45.30 12.99
CA GLU A 1428 -4.06 44.45 12.40
C GLU A 1428 -2.66 44.98 12.69
N LEU A 1429 -1.99 44.30 13.62
CA LEU A 1429 -0.63 44.60 14.05
C LEU A 1429 0.33 43.70 13.25
N TYR A 1430 1.16 44.33 12.40
CA TYR A 1430 2.13 43.69 11.50
C TYR A 1430 3.57 43.72 12.03
N GLU A 1431 4.54 43.35 11.17
CA GLU A 1431 5.99 43.32 11.44
C GLU A 1431 6.71 43.45 10.12
N GLU A 1432 7.51 44.51 9.96
CA GLU A 1432 8.24 44.75 8.73
C GLU A 1432 9.44 43.84 8.64
N LYS A 1433 9.35 42.84 7.77
CA LYS A 1433 10.41 41.85 7.60
C LYS A 1433 10.59 41.53 6.12
N LEU A 1434 11.84 41.22 5.74
CA LEU A 1434 12.23 40.88 4.37
C LEU A 1434 11.80 39.46 4.00
N SER A 1435 11.24 39.27 2.80
CA SER A 1435 10.78 37.98 2.30
C SER A 1435 11.92 37.13 1.72
N GLU A 1436 13.17 37.63 1.92
CA GLU A 1436 14.47 37.11 1.47
C GLU A 1436 14.66 37.39 -0.02
N LYS A 1437 13.55 37.38 -0.75
CA LYS A 1437 13.50 37.62 -2.19
C LYS A 1437 13.90 39.07 -2.54
N GLY A 1438 14.17 39.86 -1.50
CA GLY A 1438 14.58 41.26 -1.59
C GLY A 1438 13.45 42.26 -1.41
N GLU A 1439 12.28 41.77 -0.98
CA GLU A 1439 11.09 42.59 -0.73
C GLU A 1439 10.75 42.65 0.73
N TRP A 1440 10.21 43.79 1.17
CA TRP A 1440 9.77 43.99 2.54
C TRP A 1440 8.28 43.70 2.61
N VAL A 1441 7.92 42.69 3.40
CA VAL A 1441 6.53 42.24 3.46
C VAL A 1441 5.90 42.49 4.85
N TYR A 1442 4.56 42.45 4.84
CA TYR A 1442 3.64 42.68 5.94
C TYR A 1442 3.33 41.37 6.69
N TYR A 1443 4.17 41.02 7.67
CA TYR A 1443 4.05 39.80 8.50
C TYR A 1443 3.26 40.15 9.78
N TYR A 1444 1.95 39.83 9.85
CA TYR A 1444 1.19 40.23 11.03
C TYR A 1444 0.96 39.13 12.06
N VAL A 1445 1.11 39.52 13.34
CA VAL A 1445 0.86 38.77 14.59
C VAL A 1445 -0.07 39.69 15.41
N SER A 1446 -1.15 40.14 14.75
CA SER A 1446 -2.17 41.08 15.19
C SER A 1446 -3.00 40.65 16.39
N GLY A 1447 -4.00 41.47 16.70
CA GLY A 1447 -4.95 41.22 17.77
C GLY A 1447 -6.38 41.13 17.27
N ASN A 1448 -6.57 40.88 15.96
CA ASN A 1448 -7.90 40.74 15.36
C ASN A 1448 -8.18 39.27 14.97
N ALA A 1449 -7.46 38.32 15.63
CA ALA A 1449 -7.53 36.83 15.58
C ALA A 1449 -7.05 36.18 14.23
N LYS A 1450 -6.05 36.80 13.56
CA LYS A 1450 -5.40 36.37 12.29
C LYS A 1450 -6.33 36.14 11.09
N ILE A 1451 -7.66 36.11 11.29
CA ILE A 1451 -8.61 35.93 10.20
C ILE A 1451 -9.14 37.32 9.84
N GLY A 1452 -8.29 38.10 9.14
CA GLY A 1452 -8.60 39.46 8.71
C GLY A 1452 -8.37 39.73 7.24
N SER A 1453 -7.23 40.40 6.92
CA SER A 1453 -6.82 40.80 5.57
C SER A 1453 -5.35 41.20 5.50
N MET A 1454 -4.80 41.15 4.27
CA MET A 1454 -3.46 41.48 3.83
C MET A 1454 -2.39 40.83 4.66
N HIS A 1455 -1.74 39.85 4.08
CA HIS A 1455 -0.65 39.14 4.72
C HIS A 1455 0.37 38.78 3.67
N LEU A 1456 1.65 39.02 3.99
CA LEU A 1456 2.82 38.77 3.16
C LEU A 1456 2.68 39.45 1.78
N LEU A 1457 2.44 40.77 1.85
CA LEU A 1457 2.29 41.69 0.74
C LEU A 1457 3.35 42.77 0.82
N PRO A 1458 3.88 43.20 -0.34
CA PRO A 1458 4.95 44.22 -0.33
C PRO A 1458 4.51 45.56 0.26
N VAL A 1459 5.49 46.34 0.76
CA VAL A 1459 5.25 47.67 1.33
C VAL A 1459 4.95 48.66 0.18
N SER A 1460 5.27 48.27 -1.07
CA SER A 1460 5.08 49.05 -2.28
C SER A 1460 3.70 48.79 -2.96
N THR A 1461 2.69 48.31 -2.20
CA THR A 1461 1.31 48.05 -2.70
C THR A 1461 0.67 49.38 -3.15
N PRO A 1462 0.17 49.51 -4.42
CA PRO A 1462 -0.37 50.81 -4.86
C PRO A 1462 -1.88 51.01 -4.62
N TYR A 1463 -2.31 51.01 -3.32
CA TYR A 1463 -3.71 51.17 -2.86
C TYR A 1463 -4.70 51.07 -4.05
N PRO A 1464 -5.01 49.84 -4.54
CA PRO A 1464 -5.86 49.71 -5.74
C PRO A 1464 -7.14 50.53 -5.68
N THR A 1465 -7.52 51.09 -6.83
CA THR A 1465 -8.72 51.92 -6.99
C THR A 1465 -9.97 51.05 -6.93
N LYS A 1466 -11.12 51.64 -7.25
CA LYS A 1466 -12.37 50.90 -7.27
C LYS A 1466 -12.63 50.48 -8.71
N ASN A 1467 -13.32 49.33 -8.90
CA ASN A 1467 -13.80 48.78 -10.18
C ASN A 1467 -12.76 47.99 -10.99
N TRP A 1468 -11.45 48.14 -10.70
CA TRP A 1468 -10.37 47.43 -11.41
C TRP A 1468 -10.58 45.90 -11.38
N LEU A 1469 -11.48 45.43 -10.50
CA LEU A 1469 -11.83 44.03 -10.28
C LEU A 1469 -12.61 43.44 -11.45
N GLN A 1470 -13.57 44.18 -12.04
CA GLN A 1470 -14.44 43.72 -13.13
C GLN A 1470 -13.68 43.25 -14.39
N PRO A 1471 -12.66 43.97 -14.94
CA PRO A 1471 -11.99 43.45 -16.15
C PRO A 1471 -11.71 41.93 -16.11
N LYS A 1472 -11.29 41.42 -14.95
CA LYS A 1472 -11.02 40.01 -14.70
C LYS A 1472 -12.31 39.16 -14.74
N ARG A 1473 -13.37 39.61 -14.02
CA ARG A 1473 -14.68 38.95 -13.93
C ARG A 1473 -15.26 38.69 -15.33
N TYR A 1474 -15.19 39.72 -16.19
CA TYR A 1474 -15.66 39.77 -17.56
C TYR A 1474 -14.94 38.79 -18.49
N LYS A 1475 -13.59 38.69 -18.37
CA LYS A 1475 -12.77 37.77 -19.18
C LYS A 1475 -13.17 36.32 -18.96
N ALA A 1476 -13.62 35.98 -17.74
CA ALA A 1476 -14.08 34.65 -17.41
C ALA A 1476 -15.52 34.43 -17.90
N HIS A 1477 -16.41 35.43 -17.72
CA HIS A 1477 -17.84 35.37 -18.07
C HIS A 1477 -18.13 35.28 -19.57
N ILE A 1478 -17.21 35.74 -20.43
CA ILE A 1478 -17.40 35.65 -21.89
C ILE A 1478 -17.16 34.20 -22.35
N LEU A 1479 -16.41 33.42 -21.55
CA LEU A 1479 -16.06 32.03 -21.79
C LEU A 1479 -17.09 31.04 -21.18
N GLY A 1480 -18.09 31.58 -20.47
CA GLY A 1480 -19.16 30.80 -19.84
C GLY A 1480 -18.76 30.13 -18.53
N THR A 1481 -18.00 30.84 -17.70
CA THR A 1481 -17.53 30.37 -16.39
C THR A 1481 -17.45 31.55 -15.41
N GLN A 1482 -17.67 31.26 -14.12
CA GLN A 1482 -17.59 32.26 -13.08
C GLN A 1482 -16.13 32.57 -12.79
N TYR A 1483 -15.84 33.83 -12.44
CA TYR A 1483 -14.49 34.22 -12.09
C TYR A 1483 -14.13 33.50 -10.81
N VAL A 1484 -12.93 32.92 -10.79
CA VAL A 1484 -12.34 32.10 -9.73
C VAL A 1484 -12.70 32.57 -8.30
N TYR A 1485 -12.53 33.87 -7.98
CA TYR A 1485 -12.80 34.39 -6.63
C TYR A 1485 -14.31 34.57 -6.31
N ASP A 1486 -15.22 34.34 -7.28
CA ASP A 1486 -16.67 34.43 -7.06
C ASP A 1486 -17.22 33.10 -6.56
N PHE A 1487 -16.45 32.03 -6.74
CA PHE A 1487 -16.80 30.67 -6.34
C PHE A 1487 -16.98 30.53 -4.81
N PRO A 1488 -16.12 31.08 -3.90
CA PRO A 1488 -16.39 30.91 -2.45
C PRO A 1488 -17.82 31.27 -2.07
N GLU A 1489 -18.39 32.30 -2.73
CA GLU A 1489 -19.75 32.74 -2.52
C GLU A 1489 -20.76 31.67 -2.96
N LEU A 1490 -20.52 31.03 -4.13
CA LEU A 1490 -21.37 29.98 -4.69
C LEU A 1490 -21.48 28.79 -3.76
N PHE A 1491 -20.37 28.48 -3.11
CA PHE A 1491 -20.25 27.38 -2.17
C PHE A 1491 -20.97 27.71 -0.88
N ARG A 1492 -20.88 28.96 -0.40
CA ARG A 1492 -21.58 29.40 0.81
C ARG A 1492 -23.10 29.20 0.62
N GLN A 1493 -23.64 29.61 -0.54
CA GLN A 1493 -25.05 29.49 -0.89
C GLN A 1493 -25.47 28.04 -1.04
N ALA A 1494 -24.59 27.16 -1.56
CA ALA A 1494 -24.87 25.74 -1.74
C ALA A 1494 -24.97 25.04 -0.36
N ILE A 1495 -24.18 25.51 0.62
CA ILE A 1495 -24.20 25.01 2.01
C ILE A 1495 -25.46 25.56 2.69
N GLN A 1496 -25.78 26.83 2.41
CA GLN A 1496 -26.98 27.52 2.90
C GLN A 1496 -28.22 26.73 2.46
N ASN A 1497 -28.19 26.27 1.20
CA ASN A 1497 -29.21 25.45 0.56
C ASN A 1497 -29.28 24.06 1.20
N SER A 1498 -28.11 23.46 1.55
CA SER A 1498 -28.04 22.12 2.14
C SER A 1498 -28.70 22.05 3.53
N TRP A 1499 -28.73 23.18 4.26
CA TRP A 1499 -29.36 23.27 5.57
C TRP A 1499 -30.85 23.48 5.45
N THR A 1500 -31.26 24.48 4.61
CA THR A 1500 -32.66 24.86 4.36
C THR A 1500 -33.52 23.63 4.01
N GLU A 1501 -32.96 22.60 3.37
CA GLU A 1501 -33.73 21.40 3.07
C GLU A 1501 -33.68 20.42 4.23
N ALA A 1502 -32.54 20.33 4.93
CA ALA A 1502 -32.37 19.42 6.06
C ALA A 1502 -33.28 19.79 7.24
N VAL A 1503 -33.59 21.08 7.40
CA VAL A 1503 -34.45 21.56 8.46
C VAL A 1503 -35.92 21.18 8.17
N LYS A 1504 -36.28 21.08 6.87
CA LYS A 1504 -37.61 20.69 6.39
C LYS A 1504 -37.82 19.21 6.60
N LYS A 1505 -36.91 18.38 6.04
CA LYS A 1505 -36.90 16.93 6.14
C LYS A 1505 -36.91 16.50 7.60
N ILE A 1506 -35.97 17.08 8.38
CA ILE A 1506 -35.79 16.80 9.79
C ILE A 1506 -36.19 18.02 10.59
N PRO A 1507 -37.42 18.00 11.14
CA PRO A 1507 -37.84 19.12 12.00
C PRO A 1507 -37.11 19.08 13.33
N SER A 1508 -37.23 20.16 14.15
CA SER A 1508 -36.59 20.36 15.46
C SER A 1508 -35.07 20.47 15.30
N LEU A 1509 -34.40 19.36 14.88
CA LEU A 1509 -32.97 19.28 14.61
C LEU A 1509 -32.68 20.18 13.43
N ALA A 1510 -32.46 21.48 13.74
CA ALA A 1510 -32.30 22.58 12.80
C ALA A 1510 -31.54 23.74 13.43
N ALA A 1511 -31.67 23.91 14.76
CA ALA A 1511 -31.13 24.99 15.57
C ALA A 1511 -29.59 25.15 15.50
N LYS A 1512 -28.88 24.19 14.87
CA LYS A 1512 -27.43 24.25 14.72
C LYS A 1512 -27.01 24.98 13.45
N GLN A 1513 -27.99 25.60 12.73
CA GLN A 1513 -27.76 26.37 11.51
C GLN A 1513 -26.95 27.64 11.83
N PRO A 1514 -25.85 27.92 11.09
CA PRO A 1514 -25.02 29.07 11.44
C PRO A 1514 -25.29 30.35 10.62
N ALA A 1515 -26.58 30.65 10.30
CA ALA A 1515 -27.03 31.84 9.55
C ALA A 1515 -26.60 31.84 8.06
N ILE A 1516 -26.80 32.98 7.34
CA ILE A 1516 -26.41 33.19 5.93
C ILE A 1516 -24.88 33.16 5.87
N GLY A 1517 -24.25 34.09 6.59
CA GLY A 1517 -22.80 34.18 6.74
C GLY A 1517 -22.36 33.15 7.75
N GLU A 1518 -21.05 33.06 8.02
CA GLU A 1518 -20.48 32.10 8.97
C GLU A 1518 -20.79 30.63 8.58
N CYS A 1519 -21.43 30.39 7.41
CA CYS A 1519 -21.75 29.07 6.86
C CYS A 1519 -20.45 28.36 6.57
N ILE A 1520 -19.57 29.06 5.86
CA ILE A 1520 -18.23 28.64 5.47
C ILE A 1520 -17.23 29.63 6.08
N ASP A 1521 -16.00 29.17 6.33
CA ASP A 1521 -14.95 30.01 6.87
C ASP A 1521 -13.68 29.75 6.08
N TYR A 1522 -13.62 30.40 4.91
CA TYR A 1522 -12.56 30.32 3.91
C TYR A 1522 -11.42 31.27 4.23
N ASN A 1523 -10.23 30.90 3.76
CA ASN A 1523 -8.98 31.65 3.85
C ASN A 1523 -8.07 31.20 2.72
N GLU A 1524 -7.61 32.16 1.91
CA GLU A 1524 -6.72 31.96 0.77
C GLU A 1524 -5.43 31.24 1.11
N LEU A 1525 -4.81 30.64 0.09
CA LEU A 1525 -3.56 29.92 0.19
C LEU A 1525 -2.59 30.44 -0.85
N VAL A 1526 -1.42 30.92 -0.39
CA VAL A 1526 -0.33 31.45 -1.24
C VAL A 1526 0.99 30.90 -0.66
N LEU A 1527 1.88 30.41 -1.55
CA LEU A 1527 3.18 29.83 -1.21
C LEU A 1527 4.05 30.79 -0.38
N GLY A 1528 4.58 30.27 0.73
CA GLY A 1528 5.42 31.04 1.66
C GLY A 1528 6.82 31.30 1.17
N ASP A 1529 7.69 31.78 2.09
CA ASP A 1529 9.09 32.12 1.84
C ASP A 1529 9.88 30.94 1.30
N GLN A 1530 9.75 29.80 1.97
CA GLN A 1530 10.49 28.57 1.71
C GLN A 1530 9.66 27.54 0.92
N ASP A 1531 8.81 28.03 -0.02
CA ASP A 1531 7.92 27.20 -0.87
C ASP A 1531 6.91 26.39 -0.01
N ASN A 1532 6.55 26.91 1.18
CA ASN A 1532 5.64 26.22 2.11
C ASN A 1532 4.39 27.08 2.38
N LEU A 1533 3.24 26.56 1.93
CA LEU A 1533 1.89 27.13 2.00
C LEU A 1533 1.50 27.68 3.38
N ALA A 1534 0.71 28.76 3.38
CA ALA A 1534 0.21 29.44 4.59
C ALA A 1534 -1.21 30.03 4.39
N GLU A 1535 -2.00 30.11 5.50
CA GLU A 1535 -3.37 30.63 5.55
C GLU A 1535 -3.36 32.18 5.56
N VAL A 1536 -3.90 32.83 4.48
CA VAL A 1536 -3.98 34.29 4.31
C VAL A 1536 -5.46 34.71 4.08
N SER A 1537 -5.89 35.85 4.63
CA SER A 1537 -7.27 36.32 4.47
C SER A 1537 -7.32 37.67 3.69
N ARG A 1538 -6.36 37.90 2.75
CA ARG A 1538 -6.22 39.11 1.92
C ARG A 1538 -7.39 39.31 0.92
N GLU A 1539 -7.43 40.49 0.24
CA GLU A 1539 -8.45 40.93 -0.73
C GLU A 1539 -8.61 39.95 -1.94
N PRO A 1540 -9.85 39.78 -2.49
CA PRO A 1540 -10.04 38.88 -3.64
C PRO A 1540 -9.32 39.40 -4.87
N GLY A 1541 -8.77 38.49 -5.65
CA GLY A 1541 -7.94 38.82 -6.79
C GLY A 1541 -6.52 38.98 -6.28
N MET A 1542 -5.65 39.70 -7.02
CA MET A 1542 -4.26 40.00 -6.65
C MET A 1542 -3.42 38.69 -6.47
N ASN A 1543 -3.79 37.64 -7.21
CA ASN A 1543 -3.11 36.34 -7.19
C ASN A 1543 -1.78 36.45 -7.92
N SER A 1544 -0.69 36.09 -7.22
CA SER A 1544 0.68 36.14 -7.73
C SER A 1544 0.93 35.09 -8.83
N THR A 1545 0.14 34.00 -8.82
CA THR A 1545 0.23 32.89 -9.77
C THR A 1545 -1.13 32.63 -10.46
N GLY A 1546 -1.13 31.83 -11.53
CA GLY A 1546 -2.33 31.45 -12.28
C GLY A 1546 -3.11 30.30 -11.68
N MET A 1547 -2.94 30.09 -10.37
CA MET A 1547 -3.58 29.07 -9.55
C MET A 1547 -3.86 29.62 -8.15
N VAL A 1548 -5.06 29.33 -7.61
CA VAL A 1548 -5.46 29.79 -6.26
C VAL A 1548 -6.09 28.63 -5.49
N GLY A 1549 -5.83 28.61 -4.19
CA GLY A 1549 -6.36 27.63 -3.25
C GLY A 1549 -6.92 28.28 -2.00
N TRP A 1550 -7.84 27.56 -1.33
CA TRP A 1550 -8.45 28.01 -0.09
C TRP A 1550 -8.64 26.85 0.88
N LEU A 1551 -8.61 27.16 2.19
CA LEU A 1551 -8.89 26.23 3.28
C LEU A 1551 -10.23 26.65 3.83
N ILE A 1552 -11.25 25.83 3.55
CA ILE A 1552 -12.62 26.16 3.90
C ILE A 1552 -13.15 25.28 5.01
N ASN A 1553 -13.67 25.91 6.06
CA ASN A 1553 -14.30 25.20 7.15
C ASN A 1553 -15.80 25.41 7.04
N ALA A 1554 -16.45 24.50 6.32
CA ALA A 1554 -17.89 24.55 6.10
C ALA A 1554 -18.61 23.80 7.20
N ARG A 1555 -19.59 24.47 7.83
CA ARG A 1555 -20.39 23.85 8.85
C ARG A 1555 -21.57 23.20 8.15
N THR A 1556 -21.37 21.93 7.74
CA THR A 1556 -22.36 21.15 7.01
C THR A 1556 -23.39 20.58 8.02
N PRO A 1557 -24.62 20.16 7.63
CA PRO A 1557 -25.57 19.64 8.63
C PRO A 1557 -25.13 18.29 9.23
N GLU A 1558 -24.17 17.62 8.58
CA GLU A 1558 -23.59 16.34 8.97
C GLU A 1558 -22.52 16.55 10.06
N TYR A 1559 -21.72 17.63 9.91
CA TYR A 1559 -20.67 18.09 10.84
C TYR A 1559 -20.98 19.57 11.15
N PRO A 1560 -21.99 19.84 12.01
CA PRO A 1560 -22.41 21.24 12.25
C PRO A 1560 -21.40 22.08 13.01
N ASP A 1561 -20.41 21.45 13.66
CA ASP A 1561 -19.37 22.19 14.38
C ASP A 1561 -18.23 22.57 13.42
N GLY A 1562 -18.20 21.92 12.25
CA GLY A 1562 -17.21 22.22 11.22
C GLY A 1562 -16.57 21.04 10.53
N ARG A 1563 -16.23 21.24 9.25
CA ARG A 1563 -15.54 20.29 8.40
C ARG A 1563 -14.67 21.09 7.44
N LYS A 1564 -13.43 20.64 7.26
CA LYS A 1564 -12.47 21.32 6.39
C LYS A 1564 -12.24 20.55 5.08
N PHE A 1565 -11.72 21.25 4.05
CA PHE A 1565 -11.37 20.75 2.72
C PHE A 1565 -10.60 21.83 1.92
N ILE A 1566 -9.91 21.40 0.85
CA ILE A 1566 -9.13 22.27 -0.02
C ILE A 1566 -9.85 22.44 -1.36
N VAL A 1567 -9.80 23.65 -1.90
CA VAL A 1567 -10.38 23.97 -3.18
C VAL A 1567 -9.32 24.70 -4.00
N VAL A 1568 -8.93 24.11 -5.13
CA VAL A 1568 -7.93 24.65 -6.05
C VAL A 1568 -8.57 24.94 -7.39
N ALA A 1569 -8.19 26.07 -8.00
CA ALA A 1569 -8.72 26.48 -9.29
C ALA A 1569 -7.72 27.32 -10.07
N ASN A 1570 -7.75 27.18 -11.40
CA ASN A 1570 -6.89 27.98 -12.27
C ASN A 1570 -7.62 29.22 -12.67
N ASP A 1571 -6.89 30.33 -12.74
CA ASP A 1571 -7.47 31.58 -13.15
C ASP A 1571 -7.39 31.63 -14.66
N ILE A 1572 -8.54 31.39 -15.31
CA ILE A 1572 -8.72 31.37 -16.77
C ILE A 1572 -8.34 32.73 -17.40
N THR A 1573 -8.38 33.81 -16.62
CA THR A 1573 -8.02 35.15 -17.05
C THR A 1573 -6.48 35.35 -16.99
N PHE A 1574 -5.79 34.68 -16.03
CA PHE A 1574 -4.33 34.73 -15.83
C PHE A 1574 -3.61 33.79 -16.81
N LYS A 1575 -3.13 34.36 -17.94
CA LYS A 1575 -2.41 33.69 -19.03
C LYS A 1575 -3.13 32.42 -19.50
N ILE A 1576 -4.35 32.61 -20.06
CA ILE A 1576 -5.27 31.60 -20.62
C ILE A 1576 -5.59 30.43 -19.61
N GLY A 1577 -5.12 30.56 -18.37
CA GLY A 1577 -5.28 29.53 -17.34
C GLY A 1577 -4.29 28.40 -17.52
N SER A 1578 -3.32 28.61 -18.44
CA SER A 1578 -2.26 27.66 -18.79
C SER A 1578 -1.39 27.35 -17.58
N PHE A 1579 -0.86 26.13 -17.56
CA PHE A 1579 -0.04 25.59 -16.48
C PHE A 1579 1.45 25.92 -16.66
N GLY A 1580 1.97 26.78 -15.78
CA GLY A 1580 3.37 27.15 -15.73
C GLY A 1580 4.02 26.45 -14.53
N PRO A 1581 5.37 26.52 -14.34
CA PRO A 1581 5.98 25.82 -13.18
C PRO A 1581 5.46 26.31 -11.82
N LYS A 1582 5.18 27.64 -11.70
CA LYS A 1582 4.63 28.26 -10.49
C LYS A 1582 3.28 27.66 -10.14
N GLU A 1583 2.43 27.49 -11.18
CA GLU A 1583 1.09 26.92 -11.13
C GLU A 1583 1.14 25.44 -10.72
N ASP A 1584 2.18 24.72 -11.18
CA ASP A 1584 2.37 23.29 -10.88
C ASP A 1584 2.81 23.10 -9.44
N THR A 1585 3.87 23.81 -8.99
CA THR A 1585 4.41 23.74 -7.62
C THR A 1585 3.28 24.03 -6.60
N PHE A 1586 2.38 24.98 -6.93
CA PHE A 1586 1.23 25.35 -6.10
C PHE A 1586 0.23 24.19 -6.01
N PHE A 1587 -0.27 23.70 -7.16
CA PHE A 1587 -1.24 22.60 -7.27
C PHE A 1587 -0.77 21.37 -6.50
N PHE A 1588 0.53 21.04 -6.59
CA PHE A 1588 1.12 19.91 -5.89
C PHE A 1588 1.04 20.12 -4.38
N LYS A 1589 1.62 21.23 -3.87
CA LYS A 1589 1.69 21.58 -2.45
C LYS A 1589 0.29 21.60 -1.79
N CYS A 1590 -0.77 21.78 -2.60
CA CYS A 1590 -2.16 21.78 -2.15
C CYS A 1590 -2.65 20.34 -2.00
N THR A 1591 -2.35 19.48 -3.01
CA THR A 1591 -2.67 18.05 -3.01
C THR A 1591 -1.98 17.42 -1.79
N GLU A 1592 -0.68 17.71 -1.65
CA GLU A 1592 0.22 17.28 -0.58
C GLU A 1592 -0.38 17.58 0.81
N LEU A 1593 -0.96 18.79 0.99
CA LEU A 1593 -1.56 19.22 2.26
C LEU A 1593 -2.88 18.50 2.54
N ALA A 1594 -3.78 18.43 1.54
CA ALA A 1594 -5.08 17.73 1.65
C ALA A 1594 -4.88 16.29 2.05
N ARG A 1595 -3.78 15.68 1.55
CA ARG A 1595 -3.35 14.32 1.85
C ARG A 1595 -2.90 14.21 3.28
N LYS A 1596 -1.98 15.10 3.68
CA LYS A 1596 -1.39 15.17 5.02
C LYS A 1596 -2.44 15.39 6.11
N MET A 1597 -3.56 16.06 5.77
CA MET A 1597 -4.60 16.36 6.74
C MET A 1597 -5.80 15.40 6.64
N GLY A 1598 -5.86 14.61 5.56
CA GLY A 1598 -6.93 13.63 5.34
C GLY A 1598 -8.22 14.20 4.78
N ILE A 1599 -8.32 15.53 4.76
CA ILE A 1599 -9.47 16.28 4.28
C ILE A 1599 -9.59 16.16 2.74
N PRO A 1600 -10.85 16.09 2.20
CA PRO A 1600 -11.01 15.99 0.73
C PRO A 1600 -10.49 17.22 -0.04
N ARG A 1601 -10.28 17.03 -1.35
CA ARG A 1601 -9.75 18.06 -2.24
C ARG A 1601 -10.69 18.28 -3.45
N ILE A 1602 -10.92 19.55 -3.82
CA ILE A 1602 -11.79 19.85 -4.96
C ILE A 1602 -11.03 20.72 -5.98
N TYR A 1603 -10.95 20.26 -7.23
CA TYR A 1603 -10.29 21.00 -8.31
C TYR A 1603 -11.32 21.53 -9.30
N LEU A 1604 -11.21 22.83 -9.59
CA LEU A 1604 -12.08 23.56 -10.52
C LEU A 1604 -11.27 23.83 -11.79
N SER A 1605 -11.50 22.99 -12.81
CA SER A 1605 -10.75 23.04 -14.06
C SER A 1605 -11.32 24.00 -15.09
N ALA A 1606 -10.46 24.92 -15.51
CA ALA A 1606 -10.65 25.97 -16.52
C ALA A 1606 -9.25 26.39 -16.94
N ASN A 1607 -8.64 25.63 -17.85
CA ASN A 1607 -7.27 25.87 -18.27
C ASN A 1607 -7.06 25.75 -19.79
N SER A 1608 -5.79 25.76 -20.21
CA SER A 1608 -5.35 25.65 -21.61
C SER A 1608 -4.06 24.80 -21.70
N GLY A 1609 -4.04 23.70 -20.96
CA GLY A 1609 -2.90 22.79 -20.91
C GLY A 1609 -1.65 23.45 -20.38
N ALA A 1610 -0.49 23.04 -20.89
CA ALA A 1610 0.80 23.60 -20.50
C ALA A 1610 1.07 24.91 -21.24
N ARG A 1611 1.98 25.74 -20.67
CA ARG A 1611 2.36 27.04 -21.26
C ARG A 1611 3.25 26.85 -22.46
N LEU A 1612 2.92 27.56 -23.54
CA LEU A 1612 3.71 27.58 -24.76
C LEU A 1612 4.60 28.80 -24.75
N GLY A 1613 5.66 28.76 -25.55
CA GLY A 1613 6.55 29.90 -25.61
C GLY A 1613 7.83 29.78 -26.40
N LEU A 1614 8.26 30.95 -26.88
CA LEU A 1614 9.46 31.23 -27.66
C LEU A 1614 10.18 32.43 -27.02
N ALA A 1615 11.49 32.58 -27.28
CA ALA A 1615 12.29 33.68 -26.73
C ALA A 1615 12.10 34.97 -27.56
N GLU A 1616 11.35 35.94 -26.98
CA GLU A 1616 11.01 37.21 -27.61
C GLU A 1616 12.22 38.17 -27.71
N GLU A 1617 13.16 38.10 -26.73
CA GLU A 1617 14.35 38.94 -26.66
C GLU A 1617 15.35 38.66 -27.80
N LEU A 1618 15.33 37.44 -28.34
CA LEU A 1618 16.24 37.03 -29.39
C LEU A 1618 15.60 37.15 -30.79
N MET A 1619 14.33 37.59 -30.86
CA MET A 1619 13.61 37.79 -32.13
C MET A 1619 14.17 38.97 -32.92
N PRO A 1620 14.41 40.19 -32.33
CA PRO A 1620 14.96 41.28 -33.15
C PRO A 1620 16.48 41.42 -33.03
N HIS A 1621 17.20 40.31 -32.72
CA HIS A 1621 18.65 40.33 -32.56
C HIS A 1621 19.39 39.24 -33.36
N PHE A 1622 18.74 38.09 -33.62
CA PHE A 1622 19.34 36.96 -34.33
C PHE A 1622 19.54 37.23 -35.83
N ASN A 1623 20.70 36.82 -36.37
CA ASN A 1623 21.04 37.00 -37.79
C ASN A 1623 20.95 35.67 -38.56
N VAL A 1624 20.78 35.76 -39.90
CA VAL A 1624 20.65 34.58 -40.77
C VAL A 1624 21.85 34.53 -41.73
N ALA A 1625 22.41 33.33 -41.92
CA ALA A 1625 23.51 33.07 -42.83
C ALA A 1625 22.99 32.23 -43.99
N TRP A 1626 22.83 32.85 -45.17
CA TRP A 1626 22.29 32.19 -46.35
C TRP A 1626 23.37 31.56 -47.20
N ASN A 1627 22.95 30.69 -48.13
CA ASN A 1627 23.81 30.03 -49.12
C ASN A 1627 24.28 31.10 -50.11
N ASP A 1628 23.35 31.99 -50.50
CA ASP A 1628 23.55 33.13 -51.40
C ASP A 1628 22.86 34.35 -50.76
N PRO A 1629 23.59 35.47 -50.51
CA PRO A 1629 22.94 36.63 -49.84
C PRO A 1629 21.98 37.40 -50.74
N ALA A 1630 22.21 37.41 -52.07
CA ALA A 1630 21.39 38.10 -53.06
C ALA A 1630 19.98 37.47 -53.14
N LYS A 1631 19.91 36.13 -53.24
CA LYS A 1631 18.67 35.38 -53.29
C LYS A 1631 18.53 34.55 -52.00
N PRO A 1632 17.83 35.08 -50.96
CA PRO A 1632 17.71 34.33 -49.70
C PRO A 1632 16.87 33.06 -49.78
N GLU A 1633 15.97 32.95 -50.78
CA GLU A 1633 15.10 31.79 -51.02
C GLU A 1633 15.89 30.53 -51.44
N ALA A 1634 17.19 30.71 -51.76
CA ALA A 1634 18.11 29.66 -52.17
C ALA A 1634 18.69 28.90 -50.96
N GLY A 1635 17.91 28.85 -49.88
CA GLY A 1635 18.28 28.17 -48.65
C GLY A 1635 19.26 28.93 -47.78
N PHE A 1636 19.15 28.70 -46.47
CA PHE A 1636 20.03 29.29 -45.47
C PHE A 1636 20.84 28.18 -44.81
N LYS A 1637 22.12 28.45 -44.58
CA LYS A 1637 23.07 27.52 -43.96
C LYS A 1637 22.67 27.24 -42.51
N TYR A 1638 22.58 28.31 -41.68
CA TYR A 1638 22.22 28.24 -40.26
C TYR A 1638 21.71 29.60 -39.74
N LEU A 1639 21.57 29.73 -38.42
CA LEU A 1639 21.19 30.96 -37.73
C LEU A 1639 22.29 31.33 -36.76
N TYR A 1640 22.85 32.54 -36.89
CA TYR A 1640 23.93 32.99 -36.01
C TYR A 1640 23.57 34.27 -35.25
N LEU A 1641 24.43 34.66 -34.32
CA LEU A 1641 24.25 35.84 -33.51
C LEU A 1641 25.50 36.69 -33.56
N SER A 1642 25.32 38.01 -33.75
CA SER A 1642 26.39 38.99 -33.79
C SER A 1642 27.12 38.99 -32.45
N ASP A 1643 28.47 39.14 -32.46
CA ASP A 1643 29.34 39.14 -31.27
C ASP A 1643 28.83 40.09 -30.17
N GLU A 1644 28.37 41.31 -30.57
CA GLU A 1644 27.82 42.34 -29.67
C GLU A 1644 26.51 41.86 -29.04
N ALA A 1645 25.70 41.12 -29.81
CA ALA A 1645 24.42 40.57 -29.38
C ALA A 1645 24.58 39.23 -28.65
N LYS A 1646 25.76 38.59 -28.81
CA LYS A 1646 26.12 37.32 -28.20
C LYS A 1646 26.45 37.54 -26.72
N ARG A 1647 27.24 38.59 -26.42
CA ARG A 1647 27.65 38.97 -25.05
C ARG A 1647 26.44 39.43 -24.22
N ARG A 1648 25.39 39.94 -24.89
CA ARG A 1648 24.13 40.42 -24.30
C ARG A 1648 23.37 39.32 -23.58
N PHE A 1649 23.45 38.07 -24.09
CA PHE A 1649 22.73 36.95 -23.51
C PHE A 1649 23.68 35.90 -22.97
N GLU A 1650 24.31 35.08 -23.85
CA GLU A 1650 25.28 34.00 -23.56
C GLU A 1650 24.65 32.82 -22.77
N ASN A 1651 23.93 33.09 -21.68
CA ASN A 1651 23.28 32.08 -20.84
C ASN A 1651 21.86 31.77 -21.35
N GLU A 1652 21.33 32.62 -22.24
CA GLU A 1652 20.01 32.48 -22.84
C GLU A 1652 20.07 31.70 -24.15
N VAL A 1653 21.28 31.57 -24.72
CA VAL A 1653 21.52 30.86 -25.98
C VAL A 1653 22.88 30.17 -25.97
N ILE A 1654 22.91 28.89 -26.36
CA ILE A 1654 24.15 28.14 -26.46
C ILE A 1654 24.68 28.40 -27.87
N THR A 1655 25.86 29.05 -27.97
CA THR A 1655 26.44 29.42 -29.25
C THR A 1655 27.82 28.85 -29.49
N GLU A 1656 28.05 28.41 -30.73
CA GLU A 1656 29.30 27.88 -31.24
C GLU A 1656 29.91 28.90 -32.19
N GLU A 1657 31.25 29.06 -32.17
CA GLU A 1657 31.93 30.03 -33.02
C GLU A 1657 32.48 29.37 -34.29
N ILE A 1658 32.09 29.90 -35.46
CA ILE A 1658 32.54 29.44 -36.77
C ILE A 1658 32.69 30.67 -37.70
N VAL A 1659 33.92 30.90 -38.17
CA VAL A 1659 34.27 32.03 -39.05
C VAL A 1659 33.79 31.75 -40.48
N GLU A 1660 32.85 32.59 -40.95
CA GLU A 1660 32.28 32.55 -42.30
C GLU A 1660 32.29 33.97 -42.85
N ASP A 1661 32.80 34.14 -44.09
CA ASP A 1661 32.92 35.42 -44.81
C ASP A 1661 33.87 36.39 -44.03
N GLY A 1662 34.72 35.83 -43.17
CA GLY A 1662 35.66 36.58 -42.34
C GLY A 1662 34.97 37.34 -41.22
N GLU A 1663 33.92 36.73 -40.64
CA GLU A 1663 33.11 37.31 -39.56
C GLU A 1663 33.06 36.38 -38.35
N LYS A 1664 33.13 36.97 -37.14
CA LYS A 1664 33.05 36.22 -35.88
C LYS A 1664 31.57 35.89 -35.64
N ARG A 1665 31.10 34.82 -36.32
CA ARG A 1665 29.71 34.38 -36.28
C ARG A 1665 29.50 33.32 -35.20
N HIS A 1666 28.64 33.63 -34.22
CA HIS A 1666 28.28 32.74 -33.13
C HIS A 1666 26.96 32.07 -33.47
N LYS A 1667 27.03 30.91 -34.16
CA LYS A 1667 25.85 30.17 -34.60
C LYS A 1667 25.08 29.58 -33.43
N ILE A 1668 23.75 29.74 -33.46
CA ILE A 1668 22.86 29.22 -32.42
C ILE A 1668 22.71 27.74 -32.63
N ILE A 1669 23.15 26.96 -31.64
CA ILE A 1669 23.10 25.51 -31.67
C ILE A 1669 21.92 25.02 -30.79
N THR A 1670 21.47 25.84 -29.80
CA THR A 1670 20.33 25.59 -28.89
C THR A 1670 19.89 26.91 -28.21
N ILE A 1671 18.56 27.12 -28.09
CA ILE A 1671 17.94 28.29 -27.43
C ILE A 1671 17.46 27.89 -26.04
N VAL A 1672 17.83 28.67 -25.01
CA VAL A 1672 17.43 28.44 -23.63
C VAL A 1672 16.30 29.43 -23.26
N GLY A 1673 16.56 30.73 -23.44
CA GLY A 1673 15.61 31.78 -23.14
C GLY A 1673 15.56 32.11 -21.66
N ALA A 1674 15.54 33.41 -21.33
CA ALA A 1674 15.50 33.91 -19.95
C ALA A 1674 14.20 33.56 -19.23
N GLU A 1675 13.05 33.84 -19.87
CA GLU A 1675 11.70 33.60 -19.33
C GLU A 1675 11.42 32.10 -19.14
N GLU A 1676 10.66 31.78 -18.09
CA GLU A 1676 10.28 30.40 -17.75
C GLU A 1676 8.89 30.09 -18.31
N GLY A 1677 8.64 28.81 -18.55
CA GLY A 1677 7.37 28.33 -19.07
C GLY A 1677 7.26 28.45 -20.57
N LEU A 1678 8.17 27.78 -21.31
CA LEU A 1678 8.22 27.77 -22.78
C LEU A 1678 8.19 26.35 -23.36
N GLY A 1679 8.90 25.43 -22.71
CA GLY A 1679 9.01 24.05 -23.13
C GLY A 1679 8.96 23.03 -22.01
N VAL A 1680 10.01 22.19 -21.92
CA VAL A 1680 10.22 21.07 -20.99
C VAL A 1680 9.99 21.41 -19.49
N GLU A 1681 10.29 22.66 -19.06
CA GLU A 1681 10.12 23.11 -17.67
C GLU A 1681 8.65 22.96 -17.22
N CYS A 1682 7.70 23.18 -18.16
CA CYS A 1682 6.25 23.04 -17.94
C CYS A 1682 5.86 21.57 -17.87
N LEU A 1683 6.41 20.74 -18.78
CA LEU A 1683 6.13 19.31 -18.87
C LEU A 1683 6.58 18.55 -17.62
N ARG A 1684 7.73 18.95 -17.02
CA ARG A 1684 8.28 18.40 -15.78
C ARG A 1684 7.26 18.60 -14.64
N GLY A 1685 6.81 19.84 -14.47
CA GLY A 1685 5.82 20.22 -13.47
C GLY A 1685 4.48 19.56 -13.70
N SER A 1686 4.04 19.45 -14.97
CA SER A 1686 2.80 18.80 -15.37
C SER A 1686 2.81 17.33 -15.00
N GLY A 1687 3.95 16.67 -15.22
CA GLY A 1687 4.15 15.27 -14.87
C GLY A 1687 4.07 15.03 -13.38
N LEU A 1688 4.64 15.98 -12.60
CA LEU A 1688 4.67 15.97 -11.14
C LEU A 1688 3.26 16.01 -10.56
N ILE A 1689 2.41 16.92 -11.04
CA ILE A 1689 1.03 17.08 -10.56
C ILE A 1689 0.15 15.95 -11.07
N ALA A 1690 0.47 15.37 -12.25
CA ALA A 1690 -0.26 14.24 -12.83
C ALA A 1690 -0.13 13.01 -11.91
N GLY A 1691 1.10 12.74 -11.48
CA GLY A 1691 1.43 11.64 -10.57
C GLY A 1691 0.84 11.84 -9.19
N ALA A 1692 0.90 13.10 -8.70
CA ALA A 1692 0.38 13.52 -7.41
C ALA A 1692 -1.12 13.25 -7.28
N THR A 1693 -1.90 13.56 -8.35
CA THR A 1693 -3.36 13.35 -8.40
C THR A 1693 -3.67 11.86 -8.41
N SER A 1694 -2.86 11.07 -9.13
CA SER A 1694 -2.97 9.62 -9.21
C SER A 1694 -2.77 9.00 -7.83
N ARG A 1695 -1.80 9.53 -7.05
CA ARG A 1695 -1.47 9.08 -5.70
C ARG A 1695 -2.56 9.51 -4.69
N ALA A 1696 -3.05 10.77 -4.81
CA ALA A 1696 -4.05 11.38 -3.93
C ALA A 1696 -5.39 10.66 -3.96
N TYR A 1697 -5.85 10.28 -5.16
CA TYR A 1697 -7.11 9.57 -5.37
C TYR A 1697 -7.21 8.34 -4.47
N ASN A 1698 -6.12 7.55 -4.40
CA ASN A 1698 -6.01 6.32 -3.64
C ASN A 1698 -5.99 6.55 -2.12
N ASP A 1699 -5.78 7.79 -1.66
CA ASP A 1699 -5.72 8.08 -0.22
C ASP A 1699 -6.93 8.94 0.22
N ILE A 1700 -6.98 10.23 -0.19
CA ILE A 1700 -8.05 11.17 0.19
C ILE A 1700 -9.14 11.23 -0.88
N PHE A 1701 -10.31 11.78 -0.50
CA PHE A 1701 -11.43 11.97 -1.40
C PHE A 1701 -11.03 13.01 -2.43
N THR A 1702 -11.07 12.63 -3.72
CA THR A 1702 -10.66 13.46 -4.85
C THR A 1702 -11.87 13.82 -5.76
N CYS A 1703 -11.96 15.09 -6.23
CA CYS A 1703 -13.03 15.55 -7.11
C CYS A 1703 -12.57 16.70 -8.00
N THR A 1704 -13.06 16.68 -9.24
CA THR A 1704 -12.78 17.70 -10.24
C THR A 1704 -14.11 18.23 -10.77
N LEU A 1705 -14.12 19.48 -11.26
CA LEU A 1705 -15.31 20.14 -11.83
C LEU A 1705 -14.90 20.91 -13.09
N VAL A 1706 -15.53 20.57 -14.23
CA VAL A 1706 -15.26 21.19 -15.53
C VAL A 1706 -16.13 22.45 -15.64
N THR A 1707 -15.67 23.53 -14.98
CA THR A 1707 -16.37 24.83 -15.00
C THR A 1707 -16.18 25.50 -16.36
N CYS A 1708 -15.08 25.17 -17.07
CA CYS A 1708 -14.74 25.65 -18.42
C CYS A 1708 -13.78 24.66 -19.08
N ARG A 1709 -13.51 24.84 -20.39
CA ARG A 1709 -12.62 24.00 -21.21
C ARG A 1709 -11.37 23.59 -20.45
N SER A 1710 -11.19 22.27 -20.31
CA SER A 1710 -10.08 21.61 -19.63
C SER A 1710 -9.24 20.86 -20.66
N VAL A 1711 -8.09 21.45 -21.05
CA VAL A 1711 -7.20 20.97 -22.11
C VAL A 1711 -5.86 20.36 -21.60
N GLY A 1712 -5.25 19.50 -22.44
CA GLY A 1712 -3.96 18.85 -22.24
C GLY A 1712 -3.79 18.12 -20.92
N ILE A 1713 -2.90 18.67 -20.06
CA ILE A 1713 -2.60 18.15 -18.72
C ILE A 1713 -3.85 18.29 -17.84
N GLY A 1714 -4.53 19.43 -17.94
CA GLY A 1714 -5.77 19.72 -17.21
C GLY A 1714 -6.83 18.66 -17.42
N ALA A 1715 -6.98 18.19 -18.68
CA ALA A 1715 -7.91 17.14 -19.09
C ALA A 1715 -7.62 15.83 -18.36
N TYR A 1716 -6.33 15.53 -18.15
CA TYR A 1716 -5.90 14.32 -17.48
C TYR A 1716 -6.15 14.38 -15.98
N LEU A 1717 -5.97 15.55 -15.34
CA LEU A 1717 -6.19 15.75 -13.89
C LEU A 1717 -7.67 15.53 -13.52
N VAL A 1718 -8.55 15.62 -14.52
CA VAL A 1718 -9.98 15.39 -14.37
C VAL A 1718 -10.19 13.87 -14.26
N ARG A 1719 -9.45 13.09 -15.07
CA ARG A 1719 -9.50 11.63 -15.10
C ARG A 1719 -8.72 11.01 -13.92
N LEU A 1720 -7.57 11.61 -13.55
CA LEU A 1720 -6.75 11.14 -12.41
C LEU A 1720 -7.48 11.49 -11.12
N GLY A 1721 -8.30 12.54 -11.20
CA GLY A 1721 -9.20 13.00 -10.15
C GLY A 1721 -10.48 12.21 -10.15
N GLN A 1722 -10.55 11.18 -11.05
CA GLN A 1722 -11.60 10.17 -11.31
C GLN A 1722 -13.01 10.76 -11.24
N ARG A 1723 -13.51 11.01 -10.01
CA ARG A 1723 -14.79 11.62 -9.68
C ARG A 1723 -14.82 13.03 -10.26
N ALA A 1724 -15.66 13.23 -11.28
CA ALA A 1724 -15.73 14.49 -12.00
C ALA A 1724 -17.17 14.90 -12.35
N VAL A 1725 -17.44 16.23 -12.34
CA VAL A 1725 -18.74 16.86 -12.69
C VAL A 1725 -18.49 17.80 -13.89
N GLN A 1726 -19.19 17.56 -15.02
CA GLN A 1726 -19.01 18.35 -16.24
C GLN A 1726 -20.18 19.29 -16.47
N VAL A 1727 -19.91 20.61 -16.54
CA VAL A 1727 -20.92 21.62 -16.84
C VAL A 1727 -21.18 21.49 -18.35
N GLU A 1728 -22.45 21.18 -18.72
CA GLU A 1728 -22.99 20.88 -20.06
C GLU A 1728 -22.20 21.50 -21.25
N GLY A 1729 -21.90 22.80 -21.20
CA GLY A 1729 -21.20 23.50 -22.26
C GLY A 1729 -19.70 23.68 -22.10
N GLN A 1730 -19.03 22.76 -21.40
CA GLN A 1730 -17.59 22.84 -21.20
C GLN A 1730 -16.92 21.55 -21.67
N PRO A 1731 -15.95 21.61 -22.61
CA PRO A 1731 -15.35 20.38 -23.12
C PRO A 1731 -14.09 19.90 -22.40
N ILE A 1732 -13.89 18.57 -22.39
CA ILE A 1732 -12.69 17.91 -21.88
C ILE A 1732 -11.95 17.44 -23.14
N ILE A 1733 -11.14 18.35 -23.71
CA ILE A 1733 -10.40 18.18 -24.96
C ILE A 1733 -8.89 17.92 -24.69
N LEU A 1734 -8.22 17.12 -25.57
CA LEU A 1734 -6.80 16.82 -25.48
C LEU A 1734 -6.01 17.61 -26.51
N THR A 1735 -6.42 17.53 -27.79
CA THR A 1735 -5.85 18.24 -28.93
C THR A 1735 -6.99 19.07 -29.55
N GLY A 1736 -6.74 20.36 -29.76
CA GLY A 1736 -7.69 21.33 -30.30
C GLY A 1736 -8.42 20.91 -31.56
N ALA A 1737 -9.73 21.23 -31.63
CA ALA A 1737 -10.62 20.92 -32.77
C ALA A 1737 -10.02 21.43 -34.10
N PRO A 1738 -9.54 22.71 -34.22
CA PRO A 1738 -8.95 23.13 -35.50
C PRO A 1738 -7.55 22.52 -35.73
N ALA A 1739 -6.82 22.18 -34.64
CA ALA A 1739 -5.49 21.59 -34.70
C ALA A 1739 -5.54 20.20 -35.33
N LEU A 1740 -6.68 19.49 -35.13
CA LEU A 1740 -6.93 18.17 -35.69
C LEU A 1740 -7.25 18.30 -37.17
N ASN A 1741 -8.01 19.34 -37.57
CA ASN A 1741 -8.38 19.61 -38.96
C ASN A 1741 -7.15 19.92 -39.81
N SER A 1742 -6.22 20.73 -39.27
CA SER A 1742 -4.97 21.14 -39.93
C SER A 1742 -4.05 19.93 -40.14
N LEU A 1743 -4.02 19.04 -39.13
CA LEU A 1743 -3.23 17.81 -39.12
C LEU A 1743 -3.76 16.84 -40.19
N LEU A 1744 -5.11 16.64 -40.23
CA LEU A 1744 -5.80 15.78 -41.19
C LEU A 1744 -5.78 16.37 -42.59
N GLY A 1745 -5.69 17.70 -42.67
CA GLY A 1745 -5.68 18.43 -43.93
C GLY A 1745 -7.07 18.69 -44.49
N ARG A 1746 -8.12 18.36 -43.72
CA ARG A 1746 -9.53 18.55 -44.10
C ARG A 1746 -10.40 18.88 -42.86
N GLU A 1747 -11.45 19.71 -43.07
CA GLU A 1747 -12.36 20.16 -42.01
C GLU A 1747 -13.31 19.05 -41.56
N VAL A 1748 -12.81 18.19 -40.66
CA VAL A 1748 -13.54 17.05 -40.09
C VAL A 1748 -14.36 17.57 -38.91
N TYR A 1749 -13.68 17.99 -37.81
CA TYR A 1749 -14.31 18.49 -36.59
C TYR A 1749 -14.53 20.00 -36.68
N THR A 1750 -15.63 20.50 -36.12
CA THR A 1750 -15.97 21.92 -36.18
C THR A 1750 -16.02 22.57 -34.79
N SER A 1751 -16.13 21.75 -33.72
CA SER A 1751 -16.21 22.25 -32.36
C SER A 1751 -15.29 21.49 -31.42
N ASN A 1752 -14.86 22.16 -30.34
CA ASN A 1752 -14.03 21.58 -29.28
C ASN A 1752 -14.88 20.62 -28.44
N LEU A 1753 -16.21 20.86 -28.43
CA LEU A 1753 -17.23 20.08 -27.73
C LEU A 1753 -17.69 18.87 -28.58
N GLN A 1754 -17.31 18.84 -29.87
CA GLN A 1754 -17.63 17.76 -30.81
C GLN A 1754 -16.83 16.49 -30.49
N LEU A 1755 -15.80 16.62 -29.64
CA LEU A 1755 -14.92 15.53 -29.22
C LEU A 1755 -14.62 15.60 -27.69
N GLY A 1756 -14.99 16.70 -27.05
CA GLY A 1756 -14.77 16.93 -25.63
C GLY A 1756 -16.01 17.11 -24.76
N GLY A 1757 -17.16 17.39 -25.40
CA GLY A 1757 -18.44 17.63 -24.74
C GLY A 1757 -19.02 16.49 -23.91
N THR A 1758 -20.16 16.77 -23.23
CA THR A 1758 -20.88 15.83 -22.37
C THR A 1758 -21.38 14.60 -23.12
N GLN A 1759 -21.87 14.78 -24.36
CA GLN A 1759 -22.39 13.70 -25.22
C GLN A 1759 -21.31 12.64 -25.54
N ILE A 1760 -20.04 12.88 -25.12
CA ILE A 1760 -18.91 11.98 -25.31
C ILE A 1760 -18.46 11.46 -23.95
N MET A 1761 -18.04 12.36 -23.05
CA MET A 1761 -17.47 12.05 -21.74
C MET A 1761 -18.47 11.44 -20.76
N TYR A 1762 -19.72 11.91 -20.71
CA TYR A 1762 -20.70 11.30 -19.80
C TYR A 1762 -21.16 9.95 -20.36
N ARG A 1763 -21.22 9.84 -21.71
CA ARG A 1763 -21.64 8.66 -22.45
C ARG A 1763 -20.56 7.56 -22.49
N ASN A 1764 -19.30 7.90 -22.15
CA ASN A 1764 -18.21 6.92 -22.12
C ASN A 1764 -17.71 6.69 -20.68
N GLY A 1765 -18.27 7.44 -19.73
CA GLY A 1765 -17.97 7.29 -18.31
C GLY A 1765 -16.82 8.08 -17.72
N VAL A 1766 -16.34 9.11 -18.42
CA VAL A 1766 -15.30 9.99 -17.91
C VAL A 1766 -16.00 10.92 -16.89
N SER A 1767 -17.19 11.45 -17.27
CA SER A 1767 -18.04 12.29 -16.43
C SER A 1767 -19.00 11.40 -15.63
N HIS A 1768 -19.10 11.66 -14.31
CA HIS A 1768 -19.99 10.94 -13.40
C HIS A 1768 -21.37 11.58 -13.37
N LEU A 1769 -21.43 12.93 -13.54
CA LEU A 1769 -22.66 13.73 -13.57
C LEU A 1769 -22.52 14.95 -14.48
N THR A 1770 -23.66 15.44 -15.01
CA THR A 1770 -23.72 16.63 -15.87
C THR A 1770 -24.54 17.71 -15.15
N ALA A 1771 -23.94 18.91 -14.96
CA ALA A 1771 -24.57 20.04 -14.28
C ALA A 1771 -24.97 21.14 -15.25
N LYS A 1772 -26.19 21.68 -15.05
CA LYS A 1772 -26.82 22.73 -15.85
C LYS A 1772 -25.95 24.01 -15.90
N ASP A 1773 -25.44 24.45 -14.73
CA ASP A 1773 -24.60 25.63 -14.64
C ASP A 1773 -23.45 25.39 -13.65
N ASP A 1774 -22.52 26.35 -13.56
CA ASP A 1774 -21.37 26.31 -12.67
C ASP A 1774 -21.80 26.04 -11.21
N PHE A 1775 -22.90 26.70 -10.74
CA PHE A 1775 -23.46 26.53 -9.40
C PHE A 1775 -24.05 25.12 -9.23
N ASP A 1776 -24.78 24.63 -10.26
CA ASP A 1776 -25.38 23.29 -10.22
C ASP A 1776 -24.29 22.23 -10.01
N GLY A 1777 -23.08 22.53 -10.48
CA GLY A 1777 -21.90 21.68 -10.29
C GLY A 1777 -21.55 21.60 -8.82
N VAL A 1778 -21.36 22.79 -8.20
CA VAL A 1778 -21.06 23.03 -6.78
C VAL A 1778 -22.10 22.26 -5.92
N THR A 1779 -23.40 22.49 -6.20
CA THR A 1779 -24.56 21.88 -5.56
C THR A 1779 -24.45 20.34 -5.55
N LYS A 1780 -24.12 19.75 -6.73
CA LYS A 1780 -24.00 18.31 -6.91
C LYS A 1780 -22.83 17.71 -6.12
N ILE A 1781 -21.72 18.46 -5.97
CA ILE A 1781 -20.56 18.01 -5.19
C ILE A 1781 -20.92 18.09 -3.69
N VAL A 1782 -21.63 19.16 -3.26
CA VAL A 1782 -22.12 19.37 -1.89
C VAL A 1782 -22.94 18.16 -1.45
N GLN A 1783 -23.67 17.56 -2.42
CA GLN A 1783 -24.47 16.38 -2.18
C GLN A 1783 -23.56 15.17 -1.94
N TRP A 1784 -22.49 15.01 -2.76
CA TRP A 1784 -21.52 13.91 -2.61
C TRP A 1784 -20.82 13.96 -1.26
N LEU A 1785 -20.34 15.16 -0.89
CA LEU A 1785 -19.60 15.43 0.35
C LEU A 1785 -20.45 15.16 1.59
N SER A 1786 -21.79 15.18 1.46
CA SER A 1786 -22.70 14.87 2.56
C SER A 1786 -22.58 13.37 2.94
N PHE A 1787 -22.23 12.50 1.96
CA PHE A 1787 -22.05 11.05 2.17
C PHE A 1787 -20.64 10.70 2.68
N ILE A 1788 -19.65 11.58 2.45
CA ILE A 1788 -18.24 11.33 2.75
C ILE A 1788 -17.81 11.86 4.13
N PRO A 1789 -17.04 11.04 4.90
CA PRO A 1789 -16.54 11.53 6.19
C PRO A 1789 -15.64 12.74 6.02
N ASP A 1790 -15.72 13.70 6.97
CA ASP A 1790 -14.97 14.97 6.98
C ASP A 1790 -13.47 14.78 6.73
N GLN A 1791 -12.88 13.72 7.29
CA GLN A 1791 -11.47 13.43 7.11
C GLN A 1791 -11.29 12.11 6.35
N ARG A 1792 -10.11 11.50 6.46
CA ARG A 1792 -9.72 10.27 5.80
C ARG A 1792 -10.33 9.07 6.53
N ASN A 1793 -9.66 8.60 7.60
CA ASN A 1793 -10.10 7.47 8.41
C ASN A 1793 -10.99 7.93 9.54
N ASN A 1794 -12.10 8.56 9.17
CA ASN A 1794 -13.09 9.08 10.09
C ASN A 1794 -14.43 8.37 9.86
N PRO A 1795 -15.27 8.16 10.90
CA PRO A 1795 -16.56 7.50 10.68
C PRO A 1795 -17.50 8.33 9.81
N LEU A 1796 -18.37 7.64 9.06
CA LEU A 1796 -19.34 8.18 8.11
C LEU A 1796 -20.29 9.25 8.69
N PRO A 1797 -20.80 10.19 7.83
CA PRO A 1797 -21.71 11.23 8.34
C PRO A 1797 -23.13 10.68 8.52
N ILE A 1798 -23.30 9.91 9.59
CA ILE A 1798 -24.56 9.26 9.95
C ILE A 1798 -25.37 10.18 10.86
N LEU A 1799 -26.70 10.11 10.72
CA LEU A 1799 -27.68 10.84 11.51
C LEU A 1799 -28.74 9.86 12.02
N SER A 1800 -29.73 10.35 12.78
CA SER A 1800 -30.82 9.53 13.30
C SER A 1800 -31.75 9.04 12.15
N PRO A 1801 -32.59 7.97 12.32
CA PRO A 1801 -33.46 7.52 11.20
C PRO A 1801 -34.22 8.67 10.53
N SER A 1802 -34.68 9.63 11.36
CA SER A 1802 -35.34 10.92 11.11
C SER A 1802 -36.38 10.94 9.92
N PRO A 1803 -36.07 11.12 8.60
CA PRO A 1803 -37.17 11.17 7.62
C PRO A 1803 -37.73 9.80 7.34
N ASP A 1804 -36.89 8.88 6.84
CA ASP A 1804 -37.31 7.52 6.59
C ASP A 1804 -36.83 6.65 7.74
N PRO A 1805 -37.76 6.16 8.59
CA PRO A 1805 -37.35 5.37 9.76
C PRO A 1805 -36.77 4.02 9.37
N TRP A 1806 -35.93 3.47 10.24
CA TRP A 1806 -35.30 2.18 10.03
C TRP A 1806 -36.31 1.04 10.18
N ASP A 1807 -37.30 1.20 11.08
CA ASP A 1807 -38.32 0.20 11.43
C ASP A 1807 -39.51 0.19 10.46
N ARG A 1808 -39.24 0.19 9.15
CA ARG A 1808 -40.27 0.12 8.14
C ARG A 1808 -39.97 -1.03 7.19
N ASP A 1809 -41.02 -1.75 6.78
CA ASP A 1809 -40.90 -2.89 5.86
C ASP A 1809 -40.86 -2.38 4.42
N VAL A 1810 -40.01 -3.01 3.59
CA VAL A 1810 -39.79 -2.69 2.18
C VAL A 1810 -41.07 -3.02 1.39
N VAL A 1811 -41.78 -1.97 0.94
CA VAL A 1811 -43.07 -2.05 0.26
C VAL A 1811 -42.91 -2.42 -1.22
N TYR A 1812 -42.02 -1.74 -1.98
CA TYR A 1812 -41.90 -2.08 -3.39
C TYR A 1812 -41.22 -3.42 -3.56
N THR A 1813 -41.93 -4.35 -4.20
CA THR A 1813 -41.47 -5.69 -4.52
C THR A 1813 -41.48 -5.83 -6.07
N PRO A 1814 -40.36 -6.29 -6.68
CA PRO A 1814 -40.30 -6.36 -8.15
C PRO A 1814 -41.12 -7.49 -8.79
N PRO A 1815 -41.72 -7.26 -9.99
CA PRO A 1815 -42.49 -8.34 -10.66
C PRO A 1815 -41.58 -9.43 -11.24
N TYR A 1816 -42.07 -10.68 -11.21
CA TYR A 1816 -41.35 -11.86 -11.69
C TYR A 1816 -41.57 -12.11 -13.17
N LYS A 1817 -42.69 -11.64 -13.73
CA LYS A 1817 -43.02 -11.82 -15.14
C LYS A 1817 -42.16 -10.92 -16.03
N GLN A 1818 -42.50 -9.62 -16.10
CA GLN A 1818 -41.83 -8.64 -16.94
C GLN A 1818 -40.61 -8.01 -16.25
N THR A 1819 -40.04 -7.02 -16.92
CA THR A 1819 -38.89 -6.25 -16.47
C THR A 1819 -39.37 -5.07 -15.60
N TYR A 1820 -38.48 -4.58 -14.72
CA TYR A 1820 -38.76 -3.50 -13.78
C TYR A 1820 -37.58 -2.55 -13.65
N ASP A 1821 -37.84 -1.27 -13.33
CA ASP A 1821 -36.76 -0.32 -13.11
C ASP A 1821 -36.23 -0.57 -11.71
N VAL A 1822 -35.05 -1.16 -11.66
CA VAL A 1822 -34.31 -1.58 -10.46
C VAL A 1822 -34.11 -0.41 -9.48
N ARG A 1823 -34.18 0.83 -9.99
CA ARG A 1823 -34.06 2.07 -9.22
C ARG A 1823 -35.19 2.20 -8.17
N TRP A 1824 -36.39 1.66 -8.49
CA TRP A 1824 -37.57 1.66 -7.62
C TRP A 1824 -37.37 0.83 -6.36
N MET A 1825 -36.53 -0.21 -6.46
CA MET A 1825 -36.22 -1.09 -5.34
C MET A 1825 -35.29 -0.41 -4.34
N ILE A 1826 -34.50 0.58 -4.81
CA ILE A 1826 -33.51 1.29 -4.01
C ILE A 1826 -34.15 2.46 -3.24
N ALA A 1827 -34.76 3.43 -3.95
CA ALA A 1827 -35.36 4.61 -3.31
C ALA A 1827 -36.87 4.47 -3.13
N GLY A 1828 -37.55 4.01 -4.17
CA GLY A 1828 -39.00 3.84 -4.18
C GLY A 1828 -39.61 4.10 -5.53
N LYS A 1829 -40.84 3.59 -5.74
CA LYS A 1829 -41.57 3.77 -6.99
C LYS A 1829 -42.71 4.74 -6.83
N GLU A 1830 -42.78 5.77 -7.70
CA GLU A 1830 -43.89 6.71 -7.68
C GLU A 1830 -45.01 6.13 -8.52
N ASP A 1831 -46.15 5.86 -7.87
CA ASP A 1831 -47.30 5.23 -8.49
C ASP A 1831 -48.52 6.13 -8.44
N GLU A 1832 -49.57 5.75 -9.18
CA GLU A 1832 -50.86 6.42 -9.17
C GLU A 1832 -51.47 6.23 -7.79
N ASP A 1833 -51.48 4.97 -7.29
CA ASP A 1833 -51.97 4.61 -5.95
C ASP A 1833 -50.83 4.71 -4.94
N GLY A 1834 -50.75 5.85 -4.26
CA GLY A 1834 -49.73 6.16 -3.25
C GLY A 1834 -48.30 6.14 -3.75
N PHE A 1835 -47.37 5.82 -2.84
CA PHE A 1835 -45.94 5.72 -3.12
C PHE A 1835 -45.38 4.54 -2.34
N GLN A 1836 -44.76 3.58 -3.05
CA GLN A 1836 -44.16 2.39 -2.45
C GLN A 1836 -42.63 2.57 -2.30
N PRO A 1837 -42.13 2.76 -1.06
CA PRO A 1837 -40.68 2.99 -0.87
C PRO A 1837 -39.80 1.76 -1.09
N GLY A 1838 -38.53 2.01 -1.36
CA GLY A 1838 -37.50 0.99 -1.56
C GLY A 1838 -36.90 0.54 -0.25
N LEU A 1839 -35.65 0.05 -0.26
CA LEU A 1839 -35.05 -0.41 1.01
C LEU A 1839 -34.12 0.70 1.59
N PHE A 1840 -33.86 1.78 0.82
CA PHE A 1840 -33.10 2.93 1.30
C PHE A 1840 -34.04 4.10 1.58
N ASP A 1841 -33.52 5.18 2.21
CA ASP A 1841 -34.28 6.38 2.55
C ASP A 1841 -34.86 7.04 1.31
N LYS A 1842 -36.10 7.54 1.43
CA LYS A 1842 -36.83 8.20 0.35
C LYS A 1842 -36.02 9.36 -0.23
N ASP A 1843 -35.78 9.30 -1.56
CA ASP A 1843 -35.03 10.27 -2.37
C ASP A 1843 -33.63 10.59 -1.81
N SER A 1844 -32.92 9.54 -1.34
CA SER A 1844 -31.56 9.67 -0.81
C SER A 1844 -30.54 9.10 -1.79
N PHE A 1845 -31.01 8.38 -2.84
CA PHE A 1845 -30.18 7.76 -3.86
C PHE A 1845 -29.72 8.79 -4.91
N VAL A 1846 -28.41 8.75 -5.28
CA VAL A 1846 -27.81 9.67 -6.26
C VAL A 1846 -27.03 8.85 -7.35
N GLU A 1847 -27.69 8.56 -8.51
CA GLU A 1847 -27.06 7.77 -9.57
C GLU A 1847 -25.95 8.53 -10.34
N THR A 1848 -24.80 7.86 -10.53
CA THR A 1848 -23.64 8.39 -11.22
C THR A 1848 -23.28 7.46 -12.38
N LEU A 1849 -22.63 8.04 -13.41
CA LEU A 1849 -22.17 7.41 -14.66
C LEU A 1849 -23.32 6.81 -15.47
N GLY A 1850 -24.54 7.34 -15.23
CA GLY A 1850 -25.78 6.90 -15.85
C GLY A 1850 -25.92 7.02 -17.36
N GLY A 1851 -24.88 7.52 -18.03
CA GLY A 1851 -24.85 7.67 -19.48
C GLY A 1851 -24.02 6.62 -20.17
N TRP A 1852 -23.26 5.86 -19.38
CA TRP A 1852 -22.36 4.83 -19.87
C TRP A 1852 -22.65 3.50 -19.19
N ALA A 1853 -22.82 2.43 -20.01
CA ALA A 1853 -23.11 1.06 -19.59
C ALA A 1853 -24.24 1.01 -18.57
N ARG A 1854 -25.45 1.39 -19.01
CA ARG A 1854 -26.65 1.45 -18.17
C ARG A 1854 -27.11 0.05 -17.71
N THR A 1855 -26.42 -1.03 -18.15
CA THR A 1855 -26.67 -2.44 -17.81
C THR A 1855 -26.37 -2.71 -16.32
N VAL A 1856 -25.76 -1.73 -15.65
CA VAL A 1856 -25.42 -1.74 -14.23
C VAL A 1856 -25.65 -0.31 -13.70
N VAL A 1857 -26.36 -0.21 -12.57
CA VAL A 1857 -26.73 1.06 -11.90
C VAL A 1857 -25.80 1.25 -10.68
N VAL A 1858 -25.11 2.43 -10.63
CA VAL A 1858 -24.15 2.81 -9.58
C VAL A 1858 -24.60 4.12 -8.90
N GLY A 1859 -24.42 4.20 -7.58
CA GLY A 1859 -24.77 5.40 -6.80
C GLY A 1859 -24.53 5.31 -5.30
N ARG A 1860 -24.88 6.38 -4.59
CA ARG A 1860 -24.77 6.50 -3.13
C ARG A 1860 -26.15 6.76 -2.54
N ALA A 1861 -26.49 6.10 -1.42
CA ALA A 1861 -27.79 6.25 -0.77
C ALA A 1861 -27.67 6.12 0.76
N ARG A 1862 -28.74 6.48 1.51
CA ARG A 1862 -28.79 6.41 2.98
C ARG A 1862 -29.76 5.33 3.45
N LEU A 1863 -29.34 4.53 4.46
CA LEU A 1863 -30.13 3.45 5.06
C LEU A 1863 -30.40 3.80 6.53
N GLY A 1864 -31.53 4.47 6.77
CA GLY A 1864 -31.95 4.94 8.08
C GLY A 1864 -30.99 5.97 8.66
N GLY A 1865 -30.36 6.75 7.79
CA GLY A 1865 -29.38 7.77 8.17
C GLY A 1865 -27.95 7.42 7.82
N ILE A 1866 -27.62 6.10 7.74
CA ILE A 1866 -26.28 5.60 7.41
C ILE A 1866 -26.01 5.70 5.90
N PRO A 1867 -25.05 6.55 5.44
CA PRO A 1867 -24.77 6.61 4.00
C PRO A 1867 -23.90 5.44 3.51
N MET A 1868 -24.16 4.91 2.30
CA MET A 1868 -23.40 3.78 1.72
C MET A 1868 -23.51 3.69 0.18
N GLY A 1869 -22.51 3.05 -0.43
CA GLY A 1869 -22.40 2.82 -1.88
C GLY A 1869 -23.31 1.69 -2.34
N VAL A 1870 -23.93 1.86 -3.53
CA VAL A 1870 -24.89 0.91 -4.09
C VAL A 1870 -24.53 0.55 -5.55
N ILE A 1871 -24.64 -0.76 -5.87
CA ILE A 1871 -24.43 -1.33 -7.20
C ILE A 1871 -25.61 -2.29 -7.44
N ALA A 1872 -26.35 -2.08 -8.53
CA ALA A 1872 -27.51 -2.90 -8.89
C ALA A 1872 -27.50 -3.23 -10.39
N VAL A 1873 -28.26 -4.26 -10.81
CA VAL A 1873 -28.32 -4.71 -12.21
C VAL A 1873 -29.61 -4.32 -12.86
N GLU A 1874 -29.53 -3.67 -14.03
CA GLU A 1874 -30.71 -3.31 -14.82
C GLU A 1874 -31.23 -4.58 -15.52
N THR A 1875 -32.55 -4.81 -15.42
CA THR A 1875 -33.25 -5.97 -15.99
C THR A 1875 -33.76 -5.72 -17.42
N ARG A 1876 -34.12 -4.47 -17.73
CA ARG A 1876 -34.63 -4.05 -19.04
C ARG A 1876 -33.50 -4.02 -20.08
N THR A 1877 -33.82 -4.36 -21.35
CA THR A 1877 -32.85 -4.36 -22.45
C THR A 1877 -32.56 -2.91 -22.89
N ILE A 1878 -31.43 -2.35 -22.43
CA ILE A 1878 -30.99 -0.98 -22.76
C ILE A 1878 -30.26 -0.97 -24.12
N GLU A 1879 -30.24 0.18 -24.79
CA GLU A 1879 -29.59 0.33 -26.09
C GLU A 1879 -28.67 1.55 -26.17
N ASN A 1880 -27.36 1.30 -26.25
CA ASN A 1880 -26.36 2.35 -26.40
C ASN A 1880 -26.05 2.47 -27.89
N ILE A 1881 -26.13 3.68 -28.44
CA ILE A 1881 -25.87 3.87 -29.86
C ILE A 1881 -24.57 4.66 -30.01
N THR A 1882 -23.51 3.98 -30.48
CA THR A 1882 -22.19 4.58 -30.67
C THR A 1882 -22.24 5.55 -31.85
N PRO A 1883 -21.70 6.78 -31.70
CA PRO A 1883 -21.78 7.75 -32.80
C PRO A 1883 -20.89 7.38 -33.98
N ALA A 1884 -21.19 7.98 -35.14
CA ALA A 1884 -20.43 7.78 -36.36
C ALA A 1884 -19.15 8.56 -36.27
N ASP A 1885 -18.04 7.94 -36.68
CA ASP A 1885 -16.74 8.60 -36.66
C ASP A 1885 -16.64 9.54 -37.85
N PRO A 1886 -16.44 10.87 -37.63
CA PRO A 1886 -16.36 11.79 -38.78
C PRO A 1886 -15.05 11.67 -39.54
N ALA A 1887 -13.94 11.24 -38.85
CA ALA A 1887 -12.60 11.05 -39.41
C ALA A 1887 -12.60 10.03 -40.55
N ASN A 1888 -13.46 9.00 -40.43
CA ASN A 1888 -13.65 7.97 -41.45
C ASN A 1888 -15.04 8.15 -42.05
N PRO A 1889 -15.14 8.63 -43.31
CA PRO A 1889 -16.47 8.85 -43.92
C PRO A 1889 -17.26 7.55 -44.15
N ASP A 1890 -16.58 6.40 -43.99
CA ASP A 1890 -17.16 5.07 -44.15
C ASP A 1890 -17.62 4.52 -42.78
N SER A 1891 -17.93 5.42 -41.82
CA SER A 1891 -18.39 5.07 -40.48
C SER A 1891 -19.78 5.64 -40.20
N ILE A 1892 -20.69 4.76 -39.79
CA ILE A 1892 -22.08 5.07 -39.44
C ILE A 1892 -22.30 4.74 -37.95
N GLU A 1893 -23.35 5.31 -37.33
CA GLU A 1893 -23.72 5.09 -35.94
C GLU A 1893 -24.14 3.64 -35.74
N GLN A 1894 -23.58 2.96 -34.74
CA GLN A 1894 -23.89 1.55 -34.53
C GLN A 1894 -24.87 1.33 -33.38
N VAL A 1895 -26.04 0.77 -33.73
CA VAL A 1895 -27.13 0.43 -32.83
C VAL A 1895 -26.77 -0.92 -32.16
N THR A 1896 -26.61 -0.90 -30.83
CA THR A 1896 -26.25 -2.08 -30.05
C THR A 1896 -27.17 -2.22 -28.84
N ASN A 1897 -27.75 -3.42 -28.67
CA ASN A 1897 -28.69 -3.75 -27.60
C ASN A 1897 -28.02 -4.51 -26.46
N GLU A 1898 -27.71 -3.80 -25.37
CA GLU A 1898 -27.13 -4.39 -24.17
C GLU A 1898 -28.25 -5.05 -23.35
N ALA A 1899 -28.58 -6.33 -23.65
CA ALA A 1899 -29.66 -7.07 -22.98
C ALA A 1899 -29.45 -7.11 -21.46
N GLY A 1900 -30.54 -6.84 -20.73
CA GLY A 1900 -30.57 -6.76 -19.27
C GLY A 1900 -30.14 -7.99 -18.50
N GLY A 1901 -29.57 -7.76 -17.32
CA GLY A 1901 -29.10 -8.80 -16.40
C GLY A 1901 -27.89 -9.58 -16.87
N VAL A 1902 -27.06 -8.97 -17.75
CA VAL A 1902 -25.84 -9.57 -18.31
C VAL A 1902 -24.66 -8.59 -18.15
N TRP A 1903 -23.43 -9.12 -18.12
CA TRP A 1903 -22.22 -8.31 -18.02
C TRP A 1903 -21.57 -8.15 -19.38
N TYR A 1904 -21.28 -6.90 -19.72
CA TYR A 1904 -20.64 -6.52 -20.98
C TYR A 1904 -19.31 -5.82 -20.68
N PRO A 1905 -18.32 -5.77 -21.62
CA PRO A 1905 -17.04 -5.10 -21.33
C PRO A 1905 -17.20 -3.76 -20.58
N ASN A 1906 -18.07 -2.87 -21.10
CA ASN A 1906 -18.37 -1.56 -20.52
C ASN A 1906 -19.04 -1.69 -19.14
N SER A 1907 -19.98 -2.65 -18.98
CA SER A 1907 -20.69 -2.90 -17.71
C SER A 1907 -19.72 -3.37 -16.61
N ALA A 1908 -18.80 -4.30 -16.95
CA ALA A 1908 -17.77 -4.84 -16.04
C ALA A 1908 -16.82 -3.75 -15.60
N PHE A 1909 -16.37 -2.90 -16.55
CA PHE A 1909 -15.51 -1.74 -16.34
C PHE A 1909 -16.18 -0.78 -15.36
N LYS A 1910 -17.49 -0.48 -15.59
CA LYS A 1910 -18.30 0.39 -14.73
C LYS A 1910 -18.29 -0.13 -13.31
N THR A 1911 -18.56 -1.45 -13.15
CA THR A 1911 -18.56 -2.15 -11.86
C THR A 1911 -17.19 -1.93 -11.17
N ALA A 1912 -16.09 -2.34 -11.84
CA ALA A 1912 -14.71 -2.24 -11.37
C ALA A 1912 -14.32 -0.81 -10.95
N GLN A 1913 -14.74 0.21 -11.74
CA GLN A 1913 -14.44 1.61 -11.44
C GLN A 1913 -15.16 2.08 -10.18
N ALA A 1914 -16.48 1.83 -10.08
CA ALA A 1914 -17.34 2.18 -8.95
C ALA A 1914 -16.79 1.69 -7.60
N ILE A 1915 -16.31 0.43 -7.56
CA ILE A 1915 -15.74 -0.24 -6.37
C ILE A 1915 -14.53 0.55 -5.87
N ASN A 1916 -13.57 0.87 -6.77
CA ASN A 1916 -12.38 1.67 -6.47
C ASN A 1916 -12.78 3.03 -5.90
N ASP A 1917 -13.79 3.67 -6.53
CA ASP A 1917 -14.31 4.97 -6.11
C ASP A 1917 -14.81 4.89 -4.66
N PHE A 1918 -15.66 3.89 -4.34
CA PHE A 1918 -16.24 3.72 -3.01
C PHE A 1918 -15.21 3.30 -1.94
N ASN A 1919 -14.02 2.82 -2.31
CA ASN A 1919 -13.07 2.47 -1.26
C ASN A 1919 -12.03 3.55 -1.04
N TYR A 1920 -11.34 3.98 -2.11
CA TYR A 1920 -10.29 5.01 -2.00
C TYR A 1920 -10.89 6.38 -1.75
N GLY A 1921 -10.46 7.00 -0.66
CA GLY A 1921 -10.91 8.33 -0.25
C GLY A 1921 -12.30 8.37 0.33
N GLU A 1922 -13.29 7.87 -0.45
CA GLU A 1922 -14.69 7.82 -0.06
C GLU A 1922 -14.86 6.96 1.20
N GLN A 1923 -14.35 5.69 1.16
CA GLN A 1923 -14.40 4.69 2.24
C GLN A 1923 -15.85 4.46 2.72
N LEU A 1924 -16.72 3.95 1.81
CA LEU A 1924 -18.16 3.70 2.05
C LEU A 1924 -18.51 2.21 2.12
N PRO A 1925 -19.51 1.79 2.94
CA PRO A 1925 -19.94 0.39 2.92
C PRO A 1925 -20.64 0.09 1.60
N LEU A 1926 -20.51 -1.14 1.09
CA LEU A 1926 -21.09 -1.48 -0.22
C LEU A 1926 -22.28 -2.44 -0.13
N MET A 1927 -23.31 -2.20 -0.96
CA MET A 1927 -24.51 -3.02 -1.11
C MET A 1927 -24.64 -3.40 -2.58
N ILE A 1928 -24.58 -4.71 -2.87
CA ILE A 1928 -24.69 -5.19 -4.26
C ILE A 1928 -25.91 -6.07 -4.42
N LEU A 1929 -26.88 -5.57 -5.21
CA LEU A 1929 -28.10 -6.28 -5.54
C LEU A 1929 -27.85 -7.11 -6.79
N ALA A 1930 -27.11 -8.21 -6.60
CA ALA A 1930 -26.66 -9.16 -7.62
C ALA A 1930 -27.82 -9.81 -8.38
N ASN A 1931 -27.85 -9.63 -9.71
CA ASN A 1931 -28.91 -10.14 -10.59
C ASN A 1931 -28.35 -10.57 -11.98
N TRP A 1932 -27.00 -10.58 -12.18
CA TRP A 1932 -26.41 -11.00 -13.46
C TRP A 1932 -26.46 -12.54 -13.62
N ARG A 1933 -26.77 -13.02 -14.84
CA ARG A 1933 -26.82 -14.46 -15.14
C ARG A 1933 -25.52 -14.95 -15.82
N GLY A 1934 -24.49 -14.10 -15.78
CA GLY A 1934 -23.17 -14.39 -16.33
C GLY A 1934 -22.54 -13.26 -17.11
N PHE A 1935 -21.65 -13.62 -18.04
CA PHE A 1935 -20.93 -12.68 -18.90
C PHE A 1935 -21.31 -12.87 -20.36
N SER A 1936 -21.15 -11.81 -21.17
CA SER A 1936 -21.43 -11.86 -22.60
C SER A 1936 -20.32 -12.64 -23.31
N GLY A 1937 -20.63 -13.88 -23.66
CA GLY A 1937 -19.70 -14.78 -24.31
C GLY A 1937 -19.52 -14.63 -25.80
N GLY A 1938 -20.23 -13.66 -26.40
CA GLY A 1938 -20.19 -13.36 -27.82
C GLY A 1938 -18.82 -12.97 -28.35
N GLN A 1939 -18.49 -13.40 -29.58
CA GLN A 1939 -17.20 -13.15 -30.27
C GLN A 1939 -16.76 -11.69 -30.14
N ARG A 1940 -17.66 -10.74 -30.50
CA ARG A 1940 -17.40 -9.30 -30.43
C ARG A 1940 -17.02 -8.89 -29.01
N ASP A 1941 -17.83 -9.27 -27.99
CA ASP A 1941 -17.59 -8.96 -26.58
C ASP A 1941 -16.30 -9.60 -26.06
N MET A 1942 -15.96 -10.81 -26.56
CA MET A 1942 -14.75 -11.54 -26.19
C MET A 1942 -13.51 -10.85 -26.72
N TYR A 1943 -13.54 -10.47 -28.02
CA TYR A 1943 -12.48 -9.73 -28.71
C TYR A 1943 -12.31 -8.35 -28.07
N ASN A 1944 -13.41 -7.79 -27.50
CA ASN A 1944 -13.42 -6.48 -26.83
C ASN A 1944 -12.95 -6.61 -25.35
N GLU A 1945 -12.10 -7.63 -25.08
CA GLU A 1945 -11.43 -7.94 -23.81
C GLU A 1945 -12.41 -8.05 -22.60
N VAL A 1946 -13.57 -8.73 -22.76
CA VAL A 1946 -14.56 -8.92 -21.67
C VAL A 1946 -13.88 -9.56 -20.43
N LEU A 1947 -12.94 -10.50 -20.68
CA LEU A 1947 -12.17 -11.24 -19.69
C LEU A 1947 -11.27 -10.31 -18.85
N LYS A 1948 -10.63 -9.30 -19.48
CA LYS A 1948 -9.74 -8.33 -18.83
C LYS A 1948 -10.49 -7.48 -17.79
N TYR A 1949 -11.63 -6.87 -18.18
CA TYR A 1949 -12.47 -6.01 -17.34
C TYR A 1949 -13.20 -6.82 -16.24
N GLY A 1950 -13.43 -8.11 -16.50
CA GLY A 1950 -14.05 -9.03 -15.56
C GLY A 1950 -13.16 -9.24 -14.36
N SER A 1951 -11.84 -9.41 -14.61
CA SER A 1951 -10.78 -9.60 -13.61
C SER A 1951 -10.63 -8.37 -12.73
N PHE A 1952 -10.78 -7.18 -13.34
CA PHE A 1952 -10.65 -5.87 -12.69
C PHE A 1952 -11.70 -5.70 -11.57
N ILE A 1953 -12.78 -6.49 -11.59
CA ILE A 1953 -13.80 -6.51 -10.53
C ILE A 1953 -13.16 -7.21 -9.30
N VAL A 1954 -12.59 -8.41 -9.52
CA VAL A 1954 -11.90 -9.26 -8.54
C VAL A 1954 -10.74 -8.50 -7.89
N ASP A 1955 -9.89 -7.84 -8.73
CA ASP A 1955 -8.75 -7.03 -8.28
C ASP A 1955 -9.23 -5.94 -7.31
N ALA A 1956 -10.27 -5.19 -7.70
CA ALA A 1956 -10.87 -4.10 -6.93
C ALA A 1956 -11.50 -4.57 -5.61
N LEU A 1957 -12.02 -5.81 -5.55
CA LEU A 1957 -12.66 -6.36 -4.37
C LEU A 1957 -11.67 -6.75 -3.24
N THR A 1958 -10.44 -7.17 -3.58
CA THR A 1958 -9.41 -7.52 -2.59
C THR A 1958 -8.79 -6.25 -1.98
N ARG A 1959 -8.82 -5.16 -2.75
CA ARG A 1959 -8.30 -3.85 -2.37
C ARG A 1959 -9.21 -3.17 -1.31
N PHE A 1960 -10.51 -3.53 -1.27
CA PHE A 1960 -11.52 -2.93 -0.40
C PHE A 1960 -11.23 -3.10 1.10
N GLU A 1961 -11.61 -2.09 1.90
CA GLU A 1961 -11.40 -2.03 3.35
C GLU A 1961 -12.69 -2.25 4.14
N LYS A 1962 -13.70 -1.40 3.87
CA LYS A 1962 -14.99 -1.31 4.56
C LYS A 1962 -15.94 -2.49 4.23
N PRO A 1963 -17.00 -2.76 5.07
CA PRO A 1963 -17.90 -3.90 4.80
C PRO A 1963 -18.62 -3.87 3.45
N ILE A 1964 -18.73 -5.04 2.82
CA ILE A 1964 -19.39 -5.27 1.52
C ILE A 1964 -20.49 -6.33 1.72
N PHE A 1965 -21.72 -6.02 1.28
CA PHE A 1965 -22.86 -6.93 1.41
C PHE A 1965 -23.41 -7.30 0.05
N ILE A 1966 -23.28 -8.57 -0.31
CA ILE A 1966 -23.77 -9.11 -1.57
C ILE A 1966 -25.12 -9.73 -1.27
N TYR A 1967 -26.20 -9.09 -1.75
CA TYR A 1967 -27.54 -9.60 -1.48
C TYR A 1967 -28.28 -9.86 -2.79
N ILE A 1968 -28.61 -11.14 -3.05
CA ILE A 1968 -29.39 -11.52 -4.23
C ILE A 1968 -30.83 -11.20 -3.91
N PRO A 1969 -31.48 -10.28 -4.66
CA PRO A 1969 -32.85 -9.89 -4.32
C PRO A 1969 -33.89 -10.89 -4.81
N PRO A 1970 -35.19 -10.77 -4.42
CA PRO A 1970 -36.19 -11.70 -4.97
C PRO A 1970 -36.19 -11.60 -6.49
N HIS A 1971 -36.31 -12.75 -7.18
CA HIS A 1971 -36.27 -12.86 -8.65
C HIS A 1971 -34.82 -12.78 -9.16
N GLY A 1972 -33.91 -12.28 -8.33
CA GLY A 1972 -32.49 -12.16 -8.65
C GLY A 1972 -31.82 -13.48 -8.92
N GLU A 1973 -30.93 -13.52 -9.93
CA GLU A 1973 -30.20 -14.71 -10.35
C GLU A 1973 -28.70 -14.51 -10.27
N LEU A 1974 -27.93 -15.60 -10.11
CA LEU A 1974 -26.47 -15.54 -10.08
C LEU A 1974 -25.87 -16.83 -10.64
N ARG A 1975 -25.74 -16.89 -11.97
CA ARG A 1975 -25.24 -18.08 -12.66
C ARG A 1975 -23.82 -17.96 -13.16
N GLY A 1976 -23.13 -19.10 -13.15
CA GLY A 1976 -21.77 -19.31 -13.62
C GLY A 1976 -20.76 -18.21 -13.39
N GLY A 1977 -20.22 -17.69 -14.50
CA GLY A 1977 -19.22 -16.63 -14.54
C GLY A 1977 -19.49 -15.41 -13.66
N SER A 1978 -20.76 -15.13 -13.36
CA SER A 1978 -21.18 -13.99 -12.55
C SER A 1978 -20.78 -14.16 -11.05
N TRP A 1979 -21.25 -15.26 -10.39
CA TRP A 1979 -20.99 -15.55 -8.97
C TRP A 1979 -19.51 -15.46 -8.57
N VAL A 1980 -18.64 -16.09 -9.37
CA VAL A 1980 -17.19 -16.22 -9.16
C VAL A 1980 -16.53 -14.86 -8.83
N VAL A 1981 -16.84 -13.81 -9.60
CA VAL A 1981 -16.22 -12.48 -9.42
C VAL A 1981 -16.83 -11.67 -8.24
N VAL A 1982 -17.71 -12.28 -7.41
CA VAL A 1982 -18.32 -11.57 -6.28
C VAL A 1982 -18.35 -12.39 -4.97
N ASP A 1983 -17.92 -13.67 -5.00
CA ASP A 1983 -17.95 -14.55 -3.83
C ASP A 1983 -17.22 -13.96 -2.60
N PRO A 1984 -17.79 -14.10 -1.38
CA PRO A 1984 -17.15 -13.55 -0.17
C PRO A 1984 -15.73 -14.04 0.14
N THR A 1985 -15.32 -15.21 -0.41
CA THR A 1985 -13.98 -15.74 -0.17
C THR A 1985 -12.87 -14.92 -0.88
N ILE A 1986 -13.26 -13.88 -1.66
CA ILE A 1986 -12.31 -12.97 -2.33
C ILE A 1986 -11.65 -12.13 -1.20
N ASN A 1987 -12.45 -11.38 -0.43
CA ASN A 1987 -11.98 -10.61 0.73
C ASN A 1987 -12.88 -10.97 1.93
N PRO A 1988 -12.62 -12.11 2.64
CA PRO A 1988 -13.50 -12.50 3.76
C PRO A 1988 -13.51 -11.54 4.94
N ALA A 1989 -12.44 -10.73 5.10
CA ALA A 1989 -12.28 -9.74 6.17
C ALA A 1989 -13.32 -8.62 6.11
N SER A 1990 -13.81 -8.30 4.89
CA SER A 1990 -14.78 -7.24 4.67
C SER A 1990 -16.08 -7.67 3.94
N MET A 1991 -16.10 -8.83 3.24
CA MET A 1991 -17.31 -9.27 2.51
C MET A 1991 -18.27 -10.08 3.38
N GLU A 1992 -19.58 -10.01 3.06
CA GLU A 1992 -20.70 -10.69 3.74
C GLU A 1992 -21.79 -10.98 2.70
N MET A 1993 -22.13 -12.27 2.47
CA MET A 1993 -23.11 -12.59 1.43
C MET A 1993 -24.43 -13.13 1.98
N TYR A 1994 -25.52 -12.54 1.48
CA TYR A 1994 -26.91 -12.88 1.79
C TYR A 1994 -27.70 -13.13 0.52
N ALA A 1995 -28.78 -13.90 0.61
CA ALA A 1995 -29.63 -14.21 -0.53
C ALA A 1995 -31.09 -14.21 -0.13
N ASP A 1996 -31.97 -13.79 -1.05
CA ASP A 1996 -33.41 -13.75 -0.80
C ASP A 1996 -33.98 -15.16 -0.81
N GLU A 1997 -35.06 -15.37 -0.03
CA GLU A 1997 -35.76 -16.65 0.07
C GLU A 1997 -36.30 -17.12 -1.29
N GLU A 1998 -36.71 -16.17 -2.16
CA GLU A 1998 -37.24 -16.47 -3.49
C GLU A 1998 -36.25 -16.08 -4.61
N ALA A 1999 -34.95 -16.10 -4.30
CA ALA A 1999 -33.89 -15.84 -5.27
C ALA A 1999 -33.33 -17.16 -5.78
N ARG A 2000 -32.66 -17.14 -6.94
CA ARG A 2000 -32.08 -18.35 -7.53
C ARG A 2000 -30.60 -18.16 -7.81
N GLY A 2001 -29.83 -19.24 -7.71
CA GLY A 2001 -28.40 -19.23 -7.94
C GLY A 2001 -27.80 -20.63 -8.09
N GLY A 2002 -27.26 -20.90 -9.28
CA GLY A 2002 -26.62 -22.16 -9.61
C GLY A 2002 -25.45 -21.98 -10.55
N VAL A 2003 -24.80 -23.08 -10.96
CA VAL A 2003 -23.68 -23.04 -11.90
C VAL A 2003 -24.26 -22.67 -13.28
N LEU A 2004 -25.43 -23.23 -13.61
CA LEU A 2004 -26.13 -22.96 -14.86
C LEU A 2004 -27.62 -22.91 -14.63
N GLU A 2005 -28.35 -22.29 -15.57
CA GLU A 2005 -29.80 -22.18 -15.59
C GLU A 2005 -30.41 -23.58 -15.61
N PRO A 2006 -31.54 -23.80 -14.89
CA PRO A 2006 -32.17 -25.14 -14.93
C PRO A 2006 -32.54 -25.61 -16.35
N GLU A 2007 -32.66 -24.67 -17.31
CA GLU A 2007 -32.95 -24.95 -18.73
C GLU A 2007 -31.67 -25.36 -19.49
N GLY A 2008 -30.52 -25.03 -18.92
CA GLY A 2008 -29.22 -25.35 -19.50
C GLY A 2008 -28.62 -26.67 -19.03
N ILE A 2009 -28.93 -27.08 -17.77
CA ILE A 2009 -28.41 -28.34 -17.19
C ILE A 2009 -29.16 -29.57 -17.76
N ILE A 2010 -30.50 -29.46 -17.97
CA ILE A 2010 -31.38 -30.53 -18.47
C ILE A 2010 -30.82 -31.21 -19.77
N PRO A 2011 -30.28 -30.53 -20.84
CA PRO A 2011 -29.78 -31.31 -21.99
C PRO A 2011 -28.41 -31.96 -21.77
N ILE A 2012 -27.87 -31.91 -20.53
CA ILE A 2012 -26.55 -32.48 -20.19
C ILE A 2012 -26.68 -33.57 -19.10
N LYS A 2013 -27.44 -33.29 -18.02
CA LYS A 2013 -27.61 -34.22 -16.90
C LYS A 2013 -28.95 -34.97 -16.91
N TYR A 2014 -30.00 -34.43 -17.56
CA TYR A 2014 -31.31 -35.11 -17.64
C TYR A 2014 -31.80 -35.19 -19.10
N LYS A 2015 -30.99 -35.87 -19.94
CA LYS A 2015 -31.25 -36.09 -21.37
C LYS A 2015 -32.53 -36.90 -21.61
N LYS A 2016 -32.94 -36.98 -22.90
CA LYS A 2016 -34.12 -37.70 -23.40
C LYS A 2016 -34.28 -39.10 -22.78
N ASP A 2017 -33.20 -39.92 -22.82
CA ASP A 2017 -33.16 -41.29 -22.30
C ASP A 2017 -33.39 -41.36 -20.78
N LYS A 2018 -32.89 -40.37 -20.02
CA LYS A 2018 -33.03 -40.29 -18.56
C LYS A 2018 -34.46 -39.90 -18.18
N GLN A 2019 -35.13 -39.15 -19.06
CA GLN A 2019 -36.51 -38.70 -18.89
C GLN A 2019 -37.49 -39.85 -19.16
N LEU A 2020 -37.14 -40.72 -20.14
CA LEU A 2020 -37.96 -41.88 -20.53
C LEU A 2020 -37.86 -43.02 -19.53
N GLU A 2021 -36.73 -43.12 -18.80
CA GLU A 2021 -36.52 -44.10 -17.73
C GLU A 2021 -37.44 -43.75 -16.57
N THR A 2022 -37.65 -42.45 -16.38
CA THR A 2022 -38.52 -41.87 -15.36
C THR A 2022 -39.95 -41.83 -15.89
N MET A 2023 -40.14 -41.85 -17.22
CA MET A 2023 -41.47 -41.87 -17.86
C MET A 2023 -42.06 -43.27 -17.72
N ALA A 2024 -41.24 -44.31 -17.96
CA ALA A 2024 -41.63 -45.71 -17.81
C ALA A 2024 -41.65 -46.08 -16.31
N ARG A 2025 -41.90 -45.06 -15.45
CA ARG A 2025 -41.95 -45.18 -14.00
C ARG A 2025 -43.17 -44.45 -13.43
N LEU A 2026 -43.36 -43.16 -13.79
CA LEU A 2026 -44.49 -42.34 -13.31
C LEU A 2026 -45.74 -42.51 -14.18
N ASP A 2027 -45.57 -42.53 -15.53
CA ASP A 2027 -46.69 -42.69 -16.46
C ASP A 2027 -47.17 -44.16 -16.47
N PRO A 2028 -48.50 -44.42 -16.32
CA PRO A 2028 -48.97 -45.82 -16.31
C PRO A 2028 -49.09 -46.43 -17.71
N VAL A 2029 -49.40 -45.61 -18.72
CA VAL A 2029 -49.59 -46.01 -20.12
C VAL A 2029 -48.26 -46.49 -20.74
N TYR A 2030 -47.17 -45.71 -20.56
CA TYR A 2030 -45.85 -45.99 -21.12
C TYR A 2030 -45.19 -47.26 -20.55
N ARG A 2031 -45.31 -47.52 -19.22
CA ARG A 2031 -44.71 -48.71 -18.62
C ARG A 2031 -45.51 -49.98 -18.95
N SER A 2032 -46.83 -49.85 -19.22
CA SER A 2032 -47.70 -50.97 -19.61
C SER A 2032 -47.36 -51.42 -21.02
N LEU A 2033 -47.08 -50.44 -21.92
CA LEU A 2033 -46.67 -50.66 -23.31
C LEU A 2033 -45.27 -51.29 -23.38
N LYS A 2034 -44.41 -50.97 -22.37
CA LYS A 2034 -43.04 -51.48 -22.24
C LYS A 2034 -43.06 -52.98 -21.89
N LYS A 2035 -44.10 -53.43 -21.17
CA LYS A 2035 -44.29 -54.82 -20.77
C LYS A 2035 -44.68 -55.70 -21.97
N GLU A 2036 -45.21 -55.09 -23.06
CA GLU A 2036 -45.62 -55.78 -24.29
C GLU A 2036 -44.40 -56.19 -25.13
N MET A 2037 -43.42 -55.28 -25.27
CA MET A 2037 -42.19 -55.49 -26.03
C MET A 2037 -41.27 -56.53 -25.35
N ALA A 2038 -41.24 -56.51 -24.00
CA ALA A 2038 -40.41 -57.39 -23.16
C ALA A 2038 -40.87 -58.86 -23.15
N LYS A 2039 -42.19 -59.12 -23.34
CA LYS A 2039 -42.79 -60.46 -23.29
C LYS A 2039 -42.57 -61.30 -24.57
N GLU A 2040 -42.29 -60.65 -25.73
CA GLU A 2040 -42.08 -61.29 -27.05
C GLU A 2040 -43.38 -62.02 -27.50
N GLY A 2041 -43.24 -63.07 -28.31
CA GLY A 2041 -44.37 -63.85 -28.83
C GLY A 2041 -45.28 -63.10 -29.78
N LEU A 2042 -44.74 -62.07 -30.45
CA LEU A 2042 -45.48 -61.22 -31.41
C LEU A 2042 -44.64 -61.01 -32.67
N SER A 2043 -45.28 -61.21 -33.85
CA SER A 2043 -44.68 -61.12 -35.18
C SER A 2043 -44.12 -59.73 -35.53
N LYS A 2044 -43.51 -59.61 -36.74
CA LYS A 2044 -42.91 -58.39 -37.28
C LYS A 2044 -43.93 -57.26 -37.46
N GLU A 2045 -45.18 -57.61 -37.81
CA GLU A 2045 -46.30 -56.67 -38.00
C GLU A 2045 -46.94 -56.32 -36.64
N GLU A 2046 -46.74 -57.20 -35.64
CA GLU A 2046 -47.25 -57.07 -34.27
C GLU A 2046 -46.34 -56.20 -33.40
N SER A 2047 -45.00 -56.34 -33.57
CA SER A 2047 -44.00 -55.57 -32.83
C SER A 2047 -43.97 -54.11 -33.31
N ASP A 2048 -44.40 -53.86 -34.56
CA ASP A 2048 -44.48 -52.53 -35.18
C ASP A 2048 -45.55 -51.68 -34.49
N ASN A 2049 -46.65 -52.33 -34.00
CA ASN A 2049 -47.77 -51.71 -33.31
C ASN A 2049 -47.33 -51.01 -32.01
N ILE A 2050 -46.63 -51.76 -31.12
CA ILE A 2050 -46.11 -51.28 -29.82
C ILE A 2050 -45.17 -50.07 -30.03
N LYS A 2051 -44.33 -50.11 -31.08
CA LYS A 2051 -43.40 -49.03 -31.44
C LYS A 2051 -44.14 -47.77 -31.88
N LYS A 2052 -45.19 -47.91 -32.71
CA LYS A 2052 -46.01 -46.80 -33.22
C LYS A 2052 -47.02 -46.29 -32.17
N LYS A 2053 -47.21 -47.03 -31.06
CA LYS A 2053 -48.12 -46.65 -29.97
C LYS A 2053 -47.36 -45.82 -28.91
N MET A 2054 -46.11 -46.23 -28.61
CA MET A 2054 -45.24 -45.56 -27.64
C MET A 2054 -44.65 -44.28 -28.21
N GLN A 2055 -44.10 -44.32 -29.45
CA GLN A 2055 -43.48 -43.18 -30.14
C GLN A 2055 -44.53 -42.16 -30.63
N GLN A 2056 -45.65 -42.07 -29.91
CA GLN A 2056 -46.76 -41.14 -30.11
C GLN A 2056 -47.18 -40.64 -28.73
N ARG A 2057 -47.19 -41.56 -27.74
CA ARG A 2057 -47.49 -41.30 -26.34
C ARG A 2057 -46.34 -40.50 -25.72
N GLU A 2058 -45.08 -40.89 -26.01
CA GLU A 2058 -43.87 -40.22 -25.52
C GLU A 2058 -43.68 -38.84 -26.17
N GLU A 2059 -44.25 -38.63 -27.38
CA GLU A 2059 -44.16 -37.38 -28.13
C GLU A 2059 -45.08 -36.30 -27.53
N LEU A 2060 -46.18 -36.72 -26.88
CA LEU A 2060 -47.16 -35.82 -26.26
C LEU A 2060 -46.83 -35.55 -24.79
N LEU A 2061 -46.16 -36.50 -24.11
CA LEU A 2061 -45.75 -36.38 -22.71
C LEU A 2061 -44.47 -35.57 -22.57
N LEU A 2062 -43.61 -35.61 -23.61
CA LEU A 2062 -42.32 -34.93 -23.71
C LEU A 2062 -42.36 -33.44 -23.27
N PRO A 2063 -43.30 -32.56 -23.72
CA PRO A 2063 -43.26 -31.16 -23.27
C PRO A 2063 -43.47 -30.97 -21.76
N ILE A 2064 -44.41 -31.72 -21.15
CA ILE A 2064 -44.69 -31.61 -19.72
C ILE A 2064 -43.60 -32.35 -18.91
N TYR A 2065 -43.05 -33.47 -19.45
CA TYR A 2065 -41.98 -34.22 -18.81
C TYR A 2065 -40.69 -33.41 -18.79
N HIS A 2066 -40.50 -32.56 -19.81
CA HIS A 2066 -39.37 -31.64 -19.94
C HIS A 2066 -39.43 -30.62 -18.80
N GLN A 2067 -40.61 -29.97 -18.62
CA GLN A 2067 -40.91 -28.96 -17.60
C GLN A 2067 -40.74 -29.50 -16.17
N ILE A 2068 -40.97 -30.82 -15.99
CA ILE A 2068 -40.82 -31.51 -14.70
C ILE A 2068 -39.32 -31.46 -14.29
N CYS A 2069 -38.42 -31.83 -15.24
CA CYS A 2069 -36.96 -31.82 -15.06
C CYS A 2069 -36.46 -30.39 -14.81
N VAL A 2070 -37.12 -29.39 -15.42
CA VAL A 2070 -36.81 -27.97 -15.27
C VAL A 2070 -37.06 -27.56 -13.81
N GLN A 2071 -38.23 -27.94 -13.24
CA GLN A 2071 -38.62 -27.70 -11.84
C GLN A 2071 -37.64 -28.44 -10.91
N PHE A 2072 -37.31 -29.69 -11.25
CA PHE A 2072 -36.38 -30.56 -10.53
C PHE A 2072 -35.00 -29.91 -10.41
N ALA A 2073 -34.46 -29.38 -11.53
CA ALA A 2073 -33.15 -28.72 -11.58
C ALA A 2073 -33.16 -27.38 -10.83
N ASP A 2074 -34.33 -26.70 -10.81
CA ASP A 2074 -34.50 -25.42 -10.13
C ASP A 2074 -34.42 -25.58 -8.61
N LEU A 2075 -34.87 -26.75 -8.09
CA LEU A 2075 -34.85 -27.06 -6.66
C LEU A 2075 -33.39 -27.12 -6.15
N HIS A 2076 -32.40 -27.42 -7.04
CA HIS A 2076 -30.97 -27.41 -6.72
C HIS A 2076 -30.48 -25.98 -6.55
N ASP A 2077 -30.99 -25.10 -7.40
CA ASP A 2077 -30.61 -23.70 -7.49
C ASP A 2077 -31.46 -22.79 -6.54
N ARG A 2078 -32.24 -23.39 -5.61
CA ARG A 2078 -33.05 -22.71 -4.60
C ARG A 2078 -32.19 -22.09 -3.47
N ALA A 2079 -32.77 -21.13 -2.71
CA ALA A 2079 -32.13 -20.38 -1.62
C ALA A 2079 -31.68 -21.27 -0.44
N GLY A 2080 -32.49 -22.26 -0.08
CA GLY A 2080 -32.22 -23.17 1.03
C GLY A 2080 -30.91 -23.94 0.89
N ARG A 2081 -30.64 -24.44 -0.34
CA ARG A 2081 -29.44 -25.20 -0.73
C ARG A 2081 -28.17 -24.38 -0.51
N MET A 2082 -28.24 -23.07 -0.77
CA MET A 2082 -27.13 -22.12 -0.64
C MET A 2082 -26.66 -22.02 0.82
N LYS A 2083 -27.60 -21.86 1.77
CA LYS A 2083 -27.31 -21.78 3.21
C LYS A 2083 -26.75 -23.12 3.71
N ALA A 2084 -27.26 -24.25 3.16
CA ALA A 2084 -26.87 -25.62 3.49
C ALA A 2084 -25.41 -25.90 3.11
N LYS A 2085 -24.95 -25.41 1.94
CA LYS A 2085 -23.58 -25.59 1.48
C LYS A 2085 -22.66 -24.47 2.03
N GLY A 2086 -23.25 -23.59 2.84
CA GLY A 2086 -22.58 -22.48 3.51
C GLY A 2086 -21.96 -21.42 2.63
N VAL A 2087 -22.51 -21.21 1.43
CA VAL A 2087 -22.00 -20.21 0.49
C VAL A 2087 -22.54 -18.80 0.90
N ILE A 2088 -23.62 -18.78 1.71
CA ILE A 2088 -24.25 -17.57 2.25
C ILE A 2088 -24.44 -17.71 3.76
N ARG A 2089 -24.62 -16.59 4.46
CA ARG A 2089 -24.82 -16.58 5.91
C ARG A 2089 -26.27 -16.94 6.25
N GLN A 2090 -27.24 -16.17 5.72
CA GLN A 2090 -28.67 -16.36 5.99
C GLN A 2090 -29.54 -16.13 4.77
N SER A 2091 -30.74 -16.76 4.77
CA SER A 2091 -31.78 -16.56 3.77
C SER A 2091 -32.58 -15.35 4.24
N LEU A 2092 -32.87 -14.39 3.35
CA LEU A 2092 -33.53 -13.16 3.76
C LEU A 2092 -34.87 -12.89 3.10
N GLN A 2093 -35.79 -12.33 3.89
CA GLN A 2093 -37.10 -11.92 3.41
C GLN A 2093 -37.00 -10.45 3.00
N TRP A 2094 -37.27 -10.17 1.72
CA TRP A 2094 -37.20 -8.84 1.11
C TRP A 2094 -37.94 -7.77 1.92
N ARG A 2095 -39.09 -8.12 2.52
CA ARG A 2095 -39.90 -7.22 3.34
C ARG A 2095 -39.12 -6.60 4.48
N GLN A 2096 -38.36 -7.42 5.23
CA GLN A 2096 -37.63 -6.92 6.38
C GLN A 2096 -36.11 -6.86 6.12
N SER A 2097 -35.73 -6.51 4.88
CA SER A 2097 -34.32 -6.37 4.47
C SER A 2097 -33.72 -5.10 5.08
N ARG A 2098 -34.46 -3.97 4.98
CA ARG A 2098 -34.08 -2.66 5.53
C ARG A 2098 -33.80 -2.79 7.02
N ARG A 2099 -34.74 -3.40 7.76
CA ARG A 2099 -34.69 -3.65 9.20
C ARG A 2099 -33.47 -4.47 9.61
N PHE A 2100 -33.11 -5.51 8.82
CA PHE A 2100 -31.97 -6.37 9.10
C PHE A 2100 -30.64 -5.65 8.83
N PHE A 2101 -30.50 -5.05 7.63
CA PHE A 2101 -29.26 -4.40 7.22
C PHE A 2101 -28.96 -3.16 8.04
N TYR A 2102 -29.97 -2.42 8.53
CA TYR A 2102 -29.71 -1.24 9.35
C TYR A 2102 -28.83 -1.57 10.56
N TRP A 2103 -29.12 -2.68 11.25
CA TRP A 2103 -28.37 -3.12 12.43
C TRP A 2103 -27.14 -3.92 12.08
N ARG A 2104 -27.15 -4.66 10.95
CA ARG A 2104 -25.98 -5.44 10.55
C ARG A 2104 -24.88 -4.52 10.00
N VAL A 2105 -25.26 -3.44 9.26
CA VAL A 2105 -24.30 -2.46 8.73
C VAL A 2105 -23.69 -1.72 9.92
N ARG A 2106 -24.53 -1.25 10.85
CA ARG A 2106 -24.12 -0.53 12.06
C ARG A 2106 -23.23 -1.40 12.95
N ARG A 2107 -23.61 -2.68 13.16
CA ARG A 2107 -22.83 -3.63 13.96
C ARG A 2107 -21.45 -3.84 13.36
N ARG A 2108 -21.38 -4.05 12.02
CA ARG A 2108 -20.12 -4.28 11.33
C ARG A 2108 -19.23 -3.04 11.28
N LEU A 2109 -19.80 -1.84 11.08
CA LEU A 2109 -19.02 -0.60 11.01
C LEU A 2109 -18.35 -0.24 12.33
N ILE A 2110 -19.05 -0.44 13.46
CA ILE A 2110 -18.52 -0.17 14.80
C ILE A 2110 -17.46 -1.25 15.11
N GLU A 2111 -17.79 -2.54 14.85
CA GLU A 2111 -16.92 -3.71 15.08
C GLU A 2111 -15.62 -3.60 14.27
N ASP A 2112 -15.70 -3.38 12.93
CA ASP A 2112 -14.54 -3.25 12.05
C ASP A 2112 -13.54 -2.28 12.65
N ASP A 2113 -14.00 -1.08 13.08
CA ASP A 2113 -13.20 -0.02 13.69
C ASP A 2113 -12.57 -0.49 15.02
N ILE A 2114 -13.34 -1.19 15.90
CA ILE A 2114 -12.84 -1.71 17.19
C ILE A 2114 -11.72 -2.74 16.92
N LEU A 2115 -11.92 -3.64 15.95
CA LEU A 2115 -10.95 -4.67 15.56
C LEU A 2115 -9.67 -4.07 14.99
N ARG A 2116 -9.82 -2.99 14.17
CA ARG A 2116 -8.70 -2.25 13.57
C ARG A 2116 -7.88 -1.58 14.68
N ARG A 2117 -8.57 -1.13 15.76
CA ARG A 2117 -8.01 -0.48 16.94
C ARG A 2117 -7.34 -1.51 17.88
N ILE A 2118 -7.84 -2.77 17.90
CA ILE A 2118 -7.29 -3.86 18.72
C ILE A 2118 -5.88 -4.17 18.17
N GLU A 2119 -5.77 -4.36 16.85
CA GLU A 2119 -4.53 -4.65 16.14
C GLU A 2119 -3.53 -3.48 16.28
N GLU A 2120 -4.02 -2.22 16.22
CA GLU A 2120 -3.19 -1.02 16.38
C GLU A 2120 -2.60 -0.93 17.78
N ALA A 2121 -3.27 -1.55 18.77
CA ALA A 2121 -2.81 -1.59 20.15
C ALA A 2121 -1.85 -2.76 20.37
N ILE A 2122 -2.15 -3.93 19.74
CA ILE A 2122 -1.35 -5.16 19.85
C ILE A 2122 -0.03 -5.01 19.05
N ASN A 2123 -0.12 -4.86 17.72
CA ASN A 2123 1.05 -4.74 16.85
C ASN A 2123 1.15 -3.30 16.33
N PRO A 2124 1.97 -2.43 16.95
CA PRO A 2124 2.04 -1.03 16.51
C PRO A 2124 2.94 -0.81 15.29
N ALA A 2125 2.91 -1.76 14.33
CA ALA A 2125 3.68 -1.73 13.08
C ALA A 2125 2.79 -1.41 11.88
N ASN A 2134 -9.94 -16.28 7.03
CA ASN A 2134 -9.21 -15.71 5.91
C ASN A 2134 -8.51 -16.80 5.07
N THR A 2135 -7.90 -17.78 5.76
CA THR A 2135 -7.09 -18.84 5.19
C THR A 2135 -7.85 -20.07 4.58
N SER A 2136 -9.20 -20.12 4.62
CA SER A 2136 -9.94 -21.30 4.09
C SER A 2136 -11.33 -20.94 3.52
N LEU A 2137 -12.10 -21.97 3.04
CA LEU A 2137 -13.48 -21.83 2.55
C LEU A 2137 -14.40 -21.52 3.74
N ALA A 2138 -13.95 -21.90 4.95
CA ALA A 2138 -14.61 -21.72 6.24
C ALA A 2138 -14.62 -20.25 6.68
N ALA A 2139 -13.81 -19.39 6.03
CA ALA A 2139 -13.72 -17.97 6.31
C ALA A 2139 -15.05 -17.29 6.01
N SER A 2140 -15.85 -17.18 7.07
CA SER A 2140 -17.16 -16.56 7.11
C SER A 2140 -17.07 -15.31 7.99
N PRO A 2141 -17.85 -14.24 7.72
CA PRO A 2141 -17.78 -13.00 8.52
C PRO A 2141 -17.88 -13.14 10.04
N GLU A 2142 -18.38 -14.27 10.54
CA GLU A 2142 -18.45 -14.51 11.98
C GLU A 2142 -17.05 -14.90 12.52
N THR A 2143 -16.11 -15.28 11.61
CA THR A 2143 -14.69 -15.63 11.79
C THR A 2143 -13.82 -14.80 10.79
N ARG A 2144 -14.12 -13.48 10.69
CA ARG A 2144 -13.41 -12.53 9.81
C ARG A 2144 -12.15 -11.96 10.48
N SER A 2145 -12.10 -11.98 11.84
CA SER A 2145 -10.99 -11.46 12.65
C SER A 2145 -10.69 -12.40 13.84
N PRO A 2146 -9.40 -12.63 14.20
CA PRO A 2146 -9.11 -13.49 15.36
C PRO A 2146 -9.35 -12.79 16.71
N HIS A 2147 -9.59 -11.46 16.69
CA HIS A 2147 -9.86 -10.64 17.87
C HIS A 2147 -11.34 -10.66 18.24
N LEU A 2148 -12.21 -11.16 17.34
CA LEU A 2148 -13.65 -11.30 17.54
C LEU A 2148 -13.97 -12.34 18.62
N VAL A 2149 -13.03 -13.28 18.88
CA VAL A 2149 -13.14 -14.33 19.91
C VAL A 2149 -12.89 -13.69 21.29
N GLN A 2150 -11.88 -12.79 21.34
CA GLN A 2150 -11.52 -12.04 22.55
C GLN A 2150 -12.60 -11.00 22.85
N LEU A 2151 -13.04 -10.25 21.81
CA LEU A 2151 -14.08 -9.22 21.88
C LEU A 2151 -15.42 -9.84 22.30
N GLU A 2152 -15.69 -11.10 21.86
CA GLU A 2152 -16.87 -11.88 22.18
C GLU A 2152 -17.01 -12.05 23.71
N SER A 2153 -15.91 -12.47 24.38
CA SER A 2153 -15.83 -12.71 25.82
C SER A 2153 -15.84 -11.40 26.63
N TRP A 2154 -15.37 -10.27 26.05
CA TRP A 2154 -15.38 -8.96 26.71
C TRP A 2154 -16.80 -8.37 26.73
N VAL A 2155 -17.58 -8.65 25.68
CA VAL A 2155 -18.96 -8.17 25.52
C VAL A 2155 -19.86 -8.95 26.53
N GLY A 2156 -19.94 -10.27 26.39
CA GLY A 2156 -20.73 -11.12 27.28
C GLY A 2156 -22.15 -11.39 26.84
N ILE A 2157 -22.45 -11.15 25.55
CA ILE A 2157 -23.76 -11.40 24.97
C ILE A 2157 -23.74 -12.82 24.37
N PRO A 2158 -24.73 -13.68 24.72
CA PRO A 2158 -24.74 -15.06 24.18
C PRO A 2158 -24.89 -15.09 22.64
N GLY A 2159 -25.91 -14.42 22.10
CA GLY A 2159 -26.13 -14.33 20.66
C GLY A 2159 -25.32 -13.18 20.08
N PHE A 2160 -23.98 -13.34 20.08
CA PHE A 2160 -23.05 -12.32 19.63
C PHE A 2160 -22.92 -12.24 18.11
N LYS A 2161 -22.74 -13.38 17.44
CA LYS A 2161 -22.59 -13.49 15.98
C LYS A 2161 -23.86 -13.03 15.26
N THR A 2162 -25.00 -13.18 15.93
CA THR A 2162 -26.33 -12.78 15.48
C THR A 2162 -26.70 -11.45 16.23
N ASN A 2163 -27.95 -11.32 16.78
CA ASN A 2163 -28.56 -10.19 17.52
C ASN A 2163 -27.82 -8.85 17.35
N ASP A 2164 -27.73 -8.40 16.09
CA ASP A 2164 -27.03 -7.19 15.67
C ASP A 2164 -27.46 -5.95 16.43
N ARG A 2165 -28.77 -5.84 16.71
CA ARG A 2165 -29.34 -4.72 17.45
C ARG A 2165 -28.80 -4.64 18.88
N GLU A 2166 -28.81 -5.79 19.59
CA GLU A 2166 -28.35 -5.90 20.97
C GLU A 2166 -26.85 -5.57 21.12
N VAL A 2167 -26.04 -5.93 20.10
CA VAL A 2167 -24.59 -5.70 20.06
C VAL A 2167 -24.29 -4.20 19.97
N VAL A 2168 -24.89 -3.49 18.97
CA VAL A 2168 -24.71 -2.05 18.75
C VAL A 2168 -24.97 -1.25 20.04
N GLU A 2169 -26.14 -1.49 20.69
CA GLU A 2169 -26.59 -0.84 21.93
C GLU A 2169 -25.59 -1.01 23.07
N TRP A 2170 -24.92 -2.17 23.12
CA TRP A 2170 -23.93 -2.47 24.15
C TRP A 2170 -22.68 -1.60 24.02
N TYR A 2171 -22.15 -1.45 22.78
CA TYR A 2171 -20.95 -0.64 22.50
C TYR A 2171 -21.15 0.82 22.91
N GLU A 2172 -22.33 1.39 22.61
CA GLU A 2172 -22.70 2.76 22.96
C GLU A 2172 -22.70 2.98 24.46
N GLN A 2173 -23.20 1.97 25.22
CA GLN A 2173 -23.25 2.00 26.68
C GLN A 2173 -21.83 1.81 27.28
N ASN A 2174 -21.09 0.76 26.86
CA ASN A 2174 -19.76 0.50 27.39
C ASN A 2174 -18.65 1.08 26.49
N GLN A 2175 -18.75 2.40 26.21
CA GLN A 2175 -17.79 3.18 25.43
C GLN A 2175 -16.49 3.29 26.22
N ASP A 2176 -16.59 3.41 27.55
CA ASP A 2176 -15.44 3.51 28.43
C ASP A 2176 -14.75 2.19 28.62
N ARG A 2177 -15.52 1.08 28.70
CA ARG A 2177 -14.98 -0.25 28.92
C ARG A 2177 -14.13 -0.72 27.74
N ILE A 2178 -14.50 -0.36 26.50
CA ILE A 2178 -13.71 -0.76 25.34
C ILE A 2178 -12.40 0.04 25.31
N ASN A 2179 -12.47 1.38 25.53
CA ASN A 2179 -11.31 2.28 25.59
C ASN A 2179 -10.38 1.89 26.72
N GLU A 2180 -10.96 1.33 27.78
CA GLU A 2180 -10.27 0.83 28.95
C GLU A 2180 -9.50 -0.43 28.59
N LYS A 2181 -10.14 -1.37 27.85
CA LYS A 2181 -9.52 -2.64 27.45
C LYS A 2181 -8.46 -2.44 26.35
N LEU A 2182 -8.61 -1.37 25.55
CA LEU A 2182 -7.65 -1.03 24.49
C LEU A 2182 -6.33 -0.57 25.09
N GLU A 2183 -6.40 0.31 26.12
CA GLU A 2183 -5.25 0.85 26.85
C GLU A 2183 -4.58 -0.25 27.67
N LYS A 2184 -5.35 -1.27 28.13
CA LYS A 2184 -4.85 -2.43 28.86
C LYS A 2184 -3.94 -3.23 27.95
N LEU A 2185 -4.40 -3.45 26.71
CA LEU A 2185 -3.72 -4.19 25.67
C LEU A 2185 -2.55 -3.43 25.11
N LYS A 2186 -2.66 -2.09 25.05
CA LYS A 2186 -1.61 -1.20 24.54
C LYS A 2186 -0.36 -1.28 25.42
N LYS A 2187 -0.56 -1.28 26.75
CA LYS A 2187 0.53 -1.33 27.74
C LYS A 2187 1.11 -2.75 27.82
N GLU A 2188 0.26 -3.79 27.61
CA GLU A 2188 0.66 -5.20 27.62
C GLU A 2188 1.58 -5.50 26.42
N SER A 2189 1.29 -4.89 25.26
CA SER A 2189 2.05 -5.06 24.01
C SER A 2189 3.40 -4.33 24.06
N ILE A 2190 3.46 -3.19 24.78
CA ILE A 2190 4.68 -2.38 24.94
C ILE A 2190 5.69 -3.19 25.78
N ALA A 2191 5.18 -3.98 26.75
CA ALA A 2191 5.98 -4.85 27.62
C ALA A 2191 6.62 -6.00 26.84
N ASP A 2192 5.92 -6.52 25.82
CA ASP A 2192 6.41 -7.62 24.98
C ASP A 2192 7.50 -7.16 24.02
N GLN A 2193 7.33 -5.98 23.40
CA GLN A 2193 8.26 -5.38 22.44
C GLN A 2193 9.58 -4.97 23.08
N MET A 2194 9.51 -4.46 24.33
CA MET A 2194 10.69 -4.01 25.07
C MET A 2194 11.54 -5.18 25.55
N ARG A 2195 10.91 -6.35 25.81
CA ARG A 2195 11.59 -7.57 26.27
C ARG A 2195 12.43 -8.22 25.15
N GLU A 2196 11.97 -8.15 23.90
CA GLU A 2196 12.64 -8.74 22.73
C GLU A 2196 13.89 -7.93 22.30
N LEU A 2197 13.96 -6.62 22.68
CA LEU A 2197 15.07 -5.72 22.34
C LEU A 2197 16.36 -6.10 23.07
N UNK A 2200 21.60 -13.14 21.66
CA UNK A 2200 22.29 -12.22 20.76
C UNK A 2200 21.89 -10.75 21.03
N UNK A 2201 20.56 -10.44 21.02
CA UNK A 2201 20.00 -9.10 21.26
C UNK A 2201 20.29 -8.61 22.68
N UNK A 2202 20.47 -9.54 23.63
CA UNK A 2202 20.80 -9.29 25.04
C UNK A 2202 22.27 -8.85 25.16
N UNK A 2203 23.19 -9.57 24.48
CA UNK A 2203 24.63 -9.28 24.47
C UNK A 2203 24.91 -7.91 23.83
N UNK A 2204 24.08 -7.53 22.83
CA UNK A 2204 24.14 -6.26 22.12
C UNK A 2204 23.66 -5.13 23.04
N UNK A 2205 22.55 -5.36 23.78
CA UNK A 2205 21.99 -4.41 24.74
C UNK A 2205 22.96 -4.19 25.91
N UNK A 2206 23.68 -5.27 26.32
CA UNK A 2206 24.70 -5.28 27.39
C UNK A 2206 25.94 -4.47 26.99
N UNK A 2207 26.14 -4.28 25.66
CA UNK A 2207 27.22 -3.48 25.10
C UNK A 2207 26.77 -2.00 25.00
N UNK A 2208 25.49 -1.76 24.62
CA UNK A 2208 24.87 -0.43 24.48
C UNK A 2208 24.63 0.24 25.85
N UNK A 2209 24.56 -0.57 26.93
CA UNK A 2209 24.38 -0.15 28.31
C UNK A 2209 25.73 0.17 28.97
N UNK A 2210 26.77 -0.64 28.65
CA UNK A 2210 28.15 -0.48 29.15
C UNK A 2210 28.82 0.77 28.53
N UNK A 2211 28.17 1.37 27.49
CA UNK A 2211 28.58 2.58 26.77
C UNK A 2211 27.80 3.80 27.27
N SER B 726 41.24 -116.72 17.57
CA SER B 726 41.66 -115.97 18.75
C SER B 726 40.52 -115.82 19.77
N PRO B 727 40.79 -116.00 21.09
CA PRO B 727 39.71 -115.89 22.08
C PRO B 727 39.25 -114.45 22.34
N VAL B 728 37.96 -114.29 22.70
CA VAL B 728 37.31 -112.99 23.01
C VAL B 728 36.52 -113.08 24.33
N VAL B 729 36.08 -111.92 24.85
CA VAL B 729 35.30 -111.79 26.08
C VAL B 729 33.83 -112.16 25.80
N VAL B 730 33.16 -112.81 26.78
CA VAL B 730 31.77 -113.25 26.72
C VAL B 730 30.81 -112.10 26.31
N GLY B 731 31.00 -110.92 26.90
CA GLY B 731 30.20 -109.75 26.60
C GLY B 731 31.05 -108.55 26.28
N SER B 732 31.48 -108.42 25.01
CA SER B 732 32.32 -107.31 24.56
C SER B 732 31.95 -106.85 23.15
N LYS B 733 30.97 -107.52 22.49
CA LYS B 733 30.52 -107.18 21.14
C LYS B 733 29.99 -105.74 21.07
N PRO B 734 29.07 -105.27 21.97
CA PRO B 734 28.63 -103.86 21.88
C PRO B 734 29.74 -102.86 22.21
N ALA B 735 30.70 -103.22 23.09
CA ALA B 735 31.85 -102.36 23.45
C ALA B 735 32.79 -102.17 22.26
N GLN B 736 33.03 -103.26 21.49
CA GLN B 736 33.90 -103.27 20.32
C GLN B 736 33.31 -102.46 19.17
N ARG B 737 31.96 -102.41 19.06
CA ARG B 737 31.31 -101.65 17.99
C ARG B 737 31.12 -100.16 18.36
N PHE B 738 31.00 -99.83 19.67
CA PHE B 738 30.87 -98.44 20.16
C PHE B 738 32.15 -97.65 19.94
N ALA B 739 33.31 -98.24 20.31
CA ALA B 739 34.64 -97.64 20.22
C ALA B 739 35.05 -97.32 18.78
N VAL B 740 34.69 -98.17 17.81
CA VAL B 740 35.05 -97.95 16.40
C VAL B 740 34.19 -96.85 15.78
N LEU B 741 32.88 -96.81 16.09
CA LEU B 741 31.93 -95.83 15.55
C LEU B 741 32.27 -94.39 15.92
N TYR B 742 32.78 -94.16 17.13
CA TYR B 742 33.21 -92.82 17.55
C TYR B 742 34.48 -92.47 16.79
N GLY B 743 35.41 -93.43 16.67
CA GLY B 743 36.66 -93.29 15.95
C GLY B 743 36.48 -92.93 14.50
N THR B 744 35.51 -93.57 13.82
CA THR B 744 35.20 -93.33 12.40
C THR B 744 34.69 -91.90 12.17
N MET B 745 33.84 -91.39 13.08
CA MET B 745 33.31 -90.03 13.00
C MET B 745 34.40 -89.01 13.31
N CYS B 746 35.20 -89.27 14.37
CA CYS B 746 36.31 -88.44 14.88
C CYS B 746 37.35 -88.21 13.77
N ASP B 747 37.65 -89.25 12.96
CA ASP B 747 38.63 -89.20 11.88
C ASP B 747 38.26 -88.12 10.86
N ILE B 748 36.95 -87.97 10.55
CA ILE B 748 36.49 -86.95 9.63
C ILE B 748 36.70 -85.55 10.26
N LEU B 749 36.36 -85.40 11.56
CA LEU B 749 36.52 -84.15 12.34
C LEU B 749 37.99 -83.72 12.41
N ASN B 750 38.90 -84.69 12.62
CA ASN B 750 40.34 -84.45 12.72
C ASN B 750 40.96 -84.13 11.36
N GLY B 751 40.38 -84.67 10.29
CA GLY B 751 40.83 -84.47 8.93
C GLY B 751 41.49 -85.69 8.31
N TYR B 752 41.44 -86.85 9.01
CA TYR B 752 42.02 -88.12 8.54
C TYR B 752 41.30 -88.61 7.28
N ASP B 753 42.08 -89.22 6.36
CA ASP B 753 41.67 -89.72 5.04
C ASP B 753 40.55 -90.76 5.08
N ASN B 754 40.39 -91.50 6.20
CA ASN B 754 39.36 -92.53 6.33
C ASN B 754 37.95 -91.89 6.20
N GLN B 755 37.40 -91.93 4.97
CA GLN B 755 36.07 -91.42 4.58
C GLN B 755 35.11 -92.59 4.57
N VAL B 756 33.82 -92.38 4.93
CA VAL B 756 32.84 -93.48 5.00
C VAL B 756 31.40 -92.97 4.83
N VAL B 757 30.41 -93.90 4.66
CA VAL B 757 28.98 -93.59 4.60
C VAL B 757 28.57 -93.14 6.00
N MET B 758 28.72 -91.83 6.20
CA MET B 758 28.47 -91.05 7.40
C MET B 758 27.06 -91.26 7.97
N GLN B 759 26.07 -91.49 7.09
CA GLN B 759 24.67 -91.70 7.48
C GLN B 759 24.48 -93.03 8.23
N GLN B 760 24.91 -94.15 7.61
CA GLN B 760 24.78 -95.49 8.16
C GLN B 760 25.51 -95.63 9.50
N LYS B 761 26.76 -95.12 9.58
CA LYS B 761 27.56 -95.20 10.80
C LYS B 761 26.95 -94.36 11.91
N LEU B 762 26.37 -93.18 11.57
CA LEU B 762 25.75 -92.32 12.58
C LEU B 762 24.51 -92.98 13.14
N LYS B 763 23.70 -93.63 12.28
CA LYS B 763 22.50 -94.37 12.71
C LYS B 763 22.92 -95.46 13.70
N GLU B 764 24.00 -96.19 13.35
CA GLU B 764 24.58 -97.26 14.17
C GLU B 764 25.11 -96.73 15.49
N PHE B 765 25.70 -95.52 15.47
CA PHE B 765 26.27 -94.84 16.62
C PHE B 765 25.17 -94.46 17.62
N ILE B 766 24.01 -93.96 17.12
CA ILE B 766 22.89 -93.57 17.97
C ILE B 766 22.28 -94.84 18.60
N GLU B 767 22.17 -95.92 17.81
CA GLU B 767 21.62 -97.21 18.23
C GLU B 767 22.42 -97.84 19.37
N VAL B 768 23.77 -97.77 19.31
CA VAL B 768 24.63 -98.37 20.34
C VAL B 768 24.57 -97.54 21.64
N LEU B 769 24.46 -96.19 21.54
CA LEU B 769 24.37 -95.30 22.70
C LEU B 769 23.02 -95.47 23.40
N ARG B 770 21.99 -95.95 22.67
CA ARG B 770 20.64 -96.18 23.17
C ARG B 770 20.46 -97.59 23.81
N ASP B 771 21.42 -98.54 23.61
CA ASP B 771 21.28 -99.87 24.23
C ASP B 771 21.93 -99.89 25.65
N PRO B 772 21.21 -100.45 26.66
CA PRO B 772 21.76 -100.42 28.04
C PRO B 772 22.83 -101.48 28.34
N LYS B 773 23.20 -102.34 27.38
CA LYS B 773 24.22 -103.37 27.57
C LYS B 773 25.63 -102.77 27.56
N LEU B 774 25.82 -101.68 26.79
CA LEU B 774 27.06 -100.93 26.58
C LEU B 774 27.83 -100.60 27.88
N PRO B 775 27.25 -99.99 28.96
CA PRO B 775 28.06 -99.69 30.15
C PRO B 775 28.67 -100.94 30.78
N TYR B 776 27.93 -102.06 30.77
CA TYR B 776 28.37 -103.35 31.28
C TYR B 776 29.45 -103.92 30.39
N SER B 777 29.26 -103.79 29.05
CA SER B 777 30.18 -104.25 28.01
C SER B 777 31.53 -103.55 28.12
N GLU B 778 31.52 -102.22 28.36
CA GLU B 778 32.74 -101.43 28.54
C GLU B 778 33.50 -101.87 29.78
N PHE B 779 32.76 -102.11 30.89
CA PHE B 779 33.33 -102.56 32.16
C PHE B 779 33.95 -103.94 32.01
N SER B 780 33.18 -104.90 31.48
CA SER B 780 33.59 -106.30 31.28
C SER B 780 34.85 -106.43 30.41
N ALA B 781 35.02 -105.55 29.40
CA ALA B 781 36.18 -105.59 28.49
C ALA B 781 37.47 -105.15 29.18
N GLN B 782 37.37 -104.12 30.04
CA GLN B 782 38.52 -103.55 30.74
C GLN B 782 38.83 -104.30 32.04
N PHE B 783 37.80 -104.65 32.86
CA PHE B 783 37.94 -105.32 34.15
C PHE B 783 38.51 -106.75 34.03
N SER B 784 38.26 -107.46 32.91
CA SER B 784 38.77 -108.81 32.68
C SER B 784 40.29 -108.87 32.84
N ALA B 785 40.99 -107.86 32.29
CA ALA B 785 42.45 -107.72 32.38
C ALA B 785 42.87 -107.11 33.72
N LEU B 786 41.94 -106.43 34.42
CA LEU B 786 42.21 -105.77 35.69
C LEU B 786 41.69 -106.54 36.92
N HIS B 787 41.28 -107.82 36.73
CA HIS B 787 40.81 -108.69 37.82
C HIS B 787 41.95 -108.94 38.80
N ALA B 788 43.07 -109.47 38.29
CA ALA B 788 44.26 -109.81 39.07
C ALA B 788 45.25 -108.62 39.11
N ARG B 789 44.74 -107.45 39.50
CA ARG B 789 45.57 -106.25 39.62
C ARG B 789 45.92 -106.01 41.10
N MET B 790 45.65 -104.81 41.63
CA MET B 790 45.93 -104.47 43.02
C MET B 790 44.86 -105.09 43.96
N PRO B 791 44.96 -104.97 45.32
CA PRO B 791 44.01 -105.63 46.23
C PRO B 791 42.65 -106.06 45.64
N HIS B 792 42.48 -107.40 45.61
CA HIS B 792 41.34 -108.19 45.13
C HIS B 792 40.06 -107.86 45.90
N LYS B 793 40.20 -107.44 47.19
CA LYS B 793 39.08 -107.09 48.08
C LYS B 793 38.11 -106.15 47.36
N LEU B 794 38.66 -105.13 46.66
CA LEU B 794 37.91 -104.17 45.88
C LEU B 794 37.42 -104.80 44.58
N ASP B 795 38.27 -105.60 43.92
CA ASP B 795 37.96 -106.25 42.65
C ASP B 795 36.76 -107.20 42.76
N ALA B 796 36.66 -107.96 43.86
CA ALA B 796 35.56 -108.90 44.11
C ALA B 796 34.25 -108.19 44.44
N GLN B 797 34.30 -107.12 45.26
CA GLN B 797 33.09 -106.38 45.66
C GLN B 797 32.44 -105.68 44.46
N LEU B 798 33.25 -105.24 43.47
CA LEU B 798 32.77 -104.59 42.24
C LEU B 798 32.00 -105.58 41.37
N THR B 799 32.54 -106.80 41.21
CA THR B 799 31.98 -107.88 40.40
C THR B 799 30.57 -108.29 40.90
N GLN B 800 30.41 -108.41 42.23
CA GLN B 800 29.13 -108.79 42.86
C GLN B 800 28.01 -107.80 42.51
N VAL B 801 28.32 -106.50 42.53
CA VAL B 801 27.36 -105.44 42.24
C VAL B 801 26.97 -105.48 40.75
N LEU B 802 27.96 -105.68 39.85
CA LEU B 802 27.73 -105.72 38.40
C LEU B 802 26.82 -106.90 38.02
N GLU B 803 27.13 -108.10 38.53
CA GLU B 803 26.38 -109.32 38.22
C GLU B 803 24.93 -109.23 38.68
N ARG B 804 24.68 -108.64 39.88
CA ARG B 804 23.34 -108.52 40.41
C ARG B 804 22.54 -107.50 39.58
N ALA B 805 23.13 -106.33 39.26
CA ALA B 805 22.48 -105.27 38.50
C ALA B 805 22.21 -105.65 37.04
N GLN B 806 23.04 -106.54 36.46
CA GLN B 806 22.89 -106.96 35.05
C GLN B 806 21.59 -107.75 34.86
N ASN B 807 21.40 -108.82 35.64
CA ASN B 807 20.21 -109.67 35.56
C ASN B 807 19.01 -108.97 36.19
N ARG B 808 19.13 -108.64 37.49
CA ARG B 808 18.11 -107.94 38.27
C ARG B 808 18.24 -106.44 37.97
N GLY B 809 17.32 -105.94 37.15
CA GLY B 809 17.33 -104.57 36.70
C GLY B 809 18.12 -104.40 35.41
N ALA B 810 18.12 -103.17 34.86
CA ALA B 810 18.80 -102.88 33.60
C ALA B 810 19.88 -101.78 33.73
N GLU B 811 19.63 -100.72 34.54
CA GLU B 811 20.54 -99.58 34.69
C GLU B 811 21.82 -99.95 35.44
N PHE B 812 22.95 -99.45 34.92
CA PHE B 812 24.29 -99.65 35.45
C PHE B 812 24.47 -98.98 36.81
N PRO B 813 25.10 -99.67 37.78
CA PRO B 813 25.29 -99.08 39.12
C PRO B 813 26.50 -98.14 39.19
N ALA B 814 26.62 -97.23 38.20
CA ALA B 814 27.71 -96.25 38.06
C ALA B 814 27.93 -95.42 39.31
N ARG B 815 26.84 -94.94 39.95
CA ARG B 815 26.90 -94.13 41.17
C ARG B 815 27.51 -94.92 42.34
N GLN B 816 27.13 -96.20 42.49
CA GLN B 816 27.65 -97.07 43.55
C GLN B 816 29.13 -97.39 43.34
N LEU B 817 29.52 -97.62 42.07
CA LEU B 817 30.90 -97.97 41.68
C LEU B 817 31.87 -96.80 41.84
N LEU B 818 31.37 -95.54 41.74
CA LEU B 818 32.19 -94.34 41.93
C LEU B 818 32.59 -94.23 43.40
N LYS B 819 31.62 -94.48 44.31
CA LYS B 819 31.78 -94.41 45.77
C LYS B 819 32.82 -95.40 46.28
N VAL B 820 32.75 -96.66 45.84
CA VAL B 820 33.67 -97.71 46.30
C VAL B 820 35.10 -97.47 45.80
N PHE B 821 35.30 -96.89 44.59
CA PHE B 821 36.66 -96.64 44.10
C PHE B 821 37.36 -95.59 44.98
N ASN B 822 36.68 -94.47 45.29
CA ASN B 822 37.29 -93.41 46.10
C ASN B 822 37.56 -93.87 47.52
N LYS B 823 36.66 -94.67 48.12
CA LYS B 823 36.76 -95.23 49.48
C LYS B 823 37.99 -96.10 49.68
N PHE B 824 38.49 -96.73 48.61
CA PHE B 824 39.63 -97.63 48.67
C PHE B 824 40.91 -97.01 48.12
N LEU B 825 40.91 -96.40 46.92
CA LEU B 825 42.14 -95.84 46.30
C LEU B 825 42.76 -94.70 47.13
N ASP B 826 42.36 -93.44 46.87
CA ASP B 826 42.92 -92.27 47.54
C ASP B 826 42.51 -92.19 49.02
N ASP B 827 41.37 -92.81 49.40
CA ASP B 827 40.94 -92.75 50.80
C ASP B 827 41.69 -93.77 51.64
N ASN B 828 41.62 -95.07 51.29
CA ASN B 828 42.31 -96.09 52.07
C ASN B 828 43.79 -96.10 51.70
N VAL B 829 44.48 -95.06 52.19
CA VAL B 829 45.92 -94.87 52.01
C VAL B 829 46.66 -95.97 52.78
N PRO B 830 46.34 -96.31 54.05
CA PRO B 830 47.11 -97.36 54.74
C PRO B 830 47.05 -98.74 54.09
N ASN B 831 45.91 -99.45 54.17
CA ASN B 831 45.78 -100.82 53.68
C ASN B 831 45.75 -100.95 52.15
N LYS B 832 44.74 -100.35 51.50
CA LYS B 832 44.53 -100.49 50.06
C LYS B 832 45.67 -99.93 49.20
N THR B 833 46.12 -98.67 49.44
CA THR B 833 47.17 -98.10 48.60
C THR B 833 48.45 -97.83 49.41
N ASP B 834 49.35 -98.84 49.50
CA ASP B 834 50.64 -98.75 50.20
C ASP B 834 51.37 -97.47 49.79
N GLN B 835 51.52 -97.26 48.48
CA GLN B 835 52.08 -96.05 47.87
C GLN B 835 51.01 -95.52 46.92
N ASP B 836 51.03 -94.20 46.63
CA ASP B 836 50.03 -93.59 45.74
C ASP B 836 50.23 -94.03 44.28
N LEU B 837 49.77 -95.25 43.97
CA LEU B 837 49.87 -95.92 42.67
C LEU B 837 48.50 -96.31 42.12
N LEU B 838 47.57 -96.70 43.02
CA LEU B 838 46.24 -97.19 42.69
C LEU B 838 45.38 -96.27 41.82
N LYS B 839 45.52 -94.93 41.98
CA LYS B 839 44.75 -93.98 41.19
C LYS B 839 44.98 -94.18 39.70
N SER B 840 46.23 -94.45 39.29
CA SER B 840 46.59 -94.68 37.89
C SER B 840 46.08 -96.03 37.38
N THR B 841 46.12 -97.07 38.22
CA THR B 841 45.71 -98.43 37.84
C THR B 841 44.22 -98.51 37.54
N LEU B 842 43.37 -97.96 38.43
CA LEU B 842 41.92 -98.03 38.28
C LEU B 842 41.32 -96.85 37.47
N GLU B 843 42.18 -95.97 36.90
CA GLU B 843 41.79 -94.81 36.10
C GLU B 843 40.78 -95.16 34.97
N PRO B 844 40.96 -96.21 34.11
CA PRO B 844 39.93 -96.47 33.08
C PRO B 844 38.55 -96.80 33.69
N LEU B 845 38.51 -97.50 34.85
CA LEU B 845 37.27 -97.83 35.55
C LEU B 845 36.60 -96.56 36.04
N THR B 846 37.40 -95.65 36.65
CA THR B 846 36.94 -94.36 37.18
C THR B 846 36.36 -93.49 36.06
N SER B 847 36.89 -93.60 34.83
CA SER B 847 36.41 -92.86 33.66
C SER B 847 35.07 -93.41 33.18
N VAL B 848 34.85 -94.74 33.35
CA VAL B 848 33.63 -95.43 32.93
C VAL B 848 32.48 -95.08 33.89
N LEU B 849 32.62 -95.30 35.22
CA LEU B 849 31.52 -94.99 36.13
C LEU B 849 31.23 -93.46 36.22
N ASN B 850 32.17 -92.59 35.79
CA ASN B 850 31.93 -91.14 35.75
C ASN B 850 31.16 -90.75 34.49
N LEU B 851 31.38 -91.47 33.36
CA LEU B 851 30.68 -91.22 32.10
C LEU B 851 29.20 -91.61 32.21
N TYR B 852 28.89 -92.66 32.97
CA TYR B 852 27.53 -93.17 33.18
C TYR B 852 26.91 -92.67 34.51
N LEU B 853 27.69 -91.92 35.31
CA LEU B 853 27.30 -91.34 36.61
C LEU B 853 25.94 -90.63 36.53
N ASP B 854 25.74 -89.82 35.49
CA ASP B 854 24.51 -89.06 35.26
C ASP B 854 23.38 -89.95 34.68
N GLY B 855 23.75 -90.97 33.89
CA GLY B 855 22.81 -91.89 33.26
C GLY B 855 23.22 -92.34 31.87
N GLN B 856 22.44 -93.27 31.28
CA GLN B 856 22.69 -93.84 29.96
C GLN B 856 22.47 -92.81 28.83
N LYS B 857 21.32 -92.12 28.83
CA LYS B 857 20.99 -91.09 27.83
C LYS B 857 21.89 -89.87 28.01
N ALA B 858 22.35 -89.61 29.25
CA ALA B 858 23.28 -88.53 29.56
C ALA B 858 24.60 -88.77 28.86
N ARG B 859 25.01 -90.06 28.74
CA ARG B 859 26.22 -90.44 28.02
C ARG B 859 26.02 -90.16 26.54
N GLU B 860 24.82 -90.50 26.00
CA GLU B 860 24.44 -90.28 24.61
C GLU B 860 24.55 -88.79 24.26
N LEU B 861 24.16 -87.89 25.18
CA LEU B 861 24.21 -86.44 24.99
C LEU B 861 25.63 -85.87 25.14
N ASN B 862 26.44 -86.42 26.07
CA ASN B 862 27.82 -85.97 26.34
C ASN B 862 28.74 -86.12 25.11
N LEU B 863 28.64 -87.27 24.42
CA LEU B 863 29.44 -87.58 23.24
C LEU B 863 29.05 -86.70 22.04
N ILE B 864 27.72 -86.44 21.83
CA ILE B 864 27.19 -85.58 20.75
C ILE B 864 27.76 -84.17 20.93
N ALA B 865 27.79 -83.68 22.18
CA ALA B 865 28.33 -82.36 22.55
C ALA B 865 29.81 -82.28 22.22
N ASP B 866 30.58 -83.37 22.48
CA ASP B 866 32.02 -83.44 22.20
C ASP B 866 32.32 -83.31 20.71
N LEU B 867 31.49 -83.92 19.85
CA LEU B 867 31.62 -83.87 18.38
C LEU B 867 31.41 -82.44 17.88
N LEU B 868 30.37 -81.76 18.41
CA LEU B 868 30.04 -80.37 18.10
C LEU B 868 31.16 -79.45 18.55
N SER B 869 31.67 -79.67 19.77
CA SER B 869 32.76 -78.86 20.36
C SER B 869 34.06 -79.05 19.58
N MET B 870 34.33 -80.28 19.09
CA MET B 870 35.51 -80.62 18.29
C MET B 870 35.52 -79.80 17.01
N TYR B 871 34.34 -79.66 16.38
CA TYR B 871 34.14 -78.88 15.16
C TYR B 871 34.40 -77.39 15.44
N ALA B 872 33.78 -76.83 16.49
CA ALA B 872 33.88 -75.42 16.87
C ALA B 872 35.30 -75.01 17.30
N ASP B 873 36.00 -75.84 18.10
CA ASP B 873 37.34 -75.53 18.59
C ASP B 873 38.33 -75.23 17.46
N VAL B 874 38.26 -76.01 16.36
CA VAL B 874 39.14 -75.81 15.21
C VAL B 874 38.63 -74.63 14.36
N GLU B 875 37.34 -74.64 13.98
CA GLU B 875 36.73 -73.65 13.09
C GLU B 875 36.66 -72.20 13.64
N CYS B 876 36.60 -72.01 14.97
CA CYS B 876 36.48 -70.68 15.59
C CYS B 876 37.62 -69.73 15.19
N GLN B 877 38.87 -70.25 15.12
CA GLN B 877 40.04 -69.45 14.76
C GLN B 877 39.96 -68.92 13.32
N PHE B 878 39.36 -69.72 12.42
CA PHE B 878 39.17 -69.37 11.02
C PHE B 878 38.06 -68.34 10.90
N SER B 879 37.08 -68.41 11.80
CA SER B 879 35.98 -67.45 11.92
C SER B 879 36.45 -66.28 12.79
N GLY B 880 37.71 -66.36 13.24
CA GLY B 880 38.37 -65.39 14.09
C GLY B 880 38.55 -64.02 13.49
N ARG B 881 38.90 -63.06 14.36
CA ARG B 881 39.12 -61.63 14.13
C ARG B 881 39.82 -61.32 12.79
N ARG B 882 39.00 -61.18 11.72
CA ARG B 882 39.35 -60.84 10.32
C ARG B 882 40.49 -61.70 9.68
N LEU B 883 40.88 -62.82 10.31
CA LEU B 883 41.92 -63.68 9.77
C LEU B 883 41.31 -64.74 8.86
N GLN B 884 41.29 -64.46 7.55
CA GLN B 884 40.78 -65.36 6.52
C GLN B 884 41.92 -66.14 5.92
N ASP B 885 43.17 -65.73 6.24
CA ASP B 885 44.41 -66.31 5.77
C ASP B 885 44.97 -67.33 6.80
N GLU B 886 45.14 -68.59 6.34
CA GLU B 886 45.65 -69.69 7.15
C GLU B 886 47.15 -69.48 7.46
N GLU B 887 47.96 -69.03 6.47
CA GLU B 887 49.40 -68.78 6.67
C GLU B 887 49.64 -67.70 7.71
N ALA B 888 48.81 -66.63 7.70
CA ALA B 888 48.88 -65.54 8.67
C ALA B 888 48.49 -66.07 10.06
N ILE B 889 47.54 -67.03 10.09
CA ILE B 889 47.08 -67.70 11.29
C ILE B 889 48.20 -68.64 11.84
N LEU B 890 48.96 -69.31 10.95
CA LEU B 890 50.09 -70.20 11.32
C LEU B 890 51.18 -69.42 12.01
N LYS B 891 51.49 -68.23 11.47
CA LYS B 891 52.52 -67.32 11.99
C LYS B 891 52.04 -66.71 13.30
N LEU B 892 50.70 -66.70 13.51
CA LEU B 892 50.06 -66.23 14.73
C LEU B 892 50.16 -67.31 15.79
N ARG B 893 50.10 -68.59 15.36
CA ARG B 893 50.21 -69.79 16.21
C ARG B 893 51.60 -69.97 16.81
N ASP B 894 52.59 -69.23 16.28
CA ASP B 894 53.99 -69.24 16.73
C ASP B 894 54.11 -68.98 18.23
N GLN B 895 53.14 -68.24 18.81
CA GLN B 895 53.03 -67.87 20.22
C GLN B 895 53.14 -69.08 21.17
N TYR B 896 52.66 -70.26 20.75
CA TYR B 896 52.68 -71.44 21.62
C TYR B 896 53.68 -72.49 21.18
N LYS B 897 54.40 -73.03 22.18
CA LYS B 897 55.39 -74.10 22.00
C LYS B 897 54.68 -75.40 21.70
N ASP B 898 53.52 -75.61 22.37
CA ASP B 898 52.66 -76.78 22.20
C ASP B 898 52.13 -76.86 20.77
N ASN B 899 52.02 -75.69 20.11
CA ASN B 899 51.56 -75.55 18.74
C ASN B 899 52.46 -76.27 17.71
N ILE B 900 53.66 -76.74 18.12
CA ILE B 900 54.62 -77.43 17.23
C ILE B 900 53.92 -78.55 16.40
N GLN B 901 53.13 -79.42 17.05
CA GLN B 901 52.38 -80.52 16.41
C GLN B 901 50.92 -80.08 16.18
N LYS B 902 50.40 -79.18 17.04
CA LYS B 902 49.03 -78.67 16.98
C LYS B 902 48.75 -77.89 15.69
N VAL B 903 49.74 -77.11 15.20
CA VAL B 903 49.68 -76.26 14.00
C VAL B 903 49.15 -77.06 12.79
N VAL B 904 49.82 -78.17 12.44
CA VAL B 904 49.48 -78.99 11.29
C VAL B 904 48.12 -79.69 11.45
N ASN B 905 47.80 -80.19 12.66
CA ASN B 905 46.55 -80.90 12.97
C ASN B 905 45.32 -80.05 12.66
N THR B 906 45.30 -78.79 13.12
CA THR B 906 44.19 -77.85 12.95
C THR B 906 44.02 -77.46 11.47
N VAL B 907 45.13 -77.26 10.76
CA VAL B 907 45.14 -76.90 9.33
C VAL B 907 44.59 -78.07 8.52
N LEU B 908 44.97 -79.31 8.90
CA LEU B 908 44.52 -80.55 8.27
C LEU B 908 43.00 -80.69 8.39
N SER B 909 42.45 -80.34 9.56
CA SER B 909 41.02 -80.39 9.85
C SER B 909 40.24 -79.40 8.99
N HIS B 910 40.76 -78.17 8.83
CA HIS B 910 40.10 -77.11 8.06
C HIS B 910 40.02 -77.43 6.56
N LYS B 911 41.02 -78.13 6.02
CA LYS B 911 41.05 -78.50 4.60
C LYS B 911 39.87 -79.41 4.24
N ASN B 912 39.51 -80.34 5.15
CA ASN B 912 38.39 -81.25 4.95
C ASN B 912 37.16 -80.78 5.73
N VAL B 913 36.83 -79.48 5.62
CA VAL B 913 35.68 -78.88 6.30
C VAL B 913 34.36 -79.30 5.60
N MET B 914 34.40 -79.55 4.27
CA MET B 914 33.24 -79.94 3.49
C MET B 914 32.60 -81.20 4.05
N SER B 915 33.43 -82.22 4.35
CA SER B 915 33.00 -83.49 4.94
C SER B 915 32.58 -83.28 6.40
N LYS B 916 33.28 -82.38 7.11
CA LYS B 916 33.05 -82.02 8.52
C LYS B 916 31.67 -81.37 8.69
N ASN B 917 31.31 -80.44 7.79
CA ASN B 917 30.02 -79.72 7.78
C ASN B 917 28.87 -80.68 7.63
N SER B 918 28.98 -81.62 6.68
CA SER B 918 27.94 -82.61 6.39
C SER B 918 27.70 -83.53 7.61
N LEU B 919 28.77 -83.88 8.37
CA LEU B 919 28.68 -84.71 9.58
C LEU B 919 27.91 -83.99 10.68
N VAL B 920 28.25 -82.70 10.90
CA VAL B 920 27.60 -81.86 11.91
C VAL B 920 26.13 -81.68 11.54
N LEU B 921 25.84 -81.43 10.26
CA LEU B 921 24.48 -81.25 9.73
C LEU B 921 23.64 -82.49 10.04
N ALA B 922 24.19 -83.69 9.83
CA ALA B 922 23.53 -84.96 10.10
C ALA B 922 23.30 -85.13 11.60
N LEU B 923 24.24 -84.64 12.43
CA LEU B 923 24.15 -84.70 13.89
C LEU B 923 23.07 -83.75 14.39
N LEU B 924 22.96 -82.58 13.74
CA LEU B 924 21.98 -81.55 14.06
C LEU B 924 20.58 -82.00 13.63
N ASP B 925 20.47 -82.67 12.47
CA ASP B 925 19.19 -83.19 11.93
C ASP B 925 18.60 -84.26 12.85
N GLU B 926 19.46 -85.08 13.47
CA GLU B 926 19.06 -86.15 14.39
C GLU B 926 18.49 -85.58 15.69
N TYR B 927 19.04 -84.45 16.18
CA TYR B 927 18.58 -83.82 17.42
C TYR B 927 17.63 -82.64 17.18
N ARG B 928 17.15 -82.47 15.92
CA ARG B 928 16.18 -81.43 15.53
C ARG B 928 14.83 -81.58 16.28
N PRO B 929 14.30 -82.80 16.64
CA PRO B 929 13.04 -82.85 17.40
C PRO B 929 13.26 -82.50 18.88
N ASN B 930 13.82 -81.30 19.11
CA ASN B 930 14.13 -80.65 20.37
C ASN B 930 12.91 -79.86 20.84
N LYS B 931 11.94 -79.62 19.92
CA LYS B 931 10.69 -78.89 20.14
C LYS B 931 9.96 -79.41 21.40
N PRO B 932 9.69 -80.73 21.59
CA PRO B 932 9.03 -81.15 22.84
C PRO B 932 10.02 -81.22 24.03
N ASN B 933 11.22 -81.84 23.83
CA ASN B 933 12.25 -82.01 24.87
C ASN B 933 13.20 -80.80 24.92
N VAL B 934 12.68 -79.59 25.25
CA VAL B 934 13.49 -78.37 25.37
C VAL B 934 14.30 -78.38 26.68
N GLY B 935 13.93 -79.28 27.60
CA GLY B 935 14.54 -79.42 28.91
C GLY B 935 15.84 -80.20 28.98
N ASN B 936 15.75 -81.54 29.01
CA ASN B 936 16.89 -82.45 29.15
C ASN B 936 17.92 -82.36 28.03
N VAL B 937 17.56 -82.69 26.79
CA VAL B 937 18.49 -82.66 25.66
C VAL B 937 18.76 -81.21 25.22
N GLY B 938 17.77 -80.32 25.43
CA GLY B 938 17.82 -78.92 25.06
C GLY B 938 18.91 -78.12 25.73
N LYS B 939 18.88 -78.08 27.09
CA LYS B 939 19.83 -77.38 27.94
C LYS B 939 21.24 -77.97 27.80
N HIS B 940 21.33 -79.30 27.59
CA HIS B 940 22.59 -80.01 27.42
C HIS B 940 23.34 -79.55 26.16
N LEU B 941 22.60 -79.31 25.06
CA LEU B 941 23.13 -78.88 23.76
C LEU B 941 23.27 -77.34 23.68
N ARG B 942 22.57 -76.58 24.55
CA ARG B 942 22.59 -75.10 24.57
C ARG B 942 24.01 -74.48 24.48
N PRO B 943 25.05 -74.87 25.28
CA PRO B 943 26.35 -74.18 25.17
C PRO B 943 27.10 -74.43 23.86
N VAL B 944 27.12 -75.68 23.36
CA VAL B 944 27.82 -76.01 22.12
C VAL B 944 27.12 -75.36 20.92
N LEU B 945 25.79 -75.24 20.98
CA LEU B 945 24.99 -74.64 19.92
C LEU B 945 25.27 -73.15 19.79
N ARG B 946 25.28 -72.43 20.93
CA ARG B 946 25.52 -70.98 20.90
C ARG B 946 26.91 -70.64 20.36
N ARG B 947 27.92 -71.53 20.57
CA ARG B 947 29.25 -71.24 20.03
C ARG B 947 29.25 -71.45 18.51
N LEU B 948 28.43 -72.38 18.01
CA LEU B 948 28.30 -72.69 16.59
C LEU B 948 27.63 -71.56 15.81
N THR B 949 26.70 -70.84 16.46
CA THR B 949 25.97 -69.75 15.82
C THR B 949 26.93 -68.58 15.50
N GLU B 950 28.06 -68.47 16.24
CA GLU B 950 29.08 -67.45 16.05
C GLU B 950 29.76 -67.57 14.70
N LEU B 951 29.88 -68.81 14.20
CA LEU B 951 30.54 -69.16 12.94
C LEU B 951 29.76 -68.62 11.74
N GLU B 952 29.88 -67.30 11.52
CA GLU B 952 29.25 -66.53 10.46
C GLU B 952 29.96 -66.76 9.12
N SER B 953 31.24 -67.20 9.15
CA SER B 953 32.08 -67.48 7.97
C SER B 953 31.33 -68.31 6.94
N ARG B 954 31.45 -67.93 5.66
CA ARG B 954 30.79 -68.51 4.48
C ARG B 954 30.72 -70.04 4.50
N GLN B 955 31.83 -70.71 4.87
CA GLN B 955 31.91 -72.17 4.92
C GLN B 955 30.96 -72.77 5.96
N SER B 956 30.91 -72.17 7.16
CA SER B 956 30.08 -72.62 8.27
C SER B 956 28.74 -71.85 8.36
N ALA B 957 28.49 -70.90 7.44
CA ALA B 957 27.30 -70.05 7.41
C ALA B 957 25.99 -70.84 7.39
N LYS B 958 25.92 -71.89 6.55
CA LYS B 958 24.73 -72.72 6.42
C LYS B 958 24.49 -73.52 7.70
N VAL B 959 25.57 -74.04 8.32
CA VAL B 959 25.48 -74.84 9.54
C VAL B 959 25.04 -73.94 10.72
N SER B 960 25.48 -72.66 10.74
CA SER B 960 25.14 -71.69 11.76
C SER B 960 23.63 -71.41 11.72
N LEU B 961 23.06 -71.32 10.50
CA LEU B 961 21.63 -71.10 10.27
C LEU B 961 20.83 -72.27 10.80
N LYS B 962 21.25 -73.51 10.47
CA LYS B 962 20.60 -74.74 10.91
C LYS B 962 20.69 -74.88 12.41
N ALA B 963 21.87 -74.55 12.98
CA ALA B 963 22.12 -74.58 14.41
C ALA B 963 21.14 -73.66 15.11
N ARG B 964 20.99 -72.43 14.59
CA ARG B 964 20.10 -71.41 15.11
C ARG B 964 18.66 -71.91 15.16
N GLU B 965 18.22 -72.71 14.16
CA GLU B 965 16.88 -73.30 14.11
C GLU B 965 16.58 -74.05 15.40
N VAL B 966 17.56 -74.80 15.94
CA VAL B 966 17.46 -75.59 17.17
C VAL B 966 17.30 -74.67 18.39
N LEU B 967 18.17 -73.64 18.50
CA LEU B 967 18.14 -72.71 19.64
C LEU B 967 16.82 -71.98 19.75
N ILE B 968 16.21 -71.61 18.59
CA ILE B 968 14.91 -70.91 18.55
C ILE B 968 13.88 -71.78 19.30
N LEU B 969 13.94 -73.10 19.07
CA LEU B 969 13.05 -74.08 19.69
C LEU B 969 13.32 -74.22 21.19
N CYS B 970 14.61 -74.17 21.60
CA CYS B 970 15.03 -74.33 22.99
C CYS B 970 14.41 -73.26 23.93
N SER B 974 9.02 -76.54 24.74
CA SER B 974 8.04 -75.51 24.44
C SER B 974 6.80 -76.17 23.85
N LEU B 975 6.99 -77.09 22.90
CA LEU B 975 5.90 -77.84 22.25
C LEU B 975 5.14 -78.67 23.28
N GLU B 976 5.87 -79.53 24.03
CA GLU B 976 5.30 -80.40 25.06
C GLU B 976 4.64 -79.58 26.15
N GLU B 977 5.33 -78.50 26.58
CA GLU B 977 4.87 -77.59 27.61
C GLU B 977 3.53 -76.98 27.24
N ARG B 978 3.41 -76.44 26.01
CA ARG B 978 2.20 -75.81 25.48
C ARG B 978 1.02 -76.78 25.46
N THR B 979 1.26 -78.02 24.99
CA THR B 979 0.25 -79.07 24.88
C THR B 979 -0.47 -79.26 26.22
N ALA B 980 0.30 -79.42 27.30
CA ALA B 980 -0.19 -79.62 28.65
C ALA B 980 -0.90 -78.38 29.19
N GLN B 981 -0.30 -77.19 28.98
CA GLN B 981 -0.81 -75.90 29.48
C GLN B 981 -2.25 -75.64 29.04
N MET B 982 -2.53 -75.79 27.73
CA MET B 982 -3.86 -75.55 27.19
C MET B 982 -4.85 -76.62 27.67
N GLU B 983 -4.40 -77.88 27.85
CA GLU B 983 -5.24 -78.98 28.31
C GLU B 983 -5.84 -78.64 29.66
N HIS B 984 -5.00 -78.07 30.55
CA HIS B 984 -5.41 -77.67 31.88
C HIS B 984 -6.45 -76.55 31.84
N ILE B 985 -6.25 -75.55 30.97
CA ILE B 985 -7.17 -74.41 30.85
C ILE B 985 -8.56 -74.91 30.39
N LEU B 986 -8.59 -75.84 29.42
CA LEU B 986 -9.82 -76.44 28.91
C LEU B 986 -10.57 -77.16 30.02
N ARG B 987 -9.84 -77.91 30.84
CA ARG B 987 -10.40 -78.68 31.97
C ARG B 987 -10.84 -77.77 33.11
N SER B 988 -10.14 -76.64 33.36
CA SER B 988 -10.51 -75.72 34.44
C SER B 988 -11.83 -75.00 34.15
N SER B 989 -12.15 -74.84 32.85
CA SER B 989 -13.41 -74.22 32.44
C SER B 989 -14.56 -75.18 32.61
N VAL B 990 -14.29 -76.50 32.44
CA VAL B 990 -15.26 -77.57 32.58
C VAL B 990 -15.89 -77.51 33.95
N VAL B 991 -15.11 -77.91 34.95
CA VAL B 991 -15.54 -77.95 36.33
C VAL B 991 -14.95 -76.75 37.06
N GLN B 992 -15.82 -75.83 37.45
CA GLN B 992 -15.42 -74.68 38.25
C GLN B 992 -15.60 -75.15 39.70
N SER B 993 -14.52 -75.12 40.51
CA SER B 993 -14.53 -75.62 41.87
C SER B 993 -15.74 -75.10 42.67
N ARG B 994 -15.79 -73.77 42.93
CA ARG B 994 -16.83 -73.07 43.69
C ARG B 994 -17.24 -73.90 44.90
N TYR B 995 -16.33 -73.96 45.91
CA TYR B 995 -16.49 -74.75 47.13
C TYR B 995 -17.89 -74.61 47.71
N GLY B 996 -18.52 -75.75 47.98
CA GLY B 996 -19.87 -75.82 48.50
C GLY B 996 -20.77 -76.73 47.69
N GLU B 997 -20.46 -76.88 46.38
CA GLU B 997 -21.22 -77.75 45.48
C GLU B 997 -20.30 -78.76 44.81
N THR B 998 -20.79 -80.00 44.68
CA THR B 998 -20.04 -81.14 44.13
C THR B 998 -20.13 -81.27 42.60
N GLY B 999 -21.33 -81.09 42.04
CA GLY B 999 -21.59 -81.27 40.62
C GLY B 999 -21.47 -80.08 39.70
N TRP B 1000 -20.23 -79.73 39.32
CA TRP B 1000 -19.97 -78.64 38.39
C TRP B 1000 -19.66 -79.16 36.98
N SER B 1001 -19.69 -80.50 36.81
CA SER B 1001 -19.43 -81.19 35.55
C SER B 1001 -20.33 -80.72 34.42
N HIS B 1002 -21.64 -80.59 34.70
CA HIS B 1002 -22.67 -80.19 33.74
C HIS B 1002 -22.49 -78.74 33.28
N ARG B 1003 -22.06 -77.84 34.19
CA ARG B 1003 -21.87 -76.41 33.91
C ARG B 1003 -20.97 -76.20 32.72
N ARG B 1004 -21.42 -75.36 31.77
CA ARG B 1004 -20.73 -75.01 30.53
C ARG B 1004 -19.40 -74.29 30.80
N PRO B 1005 -18.47 -74.21 29.80
CA PRO B 1005 -17.18 -73.58 30.08
C PRO B 1005 -17.30 -72.08 30.20
N ASP B 1006 -16.68 -71.50 31.24
CA ASP B 1006 -16.72 -70.07 31.46
C ASP B 1006 -15.80 -69.37 30.49
N ARG B 1007 -16.32 -68.29 29.88
CA ARG B 1007 -15.65 -67.45 28.89
C ARG B 1007 -14.36 -66.85 29.46
N GLU B 1008 -14.39 -66.30 30.69
CA GLU B 1008 -13.23 -65.69 31.34
C GLU B 1008 -12.10 -66.70 31.51
N VAL B 1009 -12.46 -67.96 31.82
CA VAL B 1009 -11.49 -69.04 32.03
C VAL B 1009 -10.66 -69.28 30.74
N LEU B 1010 -11.32 -69.27 29.58
CA LEU B 1010 -10.68 -69.52 28.29
C LEU B 1010 -10.32 -68.21 27.55
N LYS B 1011 -10.57 -67.06 28.20
CA LYS B 1011 -10.26 -65.75 27.65
C LYS B 1011 -8.74 -65.57 27.49
N GLU B 1012 -7.95 -66.14 28.42
CA GLU B 1012 -6.48 -66.08 28.44
C GLU B 1012 -5.87 -66.58 27.15
N VAL B 1013 -6.42 -67.68 26.61
CA VAL B 1013 -5.95 -68.35 25.41
C VAL B 1013 -6.36 -67.59 24.15
N VAL B 1014 -7.60 -67.11 24.10
CA VAL B 1014 -8.11 -66.42 22.92
C VAL B 1014 -7.43 -65.03 22.72
N ASP B 1015 -6.92 -64.43 23.81
CA ASP B 1015 -6.24 -63.14 23.79
C ASP B 1015 -4.70 -63.24 23.71
N SER B 1016 -4.12 -64.46 23.84
CA SER B 1016 -2.67 -64.69 23.82
C SER B 1016 -2.01 -64.23 22.51
N LYS B 1017 -0.77 -63.73 22.62
CA LYS B 1017 0.02 -63.21 21.50
C LYS B 1017 0.59 -64.35 20.66
N TYR B 1018 1.06 -65.40 21.34
CA TYR B 1018 1.71 -66.59 20.77
C TYR B 1018 0.69 -67.50 20.06
N THR B 1019 1.17 -68.44 19.22
CA THR B 1019 0.36 -69.36 18.41
C THR B 1019 -0.40 -70.38 19.27
N VAL B 1020 -1.65 -70.74 18.89
CA VAL B 1020 -2.51 -71.67 19.64
C VAL B 1020 -2.96 -72.86 18.76
N PHE B 1021 -3.41 -72.55 17.55
CA PHE B 1021 -3.95 -73.46 16.54
C PHE B 1021 -2.98 -74.56 16.11
N ASP B 1022 -1.71 -74.44 16.51
CA ASP B 1022 -0.66 -75.41 16.24
C ASP B 1022 -0.96 -76.74 16.92
N VAL B 1023 -1.42 -76.68 18.20
CA VAL B 1023 -1.71 -77.87 19.02
C VAL B 1023 -3.23 -78.20 19.04
N LEU B 1024 -4.11 -77.18 19.18
CA LEU B 1024 -5.58 -77.27 19.30
C LEU B 1024 -6.26 -78.41 18.49
N THR B 1025 -5.80 -78.65 17.24
CA THR B 1025 -6.32 -79.62 16.26
C THR B 1025 -6.51 -81.06 16.76
N LEU B 1026 -5.84 -81.43 17.87
CA LEU B 1026 -5.93 -82.76 18.45
C LEU B 1026 -6.66 -82.75 19.82
N PHE B 1027 -7.29 -81.62 20.20
CA PHE B 1027 -8.01 -81.49 21.47
C PHE B 1027 -9.52 -81.65 21.29
N PHE B 1028 -10.06 -81.35 20.09
CA PHE B 1028 -11.48 -81.61 19.78
C PHE B 1028 -11.66 -83.12 19.60
N ALA B 1029 -10.51 -83.81 19.62
CA ALA B 1029 -10.21 -85.23 19.47
C ALA B 1029 -9.93 -85.90 20.80
N HIS B 1030 -9.96 -87.27 20.83
CA HIS B 1030 -9.67 -88.26 21.90
C HIS B 1030 -9.75 -87.73 23.35
N GLU B 1031 -10.66 -86.80 23.59
CA GLU B 1031 -10.87 -86.20 24.90
C GLU B 1031 -12.31 -86.37 25.29
N ASP B 1032 -12.66 -85.97 26.53
CA ASP B 1032 -14.04 -86.01 27.01
C ASP B 1032 -14.91 -85.17 26.06
N PRO B 1033 -16.15 -85.63 25.70
CA PRO B 1033 -16.98 -84.86 24.76
C PRO B 1033 -17.19 -83.41 25.18
N TYR B 1034 -17.05 -83.12 26.48
CA TYR B 1034 -17.13 -81.79 27.04
C TYR B 1034 -15.82 -81.03 26.74
N VAL B 1035 -14.66 -81.68 26.93
CA VAL B 1035 -13.34 -81.08 26.66
C VAL B 1035 -13.22 -80.80 25.14
N ALA B 1036 -13.81 -81.67 24.28
CA ALA B 1036 -13.85 -81.51 22.83
C ALA B 1036 -14.66 -80.26 22.48
N LEU B 1037 -15.79 -80.03 23.22
CA LEU B 1037 -16.69 -78.88 23.14
C LEU B 1037 -15.92 -77.61 23.51
N ALA B 1038 -15.14 -77.67 24.61
CA ALA B 1038 -14.35 -76.55 25.15
C ALA B 1038 -13.31 -76.10 24.14
N ALA B 1039 -12.63 -77.06 23.46
CA ALA B 1039 -11.63 -76.81 22.44
C ALA B 1039 -12.26 -76.07 21.24
N LEU B 1040 -13.47 -76.52 20.81
CA LEU B 1040 -14.23 -75.92 19.71
C LEU B 1040 -14.52 -74.44 20.02
N GLU B 1041 -14.94 -74.10 21.29
CA GLU B 1041 -15.24 -72.74 21.77
C GLU B 1041 -13.99 -71.84 21.71
N VAL B 1042 -12.84 -72.35 22.20
CA VAL B 1042 -11.55 -71.65 22.21
C VAL B 1042 -11.18 -71.22 20.79
N TYR B 1043 -11.40 -72.14 19.83
CA TYR B 1043 -11.11 -71.93 18.41
C TYR B 1043 -11.94 -70.78 17.86
N VAL B 1044 -13.26 -70.76 18.10
CA VAL B 1044 -14.18 -69.72 17.59
C VAL B 1044 -13.79 -68.32 18.08
N ARG B 1045 -13.58 -68.15 19.40
CA ARG B 1045 -13.24 -66.89 20.03
C ARG B 1045 -11.84 -66.36 19.64
N ARG B 1046 -11.04 -67.19 18.94
CA ARG B 1046 -9.68 -66.82 18.52
C ARG B 1046 -9.51 -66.74 16.99
N ALA B 1047 -10.30 -67.51 16.22
CA ALA B 1047 -10.22 -67.54 14.74
C ALA B 1047 -10.99 -66.40 14.09
N TYR B 1048 -12.11 -65.99 14.68
CA TYR B 1048 -12.95 -64.92 14.15
C TYR B 1048 -13.00 -63.78 15.23
N ARG B 1049 -11.80 -63.20 15.51
CA ARG B 1049 -11.53 -62.15 16.51
C ARG B 1049 -12.09 -60.77 16.10
N ALA B 1050 -11.83 -60.29 14.85
CA ALA B 1050 -12.30 -59.00 14.32
C ALA B 1050 -13.82 -58.90 14.34
N TYR B 1051 -14.49 -60.06 14.20
CA TYR B 1051 -15.93 -60.25 14.26
C TYR B 1051 -16.46 -59.95 15.65
N ASN B 1052 -17.78 -59.96 15.81
CA ASN B 1052 -18.36 -59.74 17.12
C ASN B 1052 -18.90 -61.04 17.70
N LEU B 1053 -18.66 -61.21 19.00
CA LEU B 1053 -19.06 -62.33 19.86
C LEU B 1053 -20.58 -62.43 19.99
N ARG B 1054 -21.10 -63.66 20.21
CA ARG B 1054 -22.54 -63.87 20.38
C ARG B 1054 -22.84 -65.14 21.19
N GLU B 1055 -24.13 -65.53 21.25
CA GLU B 1055 -24.64 -66.73 21.92
C GLU B 1055 -24.05 -68.01 21.33
N VAL B 1056 -23.69 -68.96 22.21
CA VAL B 1056 -23.12 -70.26 21.85
C VAL B 1056 -24.12 -71.36 22.25
N ARG B 1057 -24.42 -72.29 21.31
CA ARG B 1057 -25.32 -73.41 21.54
C ARG B 1057 -24.68 -74.73 21.12
N TYR B 1058 -24.63 -75.69 22.05
CA TYR B 1058 -24.09 -77.03 21.80
C TYR B 1058 -25.23 -78.06 21.85
N HIS B 1059 -25.40 -78.82 20.77
CA HIS B 1059 -26.44 -79.84 20.68
C HIS B 1059 -25.81 -81.24 20.64
N ASP B 1060 -26.54 -82.27 21.13
CA ASP B 1060 -26.02 -83.64 21.12
C ASP B 1060 -27.01 -84.59 20.43
N GLU B 1061 -26.54 -85.22 19.36
CA GLU B 1061 -27.31 -86.18 18.59
C GLU B 1061 -26.52 -87.48 18.54
N GLU B 1062 -25.92 -87.81 17.37
CA GLU B 1062 -25.11 -89.01 17.15
C GLU B 1062 -23.64 -88.77 17.59
N ARG B 1063 -22.91 -87.95 16.81
CA ARG B 1063 -21.50 -87.61 17.00
C ARG B 1063 -21.36 -86.37 17.93
N PRO B 1064 -20.66 -86.47 19.08
CA PRO B 1064 -20.53 -85.29 19.97
C PRO B 1064 -19.64 -84.22 19.33
N TYR B 1065 -20.27 -83.25 18.63
CA TYR B 1065 -19.56 -82.19 17.91
C TYR B 1065 -20.32 -80.84 17.84
N PHE B 1066 -21.62 -80.86 17.41
CA PHE B 1066 -22.50 -79.73 17.05
C PHE B 1066 -22.33 -78.45 17.89
N ILE B 1067 -21.66 -77.44 17.28
CA ILE B 1067 -21.49 -76.11 17.87
C ILE B 1067 -22.15 -75.09 16.94
N ASP B 1068 -22.96 -74.19 17.51
CA ASP B 1068 -23.63 -73.17 16.72
C ASP B 1068 -23.24 -71.77 17.21
N TRP B 1069 -22.70 -70.94 16.29
CA TRP B 1069 -22.26 -69.57 16.58
C TRP B 1069 -22.90 -68.60 15.61
N ASP B 1070 -23.15 -67.37 16.06
CA ASP B 1070 -23.78 -66.39 15.19
C ASP B 1070 -22.93 -65.12 15.12
N PHE B 1071 -22.90 -64.47 13.94
CA PHE B 1071 -22.14 -63.25 13.69
C PHE B 1071 -23.01 -62.22 13.00
N VAL B 1091 -17.10 -58.33 11.26
CA VAL B 1091 -18.42 -57.75 11.01
C VAL B 1091 -18.49 -56.22 11.26
N PRO B 1092 -17.56 -55.56 12.03
CA PRO B 1092 -17.72 -54.11 12.24
C PRO B 1092 -17.64 -53.34 10.91
N SER B 1093 -16.65 -53.69 10.07
CA SER B 1093 -16.41 -53.17 8.71
C SER B 1093 -16.48 -51.62 8.58
N SER B 1094 -15.65 -50.93 9.39
CA SER B 1094 -15.41 -49.47 9.45
C SER B 1094 -14.32 -49.20 10.50
N PRO B 1095 -14.53 -49.41 11.85
CA PRO B 1095 -13.43 -49.20 12.79
C PRO B 1095 -12.72 -50.53 13.15
N ALA B 1096 -12.96 -51.59 12.36
CA ALA B 1096 -12.37 -52.93 12.55
C ALA B 1096 -10.89 -52.97 12.17
N THR B 1097 -10.34 -54.18 11.94
CA THR B 1097 -8.95 -54.42 11.54
C THR B 1097 -8.66 -53.70 10.20
N PRO B 1098 -7.42 -53.16 9.96
CA PRO B 1098 -7.14 -52.39 8.73
C PRO B 1098 -7.76 -52.86 7.40
N VAL B 1099 -8.93 -52.29 7.05
CA VAL B 1099 -9.66 -52.59 5.81
C VAL B 1099 -10.21 -51.30 5.18
N GLU B 1100 -10.75 -51.41 3.96
CA GLU B 1100 -11.34 -50.27 3.27
C GLU B 1100 -12.80 -50.53 2.97
N ASN B 1101 -13.65 -49.56 3.35
CA ASN B 1101 -15.11 -49.64 3.21
C ASN B 1101 -15.68 -48.40 2.53
N ASP B 1102 -16.58 -48.61 1.58
CA ASP B 1102 -17.23 -47.57 0.79
C ASP B 1102 -18.73 -47.57 1.06
N PHE B 1103 -19.30 -46.38 1.36
CA PHE B 1103 -20.72 -46.15 1.68
C PHE B 1103 -21.12 -47.06 2.86
N LYS B 1104 -22.14 -47.91 2.70
CA LYS B 1104 -22.61 -48.85 3.71
C LYS B 1104 -22.46 -50.27 3.19
N ARG B 1105 -21.53 -51.04 3.78
CA ARG B 1105 -21.26 -52.43 3.38
C ARG B 1105 -20.50 -53.18 4.49
N ILE B 1106 -20.75 -54.50 4.59
CA ILE B 1106 -20.09 -55.40 5.53
C ILE B 1106 -19.77 -56.68 4.75
N HIS B 1107 -18.46 -56.95 4.56
CA HIS B 1107 -17.99 -58.15 3.84
C HIS B 1107 -17.24 -59.08 4.81
N SER B 1108 -16.81 -60.27 4.31
CA SER B 1108 -16.06 -61.28 5.07
C SER B 1108 -14.54 -61.09 4.97
N ILE B 1109 -13.79 -61.81 5.84
CA ILE B 1109 -12.32 -61.76 5.92
C ILE B 1109 -11.68 -62.57 4.78
N SER B 1110 -12.13 -63.81 4.57
CA SER B 1110 -11.65 -64.68 3.50
C SER B 1110 -12.40 -64.33 2.22
N ASP B 1111 -13.74 -64.16 2.31
CA ASP B 1111 -14.57 -63.76 1.17
C ASP B 1111 -14.63 -62.23 1.12
N MET B 1112 -13.68 -61.60 0.40
CA MET B 1112 -13.58 -60.14 0.28
C MET B 1112 -14.79 -59.48 -0.40
N THR B 1113 -15.59 -60.26 -1.19
CA THR B 1113 -16.79 -59.76 -1.88
C THR B 1113 -18.00 -60.67 -1.54
N TYR B 1114 -18.76 -60.31 -0.48
CA TYR B 1114 -19.96 -61.03 -0.04
C TYR B 1114 -21.20 -60.33 -0.63
N LEU B 1115 -21.68 -59.25 0.00
CA LEU B 1115 -22.82 -58.43 -0.43
C LEU B 1115 -22.63 -56.99 0.05
N ALA B 1116 -22.45 -56.07 -0.91
CA ALA B 1116 -22.22 -54.64 -0.67
C ALA B 1116 -23.52 -53.86 -0.52
N ARG B 1117 -24.59 -54.28 -1.25
CA ARG B 1117 -25.95 -53.69 -1.29
C ARG B 1117 -26.29 -52.91 -0.01
N ARG B 1118 -26.23 -53.61 1.15
CA ARG B 1118 -26.45 -53.19 2.53
C ARG B 1118 -26.71 -54.45 3.37
N THR B 1119 -26.25 -54.47 4.63
CA THR B 1119 -26.42 -55.62 5.50
C THR B 1119 -27.57 -55.38 6.50
N ARG B 1120 -28.52 -54.48 6.14
CA ARG B 1120 -29.71 -54.15 6.94
C ARG B 1120 -30.73 -55.31 6.88
N ASP B 1121 -30.67 -56.13 5.79
CA ASP B 1121 -31.52 -57.30 5.55
C ASP B 1121 -30.67 -58.46 5.02
N GLU B 1122 -30.07 -59.24 5.95
CA GLU B 1122 -29.24 -60.42 5.66
C GLU B 1122 -29.27 -61.40 6.85
N PRO B 1123 -29.28 -62.75 6.63
CA PRO B 1123 -29.30 -63.67 7.78
C PRO B 1123 -27.94 -63.78 8.46
N ILE B 1124 -27.95 -63.88 9.80
CA ILE B 1124 -26.76 -63.96 10.65
C ILE B 1124 -25.88 -65.17 10.29
N ARG B 1125 -24.56 -64.94 10.27
CA ARG B 1125 -23.56 -65.97 9.95
C ARG B 1125 -23.48 -66.97 11.09
N LYS B 1126 -23.40 -68.25 10.76
CA LYS B 1126 -23.34 -69.32 11.74
C LYS B 1126 -22.00 -70.04 11.69
N GLY B 1127 -21.37 -70.24 12.85
CA GLY B 1127 -20.10 -70.92 13.00
C GLY B 1127 -20.24 -72.36 13.42
N VAL B 1128 -19.77 -73.29 12.57
CA VAL B 1128 -19.81 -74.75 12.78
C VAL B 1128 -18.38 -75.32 12.74
N ILE B 1129 -18.01 -76.24 13.67
CA ILE B 1129 -16.68 -76.90 13.71
C ILE B 1129 -16.88 -78.41 13.94
N VAL B 1130 -16.52 -79.24 12.93
CA VAL B 1130 -16.72 -80.69 12.95
C VAL B 1130 -15.39 -81.49 13.20
N PRO B 1131 -15.07 -81.90 14.45
CA PRO B 1131 -13.85 -82.72 14.65
C PRO B 1131 -14.14 -84.20 14.31
N CYS B 1132 -13.48 -84.69 13.24
CA CYS B 1132 -13.63 -86.06 12.71
C CYS B 1132 -12.31 -86.80 12.79
N LYS B 1133 -12.35 -88.03 13.32
CA LYS B 1133 -11.19 -88.92 13.53
C LYS B 1133 -10.49 -89.31 12.23
N ASP B 1134 -11.27 -89.68 11.23
CA ASP B 1134 -10.75 -90.12 9.94
C ASP B 1134 -11.38 -89.33 8.80
N LEU B 1135 -10.73 -89.34 7.64
CA LEU B 1135 -11.14 -88.65 6.41
C LEU B 1135 -12.39 -89.29 5.79
N LEU B 1136 -12.54 -90.63 5.90
CA LEU B 1136 -13.69 -91.37 5.37
C LEU B 1136 -14.89 -91.23 6.30
N ASP B 1137 -14.64 -91.31 7.63
CA ASP B 1137 -15.63 -91.18 8.70
C ASP B 1137 -16.14 -89.74 8.81
N ALA B 1138 -15.40 -88.79 8.21
CA ALA B 1138 -15.74 -87.37 8.17
C ALA B 1138 -17.03 -87.09 7.40
N GLU B 1139 -17.35 -87.94 6.38
CA GLU B 1139 -18.56 -87.82 5.54
C GLU B 1139 -19.85 -87.91 6.38
N GLU B 1140 -19.86 -88.77 7.42
CA GLU B 1140 -21.00 -88.93 8.32
C GLU B 1140 -21.21 -87.68 9.19
N ALA B 1141 -20.14 -86.91 9.39
CA ALA B 1141 -20.17 -85.67 10.16
C ALA B 1141 -20.28 -84.47 9.20
N LEU B 1142 -20.95 -84.69 8.06
CA LEU B 1142 -21.23 -83.70 7.02
C LEU B 1142 -22.73 -83.75 6.72
N SER B 1143 -23.23 -84.89 6.21
CA SER B 1143 -24.62 -85.14 5.86
C SER B 1143 -25.55 -85.05 7.08
N ARG B 1144 -25.05 -85.46 8.27
CA ARG B 1144 -25.81 -85.39 9.52
C ARG B 1144 -25.57 -84.05 10.20
N ALA B 1145 -24.39 -83.45 9.94
CA ALA B 1145 -23.96 -82.16 10.46
C ALA B 1145 -24.80 -81.00 9.92
N LEU B 1146 -25.22 -81.12 8.65
CA LEU B 1146 -25.99 -80.11 7.94
C LEU B 1146 -27.46 -80.06 8.40
N GLU B 1147 -27.97 -81.14 9.03
CA GLU B 1147 -29.35 -81.28 9.50
C GLU B 1147 -29.76 -80.21 10.53
N VAL B 1148 -28.80 -79.66 11.31
CA VAL B 1148 -29.11 -78.64 12.31
C VAL B 1148 -28.70 -77.26 11.73
N LEU B 1149 -29.24 -76.94 10.54
CA LEU B 1149 -29.02 -75.68 9.83
C LEU B 1149 -30.32 -75.27 9.10
N PRO B 1150 -31.04 -74.24 9.59
CA PRO B 1150 -32.28 -73.84 8.92
C PRO B 1150 -32.00 -72.99 7.67
N ALA B 1191 -23.12 -67.93 6.19
CA ALA B 1191 -22.74 -68.95 7.16
C ALA B 1191 -21.32 -69.50 6.87
N VAL B 1192 -20.67 -70.11 7.90
CA VAL B 1192 -19.31 -70.70 7.83
C VAL B 1192 -19.24 -72.06 8.56
N VAL B 1193 -18.70 -73.08 7.86
CA VAL B 1193 -18.55 -74.42 8.44
C VAL B 1193 -17.07 -74.82 8.31
N ASN B 1194 -16.49 -75.23 9.44
CA ASN B 1194 -15.10 -75.66 9.59
C ASN B 1194 -15.12 -77.17 9.93
N VAL B 1195 -14.12 -77.95 9.47
CA VAL B 1195 -14.07 -79.40 9.73
C VAL B 1195 -12.65 -79.79 10.21
N ALA B 1196 -12.51 -80.19 11.50
CA ALA B 1196 -11.22 -80.57 12.10
C ALA B 1196 -10.92 -82.04 11.94
N VAL B 1197 -9.67 -82.38 11.63
CA VAL B 1197 -9.25 -83.76 11.45
C VAL B 1197 -8.17 -84.05 12.48
N ARG B 1198 -8.20 -85.28 12.99
CA ARG B 1198 -7.36 -85.72 14.07
C ARG B 1198 -6.40 -86.84 13.65
N ASP B 1199 -6.20 -87.06 12.33
CA ASP B 1199 -5.25 -88.09 11.90
C ASP B 1199 -3.96 -87.43 11.39
N ALA B 1200 -3.03 -87.16 12.32
CA ALA B 1200 -1.73 -86.56 12.05
C ALA B 1200 -0.79 -87.55 11.31
N GLU B 1201 -1.27 -88.79 11.11
CA GLU B 1201 -0.58 -89.93 10.48
C GLU B 1201 -0.28 -89.72 8.98
N GLY B 1202 -1.33 -89.64 8.15
CA GLY B 1202 -1.19 -89.51 6.71
C GLY B 1202 -1.69 -88.17 6.19
N LYS B 1203 -0.74 -87.31 5.77
CA LYS B 1203 -1.02 -85.97 5.25
C LYS B 1203 -0.87 -85.97 3.74
N ASN B 1204 -1.97 -86.27 3.06
CA ASN B 1204 -1.98 -86.31 1.61
C ASN B 1204 -2.03 -84.91 1.01
N ASP B 1205 -1.64 -84.82 -0.25
CA ASP B 1205 -1.68 -83.62 -1.07
C ASP B 1205 -2.10 -84.12 -2.43
N GLU B 1206 -3.19 -83.56 -2.96
CA GLU B 1206 -3.85 -83.96 -4.21
C GLU B 1206 -4.68 -85.22 -3.93
N GLU B 1207 -4.12 -86.17 -3.17
CA GLU B 1207 -4.78 -87.40 -2.74
C GLU B 1207 -5.73 -87.10 -1.61
N ILE B 1208 -5.53 -85.97 -0.94
CA ILE B 1208 -6.38 -85.47 0.13
C ILE B 1208 -7.49 -84.71 -0.54
N LEU B 1209 -7.17 -84.08 -1.70
CA LEU B 1209 -8.07 -83.29 -2.52
C LEU B 1209 -9.01 -84.19 -3.29
N ALA B 1210 -8.56 -85.41 -3.64
CA ALA B 1210 -9.36 -86.42 -4.33
C ALA B 1210 -10.15 -87.25 -3.31
N LEU B 1211 -9.98 -86.93 -2.03
CA LEU B 1211 -10.63 -87.61 -0.91
C LEU B 1211 -11.66 -86.70 -0.25
N ILE B 1212 -11.64 -85.40 -0.57
CA ILE B 1212 -12.57 -84.40 -0.02
C ILE B 1212 -13.53 -83.92 -1.12
N LYS B 1213 -13.11 -83.96 -2.39
CA LYS B 1213 -13.94 -83.61 -3.54
C LYS B 1213 -15.11 -84.60 -3.75
N PRO B 1214 -14.97 -85.94 -3.51
CA PRO B 1214 -16.14 -86.82 -3.71
C PRO B 1214 -17.27 -86.54 -2.73
N TRP B 1215 -16.96 -85.99 -1.55
CA TRP B 1215 -17.98 -85.66 -0.55
C TRP B 1215 -18.69 -84.35 -0.91
N VAL B 1216 -17.99 -83.39 -1.56
CA VAL B 1216 -18.53 -82.07 -1.93
C VAL B 1216 -19.37 -82.15 -3.23
N GLN B 1217 -18.98 -83.03 -4.18
CA GLN B 1217 -19.73 -83.15 -5.44
C GLN B 1217 -21.02 -83.95 -5.21
N ASN B 1218 -21.01 -84.86 -4.23
CA ASN B 1218 -22.15 -85.69 -3.83
C ASN B 1218 -23.21 -84.84 -3.14
N SER B 1219 -22.77 -83.99 -2.20
CA SER B 1219 -23.64 -83.10 -1.44
C SER B 1219 -23.56 -81.68 -2.03
N LYS B 1220 -23.62 -81.57 -3.37
CA LYS B 1220 -23.54 -80.29 -4.08
C LYS B 1220 -24.81 -79.45 -3.90
N ALA B 1221 -25.94 -80.10 -3.56
CA ALA B 1221 -27.24 -79.49 -3.33
C ALA B 1221 -27.57 -79.37 -1.84
N ASP B 1222 -26.93 -80.23 -1.01
CA ASP B 1222 -27.10 -80.26 0.45
C ASP B 1222 -26.53 -78.98 1.08
N LEU B 1223 -25.29 -78.60 0.70
CA LEU B 1223 -24.56 -77.41 1.17
C LEU B 1223 -25.14 -76.14 0.56
N LEU B 1224 -25.70 -76.25 -0.64
CA LEU B 1224 -26.30 -75.18 -1.41
C LEU B 1224 -27.62 -74.68 -0.79
N ALA B 1225 -28.49 -75.62 -0.34
CA ALA B 1225 -29.80 -75.34 0.24
C ALA B 1225 -29.74 -74.56 1.56
N ARG B 1226 -28.74 -74.84 2.41
CA ARG B 1226 -28.57 -74.18 3.71
C ARG B 1226 -27.98 -72.75 3.58
N ARG B 1227 -27.53 -72.35 2.35
CA ARG B 1227 -26.98 -71.02 1.98
C ARG B 1227 -25.64 -70.68 2.69
N VAL B 1228 -24.79 -71.68 2.96
CA VAL B 1228 -23.48 -71.50 3.60
C VAL B 1228 -22.47 -71.06 2.51
N ARG B 1229 -21.64 -70.03 2.82
CA ARG B 1229 -20.68 -69.48 1.86
C ARG B 1229 -19.36 -70.27 1.86
N ARG B 1230 -18.72 -70.45 3.04
CA ARG B 1230 -17.40 -71.07 3.21
C ARG B 1230 -17.42 -72.42 3.93
N LEU B 1231 -16.52 -73.32 3.49
CA LEU B 1231 -16.28 -74.66 4.06
C LEU B 1231 -14.77 -74.85 4.22
N THR B 1232 -14.27 -74.62 5.45
CA THR B 1232 -12.85 -74.73 5.80
C THR B 1232 -12.56 -76.14 6.37
N PHE B 1233 -11.28 -76.57 6.34
CA PHE B 1233 -10.80 -77.85 6.85
C PHE B 1233 -9.49 -77.67 7.62
N ILE B 1234 -9.42 -78.13 8.87
CA ILE B 1234 -8.25 -78.01 9.76
C ILE B 1234 -7.58 -79.37 9.95
N CYS B 1235 -6.26 -79.44 9.68
CA CYS B 1235 -5.53 -80.70 9.81
C CYS B 1235 -4.19 -80.50 10.52
N GLY B 1236 -4.17 -80.79 11.82
CA GLY B 1236 -2.97 -80.62 12.63
C GLY B 1236 -2.11 -81.85 12.85
N ARG B 1237 -0.81 -81.60 13.05
CA ARG B 1237 0.26 -82.58 13.27
C ARG B 1237 0.82 -82.48 14.69
N ASN B 1238 1.18 -83.63 15.26
CA ASN B 1238 1.71 -83.78 16.63
C ASN B 1238 3.21 -83.42 16.77
N ASP B 1239 3.88 -82.99 15.69
CA ASP B 1239 5.30 -82.66 15.70
C ASP B 1239 5.56 -81.14 15.73
N GLY B 1240 4.48 -80.36 15.86
CA GLY B 1240 4.52 -78.90 15.91
C GLY B 1240 4.33 -78.22 14.57
N SER B 1241 3.84 -78.97 13.56
CA SER B 1241 3.60 -78.43 12.22
C SER B 1241 2.20 -77.78 12.13
N TYR B 1242 2.14 -76.55 11.57
CA TYR B 1242 0.92 -75.73 11.38
C TYR B 1242 -0.16 -76.46 10.61
N PRO B 1243 -1.46 -76.33 11.01
CA PRO B 1243 -2.52 -77.07 10.32
C PRO B 1243 -2.74 -76.65 8.86
N SER B 1244 -3.18 -77.62 8.04
CA SER B 1244 -3.46 -77.47 6.61
C SER B 1244 -4.94 -77.15 6.40
N TYR B 1245 -5.22 -76.10 5.61
CA TYR B 1245 -6.58 -75.62 5.33
C TYR B 1245 -6.97 -75.72 3.87
N TYR B 1246 -8.23 -76.10 3.65
CA TYR B 1246 -8.83 -76.26 2.33
C TYR B 1246 -10.18 -75.57 2.37
N THR B 1247 -10.37 -74.52 1.54
CA THR B 1247 -11.62 -73.77 1.60
C THR B 1247 -12.40 -73.86 0.27
N PHE B 1248 -13.70 -74.20 0.40
CA PHE B 1248 -14.68 -74.31 -0.70
C PHE B 1248 -15.63 -73.12 -0.63
N ARG B 1249 -15.83 -72.40 -1.75
CA ARG B 1249 -16.68 -71.21 -1.75
C ARG B 1249 -17.44 -71.00 -3.06
N GLY B 1250 -18.58 -70.32 -2.96
CA GLY B 1250 -19.44 -69.97 -4.08
C GLY B 1250 -20.70 -70.79 -4.19
N PRO B 1251 -21.25 -70.96 -5.41
CA PRO B 1251 -22.48 -71.74 -5.56
C PRO B 1251 -22.22 -73.25 -5.64
N ASP B 1252 -21.30 -73.67 -6.53
CA ASP B 1252 -20.93 -75.07 -6.74
C ASP B 1252 -19.79 -75.49 -5.82
N TYR B 1253 -19.13 -74.49 -5.18
CA TYR B 1253 -17.99 -74.63 -4.26
C TYR B 1253 -16.83 -75.29 -5.03
N ALA B 1254 -16.28 -74.51 -5.98
CA ALA B 1254 -15.19 -74.89 -6.90
C ALA B 1254 -13.82 -75.01 -6.21
N GLU B 1255 -13.73 -74.63 -4.92
CA GLU B 1255 -12.52 -74.62 -4.09
C GLU B 1255 -11.55 -73.58 -4.60
N ASP B 1256 -11.46 -72.45 -3.89
CA ASP B 1256 -10.53 -71.41 -4.25
C ASP B 1256 -9.15 -71.85 -3.78
N ASP B 1257 -8.27 -72.11 -4.74
CA ASP B 1257 -6.90 -72.53 -4.50
C ASP B 1257 -6.10 -71.43 -3.82
N SER B 1258 -6.62 -70.18 -3.87
CA SER B 1258 -6.03 -68.98 -3.27
C SER B 1258 -5.87 -69.16 -1.76
N ILE B 1259 -6.98 -69.48 -1.04
CA ILE B 1259 -6.95 -69.70 0.41
C ILE B 1259 -6.68 -71.18 0.65
N ARG B 1260 -5.45 -71.46 1.10
CA ARG B 1260 -4.92 -72.77 1.43
C ARG B 1260 -3.97 -72.62 2.60
N HIS B 1261 -3.91 -73.65 3.47
CA HIS B 1261 -3.04 -73.74 4.67
C HIS B 1261 -3.10 -72.49 5.56
N ILE B 1262 -4.14 -71.66 5.37
CA ILE B 1262 -4.35 -70.42 6.11
C ILE B 1262 -5.81 -70.32 6.56
N GLU B 1263 -5.99 -69.70 7.72
CA GLU B 1263 -7.26 -69.50 8.42
C GLU B 1263 -8.06 -68.31 7.87
N PRO B 1264 -9.40 -68.22 8.13
CA PRO B 1264 -10.14 -67.02 7.75
C PRO B 1264 -9.48 -65.78 8.35
N SER B 1265 -9.08 -65.85 9.65
CA SER B 1265 -8.35 -64.81 10.38
C SER B 1265 -7.09 -64.41 9.64
N LEU B 1266 -6.35 -65.44 9.17
CA LEU B 1266 -5.10 -65.33 8.44
C LEU B 1266 -5.31 -64.78 7.02
N ALA B 1267 -6.58 -64.73 6.52
CA ALA B 1267 -6.87 -64.19 5.20
C ALA B 1267 -6.71 -62.65 5.17
N PHE B 1268 -6.77 -62.01 6.34
CA PHE B 1268 -6.61 -60.56 6.50
C PHE B 1268 -5.15 -60.15 6.37
N GLN B 1269 -4.25 -60.83 7.11
CA GLN B 1269 -2.81 -60.55 7.14
C GLN B 1269 -2.21 -60.76 5.76
N LEU B 1270 -2.66 -61.83 5.06
CA LEU B 1270 -2.27 -62.16 3.69
C LEU B 1270 -2.79 -61.06 2.74
N GLU B 1271 -3.88 -60.40 3.17
CA GLU B 1271 -4.56 -59.29 2.54
C GLU B 1271 -5.23 -59.69 1.23
N LEU B 1272 -4.45 -59.98 0.16
CA LEU B 1272 -4.87 -60.37 -1.19
C LEU B 1272 -5.84 -59.34 -1.85
N GLY B 1273 -6.07 -58.24 -1.15
CA GLY B 1273 -6.86 -57.11 -1.62
C GLY B 1273 -5.95 -56.13 -2.31
N ARG B 1274 -4.65 -56.45 -2.30
CA ARG B 1274 -3.56 -55.69 -2.91
C ARG B 1274 -3.24 -56.28 -4.29
N LEU B 1275 -4.07 -57.26 -4.73
CA LEU B 1275 -3.95 -57.94 -6.01
C LEU B 1275 -5.33 -58.10 -6.65
N SER B 1276 -6.10 -57.00 -6.69
CA SER B 1276 -7.43 -56.98 -7.28
C SER B 1276 -7.34 -56.77 -8.79
N LYS B 1277 -6.28 -56.07 -9.25
CA LYS B 1277 -5.97 -55.74 -10.63
C LYS B 1277 -5.22 -56.91 -11.34
N PHE B 1278 -5.35 -58.13 -10.81
CA PHE B 1278 -4.67 -59.30 -11.35
C PHE B 1278 -5.54 -60.56 -11.33
N LYS B 1279 -5.24 -61.50 -12.24
CA LYS B 1279 -5.88 -62.81 -12.31
C LYS B 1279 -4.90 -63.83 -11.71
N LEU B 1280 -5.18 -64.23 -10.45
CA LEU B 1280 -4.34 -65.11 -9.64
C LEU B 1280 -4.62 -66.60 -9.81
N THR B 1281 -3.53 -67.37 -9.91
CA THR B 1281 -3.53 -68.83 -10.00
C THR B 1281 -2.40 -69.31 -9.10
N PRO B 1282 -2.74 -69.90 -7.93
CA PRO B 1282 -1.71 -70.34 -6.98
C PRO B 1282 -0.95 -71.56 -7.46
N VAL B 1283 0.26 -71.76 -6.90
CA VAL B 1283 1.16 -72.87 -7.20
C VAL B 1283 1.64 -73.52 -5.88
N PHE B 1284 2.00 -74.81 -5.94
CA PHE B 1284 2.41 -75.64 -4.81
C PHE B 1284 3.64 -75.09 -4.06
N THR B 1285 3.55 -75.16 -2.72
CA THR B 1285 4.59 -74.78 -1.76
C THR B 1285 4.79 -75.92 -0.77
N GLN B 1286 6.05 -76.35 -0.57
CA GLN B 1286 6.46 -77.41 0.35
C GLN B 1286 6.18 -77.01 1.81
N ASN B 1287 6.35 -75.70 2.10
CA ASN B 1287 6.08 -75.09 3.40
C ASN B 1287 4.66 -74.53 3.32
N LYS B 1288 3.79 -74.97 4.24
CA LYS B 1288 2.37 -74.60 4.30
C LYS B 1288 2.16 -73.12 4.68
N ASN B 1289 3.15 -72.51 5.33
CA ASN B 1289 3.13 -71.11 5.75
C ASN B 1289 3.20 -70.14 4.56
N ILE B 1290 4.00 -70.47 3.54
CA ILE B 1290 4.23 -69.65 2.33
C ILE B 1290 3.26 -70.04 1.18
N HIS B 1291 2.83 -69.06 0.37
CA HIS B 1291 1.93 -69.26 -0.79
C HIS B 1291 2.37 -68.39 -1.96
N VAL B 1292 2.57 -69.02 -3.12
CA VAL B 1292 3.01 -68.32 -4.33
C VAL B 1292 1.86 -68.36 -5.36
N TYR B 1293 1.64 -67.22 -6.04
CA TYR B 1293 0.58 -67.04 -7.03
C TYR B 1293 1.15 -66.51 -8.35
N GLU B 1294 0.64 -67.02 -9.49
CA GLU B 1294 1.04 -66.53 -10.80
C GLU B 1294 0.09 -65.42 -11.20
N ALA B 1295 0.51 -64.17 -11.03
CA ALA B 1295 -0.32 -63.03 -11.36
C ALA B 1295 -0.10 -62.56 -12.79
N VAL B 1296 -1.21 -62.32 -13.48
CA VAL B 1296 -1.26 -61.87 -14.87
C VAL B 1296 -2.21 -60.67 -14.93
N GLY B 1297 -1.81 -59.63 -15.67
CA GLY B 1297 -2.63 -58.43 -15.85
C GLY B 1297 -3.96 -58.78 -16.49
N ARG B 1298 -5.07 -58.44 -15.81
CA ARG B 1298 -6.45 -58.74 -16.23
C ARG B 1298 -6.76 -58.18 -17.63
N GLY B 1299 -6.34 -56.94 -17.88
CA GLY B 1299 -6.52 -56.24 -19.16
C GLY B 1299 -5.49 -56.64 -20.20
N VAL B 1300 -4.23 -56.21 -19.99
CA VAL B 1300 -3.11 -56.53 -20.88
C VAL B 1300 -2.36 -57.77 -20.31
N GLU B 1301 -2.12 -58.79 -21.17
CA GLU B 1301 -1.51 -60.07 -20.84
C GLU B 1301 0.04 -60.05 -20.71
N THR B 1302 0.71 -59.00 -21.23
CA THR B 1302 2.19 -58.85 -21.20
C THR B 1302 2.74 -58.90 -19.78
N ASP B 1303 1.91 -58.49 -18.80
CA ASP B 1303 2.26 -58.50 -17.41
C ASP B 1303 2.16 -59.90 -16.86
N ARG B 1304 3.27 -60.42 -16.35
CA ARG B 1304 3.34 -61.77 -15.77
C ARG B 1304 4.32 -61.69 -14.62
N ARG B 1305 3.82 -61.84 -13.40
CA ARG B 1305 4.64 -61.73 -12.20
C ARG B 1305 4.29 -62.80 -11.19
N TYR B 1306 5.27 -63.20 -10.37
CA TYR B 1306 5.06 -64.16 -9.28
C TYR B 1306 5.03 -63.42 -7.96
N PHE B 1307 3.84 -63.32 -7.35
CA PHE B 1307 3.66 -62.66 -6.05
C PHE B 1307 3.61 -63.69 -4.94
N THR B 1308 4.47 -63.51 -3.93
CA THR B 1308 4.55 -64.40 -2.78
C THR B 1308 3.84 -63.75 -1.59
N ARG B 1309 3.07 -64.56 -0.84
CA ARG B 1309 2.32 -64.11 0.34
C ARG B 1309 2.56 -65.09 1.47
N ALA B 1310 3.23 -64.62 2.55
CA ALA B 1310 3.57 -65.48 3.70
C ALA B 1310 3.15 -64.88 5.04
N VAL B 1311 2.88 -65.79 6.02
CA VAL B 1311 2.46 -65.49 7.39
C VAL B 1311 3.36 -66.23 8.41
N VAL B 1312 4.03 -65.46 9.29
CA VAL B 1312 4.87 -66.04 10.34
C VAL B 1312 4.12 -65.92 11.66
N ARG B 1313 3.77 -67.08 12.22
CA ARG B 1313 3.07 -67.12 13.49
C ARG B 1313 4.11 -67.25 14.60
N PRO B 1314 3.92 -66.52 15.71
CA PRO B 1314 4.92 -66.52 16.79
C PRO B 1314 5.15 -67.86 17.46
N GLY B 1315 6.38 -68.05 17.91
CA GLY B 1315 6.76 -69.24 18.66
C GLY B 1315 6.36 -69.06 20.11
N ARG B 1316 5.78 -70.11 20.71
CA ARG B 1316 5.34 -70.10 22.11
C ARG B 1316 6.53 -70.12 23.09
N LEU B 1317 6.34 -69.47 24.27
CA LEU B 1317 7.31 -69.31 25.37
C LEU B 1317 8.49 -68.42 24.94
N ALA B 1324 15.95 -61.73 21.49
CA ALA B 1324 15.94 -60.58 20.57
C ALA B 1324 16.42 -60.96 19.16
N GLU B 1325 17.44 -61.83 19.08
CA GLU B 1325 18.02 -62.32 17.82
C GLU B 1325 17.11 -63.38 17.18
N TYR B 1326 15.88 -63.56 17.72
CA TYR B 1326 14.87 -64.52 17.27
C TYR B 1326 14.34 -64.14 15.90
N LEU B 1327 13.81 -62.90 15.78
CA LEU B 1327 13.19 -62.39 14.55
C LEU B 1327 14.15 -62.31 13.38
N ILE B 1328 15.42 -61.88 13.60
CA ILE B 1328 16.41 -61.74 12.54
C ILE B 1328 16.74 -63.11 11.94
N SER B 1329 16.81 -64.14 12.80
CA SER B 1329 17.05 -65.51 12.37
C SER B 1329 15.78 -66.11 11.78
N GLU B 1330 14.60 -65.69 12.29
CA GLU B 1330 13.28 -66.13 11.80
C GLU B 1330 13.07 -65.65 10.38
N ALA B 1331 13.55 -64.42 10.07
CA ALA B 1331 13.47 -63.79 8.76
C ALA B 1331 14.31 -64.57 7.73
N ASP B 1332 15.52 -65.01 8.13
CA ASP B 1332 16.45 -65.78 7.30
C ASP B 1332 15.85 -67.13 6.88
N ARG B 1333 15.18 -67.82 7.83
CA ARG B 1333 14.54 -69.12 7.64
C ARG B 1333 13.37 -69.03 6.67
N VAL B 1334 12.48 -68.04 6.86
CA VAL B 1334 11.28 -67.86 6.03
C VAL B 1334 11.65 -67.34 4.62
N VAL B 1335 12.63 -66.42 4.51
CA VAL B 1335 13.04 -65.88 3.20
C VAL B 1335 13.80 -66.96 2.41
N ASN B 1336 14.58 -67.83 3.09
CA ASN B 1336 15.29 -68.91 2.39
C ASN B 1336 14.30 -69.92 1.84
N ASP B 1337 13.22 -70.19 2.62
CA ASP B 1337 12.13 -71.11 2.25
C ASP B 1337 11.40 -70.60 1.00
N ILE B 1338 11.21 -69.27 0.91
CA ILE B 1338 10.57 -68.61 -0.23
C ILE B 1338 11.50 -68.72 -1.45
N PHE B 1339 12.81 -68.44 -1.25
CA PHE B 1339 13.87 -68.49 -2.27
C PHE B 1339 14.03 -69.89 -2.86
N ASP B 1340 13.94 -70.91 -2.01
CA ASP B 1340 14.05 -72.31 -2.41
C ASP B 1340 12.80 -72.73 -3.18
N ALA B 1341 11.63 -72.17 -2.82
CA ALA B 1341 10.35 -72.46 -3.49
C ALA B 1341 10.26 -71.76 -4.84
N LEU B 1342 10.76 -70.52 -4.93
CA LEU B 1342 10.77 -69.75 -6.17
C LEU B 1342 11.71 -70.39 -7.18
N GLU B 1343 12.72 -71.11 -6.66
CA GLU B 1343 13.72 -71.81 -7.45
C GLU B 1343 13.12 -73.03 -8.15
N ILE B 1344 12.28 -73.84 -7.44
CA ILE B 1344 11.66 -75.06 -8.00
C ILE B 1344 10.59 -74.76 -9.05
N ILE B 1345 9.83 -73.66 -8.89
CA ILE B 1345 8.81 -73.24 -9.87
C ILE B 1345 9.54 -72.61 -11.07
N GLY B 1346 10.75 -72.11 -10.80
CA GLY B 1346 11.62 -71.49 -11.80
C GLY B 1346 11.36 -70.02 -11.96
N THR B 1347 12.38 -69.28 -12.45
CA THR B 1347 12.28 -67.84 -12.68
C THR B 1347 11.34 -67.56 -13.88
N ASN B 1348 11.29 -68.49 -14.86
CA ASN B 1348 10.48 -68.46 -16.09
C ASN B 1348 10.60 -67.08 -16.77
N LYS B 1349 9.46 -66.38 -17.00
CA LYS B 1349 9.42 -65.03 -17.59
C LYS B 1349 8.58 -64.11 -16.70
N THR B 1350 9.28 -63.29 -15.89
CA THR B 1350 8.65 -62.34 -14.97
C THR B 1350 9.29 -60.96 -15.11
N ASP B 1351 8.48 -59.95 -15.37
CA ASP B 1351 8.93 -58.57 -15.51
C ASP B 1351 9.43 -58.07 -14.15
N LEU B 1352 8.68 -58.39 -13.08
CA LEU B 1352 8.98 -58.05 -11.69
C LEU B 1352 8.49 -59.16 -10.77
N ASN B 1353 8.96 -59.18 -9.52
CA ASN B 1353 8.54 -60.16 -8.52
C ASN B 1353 8.51 -59.52 -7.14
N HIS B 1354 7.45 -59.80 -6.38
CA HIS B 1354 7.21 -59.24 -5.05
C HIS B 1354 6.89 -60.35 -4.03
N MET B 1355 7.24 -60.11 -2.76
CA MET B 1355 6.97 -61.02 -1.63
C MET B 1355 6.54 -60.22 -0.40
N PHE B 1356 5.42 -60.65 0.22
CA PHE B 1356 4.86 -60.02 1.42
C PHE B 1356 4.92 -60.97 2.62
N ILE B 1357 5.46 -60.47 3.75
CA ILE B 1357 5.63 -61.25 4.99
C ILE B 1357 4.93 -60.49 6.14
N ASN B 1358 3.81 -61.04 6.67
CA ASN B 1358 3.03 -60.42 7.76
C ASN B 1358 3.30 -61.13 9.11
N PHE B 1359 3.63 -60.33 10.17
CA PHE B 1359 3.94 -60.83 11.52
C PHE B 1359 2.75 -60.74 12.46
N SER B 1360 2.42 -61.86 13.10
CA SER B 1360 1.32 -61.98 14.07
C SER B 1360 1.78 -61.58 15.48
N HIS B 1361 3.10 -61.70 15.76
CA HIS B 1361 3.66 -61.35 17.07
C HIS B 1361 3.99 -59.88 17.19
N THR B 1362 3.73 -59.35 18.39
CA THR B 1362 3.97 -57.95 18.73
C THR B 1362 5.26 -57.83 19.57
N PHE B 1363 6.39 -58.40 19.09
CA PHE B 1363 7.69 -58.33 19.80
C PHE B 1363 8.21 -56.88 19.75
N GLN B 1364 8.69 -56.35 20.91
CA GLN B 1364 9.20 -54.97 21.06
C GLN B 1364 10.19 -54.63 19.95
N VAL B 1365 9.70 -53.90 18.95
CA VAL B 1365 10.49 -53.51 17.80
C VAL B 1365 10.93 -52.06 17.93
N THR B 1366 12.22 -51.87 17.72
CA THR B 1366 12.87 -50.58 17.67
C THR B 1366 13.34 -50.53 16.24
N ALA B 1367 12.50 -50.00 15.34
CA ALA B 1367 12.72 -49.92 13.90
C ALA B 1367 14.13 -49.42 13.53
N ASP B 1368 14.71 -48.48 14.31
CA ASP B 1368 16.05 -47.93 14.11
C ASP B 1368 17.14 -49.01 14.27
N GLU B 1369 16.90 -50.05 15.12
CA GLU B 1369 17.79 -51.20 15.30
C GLU B 1369 17.52 -52.23 14.22
N VAL B 1370 16.25 -52.33 13.80
CA VAL B 1370 15.75 -53.26 12.78
C VAL B 1370 16.35 -52.88 11.42
N ALA B 1371 16.39 -51.57 11.10
CA ALA B 1371 16.92 -51.00 9.85
C ALA B 1371 18.41 -51.29 9.67
N GLU B 1372 19.19 -51.17 10.77
CA GLU B 1372 20.63 -51.42 10.79
C GLU B 1372 20.89 -52.91 10.53
N SER B 1373 20.09 -53.80 11.18
CA SER B 1373 20.17 -55.24 11.03
C SER B 1373 19.65 -55.71 9.67
N LEU B 1374 18.68 -54.96 9.08
CA LEU B 1374 18.05 -55.24 7.78
C LEU B 1374 19.12 -55.23 6.68
N GLN B 1375 19.98 -54.19 6.69
CA GLN B 1375 21.10 -53.97 5.75
C GLN B 1375 22.00 -55.22 5.68
N GLY B 1376 22.24 -55.84 6.82
CA GLY B 1376 23.07 -57.02 6.99
C GLY B 1376 22.69 -58.26 6.20
N PHE B 1377 21.45 -58.76 6.37
CA PHE B 1377 21.02 -59.99 5.68
C PHE B 1377 20.51 -59.78 4.24
N LEU B 1378 20.11 -58.55 3.86
CA LEU B 1378 19.62 -58.32 2.49
C LEU B 1378 20.75 -58.40 1.43
N ASP B 1379 22.02 -58.10 1.82
CA ASP B 1379 23.15 -58.16 0.90
C ASP B 1379 23.59 -59.61 0.62
N ARG B 1380 23.20 -60.56 1.49
CA ARG B 1380 23.52 -61.99 1.34
C ARG B 1380 22.48 -62.69 0.48
N PHE B 1381 21.18 -62.43 0.74
CA PHE B 1381 20.06 -63.01 0.02
C PHE B 1381 19.85 -62.31 -1.33
N GLY B 1382 20.12 -61.00 -1.37
CA GLY B 1382 20.01 -60.15 -2.57
C GLY B 1382 20.45 -60.79 -3.87
N PRO B 1383 21.70 -61.33 -3.98
CA PRO B 1383 22.13 -61.98 -5.24
C PRO B 1383 21.18 -63.08 -5.72
N ARG B 1384 20.72 -63.96 -4.80
CA ARG B 1384 19.80 -65.06 -5.12
C ARG B 1384 18.44 -64.50 -5.57
N GLY B 1385 17.97 -63.46 -4.89
CA GLY B 1385 16.72 -62.77 -5.19
C GLY B 1385 16.79 -62.00 -6.49
N TRP B 1386 18.00 -61.59 -6.89
CA TRP B 1386 18.25 -60.86 -8.13
C TRP B 1386 18.16 -61.80 -9.33
N ARG B 1387 18.43 -63.10 -9.13
CA ARG B 1387 18.36 -64.14 -10.16
C ARG B 1387 16.91 -64.53 -10.45
N LEU B 1388 16.07 -64.55 -9.40
CA LEU B 1388 14.65 -64.92 -9.47
C LEU B 1388 13.79 -63.78 -10.05
N ARG B 1389 14.42 -62.62 -10.36
CA ARG B 1389 13.84 -61.39 -10.94
C ARG B 1389 12.97 -60.66 -9.92
N VAL B 1390 13.29 -60.80 -8.62
CA VAL B 1390 12.56 -60.15 -7.53
C VAL B 1390 12.99 -58.69 -7.47
N HIS B 1391 12.01 -57.77 -7.57
CA HIS B 1391 12.30 -56.34 -7.52
C HIS B 1391 12.05 -55.75 -6.12
N GLN B 1392 11.00 -56.19 -5.39
CA GLN B 1392 10.75 -55.62 -4.06
C GLN B 1392 10.23 -56.65 -3.03
N VAL B 1393 10.38 -56.30 -1.74
CA VAL B 1393 9.97 -57.10 -0.58
C VAL B 1393 9.34 -56.16 0.49
N GLU B 1394 8.17 -56.59 1.04
CA GLU B 1394 7.44 -55.82 2.04
C GLU B 1394 7.19 -56.64 3.33
N ILE B 1395 7.75 -56.15 4.45
CA ILE B 1395 7.65 -56.75 5.79
C ILE B 1395 6.66 -55.93 6.65
N ARG B 1396 5.82 -56.60 7.48
CA ARG B 1396 4.84 -55.95 8.38
C ARG B 1396 5.08 -56.40 9.85
N ILE B 1397 5.80 -55.57 10.64
CA ILE B 1397 6.18 -55.81 12.05
C ILE B 1397 5.42 -54.88 13.03
N ASN B 1398 5.00 -55.42 14.18
CA ASN B 1398 4.29 -54.66 15.22
C ASN B 1398 5.26 -54.30 16.35
N CYS B 1399 5.27 -53.02 16.78
CA CYS B 1399 6.18 -52.59 17.85
C CYS B 1399 5.41 -52.09 19.10
N MET B 1400 5.59 -52.82 20.22
CA MET B 1400 4.95 -52.44 21.48
C MET B 1400 5.65 -51.22 22.08
N ARG B 1401 6.98 -51.09 21.86
CA ARG B 1401 7.74 -49.94 22.33
C ARG B 1401 7.37 -48.73 21.46
N SER B 1402 6.52 -47.86 22.02
CA SER B 1402 5.98 -46.66 21.38
C SER B 1402 6.45 -45.40 22.10
N GLU B 1407 -1.00 -52.46 29.10
CA GLU B 1407 0.19 -52.80 28.32
C GLU B 1407 0.72 -51.54 27.63
N ASN B 1408 1.09 -51.63 26.33
CA ASN B 1408 1.58 -50.53 25.51
C ASN B 1408 0.93 -50.62 24.11
N ASP B 1409 0.76 -49.48 23.42
CA ASP B 1409 0.15 -49.43 22.09
C ASP B 1409 1.09 -49.99 21.02
N THR B 1410 0.62 -50.99 20.27
CA THR B 1410 1.38 -51.66 19.22
C THR B 1410 1.23 -50.91 17.89
N MET B 1411 2.29 -50.20 17.50
CA MET B 1411 2.37 -49.40 16.29
C MET B 1411 2.92 -50.27 15.13
N PRO B 1412 2.09 -50.64 14.13
CA PRO B 1412 2.61 -51.50 13.04
C PRO B 1412 3.44 -50.68 12.04
N LEU B 1413 4.69 -51.12 11.78
CA LEU B 1413 5.65 -50.44 10.90
C LEU B 1413 5.98 -51.28 9.64
N ARG B 1414 5.46 -50.88 8.46
CA ARG B 1414 5.74 -51.57 7.19
C ARG B 1414 7.10 -51.09 6.63
N VAL B 1415 7.78 -51.90 5.77
CA VAL B 1415 9.07 -51.52 5.18
C VAL B 1415 9.17 -52.11 3.75
N ILE B 1416 9.39 -51.22 2.78
CA ILE B 1416 9.51 -51.61 1.38
C ILE B 1416 10.96 -51.40 0.94
N ILE B 1417 11.55 -52.48 0.45
CA ILE B 1417 12.93 -52.55 -0.01
C ILE B 1417 12.89 -52.86 -1.51
N THR B 1418 13.20 -51.86 -2.37
CA THR B 1418 13.16 -52.07 -3.82
C THR B 1418 14.57 -52.07 -4.40
N ASN B 1419 14.83 -52.96 -5.36
CA ASN B 1419 16.10 -53.13 -6.04
C ASN B 1419 16.08 -52.35 -7.35
N THR B 1420 16.03 -51.01 -7.25
CA THR B 1420 15.98 -50.11 -8.41
C THR B 1420 17.40 -49.63 -8.75
N SER B 1421 17.83 -49.83 -10.03
CA SER B 1421 19.13 -49.50 -10.65
C SER B 1421 20.25 -50.48 -10.25
N GLY B 1422 19.89 -51.75 -10.05
CA GLY B 1422 20.81 -52.82 -9.69
C GLY B 1422 21.20 -52.87 -8.22
N PHE B 1423 21.21 -51.71 -7.56
CA PHE B 1423 21.55 -51.56 -6.14
C PHE B 1423 20.33 -51.08 -5.40
N VAL B 1424 19.94 -51.82 -4.34
CA VAL B 1424 18.75 -51.57 -3.50
C VAL B 1424 18.55 -50.06 -3.26
N ILE B 1425 19.42 -49.43 -2.42
CA ILE B 1425 19.45 -48.01 -2.01
C ILE B 1425 17.99 -47.44 -1.79
N GLN B 1426 17.07 -48.32 -1.33
CA GLN B 1426 15.67 -47.98 -1.07
C GLN B 1426 15.17 -48.68 0.20
N ILE B 1427 15.56 -48.14 1.36
CA ILE B 1427 15.14 -48.67 2.66
C ILE B 1427 14.09 -47.70 3.19
N GLU B 1428 12.83 -48.01 2.87
CA GLU B 1428 11.72 -47.14 3.25
C GLU B 1428 11.01 -47.66 4.48
N LEU B 1429 11.26 -47.02 5.63
CA LEU B 1429 10.67 -47.36 6.92
C LEU B 1429 9.38 -46.54 7.12
N TYR B 1430 8.22 -47.22 7.03
CA TYR B 1430 6.89 -46.61 7.14
C TYR B 1430 6.26 -46.76 8.53
N GLU B 1431 5.03 -46.24 8.67
CA GLU B 1431 4.21 -46.27 9.88
C GLU B 1431 2.71 -46.33 9.47
N GLU B 1432 1.99 -47.34 9.98
CA GLU B 1432 0.57 -47.55 9.72
C GLU B 1432 -0.28 -46.73 10.67
N LYS B 1433 -0.87 -45.64 10.14
CA LYS B 1433 -1.74 -44.73 10.88
C LYS B 1433 -2.97 -44.37 10.03
N LEU B 1434 -4.12 -44.08 10.69
CA LEU B 1434 -5.37 -43.72 10.03
C LEU B 1434 -5.34 -42.28 9.53
N SER B 1435 -5.85 -42.06 8.31
CA SER B 1435 -5.92 -40.76 7.66
C SER B 1435 -7.12 -39.89 8.16
N GLU B 1436 -7.83 -40.32 9.24
CA GLU B 1436 -9.00 -39.66 9.85
C GLU B 1436 -10.24 -39.69 8.91
N LYS B 1437 -10.04 -40.19 7.67
CA LYS B 1437 -11.06 -40.38 6.66
C LYS B 1437 -11.57 -41.85 6.68
N GLY B 1438 -10.95 -42.68 7.51
CA GLY B 1438 -11.32 -44.09 7.67
C GLY B 1438 -10.40 -45.06 6.95
N GLU B 1439 -9.28 -44.54 6.40
CA GLU B 1439 -8.30 -45.32 5.65
C GLU B 1439 -6.98 -45.42 6.40
N TRP B 1440 -6.31 -46.58 6.35
CA TRP B 1440 -5.01 -46.75 6.99
C TRP B 1440 -3.94 -46.42 5.97
N VAL B 1441 -3.16 -45.35 6.21
CA VAL B 1441 -2.18 -44.86 5.23
C VAL B 1441 -0.72 -45.14 5.63
N TYR B 1442 0.18 -44.94 4.66
CA TYR B 1442 1.61 -45.19 4.64
C TYR B 1442 2.45 -43.96 4.94
N TYR B 1443 2.64 -43.64 6.22
CA TYR B 1443 3.44 -42.49 6.67
C TYR B 1443 4.89 -42.93 6.90
N TYR B 1444 5.81 -42.63 5.95
CA TYR B 1444 7.20 -43.06 6.12
C TYR B 1444 8.10 -42.02 6.76
N VAL B 1445 8.92 -42.52 7.69
CA VAL B 1445 9.99 -41.86 8.44
C VAL B 1445 11.22 -42.73 8.15
N SER B 1446 11.45 -42.97 6.85
CA SER B 1446 12.49 -43.82 6.27
C SER B 1446 13.92 -43.38 6.60
N GLY B 1447 14.85 -44.33 6.46
CA GLY B 1447 16.29 -44.10 6.62
C GLY B 1447 16.86 -43.48 5.36
N ASN B 1448 16.02 -43.42 4.31
CA ASN B 1448 16.27 -42.85 2.97
C ASN B 1448 16.15 -41.31 3.02
N ALA B 1449 16.59 -40.62 1.95
CA ALA B 1449 16.54 -39.16 1.79
C ALA B 1449 15.11 -38.61 1.57
N LYS B 1450 14.06 -39.44 1.81
CA LYS B 1450 12.62 -39.10 1.70
C LYS B 1450 12.20 -38.73 0.25
N ILE B 1451 13.05 -39.05 -0.74
CA ILE B 1451 12.71 -38.84 -2.14
C ILE B 1451 12.67 -40.24 -2.73
N GLY B 1452 11.69 -41.00 -2.26
CA GLY B 1452 11.50 -42.38 -2.65
C GLY B 1452 10.33 -42.56 -3.56
N SER B 1453 9.30 -43.26 -3.07
CA SER B 1453 8.03 -43.52 -3.73
C SER B 1453 7.00 -44.01 -2.72
N MET B 1454 5.70 -43.83 -3.03
CA MET B 1454 4.54 -44.22 -2.22
C MET B 1454 4.57 -43.52 -0.85
N HIS B 1455 3.65 -42.58 -0.62
CA HIS B 1455 3.58 -41.94 0.68
C HIS B 1455 2.15 -41.50 0.92
N LEU B 1456 1.67 -41.80 2.15
CA LEU B 1456 0.32 -41.54 2.65
C LEU B 1456 -0.73 -42.10 1.68
N LEU B 1457 -0.59 -43.39 1.33
CA LEU B 1457 -1.52 -44.04 0.42
C LEU B 1457 -2.28 -45.12 1.20
N PRO B 1458 -3.60 -45.40 0.96
CA PRO B 1458 -4.26 -46.45 1.77
C PRO B 1458 -3.59 -47.82 1.65
N VAL B 1459 -3.86 -48.69 2.63
CA VAL B 1459 -3.31 -50.04 2.71
C VAL B 1459 -3.87 -50.97 1.61
N SER B 1460 -4.94 -50.53 0.91
CA SER B 1460 -5.61 -51.29 -0.15
C SER B 1460 -5.09 -50.97 -1.58
N THR B 1461 -3.76 -50.67 -1.75
CA THR B 1461 -3.16 -50.40 -3.07
C THR B 1461 -3.21 -51.68 -3.93
N PRO B 1462 -3.49 -51.62 -5.27
CA PRO B 1462 -3.63 -52.87 -6.03
C PRO B 1462 -2.38 -53.35 -6.79
N TYR B 1463 -1.21 -52.69 -6.57
CA TYR B 1463 0.07 -52.94 -7.24
C TYR B 1463 -0.15 -52.76 -8.76
N PRO B 1464 0.00 -51.50 -9.27
CA PRO B 1464 -0.29 -51.24 -10.69
C PRO B 1464 0.43 -52.12 -11.69
N THR B 1465 -0.31 -52.47 -12.76
CA THR B 1465 0.13 -53.30 -13.88
C THR B 1465 0.74 -52.41 -14.96
N LYS B 1466 1.73 -52.88 -15.71
CA LYS B 1466 2.33 -52.05 -16.77
C LYS B 1466 1.35 -51.77 -17.90
N ASN B 1467 1.50 -50.59 -18.56
CA ASN B 1467 0.68 -50.07 -19.67
C ASN B 1467 -0.67 -49.53 -19.19
N TRP B 1468 -0.83 -49.42 -17.86
CA TRP B 1468 -2.03 -48.91 -17.20
C TRP B 1468 -2.17 -47.40 -17.42
N LEU B 1469 -1.02 -46.73 -17.60
CA LEU B 1469 -0.90 -45.30 -17.80
C LEU B 1469 -1.39 -44.89 -19.20
N GLN B 1470 -1.18 -45.78 -20.19
CA GLN B 1470 -1.52 -45.60 -21.61
C GLN B 1470 -3.01 -45.24 -21.88
N PRO B 1471 -4.05 -45.94 -21.32
CA PRO B 1471 -5.45 -45.58 -21.67
C PRO B 1471 -5.81 -44.13 -21.32
N LYS B 1472 -5.27 -43.59 -20.21
CA LYS B 1472 -5.50 -42.20 -19.78
C LYS B 1472 -4.86 -41.23 -20.75
N ARG B 1473 -3.59 -41.50 -21.10
CA ARG B 1473 -2.78 -40.72 -22.04
C ARG B 1473 -3.55 -40.52 -23.34
N TYR B 1474 -4.27 -41.59 -23.78
CA TYR B 1474 -5.09 -41.58 -24.97
C TYR B 1474 -6.26 -40.58 -24.86
N LYS B 1475 -6.95 -40.52 -23.69
CA LYS B 1475 -8.07 -39.60 -23.45
C LYS B 1475 -7.64 -38.15 -23.56
N ALA B 1476 -6.38 -37.85 -23.18
CA ALA B 1476 -5.82 -36.52 -23.28
C ALA B 1476 -5.36 -36.22 -24.72
N HIS B 1477 -4.69 -37.20 -25.38
CA HIS B 1477 -4.13 -37.08 -26.73
C HIS B 1477 -5.16 -36.92 -27.86
N ILE B 1478 -6.41 -37.36 -27.65
CA ILE B 1478 -7.46 -37.20 -28.65
C ILE B 1478 -7.95 -35.74 -28.67
N LEU B 1479 -7.73 -35.03 -27.54
CA LEU B 1479 -8.10 -33.63 -27.35
C LEU B 1479 -6.98 -32.65 -27.76
N GLY B 1480 -5.83 -33.18 -28.17
CA GLY B 1480 -4.68 -32.41 -28.62
C GLY B 1480 -3.86 -31.82 -27.50
N THR B 1481 -3.65 -32.59 -26.42
CA THR B 1481 -2.88 -32.19 -25.24
C THR B 1481 -2.16 -33.40 -24.65
N GLN B 1482 -1.00 -33.16 -24.05
CA GLN B 1482 -0.22 -34.21 -23.41
C GLN B 1482 -0.87 -34.57 -22.09
N TYR B 1483 -0.78 -35.85 -21.70
CA TYR B 1483 -1.32 -36.28 -20.42
C TYR B 1483 -0.50 -35.63 -19.33
N VAL B 1484 -1.19 -35.06 -18.34
CA VAL B 1484 -0.70 -34.28 -17.20
C VAL B 1484 0.66 -34.78 -16.63
N TYR B 1485 0.80 -36.10 -16.36
CA TYR B 1485 2.02 -36.65 -15.77
C TYR B 1485 3.18 -36.83 -16.80
N ASP B 1486 2.94 -36.54 -18.11
CA ASP B 1486 3.99 -36.61 -19.14
C ASP B 1486 4.75 -35.29 -19.23
N PHE B 1487 4.15 -34.22 -18.67
CA PHE B 1487 4.71 -32.88 -18.66
C PHE B 1487 6.04 -32.79 -17.88
N PRO B 1488 6.24 -33.38 -16.66
CA PRO B 1488 7.56 -33.26 -16.01
C PRO B 1488 8.73 -33.63 -16.94
N GLU B 1489 8.51 -34.62 -17.82
CA GLU B 1489 9.50 -35.04 -18.81
C GLU B 1489 9.76 -33.94 -19.83
N LEU B 1490 8.69 -33.26 -20.32
CA LEU B 1490 8.76 -32.17 -21.30
C LEU B 1490 9.59 -31.01 -20.78
N PHE B 1491 9.46 -30.74 -19.49
CA PHE B 1491 10.16 -29.69 -18.79
C PHE B 1491 11.61 -30.04 -18.61
N ARG B 1492 11.92 -31.31 -18.30
CA ARG B 1492 13.30 -31.78 -18.17
C ARG B 1492 14.06 -31.55 -19.49
N GLN B 1493 13.44 -31.93 -20.63
CA GLN B 1493 14.01 -31.76 -21.97
C GLN B 1493 14.17 -30.29 -22.34
N ALA B 1494 13.24 -29.42 -21.91
CA ALA B 1494 13.29 -27.98 -22.19
C ALA B 1494 14.47 -27.34 -21.43
N ILE B 1495 14.78 -27.85 -20.21
CA ILE B 1495 15.91 -27.39 -19.39
C ILE B 1495 17.20 -27.95 -20.02
N GLN B 1496 17.15 -29.21 -20.49
CA GLN B 1496 18.24 -29.89 -21.19
C GLN B 1496 18.61 -29.07 -22.42
N ASN B 1497 17.60 -28.55 -23.13
CA ASN B 1497 17.71 -27.70 -24.30
C ASN B 1497 18.29 -26.33 -23.93
N SER B 1498 17.89 -25.77 -22.76
CA SER B 1498 18.35 -24.45 -22.30
C SER B 1498 19.85 -24.43 -22.01
N TRP B 1499 20.44 -25.59 -21.64
CA TRP B 1499 21.87 -25.71 -21.37
C TRP B 1499 22.65 -25.90 -22.66
N THR B 1500 22.19 -26.84 -23.52
CA THR B 1500 22.81 -27.20 -24.79
C THR B 1500 23.06 -25.96 -25.68
N GLU B 1501 22.23 -24.91 -25.56
CA GLU B 1501 22.48 -23.70 -26.32
C GLU B 1501 23.41 -22.75 -25.58
N ALA B 1502 23.29 -22.70 -24.24
CA ALA B 1502 24.13 -21.84 -23.40
C ALA B 1502 25.61 -22.25 -23.45
N VAL B 1503 25.89 -23.54 -23.65
CA VAL B 1503 27.24 -24.06 -23.72
C VAL B 1503 27.88 -23.64 -25.07
N LYS B 1504 27.06 -23.49 -26.13
CA LYS B 1504 27.48 -23.08 -27.47
C LYS B 1504 27.80 -21.60 -27.47
N LYS B 1505 26.83 -20.76 -27.04
CA LYS B 1505 26.95 -19.31 -26.93
C LYS B 1505 28.13 -18.94 -26.05
N ILE B 1506 28.18 -19.57 -24.86
CA ILE B 1506 29.22 -19.32 -23.87
C ILE B 1506 30.07 -20.58 -23.75
N PRO B 1507 31.24 -20.58 -24.42
CA PRO B 1507 32.16 -21.71 -24.28
C PRO B 1507 32.79 -21.72 -22.88
N SER B 1508 33.47 -22.82 -22.52
CA SER B 1508 34.14 -23.07 -21.23
C SER B 1508 33.11 -23.18 -20.10
N LEU B 1509 32.40 -22.07 -19.79
CA LEU B 1509 31.33 -21.99 -18.79
C LEU B 1509 30.18 -22.86 -19.30
N ALA B 1510 30.28 -24.16 -18.97
CA ALA B 1510 29.41 -25.24 -19.43
C ALA B 1510 29.45 -26.44 -18.49
N ALA B 1511 30.61 -26.65 -17.82
CA ALA B 1511 30.93 -27.76 -16.92
C ALA B 1511 29.96 -27.92 -15.73
N LYS B 1512 29.04 -26.95 -15.52
CA LYS B 1512 28.07 -27.01 -14.43
C LYS B 1512 26.77 -27.72 -14.87
N GLN B 1513 26.77 -28.30 -16.09
CA GLN B 1513 25.64 -29.04 -16.67
C GLN B 1513 25.38 -30.33 -15.87
N PRO B 1514 24.14 -30.61 -15.44
CA PRO B 1514 23.90 -31.79 -14.59
C PRO B 1514 23.39 -33.03 -15.34
N ALA B 1515 23.90 -33.29 -16.57
CA ALA B 1515 23.56 -34.45 -17.44
C ALA B 1515 22.10 -34.40 -17.96
N ILE B 1516 21.63 -35.51 -18.60
CA ILE B 1516 20.26 -35.67 -19.14
C ILE B 1516 19.28 -35.67 -17.95
N GLY B 1517 19.48 -36.63 -17.05
CA GLY B 1517 18.73 -36.75 -15.81
C GLY B 1517 19.29 -35.77 -14.80
N GLU B 1518 18.73 -35.72 -13.59
CA GLU B 1518 19.16 -34.81 -12.51
C GLU B 1518 19.06 -33.31 -12.95
N CYS B 1519 18.50 -33.03 -14.15
CA CYS B 1519 18.28 -31.68 -14.69
C CYS B 1519 17.28 -30.98 -13.79
N ILE B 1520 16.16 -31.67 -13.53
CA ILE B 1520 15.07 -31.25 -12.67
C ILE B 1520 14.92 -32.28 -11.54
N ASP B 1521 14.40 -31.86 -10.38
CA ASP B 1521 14.19 -32.73 -9.24
C ASP B 1521 12.79 -32.46 -8.68
N TYR B 1522 11.81 -33.08 -9.33
CA TYR B 1522 10.38 -32.98 -9.07
C TYR B 1522 9.91 -33.94 -7.99
N ASN B 1523 8.83 -33.55 -7.32
CA ASN B 1523 8.14 -34.32 -6.29
C ASN B 1523 6.71 -33.86 -6.23
N GLU B 1524 5.77 -34.81 -6.38
CA GLU B 1524 4.32 -34.60 -6.36
C GLU B 1524 3.82 -33.89 -5.10
N LEU B 1525 2.63 -33.27 -5.21
CA LEU B 1525 1.97 -32.58 -4.12
C LEU B 1525 0.54 -33.10 -4.00
N VAL B 1526 0.18 -33.61 -2.81
CA VAL B 1526 -1.15 -34.13 -2.48
C VAL B 1526 -1.49 -33.64 -1.06
N LEU B 1527 -2.72 -33.14 -0.87
CA LEU B 1527 -3.25 -32.60 0.39
C LEU B 1527 -3.13 -33.62 1.54
N GLY B 1528 -2.57 -33.16 2.66
CA GLY B 1528 -2.37 -33.96 3.85
C GLY B 1528 -3.64 -34.24 4.64
N ASP B 1529 -3.45 -34.78 5.83
CA ASP B 1529 -4.50 -35.15 6.76
C ASP B 1529 -5.40 -33.96 7.14
N GLN B 1530 -4.77 -32.84 7.53
CA GLN B 1530 -5.40 -31.61 8.01
C GLN B 1530 -5.49 -30.54 6.91
N ASP B 1531 -5.71 -30.96 5.63
CA ASP B 1531 -5.83 -30.08 4.45
C ASP B 1531 -4.52 -29.29 4.21
N ASN B 1532 -3.36 -29.84 4.64
CA ASN B 1532 -2.06 -29.19 4.51
C ASN B 1532 -1.10 -30.02 3.65
N LEU B 1533 -0.74 -29.47 2.49
CA LEU B 1533 0.13 -30.00 1.43
C LEU B 1533 1.45 -30.60 1.95
N ALA B 1534 1.93 -31.64 1.25
CA ALA B 1534 3.18 -32.33 1.56
C ALA B 1534 3.87 -32.87 0.29
N GLU B 1535 5.23 -32.97 0.34
CA GLU B 1535 6.08 -33.48 -0.74
C GLU B 1535 6.07 -35.02 -0.78
N VAL B 1536 5.54 -35.61 -1.89
CA VAL B 1536 5.44 -37.07 -2.10
C VAL B 1536 6.14 -37.45 -3.43
N SER B 1537 6.80 -38.64 -3.47
CA SER B 1537 7.49 -39.05 -4.68
C SER B 1537 6.93 -40.36 -5.26
N ARG B 1538 5.60 -40.57 -5.10
CA ARG B 1538 4.87 -41.76 -5.54
C ARG B 1538 4.77 -41.87 -7.08
N GLU B 1539 4.28 -43.03 -7.57
CA GLU B 1539 4.10 -43.40 -8.98
C GLU B 1539 3.24 -42.39 -9.78
N PRO B 1540 3.55 -42.16 -11.09
CA PRO B 1540 2.74 -41.22 -11.91
C PRO B 1540 1.32 -41.74 -12.09
N GLY B 1541 0.37 -40.83 -12.08
CA GLY B 1541 -1.05 -41.15 -12.11
C GLY B 1541 -1.48 -41.35 -10.67
N MET B 1542 -2.61 -42.06 -10.46
CA MET B 1542 -3.17 -42.38 -9.14
C MET B 1542 -3.52 -41.11 -8.32
N ASN B 1543 -3.87 -40.02 -9.03
CA ASN B 1543 -4.24 -38.74 -8.43
C ASN B 1543 -5.64 -38.86 -7.81
N SER B 1544 -5.74 -38.55 -6.51
CA SER B 1544 -6.98 -38.61 -5.74
C SER B 1544 -7.98 -37.54 -6.16
N THR B 1545 -7.49 -36.43 -6.75
CA THR B 1545 -8.29 -35.28 -7.21
C THR B 1545 -8.01 -34.98 -8.70
N GLY B 1546 -8.86 -34.14 -9.31
CA GLY B 1546 -8.72 -33.74 -10.72
C GLY B 1546 -7.76 -32.58 -10.94
N MET B 1547 -6.80 -32.42 -10.00
CA MET B 1547 -5.75 -31.40 -9.97
C MET B 1547 -4.48 -32.00 -9.39
N VAL B 1548 -3.32 -31.70 -10.00
CA VAL B 1548 -2.02 -32.20 -9.52
C VAL B 1548 -1.00 -31.05 -9.53
N GLY B 1549 -0.12 -31.09 -8.53
CA GLY B 1549 0.95 -30.13 -8.35
C GLY B 1549 2.28 -30.81 -8.07
N TRP B 1550 3.38 -30.10 -8.37
CA TRP B 1550 4.74 -30.58 -8.12
C TRP B 1550 5.65 -29.45 -7.65
N LEU B 1551 6.67 -29.81 -6.86
CA LEU B 1551 7.73 -28.92 -6.39
C LEU B 1551 8.98 -29.33 -7.16
N ILE B 1552 9.39 -28.50 -8.11
CA ILE B 1552 10.48 -28.82 -9.02
C ILE B 1552 11.70 -27.97 -8.74
N ASN B 1553 12.85 -28.63 -8.56
CA ASN B 1553 14.12 -27.95 -8.39
C ASN B 1553 14.92 -28.13 -9.66
N ALA B 1554 14.76 -27.18 -10.57
CA ALA B 1554 15.45 -27.20 -11.86
C ALA B 1554 16.77 -26.49 -11.75
N ARG B 1555 17.84 -27.17 -12.19
CA ARG B 1555 19.17 -26.57 -12.20
C ARG B 1555 19.31 -25.87 -13.54
N THR B 1556 18.90 -24.61 -13.58
CA THR B 1556 18.89 -23.78 -14.78
C THR B 1556 20.33 -23.23 -14.98
N PRO B 1557 20.75 -22.77 -16.20
CA PRO B 1557 22.14 -22.27 -16.34
C PRO B 1557 22.38 -20.96 -15.57
N GLU B 1558 21.29 -20.28 -15.16
CA GLU B 1558 21.28 -19.02 -14.42
C GLU B 1558 21.51 -19.29 -12.91
N TYR B 1559 20.90 -20.37 -12.39
CA TYR B 1559 21.02 -20.88 -11.03
C TYR B 1559 21.41 -22.36 -11.14
N PRO B 1560 22.71 -22.64 -11.45
CA PRO B 1560 23.12 -24.04 -11.70
C PRO B 1560 23.11 -24.93 -10.45
N ASP B 1561 23.05 -24.33 -9.25
CA ASP B 1561 23.00 -25.09 -8.00
C ASP B 1561 21.54 -25.48 -7.68
N GLY B 1562 20.60 -24.80 -8.32
CA GLY B 1562 19.17 -25.09 -8.16
C GLY B 1562 18.26 -23.89 -8.01
N ARG B 1563 17.04 -24.05 -8.51
CA ARG B 1563 15.96 -23.08 -8.43
C ARG B 1563 14.65 -23.85 -8.35
N LYS B 1564 13.76 -23.42 -7.45
CA LYS B 1564 12.47 -24.07 -7.23
C LYS B 1564 11.30 -23.26 -7.80
N PHE B 1565 10.15 -23.94 -8.02
CA PHE B 1565 8.88 -23.40 -8.53
C PHE B 1565 7.76 -24.45 -8.42
N ILE B 1566 6.49 -23.99 -8.50
CA ILE B 1566 5.30 -24.85 -8.42
C ILE B 1566 4.66 -24.93 -9.78
N VAL B 1567 4.18 -26.13 -10.12
CA VAL B 1567 3.49 -26.40 -11.37
C VAL B 1567 2.20 -27.12 -11.03
N VAL B 1568 1.07 -26.50 -11.40
CA VAL B 1568 -0.27 -27.02 -11.17
C VAL B 1568 -0.98 -27.26 -12.50
N ALA B 1569 -1.70 -28.38 -12.60
CA ALA B 1569 -2.41 -28.75 -13.83
C ALA B 1569 -3.64 -29.58 -13.54
N ASN B 1570 -4.65 -29.41 -14.39
CA ASN B 1570 -5.92 -30.10 -14.38
C ASN B 1570 -5.82 -31.40 -15.15
N ASP B 1571 -6.36 -32.49 -14.59
CA ASP B 1571 -6.36 -33.73 -15.34
C ASP B 1571 -7.62 -33.73 -16.19
N ILE B 1572 -7.44 -33.45 -17.50
CA ILE B 1572 -8.49 -33.37 -18.50
C ILE B 1572 -9.25 -34.71 -18.63
N THR B 1573 -8.61 -35.81 -18.23
CA THR B 1573 -9.20 -37.16 -18.27
C THR B 1573 -10.07 -37.38 -17.01
N PHE B 1574 -9.71 -36.76 -15.85
CA PHE B 1574 -10.43 -36.85 -14.57
C PHE B 1574 -11.64 -35.89 -14.56
N LYS B 1575 -12.84 -36.43 -14.87
CA LYS B 1575 -14.14 -35.73 -14.94
C LYS B 1575 -14.05 -34.44 -15.75
N ILE B 1576 -13.76 -34.58 -17.06
CA ILE B 1576 -13.65 -33.52 -18.09
C ILE B 1576 -12.64 -32.39 -17.68
N GLY B 1577 -11.92 -32.57 -16.58
CA GLY B 1577 -10.99 -31.58 -16.04
C GLY B 1577 -11.71 -30.46 -15.32
N SER B 1578 -13.04 -30.66 -15.10
CA SER B 1578 -13.93 -29.71 -14.43
C SER B 1578 -13.48 -29.46 -13.00
N PHE B 1579 -13.76 -28.24 -12.51
CA PHE B 1579 -13.37 -27.77 -11.19
C PHE B 1579 -14.42 -28.12 -10.12
N GLY B 1580 -14.03 -29.02 -9.22
CA GLY B 1580 -14.85 -29.41 -8.08
C GLY B 1580 -14.27 -28.78 -6.83
N PRO B 1581 -14.92 -28.89 -5.64
CA PRO B 1581 -14.36 -28.25 -4.43
C PRO B 1581 -12.97 -28.77 -4.04
N LYS B 1582 -12.72 -30.09 -4.25
CA LYS B 1582 -11.43 -30.75 -3.98
C LYS B 1582 -10.33 -30.12 -4.83
N GLU B 1583 -10.65 -29.89 -6.12
CA GLU B 1583 -9.79 -29.30 -7.13
C GLU B 1583 -9.47 -27.83 -6.80
N ASP B 1584 -10.46 -27.11 -6.22
CA ASP B 1584 -10.32 -25.72 -5.82
C ASP B 1584 -9.42 -25.58 -4.59
N THR B 1585 -9.72 -26.32 -3.50
CA THR B 1585 -8.96 -26.31 -2.24
C THR B 1585 -7.47 -26.61 -2.54
N PHE B 1586 -7.20 -27.53 -3.50
CA PHE B 1586 -5.86 -27.91 -3.93
C PHE B 1586 -5.15 -26.73 -4.62
N PHE B 1587 -5.77 -26.19 -5.70
CA PHE B 1587 -5.25 -25.07 -6.49
C PHE B 1587 -4.89 -23.87 -5.60
N PHE B 1588 -5.75 -23.57 -4.61
CA PHE B 1588 -5.53 -22.48 -3.67
C PHE B 1588 -4.27 -22.74 -2.82
N LYS B 1589 -4.24 -23.88 -2.09
CA LYS B 1589 -3.15 -24.29 -1.21
C LYS B 1589 -1.79 -24.29 -1.92
N CYS B 1590 -1.79 -24.43 -3.26
CA CYS B 1590 -0.59 -24.42 -4.11
C CYS B 1590 -0.14 -22.97 -4.34
N THR B 1591 -1.11 -22.09 -4.67
CA THR B 1591 -0.90 -20.65 -4.88
C THR B 1591 -0.35 -20.08 -3.57
N GLU B 1592 -1.02 -20.40 -2.45
CA GLU B 1592 -0.69 -20.03 -1.07
C GLU B 1592 0.76 -20.36 -0.73
N LEU B 1593 1.24 -21.56 -1.13
CA LEU B 1593 2.61 -22.02 -0.85
C LEU B 1593 3.63 -21.28 -1.71
N ALA B 1594 3.39 -21.17 -3.03
CA ALA B 1594 4.27 -20.47 -3.98
C ALA B 1594 4.49 -19.03 -3.53
N ARG B 1595 3.44 -18.43 -2.93
CA ARG B 1595 3.44 -17.08 -2.38
C ARG B 1595 4.32 -17.02 -1.14
N LYS B 1596 4.07 -17.95 -0.20
CA LYS B 1596 4.78 -18.06 1.07
C LYS B 1596 6.27 -18.32 0.89
N MET B 1597 6.67 -18.94 -0.24
CA MET B 1597 8.07 -19.25 -0.52
C MET B 1597 8.73 -18.28 -1.50
N GLY B 1598 7.92 -17.46 -2.18
CA GLY B 1598 8.40 -16.47 -3.13
C GLY B 1598 8.72 -16.98 -4.50
N ILE B 1599 8.75 -18.31 -4.65
CA ILE B 1599 9.03 -19.03 -5.90
C ILE B 1599 7.87 -18.87 -6.89
N PRO B 1600 8.14 -18.84 -8.21
CA PRO B 1600 7.04 -18.70 -9.18
C PRO B 1600 6.10 -19.90 -9.25
N ARG B 1601 4.85 -19.67 -9.72
CA ARG B 1601 3.81 -20.69 -9.92
C ARG B 1601 3.42 -20.75 -11.41
N ILE B 1602 3.35 -21.95 -11.98
CA ILE B 1602 2.98 -22.18 -13.39
C ILE B 1602 1.70 -23.03 -13.44
N TYR B 1603 0.65 -22.53 -14.11
CA TYR B 1603 -0.62 -23.24 -14.26
C TYR B 1603 -0.80 -23.72 -15.70
N LEU B 1604 -1.12 -25.01 -15.85
CA LEU B 1604 -1.35 -25.69 -17.12
C LEU B 1604 -2.85 -25.93 -17.25
N SER B 1605 -3.52 -25.05 -18.02
CA SER B 1605 -4.96 -25.07 -18.17
C SER B 1605 -5.47 -25.99 -19.28
N ALA B 1606 -6.34 -26.91 -18.87
CA ALA B 1606 -7.04 -27.91 -19.67
C ALA B 1606 -8.23 -28.36 -18.82
N ASN B 1607 -9.30 -27.58 -18.87
CA ASN B 1607 -10.48 -27.83 -18.03
C ASN B 1607 -11.80 -27.66 -18.78
N SER B 1608 -12.91 -27.68 -18.02
CA SER B 1608 -14.29 -27.52 -18.50
C SER B 1608 -15.12 -26.70 -17.50
N GLY B 1609 -14.53 -25.62 -16.99
CA GLY B 1609 -15.15 -24.73 -16.01
C GLY B 1609 -15.49 -25.45 -14.72
N ALA B 1610 -16.58 -25.03 -14.08
CA ALA B 1610 -17.05 -25.63 -12.84
C ALA B 1610 -17.83 -26.93 -13.11
N ARG B 1611 -17.93 -27.80 -12.09
CA ARG B 1611 -18.66 -29.07 -12.19
C ARG B 1611 -20.15 -28.84 -12.18
N LEU B 1612 -20.84 -29.49 -13.13
CA LEU B 1612 -22.28 -29.45 -13.23
C LEU B 1612 -22.84 -30.70 -12.57
N GLY B 1613 -24.10 -30.66 -12.20
CA GLY B 1613 -24.69 -31.84 -11.58
C GLY B 1613 -26.09 -31.73 -11.03
N LEU B 1614 -26.74 -32.89 -11.03
CA LEU B 1614 -28.08 -33.18 -10.55
C LEU B 1614 -28.03 -34.43 -9.65
N ALA B 1615 -29.03 -34.62 -8.77
CA ALA B 1615 -29.09 -35.75 -7.84
C ALA B 1615 -29.67 -37.00 -8.55
N GLU B 1616 -28.78 -37.97 -8.86
CA GLU B 1616 -29.11 -39.21 -9.57
C GLU B 1616 -29.94 -40.18 -8.71
N GLU B 1617 -29.71 -40.19 -7.38
CA GLU B 1617 -30.38 -41.06 -6.41
C GLU B 1617 -31.90 -40.75 -6.29
N LEU B 1618 -32.29 -39.51 -6.56
CA LEU B 1618 -33.68 -39.06 -6.44
C LEU B 1618 -34.41 -39.10 -7.79
N MET B 1619 -33.72 -39.50 -8.88
CA MET B 1619 -34.30 -39.62 -10.23
C MET B 1619 -35.30 -40.78 -10.30
N PRO B 1620 -35.00 -42.03 -9.83
CA PRO B 1620 -36.00 -43.10 -9.94
C PRO B 1620 -36.82 -43.28 -8.65
N HIS B 1621 -36.97 -42.21 -7.84
CA HIS B 1621 -37.72 -42.27 -6.58
C HIS B 1621 -38.79 -41.18 -6.41
N PHE B 1622 -38.59 -40.00 -7.04
CA PHE B 1622 -39.49 -38.86 -6.91
C PHE B 1622 -40.82 -39.07 -7.66
N ASN B 1623 -41.93 -38.66 -7.03
CA ASN B 1623 -43.27 -38.78 -7.60
C ASN B 1623 -43.81 -37.42 -8.08
N VAL B 1624 -44.78 -37.44 -9.01
CA VAL B 1624 -45.38 -36.23 -9.58
C VAL B 1624 -46.87 -36.18 -9.18
N ALA B 1625 -47.34 -34.98 -8.79
CA ALA B 1625 -48.73 -34.71 -8.44
C ALA B 1625 -49.33 -33.81 -9.52
N TRP B 1626 -50.20 -34.39 -10.35
CA TRP B 1626 -50.82 -33.69 -11.47
C TRP B 1626 -52.13 -33.03 -11.08
N ASN B 1627 -52.61 -32.12 -11.94
CA ASN B 1627 -53.88 -31.44 -11.81
C ASN B 1627 -55.00 -32.48 -12.06
N ASP B 1628 -54.78 -33.33 -13.07
CA ASP B 1628 -55.65 -34.44 -13.48
C ASP B 1628 -54.74 -35.68 -13.69
N PRO B 1629 -55.01 -36.81 -12.99
CA PRO B 1629 -54.12 -37.99 -13.14
C PRO B 1629 -54.28 -38.71 -14.48
N ALA B 1630 -55.49 -38.68 -15.07
CA ALA B 1630 -55.81 -39.33 -16.34
C ALA B 1630 -55.04 -38.69 -17.50
N LYS B 1631 -55.03 -37.35 -17.58
CA LYS B 1631 -54.32 -36.59 -18.60
C LYS B 1631 -53.17 -35.79 -17.92
N PRO B 1632 -51.94 -36.35 -17.89
CA PRO B 1632 -50.84 -35.66 -17.21
C PRO B 1632 -50.36 -34.38 -17.90
N GLU B 1633 -50.65 -34.23 -19.21
CA GLU B 1633 -50.28 -33.05 -20.02
C GLU B 1633 -51.07 -31.78 -19.58
N ALA B 1634 -52.10 -31.96 -18.75
CA ALA B 1634 -52.95 -30.90 -18.20
C ALA B 1634 -52.30 -30.20 -17.00
N GLY B 1635 -50.97 -30.18 -16.99
CA GLY B 1635 -50.18 -29.55 -15.94
C GLY B 1635 -50.08 -30.33 -14.65
N PHE B 1636 -48.96 -30.15 -13.95
CA PHE B 1636 -48.69 -30.78 -12.67
C PHE B 1636 -48.62 -29.71 -11.58
N LYS B 1637 -49.21 -30.01 -10.42
CA LYS B 1637 -49.25 -29.13 -9.25
C LYS B 1637 -47.84 -28.90 -8.69
N TYR B 1638 -47.14 -29.98 -8.32
CA TYR B 1638 -45.78 -29.96 -7.77
C TYR B 1638 -45.10 -31.34 -7.91
N LEU B 1639 -43.94 -31.51 -7.24
CA LEU B 1639 -43.19 -32.75 -7.19
C LEU B 1639 -43.06 -33.19 -5.74
N TYR B 1640 -43.54 -34.41 -5.41
CA TYR B 1640 -43.48 -34.91 -4.05
C TYR B 1640 -42.69 -36.22 -3.96
N LEU B 1641 -42.46 -36.68 -2.72
CA LEU B 1641 -41.73 -37.89 -2.43
C LEU B 1641 -42.54 -38.77 -1.50
N SER B 1642 -42.61 -40.07 -1.83
CA SER B 1642 -43.32 -41.08 -1.04
C SER B 1642 -42.68 -41.15 0.35
N ASP B 1643 -43.51 -41.33 1.40
CA ASP B 1643 -43.08 -41.41 2.81
C ASP B 1643 -41.91 -42.41 3.01
N GLU B 1644 -41.98 -43.59 2.35
CA GLU B 1644 -40.97 -44.65 2.38
C GLU B 1644 -39.66 -44.18 1.74
N ALA B 1645 -39.77 -43.37 0.67
CA ALA B 1645 -38.65 -42.81 -0.08
C ALA B 1645 -38.14 -41.51 0.56
N LYS B 1646 -38.95 -40.90 1.44
CA LYS B 1646 -38.64 -39.67 2.17
C LYS B 1646 -37.66 -39.96 3.29
N ARG B 1647 -37.92 -41.05 4.06
CA ARG B 1647 -37.08 -41.51 5.18
C ARG B 1647 -35.71 -41.98 4.69
N ARG B 1648 -35.63 -42.43 3.42
CA ARG B 1648 -34.41 -42.91 2.75
C ARG B 1648 -33.36 -41.81 2.62
N PHE B 1649 -33.78 -40.55 2.45
CA PHE B 1649 -32.85 -39.45 2.26
C PHE B 1649 -32.96 -38.45 3.41
N GLU B 1650 -34.02 -37.61 3.43
CA GLU B 1650 -34.35 -36.57 4.44
C GLU B 1650 -33.31 -35.42 4.47
N ASN B 1651 -32.00 -35.73 4.53
CA ASN B 1651 -30.92 -34.75 4.56
C ASN B 1651 -30.47 -34.37 3.14
N GLU B 1652 -30.89 -35.16 2.13
CA GLU B 1652 -30.57 -34.96 0.73
C GLU B 1652 -31.63 -34.11 0.04
N VAL B 1653 -32.81 -33.97 0.68
CA VAL B 1653 -33.95 -33.20 0.15
C VAL B 1653 -34.74 -32.56 1.28
N ILE B 1654 -35.04 -31.26 1.13
CA ILE B 1654 -35.86 -30.54 2.10
C ILE B 1654 -37.30 -30.75 1.66
N THR B 1655 -38.10 -31.41 2.52
CA THR B 1655 -39.48 -31.74 2.18
C THR B 1655 -40.49 -31.19 3.18
N GLU B 1656 -41.61 -30.70 2.63
CA GLU B 1656 -42.75 -30.16 3.34
C GLU B 1656 -43.90 -31.16 3.22
N GLU B 1657 -44.67 -31.35 4.29
CA GLU B 1657 -45.79 -32.29 4.30
C GLU B 1657 -47.12 -31.58 4.00
N ILE B 1658 -47.82 -32.05 2.95
CA ILE B 1658 -49.14 -31.54 2.55
C ILE B 1658 -50.01 -32.72 2.07
N VAL B 1659 -51.13 -32.96 2.77
CA VAL B 1659 -52.06 -34.04 2.47
C VAL B 1659 -52.92 -33.67 1.25
N GLU B 1660 -52.78 -34.47 0.18
CA GLU B 1660 -53.50 -34.35 -1.08
C GLU B 1660 -54.00 -35.74 -1.45
N ASP B 1661 -55.31 -35.85 -1.79
CA ASP B 1661 -55.99 -37.10 -2.17
C ASP B 1661 -55.96 -38.12 -1.00
N GLY B 1662 -55.75 -37.63 0.22
CA GLY B 1662 -55.66 -38.45 1.43
C GLY B 1662 -54.37 -39.24 1.50
N GLU B 1663 -53.26 -38.63 1.03
CA GLU B 1663 -51.93 -39.25 1.01
C GLU B 1663 -50.92 -38.38 1.73
N LYS B 1664 -49.99 -39.03 2.48
CA LYS B 1664 -48.91 -38.35 3.18
C LYS B 1664 -47.82 -38.00 2.15
N ARG B 1665 -48.06 -36.89 1.44
CA ARG B 1665 -47.18 -36.42 0.36
C ARG B 1665 -46.17 -35.41 0.88
N HIS B 1666 -44.88 -35.76 0.76
CA HIS B 1666 -43.77 -34.91 1.17
C HIS B 1666 -43.23 -34.18 -0.06
N LYS B 1667 -43.80 -33.00 -0.36
CA LYS B 1667 -43.43 -32.22 -1.54
C LYS B 1667 -42.01 -31.66 -1.42
N ILE B 1668 -41.24 -31.80 -2.51
CA ILE B 1668 -39.86 -31.31 -2.58
C ILE B 1668 -39.91 -29.80 -2.74
N ILE B 1669 -39.37 -29.08 -1.75
CA ILE B 1669 -39.32 -27.63 -1.74
C ILE B 1669 -37.90 -27.15 -2.14
N THR B 1670 -36.86 -28.02 -1.94
CA THR B 1670 -35.44 -27.78 -2.28
C THR B 1670 -34.67 -29.12 -2.30
N ILE B 1671 -33.77 -29.30 -3.30
CA ILE B 1671 -32.89 -30.48 -3.46
C ILE B 1671 -31.49 -30.13 -2.98
N VAL B 1672 -30.91 -30.97 -2.11
CA VAL B 1672 -29.55 -30.79 -1.58
C VAL B 1672 -28.60 -31.77 -2.31
N GLY B 1673 -28.94 -33.07 -2.29
CA GLY B 1673 -28.16 -34.12 -2.92
C GLY B 1673 -26.95 -34.52 -2.11
N ALA B 1674 -26.69 -35.84 -2.01
CA ALA B 1674 -25.57 -36.40 -1.23
C ALA B 1674 -24.21 -36.04 -1.84
N GLU B 1675 -24.05 -36.26 -3.16
CA GLU B 1675 -22.80 -35.99 -3.91
C GLU B 1675 -22.46 -34.49 -3.94
N GLU B 1676 -21.15 -34.18 -3.91
CA GLU B 1676 -20.65 -32.80 -3.94
C GLU B 1676 -20.25 -32.42 -5.36
N GLY B 1677 -20.28 -31.12 -5.64
CA GLY B 1677 -19.94 -30.57 -6.94
C GLY B 1677 -21.07 -30.62 -7.93
N LEU B 1678 -22.20 -29.94 -7.61
CA LEU B 1678 -23.40 -29.88 -8.45
C LEU B 1678 -23.83 -28.45 -8.75
N GLY B 1679 -23.72 -27.57 -7.74
CA GLY B 1679 -24.10 -26.17 -7.84
C GLY B 1679 -23.16 -25.20 -7.17
N VAL B 1680 -23.70 -24.40 -6.23
CA VAL B 1680 -23.06 -23.31 -5.46
C VAL B 1680 -21.73 -23.69 -4.78
N GLU B 1681 -21.57 -24.96 -4.34
CA GLU B 1681 -20.37 -25.46 -3.67
C GLU B 1681 -19.13 -25.28 -4.58
N CYS B 1682 -19.31 -25.44 -5.90
CA CYS B 1682 -18.28 -25.28 -6.93
C CYS B 1682 -17.96 -23.80 -7.13
N LEU B 1683 -19.01 -22.96 -7.19
CA LEU B 1683 -18.91 -21.51 -7.44
C LEU B 1683 -18.14 -20.82 -6.30
N ARG B 1684 -18.35 -21.26 -5.04
CA ARG B 1684 -17.68 -20.76 -3.84
C ARG B 1684 -16.16 -20.96 -3.97
N GLY B 1685 -15.78 -22.20 -4.28
CA GLY B 1685 -14.39 -22.61 -4.49
C GLY B 1685 -13.75 -21.90 -5.67
N SER B 1686 -14.52 -21.74 -6.77
CA SER B 1686 -14.08 -21.05 -7.99
C SER B 1686 -13.75 -19.60 -7.69
N GLY B 1687 -14.61 -18.96 -6.90
CA GLY B 1687 -14.43 -17.57 -6.48
C GLY B 1687 -13.19 -17.38 -5.65
N LEU B 1688 -12.93 -18.36 -4.76
CA LEU B 1688 -11.78 -18.39 -3.86
C LEU B 1688 -10.46 -18.43 -4.63
N ILE B 1689 -10.35 -19.32 -5.63
CA ILE B 1689 -9.15 -19.48 -6.44
C ILE B 1689 -9.00 -18.31 -7.42
N ALA B 1690 -10.13 -17.70 -7.85
CA ALA B 1690 -10.12 -16.54 -8.73
C ALA B 1690 -9.44 -15.35 -8.03
N GLY B 1691 -9.82 -15.12 -6.77
CA GLY B 1691 -9.27 -14.06 -5.94
C GLY B 1691 -7.81 -14.30 -5.59
N ALA B 1692 -7.49 -15.58 -5.30
CA ALA B 1692 -6.15 -16.04 -4.94
C ALA B 1692 -5.15 -15.75 -6.06
N THR B 1693 -5.53 -16.00 -7.33
CA THR B 1693 -4.70 -15.77 -8.51
C THR B 1693 -4.48 -14.27 -8.72
N SER B 1694 -5.54 -13.47 -8.48
CA SER B 1694 -5.51 -12.02 -8.57
C SER B 1694 -4.50 -11.44 -7.56
N ARG B 1695 -4.47 -12.02 -6.34
CA ARG B 1695 -3.58 -11.63 -5.24
C ARG B 1695 -2.13 -12.06 -5.52
N ALA B 1696 -1.95 -13.31 -6.03
CA ALA B 1696 -0.67 -13.93 -6.33
C ALA B 1696 0.13 -13.19 -7.39
N TYR B 1697 -0.54 -12.76 -8.47
CA TYR B 1697 0.06 -12.04 -9.58
C TYR B 1697 0.85 -10.82 -9.09
N ASN B 1698 0.27 -10.06 -8.13
CA ASN B 1698 0.84 -8.85 -7.52
C ASN B 1698 2.04 -9.14 -6.60
N ASP B 1699 2.26 -10.40 -6.21
CA ASP B 1699 3.37 -10.75 -5.32
C ASP B 1699 4.43 -11.60 -6.05
N ILE B 1700 4.11 -12.86 -6.38
CA ILE B 1700 5.04 -13.80 -7.04
C ILE B 1700 4.83 -13.82 -8.56
N PHE B 1701 5.78 -14.44 -9.29
CA PHE B 1701 5.67 -14.59 -10.74
C PHE B 1701 4.57 -15.61 -11.03
N THR B 1702 3.55 -15.18 -11.80
CA THR B 1702 2.40 -15.99 -12.19
C THR B 1702 2.36 -16.17 -13.70
N CYS B 1703 2.19 -17.43 -14.15
CA CYS B 1703 2.12 -17.78 -15.56
C CYS B 1703 1.16 -18.93 -15.77
N THR B 1704 0.39 -18.84 -16.85
CA THR B 1704 -0.59 -19.83 -17.28
C THR B 1704 -0.23 -20.31 -18.70
N LEU B 1705 -0.64 -21.54 -19.05
CA LEU B 1705 -0.41 -22.16 -20.36
C LEU B 1705 -1.67 -22.88 -20.81
N VAL B 1706 -2.20 -22.49 -21.99
CA VAL B 1706 -3.41 -23.07 -22.57
C VAL B 1706 -2.99 -24.31 -23.38
N THR B 1707 -2.76 -25.43 -22.67
CA THR B 1707 -2.37 -26.71 -23.28
C THR B 1707 -3.58 -27.34 -23.96
N CYS B 1708 -4.81 -27.01 -23.49
CA CYS B 1708 -6.10 -27.44 -24.05
C CYS B 1708 -7.19 -26.45 -23.66
N ARG B 1709 -8.40 -26.59 -24.23
CA ARG B 1709 -9.58 -25.73 -23.99
C ARG B 1709 -9.71 -25.38 -22.51
N SER B 1710 -9.69 -24.07 -22.24
CA SER B 1710 -9.79 -23.46 -20.92
C SER B 1710 -11.12 -22.69 -20.85
N VAL B 1711 -12.14 -23.29 -20.18
CA VAL B 1711 -13.52 -22.79 -20.10
C VAL B 1711 -13.90 -22.23 -18.69
N GLY B 1712 -14.93 -21.35 -18.66
CA GLY B 1712 -15.52 -20.72 -17.49
C GLY B 1712 -14.57 -20.04 -16.53
N ILE B 1713 -14.43 -20.63 -15.33
CA ILE B 1713 -13.51 -20.17 -14.27
C ILE B 1713 -12.06 -20.31 -14.74
N GLY B 1714 -11.75 -21.45 -15.40
CA GLY B 1714 -10.43 -21.74 -15.95
C GLY B 1714 -9.94 -20.66 -16.89
N ALA B 1715 -10.86 -20.14 -17.74
CA ALA B 1715 -10.61 -19.06 -18.69
C ALA B 1715 -10.18 -17.78 -17.99
N TYR B 1716 -10.77 -17.51 -16.82
CA TYR B 1716 -10.47 -16.33 -16.03
C TYR B 1716 -9.12 -16.44 -15.33
N LEU B 1717 -8.73 -17.64 -14.85
CA LEU B 1717 -7.46 -17.89 -14.16
C LEU B 1717 -6.27 -17.67 -15.12
N VAL B 1718 -6.55 -17.70 -16.43
CA VAL B 1718 -5.56 -17.45 -17.48
C VAL B 1718 -5.33 -15.93 -17.53
N ARG B 1719 -6.40 -15.13 -17.38
CA ARG B 1719 -6.35 -13.67 -17.39
C ARG B 1719 -5.85 -13.13 -16.02
N LEU B 1720 -6.26 -13.74 -14.90
CA LEU B 1720 -5.82 -13.35 -13.56
C LEU B 1720 -4.35 -13.74 -13.37
N GLY B 1721 -3.93 -14.81 -14.06
CA GLY B 1721 -2.55 -15.26 -14.09
C GLY B 1721 -1.70 -14.33 -14.94
N GLN B 1722 -2.39 -13.34 -15.59
CA GLN B 1722 -1.91 -12.26 -16.46
C GLN B 1722 -1.10 -12.77 -17.64
N ARG B 1723 0.15 -13.20 -17.38
CA ARG B 1723 1.12 -13.73 -18.34
C ARG B 1723 0.64 -15.11 -18.80
N ALA B 1724 0.30 -15.24 -20.10
CA ALA B 1724 -0.25 -16.48 -20.66
C ALA B 1724 0.33 -16.87 -22.04
N VAL B 1725 0.54 -18.20 -22.24
CA VAL B 1725 1.03 -18.80 -23.50
C VAL B 1725 -0.09 -19.69 -24.05
N GLN B 1726 -0.57 -19.39 -25.27
CA GLN B 1726 -1.68 -20.14 -25.90
C GLN B 1726 -1.17 -21.05 -27.01
N VAL B 1727 -1.42 -22.37 -26.87
CA VAL B 1727 -1.07 -23.36 -27.91
C VAL B 1727 -2.11 -23.16 -29.02
N GLU B 1728 -1.64 -22.81 -30.24
CA GLU B 1728 -2.38 -22.46 -31.48
C GLU B 1728 -3.82 -23.05 -31.58
N GLY B 1729 -3.96 -24.36 -31.36
CA GLY B 1729 -5.25 -25.04 -31.46
C GLY B 1729 -6.03 -25.26 -30.17
N GLN B 1730 -5.86 -24.37 -29.18
CA GLN B 1730 -6.57 -24.48 -27.90
C GLN B 1730 -7.32 -23.18 -27.60
N PRO B 1731 -8.66 -23.23 -27.39
CA PRO B 1731 -9.41 -21.98 -27.17
C PRO B 1731 -9.58 -21.56 -25.72
N ILE B 1732 -9.67 -20.23 -25.51
CA ILE B 1732 -9.96 -19.61 -24.22
C ILE B 1732 -11.40 -19.11 -24.36
N ILE B 1733 -12.37 -20.01 -24.09
CA ILE B 1733 -13.81 -19.81 -24.24
C ILE B 1733 -14.49 -19.60 -22.86
N LEU B 1734 -15.58 -18.78 -22.83
CA LEU B 1734 -16.36 -18.50 -21.62
C LEU B 1734 -17.69 -19.27 -21.64
N THR B 1735 -18.46 -19.09 -22.75
CA THR B 1735 -19.74 -19.74 -23.04
C THR B 1735 -19.55 -20.52 -24.35
N GLY B 1736 -19.90 -21.81 -24.32
CA GLY B 1736 -19.78 -22.74 -25.43
C GLY B 1736 -20.33 -22.25 -26.76
N ALA B 1737 -19.61 -22.55 -27.86
CA ALA B 1737 -19.97 -22.19 -29.23
C ALA B 1737 -21.39 -22.67 -29.58
N PRO B 1738 -21.80 -23.94 -29.32
CA PRO B 1738 -23.19 -24.32 -29.63
C PRO B 1738 -24.20 -23.73 -28.64
N ALA B 1739 -23.78 -23.43 -27.39
CA ALA B 1739 -24.62 -22.85 -26.34
C ALA B 1739 -25.05 -21.43 -26.74
N LEU B 1740 -24.19 -20.72 -27.48
CA LEU B 1740 -24.46 -19.38 -27.99
C LEU B 1740 -25.45 -19.46 -29.16
N ASN B 1741 -25.32 -20.47 -30.02
CA ASN B 1741 -26.20 -20.70 -31.17
C ASN B 1741 -27.63 -21.01 -30.72
N SER B 1742 -27.79 -21.84 -29.67
CA SER B 1742 -29.07 -22.24 -29.09
C SER B 1742 -29.77 -21.03 -28.46
N LEU B 1743 -28.98 -20.16 -27.80
CA LEU B 1743 -29.43 -18.93 -27.14
C LEU B 1743 -29.94 -17.94 -28.19
N LEU B 1744 -29.15 -17.74 -29.28
CA LEU B 1744 -29.48 -16.85 -30.39
C LEU B 1744 -30.62 -17.40 -31.25
N GLY B 1745 -30.77 -18.72 -31.25
CA GLY B 1745 -31.78 -19.42 -32.02
C GLY B 1745 -31.39 -19.67 -33.47
N ARG B 1746 -30.12 -19.34 -33.83
CA ARG B 1746 -29.57 -19.52 -35.18
C ARG B 1746 -28.07 -19.87 -35.13
N GLU B 1747 -27.60 -20.67 -36.11
CA GLU B 1747 -26.22 -21.15 -36.21
C GLU B 1747 -25.27 -20.02 -36.66
N VAL B 1748 -24.85 -19.20 -35.68
CA VAL B 1748 -23.95 -18.06 -35.88
C VAL B 1748 -22.51 -18.58 -35.83
N TYR B 1749 -22.07 -19.05 -34.64
CA TYR B 1749 -20.73 -19.58 -34.41
C TYR B 1749 -20.69 -21.06 -34.70
N THR B 1750 -19.58 -21.56 -35.25
CA THR B 1750 -19.47 -22.98 -35.60
C THR B 1750 -18.34 -23.68 -34.81
N SER B 1751 -17.41 -22.90 -34.24
CA SER B 1751 -16.30 -23.44 -33.48
C SER B 1751 -16.08 -22.73 -32.15
N ASN B 1752 -15.51 -23.45 -31.19
CA ASN B 1752 -15.15 -22.92 -29.87
C ASN B 1752 -13.95 -21.99 -30.01
N LEU B 1753 -13.13 -22.20 -31.06
CA LEU B 1753 -11.95 -21.44 -31.44
C LEU B 1753 -12.32 -20.20 -32.27
N GLN B 1754 -13.59 -20.11 -32.74
CA GLN B 1754 -14.10 -18.99 -33.52
C GLN B 1754 -14.31 -17.74 -32.64
N LEU B 1755 -14.27 -17.94 -31.31
CA LEU B 1755 -14.43 -16.87 -30.31
C LEU B 1755 -13.40 -17.01 -29.16
N GLY B 1756 -12.69 -18.14 -29.12
CA GLY B 1756 -11.69 -18.43 -28.10
C GLY B 1756 -10.26 -18.64 -28.57
N GLY B 1757 -10.09 -18.85 -29.87
CA GLY B 1757 -8.78 -19.10 -30.50
C GLY B 1757 -7.75 -17.99 -30.42
N THR B 1758 -6.53 -18.26 -30.95
CA THR B 1758 -5.38 -17.34 -30.96
C THR B 1758 -5.65 -16.07 -31.75
N GLN B 1759 -6.35 -16.19 -32.91
CA GLN B 1759 -6.70 -15.07 -33.80
C GLN B 1759 -7.59 -14.01 -33.09
N ILE B 1760 -8.03 -14.31 -31.84
CA ILE B 1760 -8.85 -13.41 -31.01
C ILE B 1760 -8.02 -12.94 -29.81
N MET B 1761 -7.58 -13.90 -28.96
CA MET B 1761 -6.88 -13.66 -27.71
C MET B 1761 -5.48 -13.05 -27.88
N TYR B 1762 -4.69 -13.51 -28.87
CA TYR B 1762 -3.36 -12.92 -29.08
C TYR B 1762 -3.51 -11.55 -29.74
N ARG B 1763 -4.54 -11.38 -30.59
CA ARG B 1763 -4.86 -10.15 -31.31
C ARG B 1763 -5.53 -9.07 -30.43
N ASN B 1764 -6.02 -9.45 -29.24
CA ASN B 1764 -6.63 -8.49 -28.32
C ASN B 1764 -5.77 -8.33 -27.04
N GLY B 1765 -4.70 -9.10 -26.93
CA GLY B 1765 -3.74 -9.02 -25.84
C GLY B 1765 -3.98 -9.85 -24.60
N VAL B 1766 -4.84 -10.87 -24.68
CA VAL B 1766 -5.09 -11.80 -23.57
C VAL B 1766 -3.86 -12.74 -23.55
N SER B 1767 -3.47 -13.23 -24.76
CA SER B 1767 -2.30 -14.08 -24.96
C SER B 1767 -1.07 -13.21 -25.22
N HIS B 1768 0.03 -13.52 -24.53
CA HIS B 1768 1.31 -12.82 -24.65
C HIS B 1768 2.15 -13.45 -25.77
N LEU B 1769 2.03 -14.78 -25.98
CA LEU B 1769 2.72 -15.55 -27.02
C LEU B 1769 1.89 -16.73 -27.51
N THR B 1770 2.14 -17.19 -28.74
CA THR B 1770 1.48 -18.34 -29.36
C THR B 1770 2.52 -19.44 -29.62
N ALA B 1771 2.29 -20.65 -29.08
CA ALA B 1771 3.19 -21.80 -29.22
C ALA B 1771 2.65 -22.85 -30.16
N LYS B 1772 3.52 -23.38 -31.05
CA LYS B 1772 3.22 -24.40 -32.06
C LYS B 1772 2.64 -25.68 -31.44
N ASP B 1773 3.26 -26.18 -30.36
CA ASP B 1773 2.81 -27.38 -29.66
C ASP B 1773 2.93 -27.19 -28.15
N ASP B 1774 2.42 -28.17 -27.38
CA ASP B 1774 2.45 -28.18 -25.93
C ASP B 1774 3.88 -27.97 -25.40
N PHE B 1775 4.90 -28.62 -26.01
CA PHE B 1775 6.32 -28.49 -25.65
C PHE B 1775 6.82 -27.09 -25.98
N ASP B 1776 6.46 -26.54 -27.16
CA ASP B 1776 6.86 -25.19 -27.56
C ASP B 1776 6.40 -24.16 -26.53
N GLY B 1777 5.29 -24.45 -25.85
CA GLY B 1777 4.75 -23.65 -24.76
C GLY B 1777 5.71 -23.63 -23.61
N VAL B 1778 6.08 -24.85 -23.12
CA VAL B 1778 7.04 -25.14 -22.04
C VAL B 1778 8.34 -24.38 -22.33
N THR B 1779 8.91 -24.58 -23.54
CA THR B 1779 10.14 -23.97 -24.06
C THR B 1779 10.09 -22.44 -23.93
N LYS B 1780 8.96 -21.81 -24.33
CA LYS B 1780 8.76 -20.37 -24.29
C LYS B 1780 8.70 -19.82 -22.85
N ILE B 1781 8.15 -20.61 -21.91
CA ILE B 1781 8.08 -20.19 -20.51
C ILE B 1781 9.49 -20.32 -19.87
N VAL B 1782 10.24 -21.40 -20.24
CA VAL B 1782 11.64 -21.67 -19.83
C VAL B 1782 12.49 -20.44 -20.16
N GLN B 1783 12.18 -19.80 -21.30
CA GLN B 1783 12.85 -18.61 -21.76
C GLN B 1783 12.52 -17.43 -20.85
N TRP B 1784 11.23 -17.23 -20.45
CA TRP B 1784 10.78 -16.18 -19.51
C TRP B 1784 11.46 -16.30 -18.16
N LEU B 1785 11.47 -17.54 -17.62
CA LEU B 1785 12.01 -17.87 -16.32
C LEU B 1785 13.52 -17.63 -16.24
N SER B 1786 14.21 -17.62 -17.41
CA SER B 1786 15.64 -17.33 -17.45
C SER B 1786 15.91 -15.85 -17.09
N PHE B 1787 14.93 -14.96 -17.35
CA PHE B 1787 15.02 -13.53 -17.03
C PHE B 1787 14.59 -13.21 -15.58
N ILE B 1788 13.80 -14.11 -14.97
CA ILE B 1788 13.19 -13.89 -13.65
C ILE B 1788 14.03 -14.48 -12.50
N PRO B 1789 14.20 -13.70 -11.40
CA PRO B 1789 14.93 -14.25 -10.23
C PRO B 1789 14.22 -15.47 -9.66
N ASP B 1790 15.01 -16.46 -9.20
CA ASP B 1790 14.55 -17.74 -8.64
C ASP B 1790 13.44 -17.56 -7.59
N GLN B 1791 13.55 -16.53 -6.75
CA GLN B 1791 12.55 -16.25 -5.71
C GLN B 1791 11.86 -14.90 -5.98
N ARG B 1792 11.26 -14.33 -4.93
CA ARG B 1792 10.53 -13.07 -4.98
C ARG B 1792 11.51 -11.90 -4.97
N ASN B 1793 11.98 -11.49 -3.76
CA ASN B 1793 12.92 -10.38 -3.59
C ASN B 1793 14.35 -10.88 -3.64
N ASN B 1794 14.69 -11.47 -4.79
CA ASN B 1794 16.01 -12.00 -5.06
C ASN B 1794 16.63 -11.26 -6.24
N PRO B 1795 17.97 -11.08 -6.28
CA PRO B 1795 18.59 -10.39 -7.42
C PRO B 1795 18.46 -11.18 -8.72
N LEU B 1796 18.40 -10.45 -9.84
CA LEU B 1796 18.22 -10.94 -11.21
C LEU B 1796 19.23 -12.01 -11.66
N PRO B 1797 18.83 -12.89 -12.61
CA PRO B 1797 19.74 -13.94 -13.09
C PRO B 1797 20.76 -13.38 -14.11
N ILE B 1798 21.74 -12.64 -13.58
CA ILE B 1798 22.80 -11.99 -14.35
C ILE B 1798 23.99 -12.94 -14.49
N LEU B 1799 24.68 -12.85 -15.64
CA LEU B 1799 25.88 -13.60 -15.98
C LEU B 1799 26.95 -12.63 -16.48
N SER B 1800 28.14 -13.14 -16.86
CA SER B 1800 29.24 -12.33 -17.39
C SER B 1800 28.88 -11.78 -18.80
N PRO B 1801 29.54 -10.70 -19.34
CA PRO B 1801 29.18 -10.20 -20.68
C PRO B 1801 29.07 -11.31 -21.73
N SER B 1802 30.00 -12.29 -21.65
CA SER B 1802 30.15 -13.56 -22.38
C SER B 1802 29.83 -13.51 -23.91
N PRO B 1803 28.59 -13.65 -24.47
CA PRO B 1803 28.45 -13.63 -25.95
C PRO B 1803 28.61 -12.23 -26.50
N ASP B 1804 27.72 -11.30 -26.09
CA ASP B 1804 27.78 -9.93 -26.52
C ASP B 1804 28.45 -9.12 -25.41
N PRO B 1805 29.70 -8.66 -25.63
CA PRO B 1805 30.39 -7.92 -24.58
C PRO B 1805 29.77 -6.57 -24.29
N TRP B 1806 29.97 -6.07 -23.07
CA TRP B 1806 29.45 -4.78 -22.63
C TRP B 1806 30.20 -3.62 -23.31
N ASP B 1807 31.52 -3.81 -23.58
CA ASP B 1807 32.43 -2.82 -24.14
C ASP B 1807 32.37 -2.73 -25.68
N ARG B 1808 31.15 -2.69 -26.23
CA ARG B 1808 30.97 -2.56 -27.67
C ARG B 1808 30.04 -1.37 -27.96
N ASP B 1809 30.36 -0.62 -29.01
CA ASP B 1809 29.58 0.53 -29.42
C ASP B 1809 28.38 0.09 -30.26
N VAL B 1810 27.22 0.73 -30.04
CA VAL B 1810 25.95 0.46 -30.73
C VAL B 1810 26.10 0.84 -32.22
N VAL B 1811 26.13 -0.18 -33.09
CA VAL B 1811 26.36 -0.04 -34.54
C VAL B 1811 25.09 0.39 -35.27
N TYR B 1812 23.94 -0.29 -35.05
CA TYR B 1812 22.74 0.12 -35.77
C TYR B 1812 22.23 1.46 -35.26
N THR B 1813 22.16 2.41 -36.19
CA THR B 1813 21.66 3.76 -35.95
C THR B 1813 20.43 3.96 -36.87
N PRO B 1814 19.28 4.42 -36.33
CA PRO B 1814 18.06 4.54 -37.15
C PRO B 1814 18.06 5.71 -38.15
N PRO B 1815 17.45 5.54 -39.36
CA PRO B 1815 17.41 6.64 -40.33
C PRO B 1815 16.42 7.74 -39.92
N TYR B 1816 16.76 9.00 -40.24
CA TYR B 1816 15.97 10.18 -39.90
C TYR B 1816 14.92 10.48 -40.95
N LYS B 1817 15.14 10.06 -42.20
CA LYS B 1817 14.22 10.29 -43.31
C LYS B 1817 12.97 9.40 -43.20
N GLN B 1818 13.09 8.12 -43.56
CA GLN B 1818 11.99 7.16 -43.56
C GLN B 1818 11.79 6.50 -42.19
N THR B 1819 10.89 5.52 -42.16
CA THR B 1819 10.55 4.73 -41.00
C THR B 1819 11.49 3.54 -40.90
N TYR B 1820 11.67 3.00 -39.68
CA TYR B 1820 12.56 1.88 -39.38
C TYR B 1820 11.94 0.91 -38.40
N ASP B 1821 12.32 -0.37 -38.47
CA ASP B 1821 11.83 -1.35 -37.50
C ASP B 1821 12.65 -1.16 -36.23
N VAL B 1822 11.99 -0.59 -35.22
CA VAL B 1822 12.52 -0.24 -33.91
C VAL B 1822 13.16 -1.44 -33.21
N ARG B 1823 12.76 -2.66 -33.61
CA ARG B 1823 13.28 -3.94 -33.10
C ARG B 1823 14.80 -4.08 -33.39
N TRP B 1824 15.27 -3.52 -34.52
CA TRP B 1824 16.67 -3.53 -34.95
C TRP B 1824 17.58 -2.75 -34.00
N MET B 1825 17.02 -1.72 -33.36
CA MET B 1825 17.76 -0.89 -32.40
C MET B 1825 17.99 -1.62 -31.09
N ILE B 1826 17.12 -2.60 -30.77
CA ILE B 1826 17.15 -3.36 -29.53
C ILE B 1826 18.13 -4.55 -29.63
N ALA B 1827 17.91 -5.48 -30.58
CA ALA B 1827 18.74 -6.68 -30.73
C ALA B 1827 19.79 -6.52 -31.82
N GLY B 1828 19.38 -6.01 -32.97
CA GLY B 1828 20.24 -5.82 -34.13
C GLY B 1828 19.51 -6.01 -35.44
N LYS B 1829 20.09 -5.48 -36.53
CA LYS B 1829 19.51 -5.59 -37.87
C LYS B 1829 20.31 -6.55 -38.73
N GLU B 1830 19.62 -7.53 -39.35
CA GLU B 1830 20.28 -8.45 -40.27
C GLU B 1830 20.28 -7.81 -41.65
N ASP B 1831 21.48 -7.54 -42.16
CA ASP B 1831 21.67 -6.86 -43.43
C ASP B 1831 22.41 -7.73 -44.42
N GLU B 1832 22.44 -7.31 -45.69
CA GLU B 1832 23.19 -7.98 -46.75
C GLU B 1832 24.67 -7.85 -46.41
N ASP B 1833 25.12 -6.62 -46.09
CA ASP B 1833 26.50 -6.32 -45.68
C ASP B 1833 26.63 -6.45 -44.16
N GLY B 1834 27.10 -7.62 -43.72
CA GLY B 1834 27.31 -7.96 -42.32
C GLY B 1834 26.06 -7.95 -41.46
N PHE B 1835 26.25 -7.69 -40.16
CA PHE B 1835 25.18 -7.61 -39.17
C PHE B 1835 25.50 -6.47 -38.20
N GLN B 1836 24.59 -5.50 -38.07
CA GLN B 1836 24.74 -4.35 -37.19
C GLN B 1836 23.94 -4.56 -35.89
N PRO B 1837 24.63 -4.82 -34.75
CA PRO B 1837 23.91 -5.08 -33.49
C PRO B 1837 23.24 -3.85 -32.86
N GLY B 1838 22.26 -4.12 -32.01
CA GLY B 1838 21.52 -3.10 -31.26
C GLY B 1838 22.22 -2.70 -29.98
N LEU B 1839 21.47 -2.23 -28.96
CA LEU B 1839 22.13 -1.84 -27.71
C LEU B 1839 22.01 -2.98 -26.66
N PHE B 1840 21.23 -4.04 -26.95
CA PHE B 1840 21.13 -5.21 -26.10
C PHE B 1840 21.88 -6.38 -26.74
N ASP B 1841 22.05 -7.49 -25.99
CA ASP B 1841 22.75 -8.69 -26.45
C ASP B 1841 22.09 -9.29 -27.68
N LYS B 1842 22.92 -9.78 -28.61
CA LYS B 1842 22.49 -10.38 -29.87
C LYS B 1842 21.50 -11.52 -29.60
N ASP B 1843 20.30 -11.40 -30.20
CA ASP B 1843 19.17 -12.35 -30.14
C ASP B 1843 18.77 -12.69 -28.69
N SER B 1844 18.75 -11.68 -27.80
CA SER B 1844 18.37 -11.87 -26.40
C SER B 1844 16.97 -11.28 -26.13
N PHE B 1845 16.43 -10.52 -27.10
CA PHE B 1845 15.11 -9.88 -27.01
C PHE B 1845 13.98 -10.86 -27.30
N VAL B 1846 12.91 -10.83 -26.47
CA VAL B 1846 11.73 -11.72 -26.61
C VAL B 1846 10.41 -10.87 -26.61
N GLU B 1847 9.90 -10.52 -27.78
CA GLU B 1847 8.70 -9.68 -27.91
C GLU B 1847 7.40 -10.44 -27.49
N THR B 1848 6.58 -9.80 -26.65
CA THR B 1848 5.30 -10.32 -26.15
C THR B 1848 4.19 -9.34 -26.52
N LEU B 1849 2.96 -9.89 -26.66
CA LEU B 1849 1.70 -9.22 -27.01
C LEU B 1849 1.77 -8.56 -28.38
N GLY B 1850 2.66 -9.08 -29.23
CA GLY B 1850 2.92 -8.59 -30.57
C GLY B 1850 1.82 -8.65 -31.59
N GLY B 1851 0.64 -9.14 -31.19
CA GLY B 1851 -0.53 -9.23 -32.05
C GLY B 1851 -1.56 -8.17 -31.75
N TRP B 1852 -1.37 -7.46 -30.64
CA TRP B 1852 -2.28 -6.44 -30.17
C TRP B 1852 -1.55 -5.12 -29.94
N ALA B 1853 -2.08 -4.03 -30.54
CA ALA B 1853 -1.55 -2.66 -30.47
C ALA B 1853 -0.05 -2.63 -30.78
N ARG B 1854 0.30 -2.97 -32.02
CA ARG B 1854 1.69 -3.04 -32.49
C ARG B 1854 2.38 -1.65 -32.52
N THR B 1855 1.62 -0.56 -32.19
CA THR B 1855 2.09 0.83 -32.13
C THR B 1855 3.11 1.02 -31.01
N VAL B 1856 3.26 0.01 -30.15
CA VAL B 1856 4.18 -0.04 -29.03
C VAL B 1856 4.73 -1.50 -28.94
N VAL B 1857 6.05 -1.63 -28.84
CA VAL B 1857 6.77 -2.91 -28.78
C VAL B 1857 7.20 -3.18 -27.32
N VAL B 1858 6.79 -4.35 -26.78
CA VAL B 1858 7.05 -4.79 -25.40
C VAL B 1858 7.82 -6.12 -25.39
N GLY B 1859 8.79 -6.25 -24.47
CA GLY B 1859 9.58 -7.47 -24.33
C GLY B 1859 10.65 -7.45 -23.25
N ARG B 1860 11.41 -8.55 -23.14
CA ARG B 1860 12.50 -8.72 -22.19
C ARG B 1860 13.80 -8.99 -22.96
N ALA B 1861 14.91 -8.36 -22.55
CA ALA B 1861 16.22 -8.53 -23.20
C ALA B 1861 17.36 -8.46 -22.19
N ARG B 1862 18.60 -8.83 -22.61
CA ARG B 1862 19.80 -8.82 -21.77
C ARG B 1862 20.81 -7.75 -22.24
N LEU B 1863 21.38 -7.00 -21.28
CA LEU B 1863 22.36 -5.93 -21.51
C LEU B 1863 23.69 -6.34 -20.86
N GLY B 1864 24.54 -6.99 -21.65
CA GLY B 1864 25.83 -7.53 -21.22
C GLY B 1864 25.71 -8.58 -20.14
N GLY B 1865 24.60 -9.34 -20.19
CA GLY B 1865 24.29 -10.39 -19.22
C GLY B 1865 23.17 -10.04 -18.26
N ILE B 1866 22.95 -8.73 -18.00
CA ILE B 1866 21.90 -8.22 -17.09
C ILE B 1866 20.51 -8.26 -17.78
N PRO B 1867 19.54 -9.10 -17.32
CA PRO B 1867 18.22 -9.11 -17.96
C PRO B 1867 17.34 -7.93 -17.49
N MET B 1868 16.53 -7.35 -18.41
CA MET B 1868 15.64 -6.23 -18.10
C MET B 1868 14.47 -6.07 -19.10
N GLY B 1869 13.39 -5.42 -18.64
CA GLY B 1869 12.18 -5.13 -19.40
C GLY B 1869 12.39 -3.99 -20.37
N VAL B 1870 11.79 -4.09 -21.57
CA VAL B 1870 11.93 -3.10 -22.65
C VAL B 1870 10.56 -2.69 -23.22
N ILE B 1871 10.39 -1.37 -23.44
CA ILE B 1871 9.23 -0.74 -24.06
C ILE B 1871 9.76 0.24 -25.11
N ALA B 1872 9.34 0.08 -26.37
CA ALA B 1872 9.76 0.94 -27.48
C ALA B 1872 8.55 1.32 -28.36
N VAL B 1873 8.70 2.38 -29.18
CA VAL B 1873 7.61 2.89 -30.04
C VAL B 1873 7.86 2.54 -31.48
N GLU B 1874 6.86 1.93 -32.14
CA GLU B 1874 6.93 1.62 -33.55
C GLU B 1874 6.70 2.91 -34.35
N THR B 1875 7.58 3.16 -35.34
CA THR B 1875 7.57 4.36 -36.20
C THR B 1875 6.73 4.17 -37.47
N ARG B 1876 6.66 2.93 -37.99
CA ARG B 1876 5.91 2.58 -39.20
C ARG B 1876 4.41 2.59 -38.91
N THR B 1877 3.59 2.99 -39.92
CA THR B 1877 2.13 3.02 -39.79
C THR B 1877 1.56 1.60 -39.88
N ILE B 1878 1.24 1.00 -38.71
CA ILE B 1878 0.69 -0.35 -38.60
C ILE B 1878 -0.83 -0.32 -38.84
N GLU B 1879 -1.40 -1.46 -39.27
CA GLU B 1879 -2.84 -1.55 -39.53
C GLU B 1879 -3.47 -2.79 -38.89
N ASN B 1880 -4.32 -2.55 -37.89
CA ASN B 1880 -5.05 -3.62 -37.23
C ASN B 1880 -6.43 -3.68 -37.89
N ILE B 1881 -6.85 -4.87 -38.33
CA ILE B 1881 -8.14 -5.01 -39.00
C ILE B 1881 -9.06 -5.82 -38.09
N THR B 1882 -10.06 -5.14 -37.51
CA THR B 1882 -11.03 -5.75 -36.59
C THR B 1882 -11.95 -6.69 -37.38
N PRO B 1883 -12.17 -7.94 -36.91
CA PRO B 1883 -13.03 -8.86 -37.67
C PRO B 1883 -14.50 -8.47 -37.67
N ALA B 1884 -15.23 -9.01 -38.64
CA ALA B 1884 -16.65 -8.79 -38.80
C ALA B 1884 -17.39 -9.60 -37.76
N ASP B 1885 -18.39 -8.98 -37.12
CA ASP B 1885 -19.19 -9.65 -36.10
C ASP B 1885 -20.19 -10.58 -36.78
N PRO B 1886 -20.14 -11.90 -36.51
CA PRO B 1886 -21.10 -12.81 -37.18
C PRO B 1886 -22.52 -12.70 -36.61
N ALA B 1887 -22.65 -12.29 -35.32
CA ALA B 1887 -23.92 -12.10 -34.61
C ALA B 1887 -24.80 -11.06 -35.30
N ASN B 1888 -24.18 -10.03 -35.90
CA ASN B 1888 -24.86 -9.00 -36.66
C ASN B 1888 -24.46 -9.18 -38.14
N PRO B 1889 -25.39 -9.64 -39.01
CA PRO B 1889 -25.03 -9.84 -40.43
C PRO B 1889 -24.72 -8.54 -41.17
N ASP B 1890 -25.02 -7.39 -40.54
CA ASP B 1890 -24.78 -6.06 -41.06
C ASP B 1890 -23.43 -5.51 -40.55
N SER B 1891 -22.48 -6.41 -40.21
CA SER B 1891 -21.15 -6.05 -39.72
C SER B 1891 -20.07 -6.59 -40.63
N ILE B 1892 -19.16 -5.70 -41.04
CA ILE B 1892 -18.02 -5.98 -41.91
C ILE B 1892 -16.72 -5.68 -41.15
N GLU B 1893 -15.59 -6.25 -41.61
CA GLU B 1893 -14.26 -6.06 -41.04
C GLU B 1893 -13.84 -4.61 -41.19
N GLN B 1894 -13.38 -3.97 -40.10
CA GLN B 1894 -13.00 -2.57 -40.16
C GLN B 1894 -11.50 -2.36 -40.23
N VAL B 1895 -11.06 -1.77 -41.36
CA VAL B 1895 -9.68 -1.43 -41.65
C VAL B 1895 -9.34 -0.12 -40.91
N THR B 1896 -8.38 -0.20 -39.98
CA THR B 1896 -7.94 0.95 -39.17
C THR B 1896 -6.43 1.05 -39.17
N ASN B 1897 -5.92 2.26 -39.47
CA ASN B 1897 -4.49 2.55 -39.56
C ASN B 1897 -3.97 3.26 -38.32
N GLU B 1898 -3.29 2.50 -37.44
CA GLU B 1898 -2.67 3.04 -36.23
C GLU B 1898 -1.34 3.67 -36.62
N ALA B 1899 -1.35 4.96 -37.02
CA ALA B 1899 -0.15 5.71 -37.46
C ALA B 1899 0.95 5.67 -36.38
N GLY B 1900 2.18 5.39 -36.82
CA GLY B 1900 3.36 5.25 -35.98
C GLY B 1900 3.76 6.45 -35.13
N GLY B 1901 4.36 6.16 -33.97
CA GLY B 1901 4.84 7.16 -33.01
C GLY B 1901 3.75 7.93 -32.29
N VAL B 1902 2.54 7.35 -32.17
CA VAL B 1902 1.36 7.96 -31.50
C VAL B 1902 0.77 6.94 -30.50
N TRP B 1903 0.06 7.46 -29.48
CA TRP B 1903 -0.60 6.63 -28.48
C TRP B 1903 -2.08 6.51 -28.77
N TYR B 1904 -2.57 5.27 -28.79
CA TYR B 1904 -3.96 4.92 -29.05
C TYR B 1904 -4.53 4.20 -27.83
N PRO B 1905 -5.87 4.17 -27.61
CA PRO B 1905 -6.42 3.47 -26.42
C PRO B 1905 -5.75 2.11 -26.16
N ASN B 1906 -5.68 1.24 -27.19
CA ASN B 1906 -5.06 -0.08 -27.13
C ASN B 1906 -3.56 0.00 -26.84
N SER B 1907 -2.84 0.98 -27.45
CA SER B 1907 -1.41 1.19 -27.26
C SER B 1907 -1.09 1.60 -25.81
N ALA B 1908 -1.89 2.53 -25.24
CA ALA B 1908 -1.75 3.02 -23.86
C ALA B 1908 -2.00 1.89 -22.87
N PHE B 1909 -3.06 1.07 -23.12
CA PHE B 1909 -3.43 -0.11 -22.33
C PHE B 1909 -2.26 -1.08 -22.32
N LYS B 1910 -1.68 -1.36 -23.52
CA LYS B 1910 -0.52 -2.26 -23.69
C LYS B 1910 0.63 -1.78 -22.81
N THR B 1911 0.95 -0.47 -22.88
CA THR B 1911 2.00 0.17 -22.09
C THR B 1911 1.72 -0.09 -20.59
N ALA B 1912 0.54 0.34 -20.09
CA ALA B 1912 0.09 0.19 -18.70
C ALA B 1912 0.15 -1.26 -18.20
N GLN B 1913 -0.24 -2.24 -19.04
CA GLN B 1913 -0.23 -3.66 -18.68
C GLN B 1913 1.21 -4.17 -18.50
N ALA B 1914 2.09 -3.90 -19.51
CA ALA B 1914 3.50 -4.29 -19.54
C ALA B 1914 4.26 -3.86 -18.28
N ILE B 1915 4.03 -2.61 -17.81
CA ILE B 1915 4.65 -1.99 -16.62
C ILE B 1915 4.32 -2.83 -15.37
N ASN B 1916 3.02 -3.12 -15.16
CA ASN B 1916 2.53 -3.95 -14.05
C ASN B 1916 3.20 -5.33 -14.09
N ASP B 1917 3.27 -5.94 -15.30
CA ASP B 1917 3.91 -7.24 -15.52
C ASP B 1917 5.37 -7.21 -15.06
N PHE B 1918 6.16 -6.22 -15.51
CA PHE B 1918 7.57 -6.08 -15.18
C PHE B 1918 7.83 -5.72 -13.69
N ASN B 1919 6.81 -5.24 -12.94
CA ASN B 1919 7.10 -4.95 -11.54
C ASN B 1919 6.63 -6.05 -10.61
N TYR B 1920 5.36 -6.46 -10.71
CA TYR B 1920 4.80 -7.50 -9.84
C TYR B 1920 5.33 -8.87 -10.22
N GLY B 1921 5.94 -9.54 -9.25
CA GLY B 1921 6.52 -10.87 -9.41
C GLY B 1921 7.82 -10.87 -10.18
N GLU B 1922 7.77 -10.40 -11.45
CA GLU B 1922 8.92 -10.31 -12.36
C GLU B 1922 10.04 -9.48 -11.71
N GLN B 1923 9.73 -8.24 -11.25
CA GLN B 1923 10.65 -7.28 -10.61
C GLN B 1923 11.91 -7.06 -11.48
N LEU B 1924 11.71 -6.51 -12.70
CA LEU B 1924 12.77 -6.25 -13.69
C LEU B 1924 13.07 -4.75 -13.88
N PRO B 1925 14.34 -4.36 -14.17
CA PRO B 1925 14.62 -2.95 -14.48
C PRO B 1925 13.99 -2.58 -15.82
N LEU B 1926 13.52 -1.33 -15.97
CA LEU B 1926 12.82 -0.93 -17.20
C LEU B 1926 13.61 0.05 -18.04
N MET B 1927 13.55 -0.16 -19.38
CA MET B 1927 14.17 0.70 -20.41
C MET B 1927 13.08 1.14 -21.38
N ILE B 1928 12.84 2.47 -21.45
CA ILE B 1928 11.81 3.00 -22.34
C ILE B 1928 12.43 3.91 -23.39
N LEU B 1929 12.37 3.46 -24.66
CA LEU B 1929 12.86 4.20 -25.81
C LEU B 1929 11.72 5.07 -26.31
N ALA B 1930 11.47 6.16 -25.57
CA ALA B 1930 10.40 7.14 -25.78
C ALA B 1930 10.52 7.82 -27.16
N ASN B 1931 9.46 7.69 -27.97
CA ASN B 1931 9.39 8.26 -29.33
C ASN B 1931 7.96 8.73 -29.71
N TRP B 1932 6.99 8.73 -28.75
CA TRP B 1932 5.62 9.20 -29.01
C TRP B 1932 5.56 10.73 -29.09
N ARG B 1933 4.78 11.28 -30.06
CA ARG B 1933 4.61 12.72 -30.23
C ARG B 1933 3.29 13.21 -29.56
N GLY B 1934 2.69 12.35 -28.75
CA GLY B 1934 1.46 12.65 -28.02
C GLY B 1934 0.44 11.53 -28.02
N PHE B 1935 -0.83 11.91 -27.85
CA PHE B 1935 -1.97 11.01 -27.82
C PHE B 1935 -2.92 11.26 -28.99
N SER B 1936 -3.68 10.22 -29.38
CA SER B 1936 -4.66 10.33 -30.46
C SER B 1936 -5.88 11.10 -29.97
N GLY B 1937 -5.95 12.37 -30.38
CA GLY B 1937 -7.02 13.29 -30.00
C GLY B 1937 -8.33 13.17 -30.76
N GLY B 1938 -8.40 12.23 -31.72
CA GLY B 1938 -9.57 11.98 -32.56
C GLY B 1938 -10.81 11.59 -31.79
N GLN B 1939 -12.00 12.04 -32.26
CA GLN B 1939 -13.32 11.80 -31.66
C GLN B 1939 -13.51 10.34 -31.27
N ARG B 1940 -13.28 9.41 -32.22
CA ARG B 1940 -13.41 7.97 -32.02
C ARG B 1940 -12.50 7.51 -30.88
N ASP B 1941 -11.20 7.88 -30.91
CA ASP B 1941 -10.22 7.51 -29.88
C ASP B 1941 -10.56 8.12 -28.51
N MET B 1942 -11.15 9.33 -28.50
CA MET B 1942 -11.56 10.04 -27.29
C MET B 1942 -12.74 9.34 -26.64
N TYR B 1943 -13.77 9.00 -27.44
CA TYR B 1943 -14.98 8.28 -27.04
C TYR B 1943 -14.59 6.87 -26.57
N ASN B 1944 -13.49 6.30 -27.12
CA ASN B 1944 -12.97 4.98 -26.77
C ASN B 1944 -12.08 5.05 -25.51
N GLU B 1945 -12.33 6.06 -24.63
CA GLU B 1945 -11.71 6.31 -23.33
C GLU B 1945 -10.16 6.39 -23.37
N VAL B 1946 -9.57 7.10 -24.38
CA VAL B 1946 -8.10 7.25 -24.52
C VAL B 1946 -7.50 7.83 -23.20
N LEU B 1947 -8.24 8.76 -22.57
CA LEU B 1947 -7.90 9.45 -21.33
C LEU B 1947 -7.77 8.48 -20.14
N LYS B 1948 -8.68 7.48 -20.04
CA LYS B 1948 -8.71 6.47 -18.97
C LYS B 1948 -7.44 5.61 -18.98
N TYR B 1949 -7.10 5.02 -20.16
CA TYR B 1949 -5.93 4.14 -20.35
C TYR B 1949 -4.60 4.92 -20.25
N GLY B 1950 -4.64 6.22 -20.54
CA GLY B 1950 -3.49 7.12 -20.45
C GLY B 1950 -3.06 7.27 -19.01
N SER B 1951 -4.05 7.43 -18.10
CA SER B 1951 -3.88 7.57 -16.65
C SER B 1951 -3.29 6.31 -16.03
N PHE B 1952 -3.72 5.13 -16.55
CA PHE B 1952 -3.30 3.81 -16.11
C PHE B 1952 -1.78 3.60 -16.29
N ILE B 1953 -1.13 4.42 -17.14
CA ILE B 1953 0.32 4.40 -17.31
C ILE B 1953 0.94 5.05 -16.04
N VAL B 1954 0.45 6.26 -15.68
CA VAL B 1954 0.85 7.06 -14.51
C VAL B 1954 0.65 6.24 -13.22
N ASP B 1955 -0.54 5.62 -13.06
CA ASP B 1955 -0.89 4.78 -11.91
C ASP B 1955 0.15 3.65 -11.74
N ALA B 1956 0.44 2.93 -12.84
CA ALA B 1956 1.40 1.81 -12.90
C ALA B 1956 2.85 2.23 -12.60
N LEU B 1957 3.23 3.48 -12.93
CA LEU B 1957 4.58 4.00 -12.72
C LEU B 1957 4.90 4.32 -11.24
N THR B 1958 3.89 4.73 -10.45
CA THR B 1958 4.08 5.03 -9.01
C THR B 1958 4.16 3.72 -8.20
N ARG B 1959 3.53 2.65 -8.72
CA ARG B 1959 3.47 1.31 -8.13
C ARG B 1959 4.79 0.51 -8.38
N PHE B 1960 5.69 1.01 -9.26
CA PHE B 1960 6.98 0.37 -9.58
C PHE B 1960 8.01 0.47 -8.45
N GLU B 1961 8.86 -0.58 -8.31
CA GLU B 1961 9.91 -0.72 -7.29
C GLU B 1961 11.32 -0.51 -7.82
N LYS B 1962 11.69 -1.32 -8.84
CA LYS B 1962 13.01 -1.41 -9.46
C LYS B 1962 13.35 -0.20 -10.38
N PRO B 1963 14.65 0.05 -10.71
CA PRO B 1963 15.00 1.22 -11.54
C PRO B 1963 14.35 1.26 -12.93
N ILE B 1964 13.93 2.47 -13.35
CA ILE B 1964 13.29 2.76 -14.64
C ILE B 1964 14.13 3.82 -15.36
N PHE B 1965 14.51 3.56 -16.63
CA PHE B 1965 15.31 4.48 -17.43
C PHE B 1965 14.55 4.90 -18.67
N ILE B 1966 14.24 6.19 -18.74
CA ILE B 1966 13.53 6.77 -19.86
C ILE B 1966 14.59 7.41 -20.74
N TYR B 1967 14.83 6.81 -21.91
CA TYR B 1967 15.85 7.32 -22.81
C TYR B 1967 15.26 7.65 -24.18
N ILE B 1968 15.27 8.95 -24.55
CA ILE B 1968 14.81 9.39 -25.86
C ILE B 1968 15.93 9.07 -26.84
N PRO B 1969 15.68 8.20 -27.85
CA PRO B 1969 16.76 7.81 -28.75
C PRO B 1969 17.02 8.85 -29.85
N PRO B 1970 18.09 8.73 -30.66
CA PRO B 1970 18.29 9.68 -31.76
C PRO B 1970 17.07 9.64 -32.68
N HIS B 1971 16.61 10.82 -33.14
CA HIS B 1971 15.42 10.99 -33.98
C HIS B 1971 14.14 10.92 -33.13
N GLY B 1972 14.24 10.37 -31.92
CA GLY B 1972 13.14 10.24 -30.97
C GLY B 1972 12.56 11.58 -30.56
N GLU B 1973 11.23 11.63 -30.45
CA GLU B 1973 10.47 12.84 -30.07
C GLU B 1973 9.63 12.61 -28.82
N LEU B 1974 9.33 13.68 -28.06
CA LEU B 1974 8.48 13.59 -26.88
C LEU B 1974 7.71 14.90 -26.70
N ARG B 1975 6.58 15.04 -27.44
CA ARG B 1975 5.75 16.25 -27.45
C ARG B 1975 4.45 16.13 -26.67
N GLY B 1976 4.13 17.21 -25.94
CA GLY B 1976 2.93 17.40 -25.14
C GLY B 1976 2.49 16.29 -24.22
N GLY B 1977 1.27 15.81 -24.46
CA GLY B 1977 0.61 14.75 -23.71
C GLY B 1977 1.43 13.50 -23.44
N SER B 1978 2.43 13.22 -24.29
CA SER B 1978 3.30 12.06 -24.17
C SER B 1978 4.26 12.17 -22.95
N TRP B 1979 5.10 13.24 -22.89
CA TRP B 1979 6.09 13.48 -21.82
C TRP B 1979 5.52 13.36 -20.40
N VAL B 1980 4.36 14.01 -20.16
CA VAL B 1980 3.67 14.11 -18.88
C VAL B 1980 3.51 12.73 -18.19
N VAL B 1981 3.05 11.71 -18.93
CA VAL B 1981 2.79 10.37 -18.39
C VAL B 1981 4.08 9.53 -18.18
N VAL B 1982 5.29 10.12 -18.36
CA VAL B 1982 6.55 9.37 -18.20
C VAL B 1982 7.63 10.14 -17.42
N ASP B 1983 7.37 11.41 -17.03
CA ASP B 1983 8.35 12.25 -16.32
C ASP B 1983 8.88 11.59 -15.02
N PRO B 1984 10.22 11.68 -14.75
CA PRO B 1984 10.79 11.07 -13.54
C PRO B 1984 10.20 11.52 -12.20
N THR B 1985 9.55 12.70 -12.14
CA THR B 1985 8.95 13.22 -10.90
C THR B 1985 7.70 12.39 -10.48
N ILE B 1986 7.28 11.39 -11.29
CA ILE B 1986 6.16 10.51 -10.96
C ILE B 1986 6.63 9.61 -9.79
N ASN B 1987 7.72 8.83 -10.00
CA ASN B 1987 8.35 8.00 -8.96
C ASN B 1987 9.86 8.32 -8.94
N PRO B 1988 10.29 9.43 -8.28
CA PRO B 1988 11.73 9.78 -8.29
C PRO B 1988 12.65 8.76 -7.62
N ALA B 1989 12.12 7.93 -6.71
CA ALA B 1989 12.86 6.89 -5.98
C ALA B 1989 13.40 5.81 -6.91
N SER B 1990 12.71 5.54 -8.04
CA SER B 1990 13.11 4.50 -8.99
C SER B 1990 13.31 5.00 -10.45
N MET B 1991 12.79 6.18 -10.83
CA MET B 1991 12.94 6.68 -12.21
C MET B 1991 14.24 7.47 -12.44
N GLU B 1992 14.77 7.42 -13.69
CA GLU B 1992 15.99 8.09 -14.16
C GLU B 1992 15.82 8.44 -15.65
N MET B 1993 15.86 9.74 -16.01
CA MET B 1993 15.63 10.11 -17.40
C MET B 1993 16.87 10.65 -18.12
N TYR B 1994 17.11 10.11 -19.31
CA TYR B 1994 18.19 10.46 -20.23
C TYR B 1994 17.64 10.77 -21.61
N ALA B 1995 18.39 11.55 -22.39
CA ALA B 1995 17.99 11.93 -23.75
C ALA B 1995 19.18 11.94 -24.68
N ASP B 1996 18.96 11.56 -25.96
CA ASP B 1996 20.02 11.53 -26.96
C ASP B 1996 20.40 12.94 -27.38
N GLU B 1997 21.67 13.14 -27.77
CA GLU B 1997 22.21 14.42 -28.23
C GLU B 1997 21.45 14.94 -29.46
N GLU B 1998 20.98 14.04 -30.34
CA GLU B 1998 20.25 14.41 -31.55
C GLU B 1998 18.75 14.04 -31.44
N ALA B 1999 18.20 14.04 -30.21
CA ALA B 1999 16.79 13.80 -29.95
C ALA B 1999 16.08 15.13 -29.76
N ARG B 2000 14.76 15.16 -29.92
CA ARG B 2000 13.97 16.38 -29.75
C ARG B 2000 12.85 16.17 -28.75
N GLY B 2001 12.50 17.24 -28.02
CA GLY B 2001 11.46 17.22 -27.01
C GLY B 2001 11.01 18.59 -26.56
N GLY B 2002 9.75 18.92 -26.85
CA GLY B 2002 9.13 20.18 -26.47
C GLY B 2002 7.66 20.01 -26.13
N VAL B 2003 6.97 21.12 -25.82
CA VAL B 2003 5.53 21.10 -25.51
C VAL B 2003 4.79 20.78 -26.82
N LEU B 2004 5.26 21.36 -27.93
CA LEU B 2004 4.69 21.14 -29.25
C LEU B 2004 5.79 21.12 -30.31
N GLU B 2005 5.45 20.56 -31.48
CA GLU B 2005 6.32 20.47 -32.65
C GLU B 2005 6.69 21.87 -33.11
N PRO B 2006 7.94 22.11 -33.57
CA PRO B 2006 8.33 23.45 -34.02
C PRO B 2006 7.44 24.00 -35.15
N GLU B 2007 6.72 23.11 -35.87
CA GLU B 2007 5.79 23.47 -36.94
C GLU B 2007 4.42 23.87 -36.37
N GLY B 2008 4.16 23.48 -35.13
CA GLY B 2008 2.92 23.79 -34.42
C GLY B 2008 2.96 25.06 -33.61
N ILE B 2009 4.15 25.44 -33.08
CA ILE B 2009 4.32 26.65 -32.24
C ILE B 2009 4.35 27.91 -33.12
N ILE B 2010 4.99 27.86 -34.31
CA ILE B 2010 5.16 28.98 -35.25
C ILE B 2010 3.79 29.71 -35.56
N PRO B 2011 2.61 29.08 -35.82
CA PRO B 2011 1.41 29.90 -36.08
C PRO B 2011 0.77 30.49 -34.81
N ILE B 2012 1.42 30.35 -33.64
CA ILE B 2012 0.91 30.86 -32.35
C ILE B 2012 1.88 31.89 -31.72
N LYS B 2013 3.19 31.58 -31.69
CA LYS B 2013 4.21 32.45 -31.08
C LYS B 2013 5.04 33.25 -32.11
N TYR B 2014 5.14 32.78 -33.38
CA TYR B 2014 5.89 33.50 -34.42
C TYR B 2014 5.02 33.69 -35.68
N LYS B 2015 3.88 34.37 -35.50
CA LYS B 2015 2.90 34.68 -36.55
C LYS B 2015 3.50 35.55 -37.67
N LYS B 2016 2.73 35.72 -38.76
CA LYS B 2016 3.04 36.50 -39.95
C LYS B 2016 3.66 37.86 -39.62
N ASP B 2017 3.00 38.65 -38.72
CA ASP B 2017 3.43 39.99 -38.30
C ASP B 2017 4.79 39.99 -37.56
N LYS B 2018 5.07 38.93 -36.79
CA LYS B 2018 6.31 38.78 -36.03
C LYS B 2018 7.46 38.41 -36.96
N GLN B 2019 7.14 37.74 -38.08
CA GLN B 2019 8.10 37.32 -39.10
C GLN B 2019 8.50 38.51 -39.97
N LEU B 2020 7.55 39.43 -40.23
CA LEU B 2020 7.73 40.63 -41.04
C LEU B 2020 8.50 41.71 -40.30
N GLU B 2021 8.40 41.73 -38.95
CA GLU B 2021 9.15 42.65 -38.09
C GLU B 2021 10.63 42.27 -38.15
N THR B 2022 10.88 40.97 -38.28
CA THR B 2022 12.21 40.37 -38.40
C THR B 2022 12.65 40.41 -39.87
N MET B 2023 11.69 40.51 -40.82
CA MET B 2023 11.97 40.61 -42.25
C MET B 2023 12.46 42.02 -42.56
N ALA B 2024 11.79 43.03 -41.98
CA ALA B 2024 12.17 44.44 -42.11
C ALA B 2024 13.39 44.74 -41.22
N ARG B 2025 14.21 43.70 -40.98
CA ARG B 2025 15.41 43.74 -40.15
C ARG B 2025 16.58 43.03 -40.83
N LEU B 2026 16.38 41.77 -41.29
CA LEU B 2026 17.43 40.98 -41.96
C LEU B 2026 17.48 41.25 -43.45
N ASP B 2027 16.30 41.33 -44.12
CA ASP B 2027 16.23 41.58 -45.56
C ASP B 2027 16.52 43.08 -45.85
N PRO B 2028 17.44 43.39 -46.80
CA PRO B 2028 17.74 44.81 -47.08
C PRO B 2028 16.70 45.51 -47.97
N VAL B 2029 16.06 44.75 -48.89
CA VAL B 2029 15.06 45.22 -49.84
C VAL B 2029 13.78 45.68 -49.11
N TYR B 2030 13.26 44.84 -48.18
CA TYR B 2030 12.03 45.08 -47.44
C TYR B 2030 12.11 46.29 -46.49
N ARG B 2031 13.25 46.49 -45.78
CA ARG B 2031 13.39 47.62 -44.85
C ARG B 2031 13.61 48.95 -45.60
N SER B 2032 14.18 48.90 -46.83
CA SER B 2032 14.40 50.07 -47.67
C SER B 2032 13.05 50.57 -48.21
N LEU B 2033 12.16 49.63 -48.59
CA LEU B 2033 10.81 49.89 -49.08
C LEU B 2033 9.91 50.43 -47.94
N LYS B 2034 10.20 50.02 -46.68
CA LYS B 2034 9.49 50.45 -45.47
C LYS B 2034 9.78 51.92 -45.17
N LYS B 2035 10.98 52.40 -45.54
CA LYS B 2035 11.40 53.78 -45.34
C LYS B 2035 10.66 54.74 -46.29
N GLU B 2036 10.11 54.21 -47.41
CA GLU B 2036 9.36 54.97 -48.42
C GLU B 2036 7.96 55.33 -47.91
N MET B 2037 7.26 54.37 -47.29
CA MET B 2037 5.91 54.53 -46.76
C MET B 2037 5.90 55.45 -45.53
N ALA B 2038 6.96 55.38 -44.70
CA ALA B 2038 7.12 56.16 -43.47
C ALA B 2038 7.38 57.66 -43.72
N LYS B 2039 8.01 58.01 -44.85
CA LYS B 2039 8.39 59.39 -45.20
C LYS B 2039 7.22 60.26 -45.72
N GLU B 2040 6.14 59.64 -46.25
CA GLU B 2040 4.95 60.30 -46.84
C GLU B 2040 5.37 61.15 -48.09
N GLY B 2041 4.62 62.22 -48.38
CA GLY B 2041 4.89 63.12 -49.50
C GLY B 2041 4.73 62.49 -50.88
N LEU B 2042 3.87 61.45 -50.97
CA LEU B 2042 3.58 60.72 -52.20
C LEU B 2042 2.07 60.53 -52.36
N SER B 2043 1.54 60.81 -53.57
CA SER B 2043 0.12 60.75 -53.94
C SER B 2043 -0.51 59.33 -53.79
N LYS B 2044 -1.83 59.24 -54.06
CA LYS B 2044 -2.63 58.01 -53.99
C LYS B 2044 -2.13 56.95 -54.98
N GLU B 2045 -1.65 57.38 -56.16
CA GLU B 2045 -1.10 56.50 -57.21
C GLU B 2045 0.35 56.13 -56.91
N GLU B 2046 1.03 56.96 -56.08
CA GLU B 2046 2.42 56.80 -55.67
C GLU B 2046 2.55 55.85 -54.47
N SER B 2047 1.60 55.93 -53.51
CA SER B 2047 1.57 55.07 -52.31
C SER B 2047 1.18 53.63 -52.67
N ASP B 2048 0.44 53.46 -53.79
CA ASP B 2048 0.01 52.16 -54.33
C ASP B 2048 1.20 51.34 -54.81
N ASN B 2049 2.24 52.03 -55.34
CA ASN B 2049 3.47 51.43 -55.87
C ASN B 2049 4.23 50.66 -54.78
N ILE B 2050 4.53 51.33 -53.64
CA ILE B 2050 5.25 50.77 -52.49
C ILE B 2050 4.51 49.52 -51.94
N LYS B 2051 3.16 49.57 -51.90
CA LYS B 2051 2.31 48.47 -51.43
C LYS B 2051 2.41 47.26 -52.37
N LYS B 2052 2.37 47.49 -53.70
CA LYS B 2052 2.45 46.46 -54.73
C LYS B 2052 3.89 45.94 -54.94
N LYS B 2053 4.90 46.64 -54.39
CA LYS B 2053 6.31 46.25 -54.48
C LYS B 2053 6.69 45.34 -53.30
N MET B 2054 6.19 45.68 -52.09
CA MET B 2054 6.44 44.92 -50.86
C MET B 2054 5.62 43.64 -50.82
N GLN B 2055 4.30 43.72 -51.10
CA GLN B 2055 3.37 42.58 -51.10
C GLN B 2055 3.58 41.63 -52.30
N GLN B 2056 4.83 41.56 -52.77
CA GLN B 2056 5.32 40.69 -53.83
C GLN B 2056 6.67 40.15 -53.37
N ARG B 2057 7.48 41.02 -52.74
CA ARG B 2057 8.79 40.71 -52.16
C ARG B 2057 8.57 39.83 -50.92
N GLU B 2058 7.59 40.18 -50.05
CA GLU B 2058 7.26 39.44 -48.84
C GLU B 2058 6.60 38.08 -49.17
N GLU B 2059 5.97 37.97 -50.35
CA GLU B 2059 5.30 36.74 -50.81
C GLU B 2059 6.31 35.68 -51.26
N LEU B 2060 7.50 36.10 -51.73
CA LEU B 2060 8.57 35.22 -52.19
C LEU B 2060 9.54 34.85 -51.06
N LEU B 2061 9.70 35.75 -50.07
CA LEU B 2061 10.57 35.55 -48.91
C LEU B 2061 9.89 34.67 -47.85
N LEU B 2062 8.54 34.73 -47.78
CA LEU B 2062 7.67 34.01 -46.86
C LEU B 2062 8.02 32.50 -46.71
N PRO B 2063 8.21 31.68 -47.79
CA PRO B 2063 8.50 30.25 -47.57
C PRO B 2063 9.83 29.99 -46.84
N ILE B 2064 10.91 30.74 -47.18
CA ILE B 2064 12.21 30.56 -46.54
C ILE B 2064 12.21 31.21 -45.15
N TYR B 2065 11.48 32.34 -44.98
CA TYR B 2065 11.35 33.04 -43.69
C TYR B 2065 10.58 32.18 -42.70
N HIS B 2066 9.63 31.37 -43.20
CA HIS B 2066 8.83 30.42 -42.44
C HIS B 2066 9.75 29.34 -41.86
N GLN B 2067 10.58 28.73 -42.73
CA GLN B 2067 11.55 27.68 -42.41
C GLN B 2067 12.60 28.14 -41.38
N ILE B 2068 12.93 29.45 -41.38
CA ILE B 2068 13.87 30.06 -40.44
C ILE B 2068 13.30 29.94 -39.02
N CYS B 2069 12.01 30.34 -38.85
CA CYS B 2069 11.26 30.28 -37.57
C CYS B 2069 11.13 28.83 -37.10
N VAL B 2070 11.02 27.88 -38.04
CA VAL B 2070 10.91 26.45 -37.79
C VAL B 2070 12.23 25.97 -37.12
N GLN B 2071 13.39 26.35 -37.70
CA GLN B 2071 14.73 26.04 -37.18
C GLN B 2071 14.91 26.71 -35.81
N PHE B 2072 14.46 27.97 -35.68
CA PHE B 2072 14.50 28.78 -34.45
C PHE B 2072 13.74 28.09 -33.31
N ALA B 2073 12.51 27.60 -33.59
CA ALA B 2073 11.67 26.92 -32.61
C ALA B 2073 12.23 25.55 -32.23
N ASP B 2074 12.94 24.89 -33.18
CA ASP B 2074 13.57 23.58 -32.98
C ASP B 2074 14.73 23.67 -31.99
N LEU B 2075 15.44 24.81 -31.99
CA LEU B 2075 16.58 25.05 -31.09
C LEU B 2075 16.11 25.07 -29.61
N HIS B 2076 14.81 25.37 -29.35
CA HIS B 2076 14.19 25.31 -28.02
C HIS B 2076 14.00 23.87 -27.60
N ASP B 2077 13.57 23.04 -28.56
CA ASP B 2077 13.27 21.61 -28.45
C ASP B 2077 14.55 20.72 -28.46
N ARG B 2078 15.76 21.31 -28.55
CA ARG B 2078 17.03 20.59 -28.60
C ARG B 2078 17.39 19.91 -27.27
N ALA B 2079 18.31 18.94 -27.31
CA ALA B 2079 18.78 18.14 -26.17
C ALA B 2079 19.47 18.96 -25.07
N GLY B 2080 20.28 19.94 -25.46
CA GLY B 2080 21.02 20.80 -24.53
C GLY B 2080 20.15 21.55 -23.55
N ARG B 2081 19.02 22.10 -24.05
CA ARG B 2081 18.00 22.86 -23.30
C ARG B 2081 17.39 22.02 -22.18
N MET B 2082 17.19 20.73 -22.43
CA MET B 2082 16.60 19.76 -21.50
C MET B 2082 17.47 19.59 -20.25
N LYS B 2083 18.80 19.41 -20.44
CA LYS B 2083 19.77 19.27 -19.35
C LYS B 2083 19.88 20.57 -18.55
N ALA B 2084 19.78 21.73 -19.25
CA ALA B 2084 19.84 23.08 -18.68
C ALA B 2084 18.66 23.36 -17.74
N LYS B 2085 17.44 22.91 -18.10
CA LYS B 2085 16.25 23.09 -17.26
C LYS B 2085 16.11 21.93 -16.24
N GLY B 2086 17.08 21.02 -16.25
CA GLY B 2086 17.19 19.88 -15.35
C GLY B 2086 16.09 18.85 -15.42
N VAL B 2087 15.46 18.70 -16.60
CA VAL B 2087 14.38 17.73 -16.78
C VAL B 2087 14.99 16.33 -17.02
N ILE B 2088 16.29 16.28 -17.40
CA ILE B 2088 17.08 15.06 -17.64
C ILE B 2088 18.42 15.14 -16.89
N ARG B 2089 19.06 13.99 -16.65
CA ARG B 2089 20.34 13.93 -15.95
C ARG B 2089 21.49 14.30 -16.90
N GLN B 2090 21.63 13.57 -18.01
CA GLN B 2090 22.70 13.77 -19.00
C GLN B 2090 22.23 13.61 -20.45
N SER B 2091 22.98 14.25 -21.38
CA SER B 2091 22.79 14.12 -22.82
C SER B 2091 23.62 12.89 -23.23
N LEU B 2092 23.05 12.00 -24.04
CA LEU B 2092 23.74 10.74 -24.36
C LEU B 2092 24.01 10.53 -25.85
N GLN B 2093 25.17 9.95 -26.13
CA GLN B 2093 25.56 9.58 -27.48
C GLN B 2093 25.14 8.14 -27.70
N TRP B 2094 24.26 7.92 -28.70
CA TRP B 2094 23.69 6.61 -29.05
C TRP B 2094 24.76 5.52 -29.20
N ARG B 2095 25.93 5.86 -29.76
CA ARG B 2095 27.05 4.94 -29.96
C ARG B 2095 27.49 4.27 -28.67
N GLN B 2096 27.65 5.04 -27.58
CA GLN B 2096 28.13 4.48 -26.32
C GLN B 2096 27.01 4.42 -25.27
N SER B 2097 25.78 4.10 -25.71
CA SER B 2097 24.61 3.96 -24.84
C SER B 2097 24.71 2.66 -24.04
N ARG B 2098 25.04 1.54 -24.73
CA ARG B 2098 25.23 0.21 -24.16
C ARG B 2098 26.26 0.27 -23.03
N ARG B 2099 27.43 0.87 -23.32
CA ARG B 2099 28.56 1.05 -22.42
C ARG B 2099 28.17 1.84 -21.16
N PHE B 2100 27.35 2.90 -21.31
CA PHE B 2100 26.92 3.73 -20.18
C PHE B 2100 25.89 3.00 -19.31
N PHE B 2101 24.83 2.45 -19.94
CA PHE B 2101 23.76 1.78 -19.21
C PHE B 2101 24.21 0.51 -18.53
N TYR B 2102 25.18 -0.23 -19.08
CA TYR B 2102 25.66 -1.45 -18.42
C TYR B 2102 26.11 -1.18 -16.98
N TRP B 2103 26.86 -0.09 -16.76
CA TRP B 2103 27.37 0.28 -15.44
C TRP B 2103 26.37 1.07 -14.63
N ARG B 2104 25.49 1.87 -15.28
CA ARG B 2104 24.50 2.64 -14.54
C ARG B 2104 23.37 1.73 -14.04
N VAL B 2105 22.98 0.69 -14.82
CA VAL B 2105 21.95 -0.28 -14.42
C VAL B 2105 22.52 -1.09 -13.24
N ARG B 2106 23.76 -1.58 -13.38
CA ARG B 2106 24.47 -2.36 -12.37
C ARG B 2106 24.67 -1.54 -11.08
N ARG B 2107 25.08 -0.26 -11.21
CA ARG B 2107 25.28 0.65 -10.07
C ARG B 2107 23.98 0.86 -9.32
N ARG B 2108 22.88 1.12 -10.04
CA ARG B 2108 21.58 1.36 -9.43
C ARG B 2108 20.97 0.11 -8.79
N LEU B 2109 21.12 -1.08 -9.42
CA LEU B 2109 20.57 -2.33 -8.88
C LEU B 2109 21.23 -2.75 -7.58
N ILE B 2110 22.57 -2.58 -7.46
CA ILE B 2110 23.31 -2.92 -6.23
C ILE B 2110 22.95 -1.87 -5.17
N GLU B 2111 22.97 -0.57 -5.53
CA GLU B 2111 22.65 0.57 -4.66
C GLU B 2111 21.24 0.47 -4.10
N ASP B 2112 20.20 0.31 -4.97
CA ASP B 2112 18.80 0.17 -4.56
C ASP B 2112 18.66 -0.84 -3.44
N ASP B 2113 19.26 -2.04 -3.60
CA ASP B 2113 19.26 -3.14 -2.63
C ASP B 2113 19.97 -2.72 -1.32
N ILE B 2114 21.14 -2.05 -1.39
CA ILE B 2114 21.89 -1.58 -0.22
C ILE B 2114 21.04 -0.57 0.57
N LEU B 2115 20.37 0.37 -0.14
CA LEU B 2115 19.50 1.39 0.46
C LEU B 2115 18.26 0.77 1.12
N ARG B 2116 17.68 -0.28 0.49
CA ARG B 2116 16.53 -1.04 1.02
C ARG B 2116 16.96 -1.75 2.32
N ARG B 2117 18.23 -2.21 2.37
CA ARG B 2117 18.87 -2.89 3.51
C ARG B 2117 19.25 -1.90 4.63
N ILE B 2118 19.55 -0.62 4.28
CA ILE B 2118 19.88 0.42 5.26
C ILE B 2118 18.61 0.76 6.05
N GLU B 2119 17.46 0.90 5.36
CA GLU B 2119 16.15 1.18 5.95
C GLU B 2119 15.71 0.00 6.85
N GLU B 2120 15.96 -1.24 6.41
CA GLU B 2120 15.64 -2.48 7.14
C GLU B 2120 16.48 -2.62 8.42
N ALA B 2121 17.62 -1.89 8.50
CA ALA B 2121 18.49 -1.86 9.67
C ALA B 2121 18.05 -0.75 10.64
N ILE B 2122 17.78 0.48 10.12
CA ILE B 2122 17.37 1.64 10.91
C ILE B 2122 15.94 1.45 11.47
N ASN B 2123 14.95 1.19 10.60
CA ASN B 2123 13.57 1.00 11.06
C ASN B 2123 13.16 -0.46 10.85
N PRO B 2124 13.30 -1.34 11.88
CA PRO B 2124 12.98 -2.75 11.69
C PRO B 2124 11.48 -3.06 11.82
N ALA B 2125 10.63 -2.17 11.27
CA ALA B 2125 9.18 -2.30 11.29
C ALA B 2125 8.64 -2.71 9.91
N ASN B 2134 11.93 13.43 -3.38
CA ASN B 2134 10.56 12.95 -3.57
C ASN B 2134 9.56 14.11 -3.54
N THR B 2135 9.75 15.05 -2.59
CA THR B 2135 8.85 16.18 -2.30
C THR B 2135 9.01 17.42 -3.21
N SER B 2136 9.93 17.45 -4.21
CA SER B 2136 10.09 18.64 -5.06
C SER B 2136 10.51 18.31 -6.51
N LEU B 2137 10.67 19.35 -7.38
CA LEU B 2137 11.13 19.23 -8.76
C LEU B 2137 12.60 18.83 -8.77
N ALA B 2138 13.30 19.15 -7.65
CA ALA B 2138 14.71 18.87 -7.37
C ALA B 2138 14.97 17.38 -7.16
N ALA B 2139 13.91 16.57 -6.94
CA ALA B 2139 14.00 15.12 -6.75
C ALA B 2139 14.55 14.46 -8.02
N SER B 2140 15.87 14.31 -8.02
CA SER B 2140 16.66 13.69 -9.09
C SER B 2140 17.28 12.42 -8.53
N PRO B 2141 17.52 11.37 -9.33
CA PRO B 2141 18.10 10.12 -8.79
C PRO B 2141 19.35 10.24 -7.92
N GLU B 2142 20.15 11.33 -8.08
CA GLU B 2142 21.34 11.58 -7.25
C GLU B 2142 20.93 11.88 -5.80
N THR B 2143 19.64 12.24 -5.60
CA THR B 2143 18.94 12.54 -4.34
C THR B 2143 17.62 11.74 -4.28
N ARG B 2144 17.68 10.43 -4.61
CA ARG B 2144 16.52 9.52 -4.61
C ARG B 2144 16.31 8.90 -3.22
N SER B 2145 17.36 8.86 -2.37
CA SER B 2145 17.33 8.30 -1.01
C SER B 2145 18.13 9.17 -0.01
N PRO B 2146 17.65 9.36 1.24
CA PRO B 2146 18.44 10.17 2.20
C PRO B 2146 19.64 9.40 2.80
N HIS B 2147 19.73 8.07 2.52
CA HIS B 2147 20.82 7.21 2.99
C HIS B 2147 22.00 7.24 2.01
N LEU B 2148 21.81 7.81 0.79
CA LEU B 2148 22.83 7.98 -0.24
C LEU B 2148 23.91 8.98 0.20
N VAL B 2149 23.60 9.87 1.17
CA VAL B 2149 24.51 10.88 1.74
C VAL B 2149 25.44 10.16 2.73
N GLN B 2150 24.88 9.22 3.52
CA GLN B 2150 25.61 8.41 4.48
C GLN B 2150 26.47 7.37 3.74
N LEU B 2151 25.87 6.69 2.73
CA LEU B 2151 26.52 5.69 1.88
C LEU B 2151 27.66 6.34 1.07
N GLU B 2152 27.49 7.61 0.67
CA GLU B 2152 28.49 8.41 -0.06
C GLU B 2152 29.78 8.50 0.74
N SER B 2153 29.69 8.86 2.05
CA SER B 2153 30.83 9.01 2.97
C SER B 2153 31.45 7.66 3.37
N TRP B 2154 30.66 6.56 3.34
CA TRP B 2154 31.18 5.22 3.67
C TRP B 2154 32.01 4.66 2.52
N VAL B 2155 31.62 4.98 1.25
CA VAL B 2155 32.29 4.54 0.02
C VAL B 2155 33.65 5.28 -0.09
N GLY B 2156 33.61 6.62 -0.16
CA GLY B 2156 34.81 7.44 -0.24
C GLY B 2156 35.32 7.76 -1.63
N ILE B 2157 34.50 7.51 -2.67
CA ILE B 2157 34.86 7.80 -4.05
C ILE B 2157 34.33 9.23 -4.38
N PRO B 2158 35.20 10.15 -4.88
CA PRO B 2158 34.73 11.52 -5.16
C PRO B 2158 33.63 11.58 -6.22
N GLY B 2159 33.86 10.95 -7.37
CA GLY B 2159 32.90 10.87 -8.46
C GLY B 2159 31.84 9.82 -8.18
N PHE B 2160 31.25 9.86 -6.97
CA PHE B 2160 30.24 8.93 -6.49
C PHE B 2160 28.94 9.04 -7.29
N LYS B 2161 28.45 10.28 -7.50
CA LYS B 2161 27.22 10.57 -8.26
C LYS B 2161 27.35 10.12 -9.72
N THR B 2162 28.59 10.16 -10.26
CA THR B 2162 28.97 9.76 -11.61
C THR B 2162 29.75 8.41 -11.52
N ASN B 2163 30.90 8.26 -12.25
CA ASN B 2163 31.81 7.11 -12.34
C ASN B 2163 31.17 5.80 -11.88
N ASP B 2164 30.07 5.40 -12.56
CA ASP B 2164 29.27 4.20 -12.28
C ASP B 2164 30.09 2.94 -12.23
N ARG B 2165 31.11 2.83 -13.11
CA ARG B 2165 32.02 1.68 -13.19
C ARG B 2165 32.83 1.54 -11.90
N GLU B 2166 33.44 2.65 -11.43
CA GLU B 2166 34.27 2.70 -10.22
C GLU B 2166 33.49 2.34 -8.95
N VAL B 2167 32.20 2.73 -8.90
CA VAL B 2167 31.30 2.49 -7.76
C VAL B 2167 31.01 0.97 -7.65
N VAL B 2168 30.54 0.33 -8.74
CA VAL B 2168 30.21 -1.11 -8.80
C VAL B 2168 31.38 -1.96 -8.27
N GLU B 2169 32.60 -1.75 -8.82
CA GLU B 2169 33.84 -2.45 -8.48
C GLU B 2169 34.17 -2.35 -7.00
N TRP B 2170 33.85 -1.21 -6.36
CA TRP B 2170 34.12 -0.98 -4.95
C TRP B 2170 33.24 -1.86 -4.07
N TYR B 2171 31.91 -1.96 -4.38
CA TYR B 2171 30.95 -2.75 -3.60
C TYR B 2171 31.36 -4.23 -3.58
N GLU B 2172 31.78 -4.77 -4.75
CA GLU B 2172 32.22 -6.15 -4.90
C GLU B 2172 33.44 -6.45 -4.02
N GLN B 2173 34.39 -5.50 -3.97
CA GLN B 2173 35.61 -5.61 -3.17
C GLN B 2173 35.30 -5.50 -1.68
N ASN B 2174 34.55 -4.45 -1.31
CA ASN B 2174 34.22 -4.20 0.10
C ASN B 2174 32.81 -4.65 0.46
N GLN B 2175 32.45 -5.89 0.07
CA GLN B 2175 31.14 -6.49 0.38
C GLN B 2175 31.04 -6.78 1.88
N ASP B 2176 32.17 -7.15 2.51
CA ASP B 2176 32.26 -7.45 3.93
C ASP B 2176 32.26 -6.16 4.77
N ARG B 2177 32.85 -5.07 4.24
CA ARG B 2177 32.93 -3.75 4.88
C ARG B 2177 31.55 -3.07 4.96
N ILE B 2178 30.66 -3.35 3.98
CA ILE B 2178 29.30 -2.81 3.95
C ILE B 2178 28.50 -3.52 5.06
N ASN B 2179 28.55 -4.87 5.06
CA ASN B 2179 27.90 -5.76 6.02
C ASN B 2179 28.39 -5.51 7.45
N GLU B 2180 29.59 -4.92 7.57
CA GLU B 2180 30.21 -4.54 8.84
C GLU B 2180 29.55 -3.26 9.36
N LYS B 2181 29.43 -2.23 8.51
CA LYS B 2181 28.87 -0.93 8.86
C LYS B 2181 27.35 -0.97 9.00
N LEU B 2182 26.67 -1.86 8.25
CA LEU B 2182 25.22 -2.07 8.31
C LEU B 2182 24.82 -2.58 9.69
N GLU B 2183 25.65 -3.51 10.21
CA GLU B 2183 25.50 -4.14 11.52
C GLU B 2183 25.73 -3.11 12.62
N LYS B 2184 26.74 -2.22 12.46
CA LYS B 2184 27.06 -1.13 13.39
C LYS B 2184 25.89 -0.17 13.55
N LEU B 2185 25.12 -0.01 12.46
CA LEU B 2185 23.94 0.82 12.37
C LEU B 2185 22.71 0.08 12.90
N LYS B 2186 22.67 -1.25 12.75
CA LYS B 2186 21.59 -2.12 13.19
C LYS B 2186 21.46 -2.10 14.72
N LYS B 2187 22.60 -2.16 15.43
CA LYS B 2187 22.66 -2.11 16.90
C LYS B 2187 22.34 -0.71 17.39
N GLU B 2188 22.76 0.30 16.63
CA GLU B 2188 22.57 1.72 16.86
C GLU B 2188 21.08 2.08 16.86
N SER B 2189 20.33 1.54 15.88
CA SER B 2189 18.90 1.76 15.67
C SER B 2189 18.01 1.04 16.70
N ILE B 2190 18.46 -0.12 17.22
CA ILE B 2190 17.75 -0.93 18.22
C ILE B 2190 17.73 -0.16 19.57
N ALA B 2191 18.85 0.51 19.91
CA ALA B 2191 19.02 1.32 21.13
C ALA B 2191 18.08 2.54 21.14
N ASP B 2192 17.85 3.16 19.96
CA ASP B 2192 16.98 4.31 19.78
C ASP B 2192 15.51 3.87 19.79
N GLN B 2193 15.21 2.70 19.20
CA GLN B 2193 13.87 2.13 19.10
C GLN B 2193 13.22 1.92 20.46
N MET B 2194 14.04 1.57 21.48
CA MET B 2194 13.63 1.37 22.86
C MET B 2194 13.21 2.70 23.51
N ARG B 2195 13.85 3.80 23.09
CA ARG B 2195 13.54 5.15 23.59
C ARG B 2195 12.20 5.64 23.05
N GLU B 2196 11.88 5.29 21.79
CA GLU B 2196 10.62 5.63 21.12
C GLU B 2196 9.45 4.88 21.75
N LEU B 2197 9.67 3.60 22.15
CA LEU B 2197 8.65 2.74 22.76
C LEU B 2197 8.29 3.13 24.21
N LEU B 2198 9.14 3.95 24.88
CA LEU B 2198 8.86 4.47 26.23
C LEU B 2198 8.24 5.88 26.14
N ARG B 2199 8.61 6.63 25.07
CA ARG B 2199 8.11 7.99 24.81
C ARG B 2199 6.72 7.95 24.17
#